data_7TCO
#
_entry.id   7TCO
#
_cell.length_a   1.00
_cell.length_b   1.00
_cell.length_c   1.00
_cell.angle_alpha   90.00
_cell.angle_beta   90.00
_cell.angle_gamma   90.00
#
_symmetry.space_group_name_H-M   'P 1'
#
loop_
_entity.id
_entity.type
_entity.pdbx_description
1 polymer 'Envelope glycoprotein gp120'
2 polymer 'Glycoprotein 41'
3 polymer 'CH235.12 Fab Heavy Chain'
4 polymer 'CH235.12 Fab Light Chain'
5 branched beta-D-mannopyranose-(1-4)-2-acetamido-2-deoxy-beta-D-glucopyranose-(1-4)-2-acetamido-2-deoxy-beta-D-glucopyranose
6 branched 2-acetamido-2-deoxy-beta-D-glucopyranose-(1-4)-2-acetamido-2-deoxy-beta-D-glucopyranose
7 branched alpha-D-mannopyranose-(1-6)-alpha-D-mannopyranose-(1-6)-[alpha-D-mannopyranose-(1-3)]beta-D-mannopyranose-(1-4)-2-acetamido-2-deoxy-beta-D-glucopyranose-(1-4)-2-acetamido-2-deoxy-beta-D-glucopyranose
8 branched alpha-D-mannopyranose-(1-3)-beta-D-mannopyranose-(1-4)-2-acetamido-2-deoxy-beta-D-glucopyranose-(1-4)-2-acetamido-2-deoxy-beta-D-glucopyranose
9 non-polymer 2-acetamido-2-deoxy-beta-D-glucopyranose
#
loop_
_entity_poly.entity_id
_entity_poly.type
_entity_poly.pdbx_seq_one_letter_code
_entity_poly.pdbx_strand_id
1 'polypeptide(L)'
;ENLWVTVYYGVPVWKEAKTTLFCASDAKAYEKKVHNVWATHACVPTDPNPQEMVLKNVTENFNMWKNDMVDQMHEDVISL
WDQSLKPCVKLTPLCVTLNCTNATASNSSIIEGMKNCSFNITTELRDKREKKNALFYKLDIVQLDGNSSQYRLINCNTSV
ITQACPKVSFDPIPIHYCAPAGYAILKCNNKTFTGTGPCNNVSTVQCTHGIKPVVSTQLLLNGSLAEGEIIIRSENITKN
VKTIIVHLNESVKIECTRPNNKTRTSIRIGPGQWFYATGQVIGDIREAYCNINESKWNETLQRVSKKLKEYFPHKNITFQ
PSSGGDLEITTHSFNCGGEFFYCNTSSLFNRTYMANSTDMANSTETNSTRTITIHCRIKQIINMWQEVGRAMYAPPIAGN
ITCISNITGLLLTRDYGKNNTETFRPGGGNMKDNWRSELYKYKVVKIEPLGVAPTRCKRRV
;
A,E,M
2 'polypeptide(L)'
;GRRRRRRAVGIGAVFLGFLGAAGSTMGAASMTLTVQARNLLSGIVQQQSNLLRAPEAQQHLLKLTVWGIKQLQARVLAVE
RYLRDQQLLGIWGCSGKLICCTNVPWNSSWSNRNLSEIWDNMTWLQWDKEISNYTQIIYGLLEESQNQQEKNEQDLLALD
;
B,F,N
3 'polypeptide(L)'
;QVRLAQYGGGVKRLGATMTLSCVASGYTFNDYYIHWVRQAPGQGFELLGYIDPANGRPDYAGALRERLSFYRDKSMETLY
MDLRSLRYDDTAMYYCVRNVGTAGSLLHYDHWGSGSPVIVSSASTKGPSVFPLAPSSKSTSGGTAALGCLVKDYFPEPVT
VSWNSGALTSGVHTFPAVLQSSGLYSLSSVVTVPSSSLGTQTYICNVNHKPSNTKVDKRVEPKSC
;
C,G,O
4 'polypeptide(L)'
;EIVLTQSPATLSASPGERVTLTCRASRSVRNNVAWYQHKGGQSPRLLIYDASTRAAGVPARFSGSASGTEFTLAISNLES
EDFTVYFCLQYNNWWTFGQGTRVDIKRTVAAPSVFIFPPSDEQLKSGTASVVCLLNNFYPREAKVQWKVDNALQSGNSQE
SVTEQDSKDSTYSLSSTLTLSKADYEKHKVYACEVTHQGLSSPVTKSFNRGEC
;
D,H,P
#
# COMPACT_ATOMS: atom_id res chain seq x y z
N GLU A 1 -3.53 -50.10 -40.99
CA GLU A 1 -3.14 -51.10 -40.00
C GLU A 1 -1.74 -50.83 -39.48
N ASN A 2 -1.39 -51.51 -38.37
CA ASN A 2 -0.12 -51.38 -37.67
C ASN A 2 0.16 -49.94 -37.25
N LEU A 3 -0.89 -49.22 -36.87
CA LEU A 3 -0.72 -47.85 -36.39
C LEU A 3 -0.57 -47.85 -34.88
N TRP A 4 0.24 -46.92 -34.39
CA TRP A 4 0.53 -46.78 -32.98
C TRP A 4 0.48 -45.31 -32.62
N VAL A 5 0.33 -45.04 -31.33
CA VAL A 5 0.27 -43.66 -30.87
C VAL A 5 1.66 -43.02 -30.96
N THR A 6 1.68 -41.72 -31.24
CA THR A 6 2.89 -40.92 -31.12
C THR A 6 2.49 -39.55 -30.62
N VAL A 7 3.45 -38.85 -30.03
CA VAL A 7 3.21 -37.50 -29.54
C VAL A 7 4.13 -36.54 -30.29
N TYR A 8 3.68 -35.30 -30.41
CA TYR A 8 4.41 -34.26 -31.11
C TYR A 8 4.50 -33.04 -30.21
N TYR A 9 5.64 -32.37 -30.25
CA TYR A 9 5.89 -31.18 -29.47
C TYR A 9 6.09 -29.99 -30.41
N GLY A 10 5.67 -28.81 -29.96
CA GLY A 10 5.71 -27.65 -30.82
C GLY A 10 4.58 -27.58 -31.82
N VAL A 11 3.42 -28.10 -31.46
CA VAL A 11 2.29 -28.23 -32.39
C VAL A 11 1.67 -26.87 -32.65
N PRO A 12 1.47 -26.47 -33.92
CA PRO A 12 0.80 -25.19 -34.20
C PRO A 12 -0.72 -25.26 -34.14
N VAL A 13 -1.28 -25.16 -32.92
CA VAL A 13 -2.71 -25.03 -32.74
C VAL A 13 -2.91 -24.20 -31.48
N TRP A 14 -4.06 -23.54 -31.38
CA TRP A 14 -4.32 -22.60 -30.30
C TRP A 14 -5.78 -22.65 -29.91
N LYS A 15 -6.06 -22.14 -28.71
CA LYS A 15 -7.41 -21.85 -28.24
C LYS A 15 -7.53 -20.37 -27.95
N GLU A 16 -8.75 -19.93 -27.64
CA GLU A 16 -8.99 -18.56 -27.24
C GLU A 16 -9.29 -18.50 -25.75
N ALA A 17 -8.58 -17.62 -25.04
CA ALA A 17 -8.72 -17.54 -23.59
C ALA A 17 -8.32 -16.16 -23.12
N LYS A 18 -8.72 -15.84 -21.89
CA LYS A 18 -8.32 -14.61 -21.24
C LYS A 18 -6.91 -14.74 -20.67
N THR A 19 -6.25 -13.60 -20.50
CA THR A 19 -4.92 -13.53 -19.92
C THR A 19 -4.66 -12.10 -19.48
N THR A 20 -3.56 -11.90 -18.77
CA THR A 20 -3.06 -10.58 -18.42
C THR A 20 -1.98 -10.18 -19.42
N LEU A 21 -2.12 -9.00 -20.00
CA LEU A 21 -1.23 -8.52 -21.05
C LEU A 21 -0.21 -7.55 -20.50
N PHE A 22 0.99 -7.60 -21.07
CA PHE A 22 2.10 -6.73 -20.71
C PHE A 22 2.08 -5.48 -21.60
N CYS A 23 2.71 -4.42 -21.12
CA CYS A 23 2.73 -3.15 -21.82
C CYS A 23 4.16 -2.67 -22.02
N ALA A 24 4.33 -1.69 -22.89
CA ALA A 24 5.63 -1.11 -23.19
C ALA A 24 5.68 0.35 -22.73
N SER A 25 6.81 1.00 -22.99
CA SER A 25 7.01 2.38 -22.60
C SER A 25 7.74 3.15 -23.71
N ASP A 26 8.24 4.35 -23.38
CA ASP A 26 8.93 5.20 -24.32
C ASP A 26 10.22 5.71 -23.68
N ALA A 27 11.16 6.13 -24.52
CA ALA A 27 12.43 6.69 -24.02
C ALA A 27 12.21 8.01 -23.31
N LYS A 28 11.65 9.00 -24.01
CA LYS A 28 11.30 10.27 -23.38
C LYS A 28 9.97 10.14 -22.67
N ALA A 29 9.87 10.77 -21.49
CA ALA A 29 8.66 10.67 -20.69
C ALA A 29 8.54 11.91 -19.81
N TYR A 30 7.39 12.02 -19.15
CA TYR A 30 7.13 13.13 -18.24
C TYR A 30 8.04 13.09 -17.03
N GLU A 31 8.28 11.89 -16.49
CA GLU A 31 9.08 11.63 -15.28
C GLU A 31 8.62 12.44 -14.06
N THR A 40 6.10 4.62 -12.52
CA THR A 40 5.34 3.43 -12.85
C THR A 40 5.18 3.29 -14.37
N HIS A 41 5.40 4.39 -15.08
CA HIS A 41 5.34 4.38 -16.53
C HIS A 41 6.51 5.14 -17.14
N ALA A 42 7.11 6.03 -16.34
CA ALA A 42 8.08 6.99 -16.86
C ALA A 42 9.39 6.33 -17.32
N CYS A 43 9.77 5.22 -16.70
CA CYS A 43 11.00 4.54 -17.06
C CYS A 43 10.76 3.05 -17.29
N VAL A 44 9.56 2.56 -16.99
CA VAL A 44 9.21 1.15 -17.10
C VAL A 44 7.91 1.04 -17.89
N PRO A 45 7.69 -0.09 -18.58
CA PRO A 45 8.54 -1.27 -18.86
C PRO A 45 9.52 -1.06 -20.01
N THR A 46 9.95 -2.16 -20.60
CA THR A 46 10.89 -2.14 -21.73
C THR A 46 10.23 -1.53 -22.97
N ASP A 47 11.08 -1.13 -23.91
CA ASP A 47 10.67 -0.49 -25.16
C ASP A 47 11.26 -1.25 -26.33
N PRO A 48 10.67 -2.38 -26.70
CA PRO A 48 11.25 -3.23 -27.75
C PRO A 48 10.83 -2.76 -29.14
N ASN A 49 11.38 -3.43 -30.15
CA ASN A 49 11.04 -3.17 -31.54
C ASN A 49 10.33 -4.39 -32.13
N PRO A 50 9.08 -4.28 -32.52
CA PRO A 50 8.32 -5.46 -32.95
C PRO A 50 8.55 -5.83 -34.41
N GLN A 51 8.16 -7.07 -34.73
CA GLN A 51 8.15 -7.58 -36.10
C GLN A 51 6.84 -8.33 -36.33
N GLU A 52 6.49 -8.48 -37.61
CA GLU A 52 5.21 -9.05 -38.01
C GLU A 52 5.44 -10.12 -39.08
N MET A 53 4.76 -11.25 -38.94
CA MET A 53 4.76 -12.27 -39.99
C MET A 53 3.33 -12.58 -40.42
N VAL A 54 3.19 -12.96 -41.69
CA VAL A 54 1.91 -13.24 -42.30
C VAL A 54 1.62 -14.73 -42.18
N LEU A 55 0.46 -15.07 -41.62
CA LEU A 55 0.03 -16.46 -41.53
C LEU A 55 -0.68 -16.82 -42.83
N LYS A 56 0.07 -17.45 -43.73
CA LYS A 56 -0.47 -17.82 -45.03
C LYS A 56 -1.47 -18.97 -44.88
N ASN A 57 -2.59 -18.85 -45.62
CA ASN A 57 -3.65 -19.87 -45.72
C ASN A 57 -4.25 -20.20 -44.34
N VAL A 58 -4.44 -19.16 -43.53
CA VAL A 58 -5.02 -19.28 -42.20
C VAL A 58 -6.27 -18.41 -42.15
N THR A 59 -7.39 -19.02 -41.73
CA THR A 59 -8.66 -18.31 -41.59
C THR A 59 -9.09 -18.38 -40.13
N GLU A 60 -9.42 -17.22 -39.55
CA GLU A 60 -9.75 -17.19 -38.14
C GLU A 60 -10.84 -16.16 -37.88
N ASN A 61 -11.77 -16.50 -37.00
CA ASN A 61 -12.87 -15.61 -36.65
C ASN A 61 -12.43 -14.54 -35.67
N PHE A 62 -12.95 -13.33 -35.86
CA PHE A 62 -12.69 -12.21 -34.97
C PHE A 62 -14.02 -11.57 -34.56
N ASN A 63 -13.98 -10.89 -33.41
CA ASN A 63 -15.14 -10.21 -32.86
C ASN A 63 -14.62 -9.08 -31.97
N MET A 64 -14.91 -7.83 -32.34
CA MET A 64 -14.42 -6.70 -31.57
C MET A 64 -15.31 -6.34 -30.40
N TRP A 65 -16.43 -7.04 -30.21
CA TRP A 65 -17.30 -6.78 -29.07
C TRP A 65 -16.95 -7.67 -27.89
N LYS A 66 -16.65 -8.94 -28.15
CA LYS A 66 -16.47 -9.92 -27.08
C LYS A 66 -15.07 -9.92 -26.50
N ASN A 67 -14.11 -9.28 -27.18
CA ASN A 67 -12.71 -9.39 -26.77
C ASN A 67 -12.45 -8.63 -25.47
N ASP A 68 -11.49 -9.14 -24.71
CA ASP A 68 -11.36 -8.80 -23.28
C ASP A 68 -10.34 -7.72 -22.99
N MET A 69 -9.33 -7.54 -23.85
CA MET A 69 -8.22 -6.65 -23.51
C MET A 69 -8.62 -5.17 -23.49
N VAL A 70 -9.77 -4.83 -24.09
CA VAL A 70 -10.29 -3.47 -24.02
C VAL A 70 -10.61 -3.09 -22.58
N ASP A 71 -11.29 -4.00 -21.87
CA ASP A 71 -11.58 -3.79 -20.45
C ASP A 71 -10.30 -3.78 -19.62
N GLN A 72 -9.33 -4.61 -20.00
CA GLN A 72 -8.05 -4.67 -19.31
C GLN A 72 -7.33 -3.33 -19.38
N MET A 73 -7.24 -2.74 -20.57
CA MET A 73 -6.52 -1.49 -20.69
C MET A 73 -7.36 -0.31 -20.20
N HIS A 74 -8.68 -0.46 -20.16
CA HIS A 74 -9.54 0.50 -19.49
C HIS A 74 -9.22 0.57 -18.00
N GLU A 75 -9.07 -0.60 -17.37
CA GLU A 75 -8.61 -0.67 -15.99
C GLU A 75 -7.19 -0.12 -15.83
N ASP A 76 -6.32 -0.38 -16.82
CA ASP A 76 -4.96 0.15 -16.77
C ASP A 76 -4.93 1.66 -16.83
N VAL A 77 -5.78 2.26 -17.67
CA VAL A 77 -5.85 3.71 -17.79
C VAL A 77 -6.34 4.32 -16.47
N ILE A 78 -7.37 3.70 -15.88
CA ILE A 78 -7.86 4.17 -14.57
C ILE A 78 -6.78 4.06 -13.51
N SER A 79 -6.06 2.94 -13.47
CA SER A 79 -5.05 2.73 -12.43
C SER A 79 -3.86 3.68 -12.60
N LEU A 80 -3.44 3.93 -13.84
CA LEU A 80 -2.37 4.89 -14.08
C LEU A 80 -2.79 6.30 -13.70
N TRP A 81 -4.05 6.66 -13.98
CA TRP A 81 -4.54 7.98 -13.57
C TRP A 81 -4.59 8.12 -12.06
N ASP A 82 -5.01 7.07 -11.36
CA ASP A 82 -5.06 7.11 -9.90
C ASP A 82 -3.66 7.19 -9.29
N GLN A 83 -2.71 6.43 -9.85
CA GLN A 83 -1.35 6.46 -9.33
C GLN A 83 -0.66 7.79 -9.63
N SER A 84 -1.00 8.41 -10.76
CA SER A 84 -0.47 9.74 -11.05
C SER A 84 -1.07 10.80 -10.15
N LEU A 85 -2.38 10.69 -9.87
CA LEU A 85 -3.06 11.71 -9.09
C LEU A 85 -2.92 11.51 -7.59
N LYS A 86 -2.38 10.37 -7.15
CA LYS A 86 -2.24 10.10 -5.72
C LYS A 86 -1.28 11.06 -5.00
N PRO A 87 -0.02 11.33 -5.48
CA PRO A 87 0.77 12.28 -4.68
C PRO A 87 0.45 13.74 -5.01
N CYS A 88 -0.75 14.17 -4.64
CA CYS A 88 -1.20 15.51 -4.98
C CYS A 88 -1.93 16.11 -3.79
N VAL A 89 -2.07 17.45 -3.83
CA VAL A 89 -2.75 18.16 -2.77
C VAL A 89 -4.25 17.88 -2.83
N LYS A 90 -4.88 17.79 -1.66
CA LYS A 90 -6.33 17.74 -1.52
C LYS A 90 -6.83 19.16 -1.24
N LEU A 91 -7.87 19.56 -1.96
CA LEU A 91 -8.39 20.93 -1.90
C LEU A 91 -9.58 21.05 -0.95
N THR A 92 -9.56 20.29 0.15
CA THR A 92 -10.64 20.34 1.13
C THR A 92 -10.86 21.72 1.79
N PRO A 93 -9.85 22.44 2.30
CA PRO A 93 -10.17 23.69 3.02
C PRO A 93 -10.67 24.82 2.13
N LEU A 94 -10.68 24.63 0.81
CA LEU A 94 -11.32 25.59 -0.08
C LEU A 94 -12.83 25.47 -0.10
N CYS A 95 -13.43 24.52 0.62
CA CYS A 95 -14.87 24.36 0.58
C CYS A 95 -15.63 25.38 1.44
N VAL A 96 -14.97 26.42 1.94
CA VAL A 96 -15.65 27.43 2.74
C VAL A 96 -16.57 28.29 1.87
N THR A 97 -17.40 29.07 2.54
CA THR A 97 -18.41 29.88 1.85
C THR A 97 -17.78 31.03 1.07
N LEU A 98 -18.16 31.14 -0.20
CA LEU A 98 -17.63 32.15 -1.09
C LEU A 98 -18.62 33.31 -1.23
N ASN A 99 -18.10 34.53 -1.15
CA ASN A 99 -18.88 35.74 -1.38
C ASN A 99 -18.35 36.37 -2.67
N CYS A 100 -19.12 36.26 -3.74
CA CYS A 100 -18.71 36.74 -5.06
C CYS A 100 -19.62 37.87 -5.51
N THR A 101 -19.00 38.91 -6.06
CA THR A 101 -19.71 40.00 -6.69
C THR A 101 -19.39 40.08 -8.18
N ASN A 102 -18.14 39.82 -8.56
CA ASN A 102 -17.71 39.56 -9.93
C ASN A 102 -18.01 40.75 -10.87
N ALA A 103 -17.26 41.84 -10.64
CA ALA A 103 -17.37 43.01 -11.51
C ALA A 103 -16.02 43.65 -11.80
N THR A 104 -14.95 42.86 -11.89
CA THR A 104 -13.62 43.45 -12.08
C THR A 104 -13.30 43.69 -13.55
N ALA A 105 -13.58 42.71 -14.40
CA ALA A 105 -13.19 42.79 -15.81
C ALA A 105 -14.14 43.73 -16.57
N SER A 106 -13.85 43.88 -17.88
CA SER A 106 -14.72 44.68 -18.74
C SER A 106 -16.09 44.02 -18.90
N ASN A 107 -16.11 42.71 -19.09
CA ASN A 107 -17.35 41.94 -19.06
C ASN A 107 -17.22 40.87 -18.00
N SER A 108 -18.30 40.69 -17.23
CA SER A 108 -18.30 39.78 -16.10
C SER A 108 -19.13 38.53 -16.31
N SER A 109 -20.14 38.58 -17.18
CA SER A 109 -21.08 37.47 -17.30
C SER A 109 -20.46 36.24 -17.98
N ILE A 110 -19.31 36.42 -18.64
CA ILE A 110 -18.67 35.31 -19.34
C ILE A 110 -18.13 34.27 -18.34
N ILE A 111 -17.57 34.74 -17.23
CA ILE A 111 -16.76 33.86 -16.38
C ILE A 111 -17.27 33.88 -14.93
N GLU A 112 -17.58 35.08 -14.42
CA GLU A 112 -18.45 35.29 -13.24
C GLU A 112 -17.83 34.76 -11.94
N GLY A 113 -16.51 34.65 -11.88
CA GLY A 113 -15.85 34.55 -10.59
C GLY A 113 -14.57 35.36 -10.60
N MET A 114 -14.49 36.40 -9.78
CA MET A 114 -13.33 37.29 -9.82
C MET A 114 -13.06 37.77 -8.39
N CYS A 117 -15.22 36.57 -5.83
CA CYS A 117 -15.14 35.46 -4.90
C CYS A 117 -13.99 35.61 -3.91
N SER A 118 -14.31 36.05 -2.70
CA SER A 118 -13.36 36.13 -1.60
C SER A 118 -13.72 35.10 -0.54
N PHE A 119 -12.70 34.66 0.20
CA PHE A 119 -12.86 33.56 1.14
C PHE A 119 -11.71 33.57 2.15
N ASN A 120 -11.90 32.82 3.23
CA ASN A 120 -10.92 32.73 4.30
C ASN A 120 -10.18 31.41 4.23
N ILE A 121 -8.85 31.46 4.37
CA ILE A 121 -8.02 30.26 4.27
C ILE A 121 -6.93 30.30 5.35
N THR A 122 -6.72 29.16 6.00
CA THR A 122 -5.59 29.01 6.91
C THR A 122 -4.29 28.93 6.11
N THR A 123 -3.30 29.70 6.52
CA THR A 123 -2.01 29.66 5.84
C THR A 123 -0.86 29.71 6.85
N GLU A 124 -0.03 28.67 6.81
CA GLU A 124 1.34 28.58 7.33
C GLU A 124 1.53 28.83 8.83
N LEU A 125 0.46 29.09 9.57
CA LEU A 125 0.56 29.29 11.01
C LEU A 125 -0.50 28.57 11.83
N ARG A 126 -1.66 28.24 11.24
CA ARG A 126 -2.86 27.75 11.94
C ARG A 126 -3.30 28.69 13.06
N ASP A 127 -3.05 29.99 12.88
CA ASP A 127 -3.46 31.00 13.85
C ASP A 127 -4.92 31.39 13.64
N LYS A 128 -5.21 31.99 12.48
CA LYS A 128 -6.54 32.39 12.10
C LYS A 128 -6.55 32.58 10.59
N ARG A 129 -7.69 32.26 9.97
CA ARG A 129 -7.78 32.30 8.52
C ARG A 129 -7.70 33.73 7.99
N GLU A 130 -7.02 33.88 6.85
CA GLU A 130 -6.81 35.16 6.21
C GLU A 130 -7.68 35.28 4.97
N LYS A 131 -7.99 36.51 4.60
CA LYS A 131 -8.83 36.77 3.44
C LYS A 131 -8.01 36.70 2.16
N LYS A 132 -8.54 35.99 1.18
CA LYS A 132 -7.96 35.89 -0.15
C LYS A 132 -9.09 35.98 -1.18
N ASN A 133 -8.70 36.21 -2.43
CA ASN A 133 -9.65 36.17 -3.52
C ASN A 133 -8.96 35.60 -4.75
N ALA A 134 -9.75 35.02 -5.64
CA ALA A 134 -9.23 34.36 -6.83
C ALA A 134 -10.26 34.49 -7.94
N LEU A 135 -10.03 33.76 -9.02
CA LEU A 135 -10.83 33.87 -10.24
C LEU A 135 -11.32 32.49 -10.63
N PHE A 136 -12.60 32.38 -10.99
CA PHE A 136 -13.22 31.08 -11.23
C PHE A 136 -14.25 31.19 -12.34
N TYR A 137 -14.63 30.03 -12.88
CA TYR A 137 -15.65 29.95 -13.91
C TYR A 137 -17.00 29.61 -13.29
N LYS A 138 -18.06 30.15 -13.88
CA LYS A 138 -19.40 30.00 -13.31
C LYS A 138 -19.94 28.58 -13.45
N LEU A 139 -19.36 27.78 -14.35
CA LEU A 139 -19.75 26.38 -14.44
C LEU A 139 -19.30 25.61 -13.21
N ASP A 140 -18.10 25.91 -12.71
CA ASP A 140 -17.61 25.24 -11.51
C ASP A 140 -18.22 25.81 -10.23
N ILE A 141 -18.92 26.92 -10.33
CA ILE A 141 -19.55 27.56 -9.19
C ILE A 141 -21.03 27.21 -9.16
N VAL A 142 -21.54 26.80 -8.00
CA VAL A 142 -22.98 26.60 -7.82
C VAL A 142 -23.48 27.62 -6.82
N GLN A 143 -24.78 27.90 -6.90
CA GLN A 143 -25.39 28.96 -6.12
C GLN A 143 -26.04 28.38 -4.87
N LEU A 144 -25.63 28.87 -3.71
CA LEU A 144 -26.24 28.45 -2.46
C LEU A 144 -27.61 29.11 -2.29
N ASP A 145 -28.33 28.66 -1.26
CA ASP A 145 -29.67 29.16 -1.03
C ASP A 145 -29.64 30.57 -0.44
N GLY A 146 -30.81 31.19 -0.38
CA GLY A 146 -30.90 32.53 0.18
C GLY A 146 -30.36 33.57 -0.78
N ASN A 147 -29.38 34.33 -0.30
CA ASN A 147 -28.78 35.38 -1.12
C ASN A 147 -27.97 34.77 -2.26
N SER A 148 -28.09 35.38 -3.45
CA SER A 148 -27.42 34.86 -4.62
C SER A 148 -25.90 35.03 -4.56
N SER A 149 -25.40 36.01 -3.79
CA SER A 149 -23.96 36.24 -3.73
C SER A 149 -23.22 35.13 -2.99
N GLN A 150 -23.91 34.33 -2.19
CA GLN A 150 -23.32 33.15 -1.61
C GLN A 150 -23.16 32.08 -2.67
N TYR A 151 -22.03 31.37 -2.64
CA TYR A 151 -21.73 30.39 -3.66
C TYR A 151 -20.91 29.27 -3.06
N ARG A 152 -20.85 28.15 -3.77
CA ARG A 152 -20.07 27.00 -3.33
C ARG A 152 -19.42 26.34 -4.53
N LEU A 153 -18.41 25.53 -4.27
CA LEU A 153 -17.80 24.71 -5.30
C LEU A 153 -18.79 23.61 -5.68
N ILE A 154 -18.66 23.10 -6.91
CA ILE A 154 -19.75 22.30 -7.49
C ILE A 154 -19.82 20.91 -6.87
N ASN A 155 -18.68 20.23 -6.74
CA ASN A 155 -18.69 18.81 -6.39
C ASN A 155 -18.36 18.55 -4.93
N CYS A 156 -18.21 19.59 -4.11
CA CYS A 156 -17.80 19.37 -2.73
C CYS A 156 -18.95 18.91 -1.85
N ASN A 157 -20.19 19.00 -2.33
CA ASN A 157 -21.31 18.35 -1.65
C ASN A 157 -21.34 16.85 -1.90
N THR A 158 -20.47 16.36 -2.79
CA THR A 158 -20.46 14.96 -3.17
C THR A 158 -19.10 14.29 -2.99
N SER A 159 -17.98 14.97 -3.25
CA SER A 159 -16.69 14.30 -3.23
C SER A 159 -15.59 15.30 -2.90
N VAL A 160 -14.41 14.76 -2.66
CA VAL A 160 -13.22 15.57 -2.45
C VAL A 160 -12.62 15.91 -3.81
N ILE A 161 -11.94 17.05 -3.90
CA ILE A 161 -11.41 17.57 -5.15
C ILE A 161 -9.90 17.70 -4.99
N THR A 162 -9.15 17.15 -5.94
CA THR A 162 -7.69 17.17 -5.90
C THR A 162 -7.14 17.96 -7.07
N GLN A 163 -6.19 18.84 -6.78
CA GLN A 163 -5.47 19.57 -7.82
C GLN A 163 -4.38 18.69 -8.42
N ALA A 164 -4.32 18.68 -9.75
CA ALA A 164 -3.26 17.97 -10.44
C ALA A 164 -1.99 18.80 -10.45
N CYS A 165 -0.87 18.17 -10.11
CA CYS A 165 0.42 18.85 -10.17
C CYS A 165 0.80 19.08 -11.61
N PRO A 166 1.17 20.31 -12.00
CA PRO A 166 1.32 20.63 -13.43
C PRO A 166 2.50 19.98 -14.12
N LYS A 167 3.56 19.61 -13.39
CA LYS A 167 4.78 19.12 -14.01
C LYS A 167 4.80 17.61 -14.20
N VAL A 168 3.71 16.92 -13.84
CA VAL A 168 3.59 15.48 -14.03
C VAL A 168 2.41 15.19 -14.94
N SER A 169 2.14 16.12 -15.87
CA SER A 169 0.93 16.07 -16.69
C SER A 169 0.97 14.89 -17.66
N PHE A 170 -0.13 14.14 -17.72
CA PHE A 170 -0.21 12.95 -18.53
C PHE A 170 -0.83 13.30 -19.88
N ASP A 171 -0.34 12.65 -20.92
CA ASP A 171 -0.61 13.04 -22.29
C ASP A 171 -0.63 11.78 -23.14
N PRO A 172 -1.23 11.83 -24.36
CA PRO A 172 -1.33 10.61 -25.17
C PRO A 172 0.01 10.08 -25.67
N ILE A 173 0.76 9.47 -24.77
CA ILE A 173 1.99 8.75 -25.12
C ILE A 173 1.60 7.41 -25.72
N PRO A 174 2.10 7.06 -26.90
CA PRO A 174 1.73 5.78 -27.53
C PRO A 174 2.26 4.58 -26.76
N ILE A 175 1.41 3.55 -26.63
CA ILE A 175 1.65 2.42 -25.75
C ILE A 175 1.54 1.14 -26.58
N HIS A 176 2.50 0.24 -26.42
CA HIS A 176 2.48 -1.05 -27.10
C HIS A 176 2.13 -2.14 -26.10
N TYR A 177 1.19 -3.01 -26.46
CA TYR A 177 0.75 -4.08 -25.57
C TYR A 177 1.47 -5.37 -25.94
N CYS A 178 2.27 -5.88 -25.02
CA CYS A 178 3.11 -7.05 -25.26
C CYS A 178 2.41 -8.31 -24.77
N ALA A 179 2.46 -9.36 -25.58
CA ALA A 179 1.95 -10.65 -25.17
C ALA A 179 2.91 -11.28 -24.16
N PRO A 180 2.39 -12.08 -23.24
CA PRO A 180 3.28 -12.91 -22.42
C PRO A 180 3.74 -14.14 -23.21
N ALA A 181 4.67 -14.87 -22.62
CA ALA A 181 5.19 -16.07 -23.26
C ALA A 181 4.13 -17.16 -23.30
N GLY A 182 4.05 -17.85 -24.44
CA GLY A 182 3.03 -18.85 -24.65
C GLY A 182 1.71 -18.32 -25.15
N TYR A 183 1.60 -17.01 -25.39
CA TYR A 183 0.37 -16.40 -25.89
C TYR A 183 0.69 -15.59 -27.13
N ALA A 184 -0.19 -15.68 -28.13
CA ALA A 184 0.05 -15.03 -29.41
C ALA A 184 -1.04 -14.03 -29.72
N ILE A 185 -0.68 -12.99 -30.47
CA ILE A 185 -1.59 -11.92 -30.85
C ILE A 185 -1.85 -12.00 -32.34
N LEU A 186 -3.13 -12.06 -32.72
CA LEU A 186 -3.58 -12.12 -34.10
C LEU A 186 -4.15 -10.77 -34.50
N LYS A 187 -3.90 -10.39 -35.76
CA LYS A 187 -4.09 -8.99 -36.19
C LYS A 187 -5.22 -8.77 -37.19
N CYS A 188 -5.45 -9.69 -38.13
CA CYS A 188 -6.43 -9.56 -39.23
C CYS A 188 -6.15 -8.30 -40.07
N ASN A 189 -5.10 -8.41 -40.87
CA ASN A 189 -4.69 -7.35 -41.79
C ASN A 189 -5.64 -7.13 -42.98
N ASN A 190 -6.79 -7.80 -43.04
CA ASN A 190 -7.74 -7.52 -44.12
C ASN A 190 -8.29 -6.12 -43.98
N LYS A 191 -8.53 -5.49 -45.14
CA LYS A 191 -8.94 -4.09 -45.18
C LYS A 191 -10.41 -3.92 -44.82
N THR A 192 -11.28 -4.76 -45.38
CA THR A 192 -12.72 -4.60 -45.25
C THR A 192 -13.30 -5.43 -44.10
N PHE A 193 -12.54 -5.59 -43.02
CA PHE A 193 -13.06 -6.25 -41.83
C PHE A 193 -14.21 -5.45 -41.23
N THR A 194 -15.30 -6.14 -40.91
CA THR A 194 -16.55 -5.49 -40.52
C THR A 194 -16.79 -5.52 -39.02
N GLY A 195 -15.76 -5.77 -38.22
CA GLY A 195 -15.91 -5.87 -36.78
C GLY A 195 -16.29 -7.25 -36.28
N THR A 196 -16.70 -8.15 -37.15
CA THR A 196 -17.00 -9.53 -36.76
C THR A 196 -16.88 -10.41 -37.99
N GLY A 197 -16.59 -11.68 -37.74
CA GLY A 197 -16.58 -12.66 -38.81
C GLY A 197 -15.20 -13.22 -39.09
N PRO A 198 -15.10 -14.07 -40.11
CA PRO A 198 -13.81 -14.70 -40.41
C PRO A 198 -12.89 -13.86 -41.28
N CYS A 199 -11.64 -13.70 -40.85
CA CYS A 199 -10.59 -13.11 -41.68
C CYS A 199 -9.79 -14.22 -42.35
N ASN A 200 -9.47 -14.02 -43.62
CA ASN A 200 -8.55 -14.88 -44.35
C ASN A 200 -7.24 -14.16 -44.63
N ASN A 201 -6.88 -13.20 -43.79
CA ASN A 201 -5.65 -12.43 -43.91
C ASN A 201 -4.97 -12.33 -42.55
N VAL A 202 -4.89 -13.46 -41.85
CA VAL A 202 -4.42 -13.47 -40.47
C VAL A 202 -2.90 -13.27 -40.43
N SER A 203 -2.43 -12.51 -39.44
CA SER A 203 -1.01 -12.28 -39.24
C SER A 203 -0.73 -12.16 -37.76
N THR A 204 0.54 -12.31 -37.39
CA THR A 204 0.94 -12.32 -35.99
C THR A 204 2.09 -11.36 -35.72
N VAL A 205 2.05 -10.78 -34.52
CA VAL A 205 3.09 -9.89 -34.01
C VAL A 205 3.45 -10.36 -32.60
N GLN A 206 4.49 -9.75 -32.04
CA GLN A 206 4.80 -9.92 -30.63
C GLN A 206 4.09 -8.88 -29.78
N CYS A 207 3.99 -7.65 -30.27
CA CYS A 207 3.30 -6.59 -29.54
C CYS A 207 2.63 -5.66 -30.53
N THR A 208 1.63 -4.94 -30.04
CA THR A 208 0.84 -4.04 -30.87
C THR A 208 1.61 -2.76 -31.17
N HIS A 209 0.99 -1.90 -31.98
CA HIS A 209 1.58 -0.63 -32.36
C HIS A 209 1.33 0.40 -31.25
N GLY A 210 1.55 1.67 -31.58
CA GLY A 210 1.45 2.73 -30.60
C GLY A 210 0.06 3.28 -30.38
N ILE A 211 -0.77 2.53 -29.64
CA ILE A 211 -2.10 3.02 -29.28
C ILE A 211 -1.96 4.13 -28.24
N LYS A 212 -2.63 5.27 -28.48
CA LYS A 212 -2.60 6.44 -27.62
C LYS A 212 -3.85 6.50 -26.75
N PRO A 213 -3.73 6.90 -25.48
CA PRO A 213 -4.92 7.09 -24.62
C PRO A 213 -5.64 8.41 -24.89
N VAL A 214 -6.48 8.39 -25.92
CA VAL A 214 -7.20 9.59 -26.35
C VAL A 214 -8.52 9.68 -25.59
N VAL A 215 -8.78 10.84 -25.00
CA VAL A 215 -10.00 11.09 -24.26
C VAL A 215 -10.78 12.16 -25.04
N SER A 216 -11.93 11.77 -25.57
CA SER A 216 -12.75 12.70 -26.35
C SER A 216 -14.20 12.21 -26.33
N THR A 217 -15.11 13.11 -26.66
CA THR A 217 -16.53 12.78 -26.77
C THR A 217 -17.08 13.31 -28.10
N GLN A 218 -18.18 12.67 -28.53
CA GLN A 218 -18.99 12.91 -29.73
C GLN A 218 -18.30 12.53 -31.04
N LEU A 219 -16.99 12.25 -30.99
CA LEU A 219 -16.11 11.87 -32.09
C LEU A 219 -14.72 11.64 -31.50
N LEU A 220 -13.87 10.97 -32.28
CA LEU A 220 -12.52 10.67 -31.83
C LEU A 220 -11.50 11.18 -32.83
N LEU A 221 -10.29 11.38 -32.33
CA LEU A 221 -9.30 12.23 -32.97
C LEU A 221 -7.90 11.79 -32.53
N ASN A 222 -6.89 12.22 -33.30
CA ASN A 222 -5.49 11.77 -33.17
C ASN A 222 -5.36 10.25 -33.26
N GLY A 223 -6.16 9.61 -34.11
CA GLY A 223 -6.17 8.17 -34.23
C GLY A 223 -5.70 7.69 -35.60
N SER A 224 -5.80 6.37 -35.78
CA SER A 224 -5.44 5.74 -37.04
C SER A 224 -6.52 5.98 -38.09
N LEU A 225 -6.24 5.55 -39.31
CA LEU A 225 -7.14 5.77 -40.44
C LEU A 225 -7.44 4.46 -41.15
N ALA A 226 -8.59 4.41 -41.80
CA ALA A 226 -9.03 3.20 -42.49
C ALA A 226 -8.22 2.99 -43.77
N GLU A 227 -8.40 1.81 -44.36
CA GLU A 227 -7.64 1.40 -45.54
C GLU A 227 -8.37 1.68 -46.84
N GLY A 228 -9.63 1.25 -46.94
CA GLY A 228 -10.40 1.46 -48.14
C GLY A 228 -11.16 2.77 -48.08
N GLU A 229 -12.49 2.71 -48.10
CA GLU A 229 -13.33 3.85 -47.77
C GLU A 229 -13.78 3.75 -46.32
N ILE A 230 -14.75 4.58 -45.95
CA ILE A 230 -15.21 4.68 -44.56
C ILE A 230 -15.89 3.39 -44.12
N ILE A 231 -15.50 2.89 -42.94
CA ILE A 231 -15.97 1.62 -42.41
C ILE A 231 -16.95 1.90 -41.29
N ILE A 232 -18.01 1.09 -41.20
CA ILE A 232 -19.02 1.24 -40.16
C ILE A 232 -19.06 -0.05 -39.36
N ARG A 233 -18.83 0.06 -38.05
CA ARG A 233 -18.83 -1.09 -37.15
C ARG A 233 -19.98 -0.97 -36.18
N SER A 234 -20.69 -2.10 -35.98
CA SER A 234 -21.86 -2.13 -35.13
C SER A 234 -22.13 -3.57 -34.70
N GLU A 235 -22.85 -3.71 -33.60
CA GLU A 235 -23.31 -5.02 -33.17
C GLU A 235 -24.47 -5.47 -34.06
N ASN A 236 -24.61 -6.79 -34.20
CA ASN A 236 -25.67 -7.32 -35.06
C ASN A 236 -26.56 -8.33 -34.34
N ILE A 237 -26.60 -8.30 -33.00
CA ILE A 237 -27.56 -9.13 -32.28
C ILE A 237 -28.98 -8.63 -32.52
N THR A 238 -29.17 -7.32 -32.45
CA THR A 238 -30.47 -6.71 -32.68
C THR A 238 -30.28 -5.32 -33.25
N LYS A 239 -31.35 -4.79 -33.85
CA LYS A 239 -31.30 -3.43 -34.38
C LYS A 239 -31.22 -2.38 -33.27
N ASN A 240 -31.66 -2.73 -32.06
CA ASN A 240 -31.53 -1.86 -30.91
C ASN A 240 -30.07 -1.83 -30.50
N VAL A 241 -29.36 -0.77 -30.87
CA VAL A 241 -27.92 -0.67 -30.67
C VAL A 241 -27.62 0.46 -29.69
N LYS A 242 -26.53 0.30 -28.94
CA LYS A 242 -26.09 1.37 -28.05
C LYS A 242 -25.28 2.42 -28.80
N THR A 243 -24.24 1.98 -29.51
CA THR A 243 -23.31 2.91 -30.14
C THR A 243 -22.79 2.27 -31.42
N ILE A 244 -22.75 3.07 -32.49
CA ILE A 244 -22.24 2.66 -33.79
C ILE A 244 -20.99 3.47 -34.09
N ILE A 245 -19.92 2.77 -34.44
CA ILE A 245 -18.61 3.38 -34.69
C ILE A 245 -18.45 3.62 -36.17
N VAL A 246 -18.03 4.83 -36.54
CA VAL A 246 -17.75 5.18 -37.93
C VAL A 246 -16.28 5.54 -38.02
N HIS A 247 -15.54 4.82 -38.86
CA HIS A 247 -14.10 4.98 -39.00
C HIS A 247 -13.81 5.60 -40.37
N LEU A 248 -13.16 6.76 -40.35
CA LEU A 248 -12.90 7.51 -41.58
C LEU A 248 -11.68 6.96 -42.31
N ASN A 249 -11.71 7.09 -43.64
CA ASN A 249 -10.56 6.79 -44.47
C ASN A 249 -9.78 8.04 -44.84
N GLU A 250 -10.23 9.22 -44.43
CA GLU A 250 -9.60 10.47 -44.83
C GLU A 250 -9.69 11.43 -43.66
N SER A 251 -8.55 12.01 -43.28
CA SER A 251 -8.51 12.90 -42.13
C SER A 251 -9.11 14.26 -42.46
N VAL A 252 -9.76 14.85 -41.46
CA VAL A 252 -10.24 16.22 -41.50
C VAL A 252 -9.57 16.97 -40.36
N LYS A 253 -9.20 18.21 -40.61
CA LYS A 253 -8.42 18.99 -39.66
C LYS A 253 -9.32 19.93 -38.86
N ILE A 254 -9.05 20.00 -37.56
CA ILE A 254 -9.75 20.89 -36.64
C ILE A 254 -8.73 21.82 -36.00
N GLU A 255 -9.07 23.11 -35.90
CA GLU A 255 -8.19 24.09 -35.27
C GLU A 255 -8.90 24.73 -34.09
N CYS A 256 -8.37 24.52 -32.89
CA CYS A 256 -8.99 25.00 -31.66
C CYS A 256 -8.15 26.12 -31.07
N THR A 257 -8.80 27.11 -30.46
CA THR A 257 -8.03 28.19 -29.88
C THR A 257 -8.75 28.81 -28.68
N ARG A 258 -7.97 29.08 -27.64
CA ARG A 258 -8.34 29.95 -26.52
C ARG A 258 -7.49 31.20 -26.66
N PRO A 259 -8.06 32.34 -26.99
CA PRO A 259 -7.26 33.48 -27.44
C PRO A 259 -6.63 34.32 -26.33
N ASN A 260 -7.17 34.24 -25.12
CA ASN A 260 -6.74 35.13 -24.06
C ASN A 260 -5.58 34.56 -23.26
N ASN A 261 -4.80 35.45 -22.67
CA ASN A 261 -3.72 35.10 -21.76
C ASN A 261 -4.21 35.22 -20.32
N LYS A 262 -3.69 34.36 -19.45
CA LYS A 262 -4.17 34.27 -18.07
C LYS A 262 -3.00 34.44 -17.12
N THR A 263 -3.30 34.92 -15.92
CA THR A 263 -2.30 35.17 -14.88
C THR A 263 -2.43 34.11 -13.80
N ARG A 264 -1.48 33.19 -13.75
CA ARG A 264 -1.45 32.21 -12.68
C ARG A 264 -1.00 32.86 -11.39
N THR A 265 -1.74 32.61 -10.31
CA THR A 265 -1.36 33.05 -8.98
C THR A 265 -1.36 31.85 -8.04
N SER A 266 -0.49 31.91 -7.03
CA SER A 266 -0.32 30.80 -6.10
C SER A 266 -0.79 31.19 -4.70
N ILE A 267 -1.52 30.29 -4.07
CA ILE A 267 -1.98 30.45 -2.70
C ILE A 267 -1.37 29.32 -1.86
N ARG A 268 -0.73 29.69 -0.76
CA ARG A 268 -0.05 28.72 0.09
C ARG A 268 -1.02 28.18 1.13
N ILE A 269 -1.11 26.84 1.19
CA ILE A 269 -1.93 26.20 2.21
C ILE A 269 -1.02 25.52 3.22
N PRO A 271 1.36 23.65 5.34
CA PRO A 271 2.46 22.76 4.93
C PRO A 271 2.97 23.00 3.51
N GLY A 272 3.70 22.04 2.93
CA GLY A 272 4.50 22.27 1.75
C GLY A 272 3.74 22.42 0.45
N GLN A 273 2.42 22.30 0.45
CA GLN A 273 1.66 22.44 -0.77
C GLN A 273 1.53 23.91 -1.17
N TRP A 274 1.13 24.12 -2.43
CA TRP A 274 0.94 25.48 -2.96
C TRP A 274 -0.19 25.41 -3.98
N PHE A 275 -1.37 25.88 -3.58
CA PHE A 275 -2.53 25.86 -4.46
C PHE A 275 -2.38 26.90 -5.57
N TYR A 276 -2.79 26.53 -6.78
CA TYR A 276 -2.70 27.40 -7.95
C TYR A 276 -4.09 27.86 -8.37
N ALA A 277 -4.21 29.17 -8.61
CA ALA A 277 -5.48 29.76 -9.04
C ALA A 277 -5.19 30.78 -10.12
N THR A 278 -6.26 31.30 -10.71
CA THR A 278 -6.15 32.33 -11.74
C THR A 278 -6.20 33.70 -11.09
N GLY A 279 -5.31 34.58 -11.53
CA GLY A 279 -5.31 35.95 -11.02
C GLY A 279 -6.11 36.92 -11.86
N GLN A 280 -5.79 37.04 -13.15
CA GLN A 280 -6.38 38.06 -14.00
C GLN A 280 -6.15 37.69 -15.46
N VAL A 281 -7.16 37.92 -16.29
CA VAL A 281 -7.02 37.75 -17.73
C VAL A 281 -6.37 39.01 -18.31
N ILE A 282 -5.43 38.82 -19.23
CA ILE A 282 -4.70 39.91 -19.86
C ILE A 282 -5.51 40.42 -21.05
N GLY A 283 -5.72 41.74 -21.09
CA GLY A 283 -6.35 42.34 -22.25
C GLY A 283 -7.85 42.14 -22.31
N ASP A 284 -8.39 42.45 -23.49
CA ASP A 284 -9.82 42.36 -23.72
C ASP A 284 -10.26 40.91 -23.87
N ILE A 285 -11.51 40.64 -23.50
CA ILE A 285 -12.02 39.28 -23.43
C ILE A 285 -12.54 38.84 -24.79
N ARG A 286 -12.10 37.68 -25.25
CA ARG A 286 -12.63 37.04 -26.45
C ARG A 286 -13.02 35.61 -26.11
N GLU A 287 -14.09 35.12 -26.73
CA GLU A 287 -14.58 33.78 -26.45
C GLU A 287 -13.83 32.75 -27.28
N ALA A 288 -13.43 31.65 -26.64
CA ALA A 288 -12.66 30.60 -27.29
C ALA A 288 -13.50 29.88 -28.33
N TYR A 289 -12.85 29.38 -29.37
CA TYR A 289 -13.59 28.88 -30.52
C TYR A 289 -12.75 27.90 -31.32
N CYS A 290 -13.43 27.12 -32.16
CA CYS A 290 -12.79 26.17 -33.05
C CYS A 290 -13.25 26.39 -34.48
N ASN A 291 -12.43 25.90 -35.41
CA ASN A 291 -12.59 26.12 -36.84
C ASN A 291 -12.51 24.81 -37.60
N ILE A 292 -13.39 24.69 -38.60
CA ILE A 292 -13.53 23.50 -39.44
C ILE A 292 -13.53 23.95 -40.89
N ASN A 293 -12.74 23.27 -41.73
CA ASN A 293 -12.85 23.42 -43.16
C ASN A 293 -14.22 22.92 -43.61
N GLU A 294 -15.02 23.81 -44.21
CA GLU A 294 -16.43 23.50 -44.44
C GLU A 294 -16.61 22.47 -45.56
N SER A 295 -15.79 22.57 -46.61
CA SER A 295 -15.92 21.65 -47.75
C SER A 295 -15.55 20.22 -47.36
N LYS A 296 -14.50 20.06 -46.57
CA LYS A 296 -14.11 18.74 -46.10
C LYS A 296 -15.20 18.13 -45.23
N TRP A 297 -15.80 18.96 -44.37
CA TRP A 297 -16.82 18.48 -43.44
C TRP A 297 -18.09 18.07 -44.17
N ASN A 298 -18.59 18.91 -45.09
CA ASN A 298 -19.86 18.56 -45.72
C ASN A 298 -19.68 17.42 -46.74
N GLU A 299 -18.54 17.39 -47.44
CA GLU A 299 -18.25 16.27 -48.33
C GLU A 299 -18.11 14.97 -47.56
N THR A 300 -17.48 15.02 -46.38
CA THR A 300 -17.35 13.85 -45.52
C THR A 300 -18.72 13.37 -45.05
N LEU A 301 -19.60 14.31 -44.69
CA LEU A 301 -20.95 13.94 -44.26
C LEU A 301 -21.76 13.31 -45.39
N GLN A 302 -21.62 13.84 -46.61
CA GLN A 302 -22.30 13.25 -47.76
C GLN A 302 -21.81 11.83 -48.04
N ARG A 303 -20.48 11.64 -47.98
CA ARG A 303 -19.92 10.31 -48.21
C ARG A 303 -20.36 9.33 -47.11
N VAL A 304 -20.40 9.80 -45.86
CA VAL A 304 -20.80 8.95 -44.74
C VAL A 304 -22.27 8.55 -44.84
N SER A 305 -23.15 9.50 -45.20
CA SER A 305 -24.57 9.16 -45.32
C SER A 305 -24.84 8.23 -46.50
N LYS A 306 -24.21 8.49 -47.64
CA LYS A 306 -24.42 7.63 -48.80
C LYS A 306 -23.75 6.28 -48.64
N LYS A 307 -22.82 6.13 -47.69
CA LYS A 307 -22.30 4.82 -47.37
C LYS A 307 -23.15 4.12 -46.29
N LEU A 308 -23.75 4.88 -45.37
CA LEU A 308 -24.63 4.29 -44.36
C LEU A 308 -25.93 3.76 -44.96
N LYS A 309 -26.38 4.31 -46.09
CA LYS A 309 -27.64 3.77 -46.59
C LYS A 309 -27.51 2.41 -47.28
N GLU A 310 -26.32 1.79 -47.31
CA GLU A 310 -26.21 0.40 -47.70
C GLU A 310 -26.94 -0.52 -46.72
N TYR A 311 -26.77 -0.26 -45.41
CA TYR A 311 -27.41 -1.10 -44.40
C TYR A 311 -28.93 -0.94 -44.41
N PHE A 312 -29.41 0.30 -44.53
CA PHE A 312 -30.82 0.61 -44.40
C PHE A 312 -31.41 0.93 -45.77
N PRO A 313 -32.35 0.13 -46.28
CA PRO A 313 -32.62 0.07 -47.73
C PRO A 313 -33.27 1.28 -48.37
N HIS A 314 -34.33 1.83 -47.78
CA HIS A 314 -35.19 2.77 -48.50
C HIS A 314 -35.53 4.05 -47.73
N LYS A 315 -34.86 4.32 -46.62
CA LYS A 315 -35.26 5.40 -45.73
C LYS A 315 -34.27 6.55 -45.77
N ASN A 316 -34.77 7.76 -45.57
CA ASN A 316 -33.96 8.98 -45.62
C ASN A 316 -33.03 9.04 -44.41
N ILE A 317 -32.04 9.92 -44.49
CA ILE A 317 -31.02 10.03 -43.44
C ILE A 317 -30.95 11.47 -42.97
N THR A 318 -31.06 11.69 -41.66
CA THR A 318 -31.19 13.03 -41.13
C THR A 318 -30.44 13.13 -39.80
N PHE A 319 -29.82 14.29 -39.55
CA PHE A 319 -28.96 14.51 -38.40
C PHE A 319 -29.51 15.64 -37.54
N GLN A 320 -29.46 15.46 -36.23
CA GLN A 320 -29.67 16.50 -35.24
C GLN A 320 -28.60 16.34 -34.17
N PRO A 321 -28.29 17.40 -33.42
CA PRO A 321 -27.45 17.23 -32.23
C PRO A 321 -28.20 16.52 -31.12
N SER A 322 -27.43 16.08 -30.13
CA SER A 322 -27.99 15.36 -28.99
C SER A 322 -28.80 16.29 -28.11
N SER A 323 -29.70 15.70 -27.33
CA SER A 323 -30.55 16.43 -26.41
C SER A 323 -30.42 15.81 -25.02
N GLY A 324 -30.42 16.67 -24.00
CA GLY A 324 -30.42 16.21 -22.62
C GLY A 324 -29.07 15.72 -22.16
N GLY A 325 -28.97 15.53 -20.86
CA GLY A 325 -27.75 15.03 -20.24
C GLY A 325 -26.77 16.15 -19.90
N ASP A 326 -25.62 15.72 -19.40
CA ASP A 326 -24.58 16.66 -18.98
C ASP A 326 -23.86 17.24 -20.19
N LEU A 327 -22.86 18.09 -19.90
CA LEU A 327 -22.14 18.77 -20.97
C LEU A 327 -21.20 17.84 -21.71
N GLU A 328 -20.90 16.67 -21.14
CA GLU A 328 -20.00 15.72 -21.80
C GLU A 328 -20.64 15.04 -23.00
N ILE A 329 -21.97 15.06 -23.13
CA ILE A 329 -22.63 14.47 -24.27
C ILE A 329 -23.31 15.51 -25.16
N THR A 330 -23.76 16.63 -24.59
CA THR A 330 -24.34 17.69 -25.42
C THR A 330 -23.29 18.43 -26.22
N THR A 331 -22.01 18.38 -25.82
CA THR A 331 -20.95 19.10 -26.49
C THR A 331 -19.79 18.15 -26.78
N HIS A 332 -18.96 18.55 -27.74
CA HIS A 332 -17.67 17.90 -27.95
C HIS A 332 -16.72 18.28 -26.82
N SER A 333 -16.40 17.34 -25.95
CA SER A 333 -15.43 17.64 -24.91
C SER A 333 -14.13 16.91 -25.16
N PHE A 334 -13.03 17.59 -24.89
CA PHE A 334 -11.70 17.00 -25.02
C PHE A 334 -10.75 17.79 -24.12
N ASN A 335 -9.48 17.42 -24.17
CA ASN A 335 -8.42 18.13 -23.48
C ASN A 335 -7.39 18.55 -24.51
N CYS A 336 -6.86 19.77 -24.36
CA CYS A 336 -5.71 20.19 -25.13
C CYS A 336 -4.81 21.03 -24.24
N GLY A 337 -3.51 20.76 -24.31
CA GLY A 337 -2.57 21.36 -23.37
C GLY A 337 -2.89 20.89 -21.97
N GLY A 338 -3.14 21.85 -21.09
CA GLY A 338 -3.69 21.58 -19.77
C GLY A 338 -5.13 21.99 -19.61
N GLU A 339 -5.85 22.32 -20.68
CA GLU A 339 -7.16 22.92 -20.57
C GLU A 339 -8.21 22.08 -21.28
N PHE A 340 -9.38 21.94 -20.64
CA PHE A 340 -10.45 21.10 -21.13
C PHE A 340 -11.49 21.94 -21.87
N PHE A 341 -11.87 21.49 -23.05
CA PHE A 341 -12.73 22.25 -23.94
C PHE A 341 -14.05 21.51 -24.17
N TYR A 342 -15.12 22.29 -24.24
CA TYR A 342 -16.47 21.82 -24.53
C TYR A 342 -17.03 22.65 -25.68
N CYS A 343 -17.30 22.01 -26.80
CA CYS A 343 -17.55 22.67 -28.08
C CYS A 343 -18.98 22.43 -28.52
N ASN A 344 -19.68 23.53 -28.83
CA ASN A 344 -21.02 23.50 -29.40
C ASN A 344 -20.96 22.84 -30.77
N THR A 345 -21.72 21.77 -30.96
CA THR A 345 -21.75 21.04 -32.22
C THR A 345 -23.12 21.06 -32.88
N SER A 346 -23.94 22.06 -32.56
CA SER A 346 -25.29 22.11 -33.13
C SER A 346 -25.26 22.43 -34.62
N SER A 347 -24.36 23.34 -35.04
CA SER A 347 -24.32 23.74 -36.44
C SER A 347 -23.73 22.66 -37.33
N LEU A 348 -22.87 21.80 -36.78
CA LEU A 348 -22.18 20.80 -37.60
C LEU A 348 -23.13 19.69 -38.05
N PHE A 349 -24.04 19.27 -37.18
CA PHE A 349 -24.87 18.10 -37.42
C PHE A 349 -26.28 18.45 -37.86
N ASN A 350 -26.45 19.48 -38.69
CA ASN A 350 -27.77 19.85 -39.18
C ASN A 350 -27.83 19.59 -40.68
N ARG A 351 -28.11 18.34 -41.05
CA ARG A 351 -28.20 17.93 -42.44
C ARG A 351 -29.34 16.94 -42.63
N THR A 352 -29.78 16.80 -43.88
CA THR A 352 -30.70 15.74 -44.26
C THR A 352 -30.46 15.36 -45.72
N TYR A 353 -30.78 14.12 -46.04
CA TYR A 353 -30.60 13.55 -47.38
C TYR A 353 -31.72 12.58 -47.69
N MET A 354 -32.22 12.65 -48.91
CA MET A 354 -33.29 11.80 -49.39
C MET A 354 -32.73 10.44 -49.81
N ALA A 355 -33.58 9.42 -49.78
CA ALA A 355 -33.17 8.06 -50.09
C ALA A 355 -33.25 7.73 -51.57
N ASN A 356 -33.61 8.69 -52.42
CA ASN A 356 -33.82 8.52 -53.87
C ASN A 356 -34.82 7.41 -54.20
N ASN A 367 -10.87 23.28 -52.39
CA ASN A 367 -10.76 22.10 -51.54
C ASN A 367 -10.79 22.50 -50.06
N SER A 368 -10.53 23.78 -49.79
CA SER A 368 -10.55 24.30 -48.44
C SER A 368 -11.24 25.66 -48.36
N THR A 369 -12.22 25.90 -49.24
CA THR A 369 -12.95 27.16 -49.18
C THR A 369 -13.96 27.16 -48.04
N ARG A 370 -14.07 28.32 -47.38
CA ARG A 370 -14.97 28.64 -46.26
C ARG A 370 -14.69 27.83 -44.99
N THR A 371 -15.14 28.34 -43.84
CA THR A 371 -14.76 27.78 -42.57
C THR A 371 -15.87 27.99 -41.55
N ILE A 372 -16.29 26.91 -40.90
CA ILE A 372 -17.27 26.95 -39.83
C ILE A 372 -16.56 27.22 -38.52
N THR A 373 -17.03 28.23 -37.80
CA THR A 373 -16.55 28.55 -36.46
C THR A 373 -17.58 28.14 -35.43
N ILE A 374 -17.13 27.52 -34.35
CA ILE A 374 -18.00 27.04 -33.28
C ILE A 374 -17.50 27.58 -31.95
N HIS A 375 -18.44 28.04 -31.13
CA HIS A 375 -18.16 28.62 -29.82
C HIS A 375 -17.98 27.53 -28.78
N CYS A 376 -17.21 27.84 -27.74
CA CYS A 376 -16.84 26.85 -26.74
C CYS A 376 -16.93 27.45 -25.35
N ARG A 377 -16.87 26.57 -24.35
CA ARG A 377 -16.72 26.97 -22.95
C ARG A 377 -15.69 26.06 -22.31
N ILE A 378 -15.03 26.58 -21.28
CA ILE A 378 -13.97 25.86 -20.58
C ILE A 378 -14.23 25.92 -19.08
N LYS A 379 -13.97 24.80 -18.40
CA LYS A 379 -14.18 24.69 -16.97
C LYS A 379 -13.04 23.91 -16.35
N GLN A 380 -12.79 24.16 -15.07
CA GLN A 380 -11.61 23.60 -14.42
C GLN A 380 -11.88 22.30 -13.68
N ILE A 381 -13.00 22.18 -12.99
CA ILE A 381 -13.29 20.97 -12.21
C ILE A 381 -13.96 19.95 -13.12
N ILE A 382 -13.30 18.82 -13.33
CA ILE A 382 -13.78 17.78 -14.21
C ILE A 382 -13.94 16.52 -13.38
N ASN A 383 -15.08 15.85 -13.54
CA ASN A 383 -15.24 14.52 -12.97
C ASN A 383 -14.37 13.52 -13.72
N MET A 384 -14.17 12.36 -13.10
CA MET A 384 -13.52 11.26 -13.81
C MET A 384 -14.39 10.85 -14.98
N TRP A 385 -13.75 10.50 -16.10
CA TRP A 385 -14.44 10.44 -17.38
C TRP A 385 -15.34 9.22 -17.53
N GLN A 386 -15.47 8.39 -16.50
CA GLN A 386 -16.36 7.25 -16.52
C GLN A 386 -17.26 7.20 -15.29
N GLU A 387 -17.05 8.10 -14.32
CA GLU A 387 -17.50 7.84 -12.96
C GLU A 387 -17.68 9.16 -12.23
N VAL A 388 -18.69 9.20 -11.36
CA VAL A 388 -18.90 10.32 -10.46
C VAL A 388 -18.57 9.87 -9.04
N GLY A 389 -18.57 10.83 -8.12
CA GLY A 389 -18.05 10.58 -6.80
C GLY A 389 -16.56 10.80 -6.65
N ARG A 390 -15.89 11.24 -7.71
CA ARG A 390 -14.50 11.65 -7.64
C ARG A 390 -14.26 12.69 -8.73
N ALA A 391 -13.63 13.80 -8.36
CA ALA A 391 -13.41 14.91 -9.28
C ALA A 391 -12.01 15.48 -9.09
N MET A 392 -11.48 16.06 -10.16
CA MET A 392 -10.15 16.67 -10.13
C MET A 392 -10.22 18.10 -10.66
N TYR A 393 -9.35 18.95 -10.14
CA TYR A 393 -9.31 20.36 -10.50
C TYR A 393 -8.15 20.61 -11.43
N ALA A 394 -8.45 21.07 -12.64
CA ALA A 394 -7.40 21.42 -13.57
C ALA A 394 -6.71 22.72 -13.13
N PRO A 395 -5.39 22.78 -13.17
CA PRO A 395 -4.69 24.02 -12.87
C PRO A 395 -4.87 25.01 -14.01
N PRO A 396 -4.79 26.31 -13.72
CA PRO A 396 -4.87 27.30 -14.81
C PRO A 396 -3.63 27.27 -15.68
N ILE A 397 -3.83 27.62 -16.95
CA ILE A 397 -2.76 27.64 -17.94
C ILE A 397 -2.62 29.06 -18.44
N ALA A 398 -1.41 29.61 -18.32
CA ALA A 398 -1.15 30.98 -18.73
C ALA A 398 -0.98 31.05 -20.25
N GLY A 399 -1.31 32.22 -20.80
CA GLY A 399 -1.10 32.48 -22.21
C GLY A 399 -2.21 31.95 -23.09
N ASN A 400 -2.20 32.41 -24.33
CA ASN A 400 -3.13 31.91 -25.34
C ASN A 400 -2.74 30.51 -25.78
N ILE A 401 -3.74 29.69 -26.09
CA ILE A 401 -3.53 28.28 -26.45
C ILE A 401 -4.08 28.04 -27.84
N THR A 402 -3.28 27.40 -28.70
CA THR A 402 -3.72 26.99 -30.02
C THR A 402 -3.45 25.50 -30.19
N CYS A 403 -4.34 24.83 -30.91
CA CYS A 403 -4.27 23.40 -31.10
C CYS A 403 -4.72 23.06 -32.51
N ILE A 404 -4.09 22.03 -33.08
CA ILE A 404 -4.47 21.47 -34.37
C ILE A 404 -4.58 19.97 -34.21
N SER A 405 -5.68 19.39 -34.69
CA SER A 405 -5.82 17.95 -34.56
C SER A 405 -6.52 17.36 -35.79
N ASN A 406 -6.44 16.04 -35.87
CA ASN A 406 -6.95 15.26 -36.99
C ASN A 406 -8.07 14.36 -36.49
N ILE A 407 -9.29 14.60 -36.97
CA ILE A 407 -10.44 13.82 -36.51
C ILE A 407 -10.56 12.58 -37.39
N THR A 408 -10.71 11.42 -36.76
CA THR A 408 -10.60 10.15 -37.48
C THR A 408 -11.87 9.32 -37.50
N GLY A 409 -12.91 9.71 -36.77
CA GLY A 409 -14.11 8.91 -36.77
C GLY A 409 -15.18 9.54 -35.91
N LEU A 410 -16.33 8.90 -35.91
CA LEU A 410 -17.51 9.36 -35.19
C LEU A 410 -18.08 8.23 -34.35
N LEU A 411 -18.70 8.60 -33.24
CA LEU A 411 -19.48 7.67 -32.42
C LEU A 411 -20.92 8.17 -32.46
N LEU A 412 -21.81 7.37 -33.05
CA LEU A 412 -23.18 7.79 -33.27
C LEU A 412 -24.15 6.86 -32.56
N THR A 413 -25.35 7.37 -32.29
CA THR A 413 -26.48 6.59 -31.83
C THR A 413 -27.67 6.94 -32.71
N ARG A 414 -28.75 6.17 -32.56
CA ARG A 414 -29.89 6.31 -33.45
C ARG A 414 -31.15 6.58 -32.65
N ASP A 415 -32.08 7.32 -33.23
CA ASP A 415 -33.43 7.38 -32.68
C ASP A 415 -34.27 6.21 -33.21
N TYR A 416 -35.50 6.11 -32.70
CA TYR A 416 -36.47 5.20 -33.30
C TYR A 416 -36.93 5.71 -34.66
N GLY A 417 -37.54 6.89 -34.70
CA GLY A 417 -38.08 7.35 -35.96
C GLY A 417 -39.32 6.55 -36.35
N LYS A 418 -39.64 6.60 -37.63
CA LYS A 418 -40.83 5.91 -38.12
C LYS A 418 -40.56 5.49 -39.56
N ASN A 419 -41.64 5.21 -40.30
CA ASN A 419 -41.61 4.96 -41.73
C ASN A 419 -40.90 6.07 -42.49
N ASN A 420 -40.11 5.66 -43.50
CA ASN A 420 -39.51 6.46 -44.56
C ASN A 420 -38.31 7.27 -44.07
N THR A 421 -38.05 7.31 -42.75
CA THR A 421 -37.01 8.17 -42.22
C THR A 421 -36.34 7.52 -41.02
N GLU A 422 -35.02 7.34 -41.10
CA GLU A 422 -34.21 7.05 -39.94
C GLU A 422 -33.45 8.30 -39.49
N THR A 423 -32.90 8.23 -38.28
CA THR A 423 -32.36 9.40 -37.62
C THR A 423 -31.13 9.00 -36.83
N PHE A 424 -30.04 9.74 -37.02
CA PHE A 424 -28.77 9.47 -36.36
C PHE A 424 -28.24 10.74 -35.71
N ARG A 425 -27.86 10.64 -34.45
CA ARG A 425 -27.42 11.76 -33.62
C ARG A 425 -26.16 11.35 -32.86
N PRO A 426 -25.25 12.28 -32.60
CA PRO A 426 -24.00 11.91 -31.92
C PRO A 426 -24.21 11.56 -30.45
N GLY A 427 -23.29 10.77 -29.92
CA GLY A 427 -23.31 10.37 -28.53
C GLY A 427 -21.94 9.88 -28.12
N GLY A 428 -21.91 8.87 -27.25
CA GLY A 428 -20.66 8.25 -26.87
C GLY A 428 -20.06 8.78 -25.60
N GLY A 429 -20.85 8.86 -24.54
CA GLY A 429 -20.33 9.26 -23.24
C GLY A 429 -19.45 8.22 -22.58
N ASN A 430 -19.64 6.94 -22.92
CA ASN A 430 -18.84 5.87 -22.34
C ASN A 430 -17.48 5.86 -23.03
N MET A 431 -16.42 5.99 -22.24
CA MET A 431 -15.09 6.18 -22.80
C MET A 431 -14.54 4.86 -23.36
N LYS A 432 -15.09 3.73 -22.94
CA LYS A 432 -14.58 2.42 -23.33
C LYS A 432 -14.76 2.16 -24.83
N ASP A 433 -15.85 2.65 -25.41
CA ASP A 433 -16.08 2.45 -26.84
C ASP A 433 -15.09 3.21 -27.70
N ASN A 434 -14.50 4.28 -27.18
CA ASN A 434 -13.46 5.00 -27.89
C ASN A 434 -12.21 4.14 -28.07
N TRP A 435 -11.82 3.40 -27.03
CA TRP A 435 -10.71 2.47 -27.19
C TRP A 435 -11.14 1.19 -27.90
N ARG A 436 -12.42 0.86 -27.88
CA ARG A 436 -12.88 -0.28 -28.67
C ARG A 436 -12.85 0.03 -30.16
N SER A 437 -12.86 1.31 -30.53
CA SER A 437 -12.75 1.71 -31.93
C SER A 437 -11.35 1.50 -32.49
N GLU A 438 -10.35 1.27 -31.63
CA GLU A 438 -8.97 1.10 -32.06
C GLU A 438 -8.46 -0.33 -31.93
N LEU A 439 -8.84 -1.04 -30.87
CA LEU A 439 -8.37 -2.40 -30.64
C LEU A 439 -9.27 -3.45 -31.28
N TYR A 440 -9.94 -3.09 -32.38
CA TYR A 440 -10.77 -4.05 -33.09
C TYR A 440 -9.95 -5.10 -33.83
N LYS A 441 -8.70 -4.77 -34.15
CA LYS A 441 -7.88 -5.67 -34.97
C LYS A 441 -7.44 -6.90 -34.19
N TYR A 442 -6.98 -6.72 -32.95
CA TYR A 442 -6.17 -7.73 -32.28
C TYR A 442 -7.04 -8.76 -31.57
N LYS A 443 -6.42 -9.90 -31.29
CA LYS A 443 -7.04 -10.97 -30.49
C LYS A 443 -5.92 -11.79 -29.86
N VAL A 444 -6.20 -12.36 -28.70
CA VAL A 444 -5.20 -13.10 -27.94
C VAL A 444 -5.56 -14.58 -27.94
N VAL A 445 -4.57 -15.43 -28.22
CA VAL A 445 -4.76 -16.88 -28.26
C VAL A 445 -3.72 -17.56 -27.39
N LYS A 446 -4.07 -18.73 -26.87
CA LYS A 446 -3.19 -19.54 -26.04
C LYS A 446 -2.73 -20.76 -26.83
N ILE A 447 -1.43 -21.04 -26.78
CA ILE A 447 -0.80 -22.05 -27.63
C ILE A 447 -0.89 -23.41 -26.94
N GLU A 448 -1.25 -24.44 -27.71
CA GLU A 448 -1.42 -25.80 -27.20
C GLU A 448 -0.50 -26.73 -27.99
N PRO A 449 0.76 -26.82 -27.59
CA PRO A 449 1.75 -27.45 -28.46
C PRO A 449 1.91 -28.96 -28.32
N LEU A 450 0.95 -29.65 -27.71
CA LEU A 450 1.15 -31.05 -27.38
C LEU A 450 0.11 -31.93 -28.08
N GLY A 451 -0.06 -31.74 -29.38
CA GLY A 451 -0.99 -32.56 -30.14
C GLY A 451 -0.45 -33.97 -30.36
N VAL A 452 -1.30 -34.97 -30.10
CA VAL A 452 -0.97 -36.38 -30.35
C VAL A 452 -1.26 -36.71 -31.80
N ALA A 453 -0.81 -37.88 -32.25
CA ALA A 453 -0.99 -38.30 -33.63
C ALA A 453 -0.89 -39.82 -33.69
N PRO A 454 -1.33 -40.44 -34.77
CA PRO A 454 -0.93 -41.83 -35.05
C PRO A 454 0.28 -41.86 -35.98
N THR A 455 0.95 -43.01 -35.99
CA THR A 455 2.07 -43.22 -36.89
C THR A 455 2.22 -44.71 -37.15
N ARG A 456 2.95 -45.04 -38.20
CA ARG A 456 3.19 -46.44 -38.55
C ARG A 456 4.57 -46.87 -38.06
N CYS A 457 4.69 -46.94 -36.74
CA CYS A 457 5.95 -47.24 -36.06
C CYS A 457 5.67 -47.58 -34.59
N LYS A 458 6.37 -48.59 -34.09
CA LYS A 458 6.25 -48.98 -32.69
C LYS A 458 7.36 -48.30 -31.87
N ARG A 459 7.52 -48.70 -30.62
CA ARG A 459 8.67 -48.28 -29.82
C ARG A 459 9.57 -49.48 -29.59
N ARG A 460 10.86 -49.20 -29.37
CA ARG A 460 11.83 -50.22 -29.01
C ARG A 460 11.46 -50.89 -27.70
N VAL A 461 11.58 -52.21 -27.67
CA VAL A 461 11.33 -52.98 -26.47
C VAL A 461 12.61 -53.69 -26.04
N VAL B 14 15.12 -15.25 -29.19
CA VAL B 14 15.08 -14.70 -30.55
C VAL B 14 13.73 -15.07 -31.18
N PHE B 15 13.14 -14.12 -31.91
CA PHE B 15 11.78 -14.24 -32.43
C PHE B 15 11.82 -14.14 -33.95
N LEU B 16 11.56 -15.26 -34.62
CA LEU B 16 11.50 -15.30 -36.08
C LEU B 16 10.74 -16.54 -36.52
N GLY B 17 9.70 -16.34 -37.33
CA GLY B 17 8.94 -17.45 -37.86
C GLY B 17 8.09 -18.17 -36.84
N PHE B 18 7.76 -17.51 -35.73
CA PHE B 18 6.94 -18.14 -34.69
C PHE B 18 5.51 -18.29 -35.17
N LEU B 19 5.02 -19.53 -35.19
CA LEU B 19 3.69 -19.96 -35.63
C LEU B 19 3.46 -19.68 -37.12
N GLY B 20 4.50 -19.38 -37.88
CA GLY B 20 4.34 -19.12 -39.30
C GLY B 20 4.09 -20.36 -40.11
N ALA B 21 4.42 -21.54 -39.57
CA ALA B 21 4.22 -22.79 -40.29
C ALA B 21 2.78 -23.28 -40.27
N ALA B 22 1.90 -22.62 -39.51
CA ALA B 22 0.48 -22.93 -39.58
C ALA B 22 -0.04 -22.60 -40.97
N GLY B 23 -0.99 -23.41 -41.43
CA GLY B 23 -1.38 -23.41 -42.82
C GLY B 23 -0.64 -24.40 -43.68
N SER B 24 0.41 -25.00 -43.15
CA SER B 24 1.08 -26.10 -43.82
C SER B 24 0.69 -27.41 -43.15
N THR B 25 1.29 -28.51 -43.62
CA THR B 25 0.80 -29.83 -43.29
C THR B 25 1.34 -30.30 -41.93
N MET B 26 1.10 -31.57 -41.61
CA MET B 26 1.75 -32.21 -40.48
C MET B 26 3.25 -32.23 -40.73
N GLY B 27 3.62 -32.83 -41.87
CA GLY B 27 5.01 -33.08 -42.17
C GLY B 27 5.80 -31.84 -42.45
N ALA B 28 5.15 -30.80 -43.01
CA ALA B 28 5.86 -29.54 -43.27
C ALA B 28 6.21 -28.84 -41.96
N ALA B 29 5.26 -28.78 -41.02
CA ALA B 29 5.53 -28.19 -39.72
C ALA B 29 6.42 -29.07 -38.85
N SER B 30 6.62 -30.33 -39.25
CA SER B 30 7.47 -31.25 -38.49
C SER B 30 8.91 -30.76 -38.40
N MET B 31 9.47 -30.23 -39.48
CA MET B 31 10.83 -29.72 -39.36
C MET B 31 10.90 -28.34 -38.71
N THR B 32 9.77 -27.66 -38.50
CA THR B 32 9.79 -26.32 -37.93
C THR B 32 9.18 -26.27 -36.54
N LEU B 33 8.93 -27.43 -35.92
CA LEU B 33 8.50 -27.47 -34.52
C LEU B 33 9.46 -26.79 -33.54
N THR B 34 10.75 -26.71 -33.86
CA THR B 34 11.73 -26.16 -32.92
C THR B 34 11.52 -24.67 -32.67
N VAL B 35 11.03 -23.95 -33.68
CA VAL B 35 10.77 -22.52 -33.55
C VAL B 35 9.69 -22.27 -32.50
N GLN B 36 8.63 -23.08 -32.54
CA GLN B 36 7.59 -22.99 -31.52
C GLN B 36 8.08 -23.55 -30.19
N ALA B 37 9.02 -24.49 -30.21
CA ALA B 37 9.59 -25.01 -28.97
C ALA B 37 10.50 -24.00 -28.28
N ARG B 38 10.98 -22.98 -29.00
CA ARG B 38 11.96 -22.06 -28.44
C ARG B 38 11.38 -21.13 -27.39
N ASN B 39 10.12 -20.71 -27.55
CA ASN B 39 9.60 -19.51 -26.88
C ASN B 39 9.38 -19.75 -25.39
N LEU B 40 10.33 -19.28 -24.58
CA LEU B 40 10.17 -19.09 -23.15
C LEU B 40 10.86 -17.78 -22.76
N LEU B 41 10.62 -16.74 -23.53
CA LEU B 41 11.45 -15.55 -23.52
C LEU B 41 11.11 -14.62 -22.35
N SER B 42 11.90 -13.55 -22.25
CA SER B 42 11.79 -12.49 -21.24
C SER B 42 11.82 -13.01 -19.81
N GLY B 68 -0.39 -1.40 -13.86
CA GLY B 68 0.37 -0.86 -12.75
C GLY B 68 1.79 -1.39 -12.69
N ILE B 69 2.16 -1.90 -11.52
CA ILE B 69 3.51 -2.42 -11.29
C ILE B 69 3.51 -3.94 -11.12
N LYS B 70 2.35 -4.56 -10.92
CA LYS B 70 2.24 -5.94 -10.44
C LYS B 70 2.18 -6.94 -11.58
N GLN B 71 2.82 -6.64 -12.72
CA GLN B 71 2.75 -7.47 -13.91
C GLN B 71 3.74 -8.64 -13.91
N LEU B 72 4.38 -8.91 -12.78
CA LEU B 72 5.37 -9.97 -12.69
C LEU B 72 4.75 -11.34 -12.85
N GLN B 73 3.52 -11.51 -12.33
CA GLN B 73 2.92 -12.83 -12.06
C GLN B 73 2.78 -13.67 -13.32
N ALA B 74 2.50 -13.01 -14.45
CA ALA B 74 2.30 -13.71 -15.72
C ALA B 74 3.55 -14.46 -16.15
N ARG B 75 4.73 -13.90 -15.84
CA ARG B 75 6.00 -14.60 -16.11
C ARG B 75 6.06 -15.93 -15.38
N VAL B 76 5.57 -15.95 -14.14
CA VAL B 76 5.51 -17.17 -13.34
C VAL B 76 4.63 -18.20 -14.04
N LEU B 77 3.53 -17.74 -14.65
CA LEU B 77 2.64 -18.63 -15.40
C LEU B 77 3.38 -19.26 -16.57
N ALA B 78 4.25 -18.49 -17.23
CA ALA B 78 5.05 -19.02 -18.33
C ALA B 78 6.03 -20.07 -17.84
N VAL B 79 6.50 -19.94 -16.59
CA VAL B 79 7.33 -20.98 -16.01
C VAL B 79 6.50 -22.22 -15.73
N GLU B 80 5.24 -22.03 -15.33
CA GLU B 80 4.45 -23.15 -14.80
C GLU B 80 4.02 -24.10 -15.92
N ARG B 81 3.30 -23.56 -16.91
CA ARG B 81 2.61 -24.38 -17.91
C ARG B 81 3.57 -25.22 -18.73
N TYR B 82 4.71 -24.62 -19.12
CA TYR B 82 5.76 -25.35 -19.82
C TYR B 82 6.26 -26.52 -19.01
N LEU B 83 6.47 -26.32 -17.69
CA LEU B 83 6.84 -27.43 -16.83
C LEU B 83 5.72 -28.45 -16.76
N ARG B 84 4.47 -27.97 -16.71
CA ARG B 84 3.32 -28.87 -16.73
C ARG B 84 3.20 -29.58 -18.08
N ASP B 85 3.79 -29.00 -19.12
CA ASP B 85 3.96 -29.75 -20.35
C ASP B 85 5.12 -30.73 -20.21
N GLN B 86 6.29 -30.24 -19.77
CA GLN B 86 7.55 -30.97 -19.94
C GLN B 86 7.59 -32.23 -19.09
N GLN B 87 7.25 -32.08 -17.81
CA GLN B 87 7.15 -33.21 -16.89
C GLN B 87 6.10 -34.21 -17.35
N LEU B 88 5.06 -33.74 -18.05
CA LEU B 88 4.06 -34.63 -18.60
C LEU B 88 4.68 -35.57 -19.63
N LEU B 89 5.59 -35.04 -20.47
CA LEU B 89 6.34 -35.91 -21.38
C LEU B 89 7.19 -36.90 -20.60
N GLY B 90 7.69 -36.47 -19.44
CA GLY B 90 8.46 -37.36 -18.59
C GLY B 90 7.66 -38.53 -18.07
N ILE B 91 6.34 -38.38 -17.95
CA ILE B 91 5.58 -39.53 -17.46
C ILE B 91 5.25 -40.47 -18.61
N TRP B 92 5.40 -40.01 -19.86
CA TRP B 92 5.15 -40.89 -20.99
C TRP B 92 6.40 -41.61 -21.48
N GLY B 93 7.58 -41.23 -20.98
CA GLY B 93 8.82 -41.75 -21.50
C GLY B 93 9.32 -41.09 -22.76
N CYS B 94 8.57 -40.14 -23.31
CA CYS B 94 9.03 -39.34 -24.44
C CYS B 94 9.82 -38.15 -23.90
N SER B 95 10.99 -38.45 -23.36
CA SER B 95 11.79 -37.46 -22.67
C SER B 95 12.59 -36.63 -23.65
N GLY B 96 12.48 -35.31 -23.54
CA GLY B 96 13.36 -34.41 -24.25
C GLY B 96 13.08 -34.22 -25.72
N LYS B 97 13.19 -35.29 -26.50
CA LYS B 97 13.12 -35.17 -27.96
C LYS B 97 11.74 -34.79 -28.44
N LEU B 98 11.70 -34.00 -29.52
CA LEU B 98 10.46 -33.40 -29.98
C LEU B 98 9.54 -34.41 -30.64
N ILE B 99 10.08 -35.45 -31.26
CA ILE B 99 9.29 -36.47 -31.95
C ILE B 99 9.72 -37.83 -31.43
N CYS B 100 8.74 -38.65 -31.04
CA CYS B 100 9.02 -40.02 -30.65
C CYS B 100 7.77 -40.85 -30.88
N CYS B 101 7.96 -42.17 -30.90
CA CYS B 101 6.86 -43.11 -30.94
C CYS B 101 6.72 -43.76 -29.57
N THR B 102 5.65 -44.54 -29.40
CA THR B 102 5.45 -45.22 -28.12
C THR B 102 4.85 -46.60 -28.36
N ASN B 103 4.73 -47.34 -27.27
CA ASN B 103 4.34 -48.75 -27.30
C ASN B 103 2.83 -48.92 -27.47
N VAL B 104 2.02 -47.91 -27.17
CA VAL B 104 0.57 -48.02 -27.25
C VAL B 104 0.13 -48.05 -28.71
N PRO B 105 -0.61 -49.07 -29.14
CA PRO B 105 -1.13 -49.10 -30.50
C PRO B 105 -2.32 -48.18 -30.67
N TRP B 106 -2.68 -47.96 -31.93
CA TRP B 106 -3.82 -47.11 -32.25
C TRP B 106 -5.14 -47.87 -32.06
N ASN B 107 -6.19 -47.12 -31.77
CA ASN B 107 -7.52 -47.67 -31.58
C ASN B 107 -8.47 -46.94 -32.51
N SER B 108 -9.38 -47.69 -33.15
CA SER B 108 -10.44 -47.08 -33.95
C SER B 108 -11.55 -46.50 -33.09
N SER B 109 -11.54 -46.75 -31.78
CA SER B 109 -12.49 -46.11 -30.87
C SER B 109 -12.26 -44.61 -30.74
N TRP B 110 -11.08 -44.13 -31.12
CA TRP B 110 -10.77 -42.70 -31.20
C TRP B 110 -10.98 -42.18 -32.62
N SER B 111 -12.01 -42.72 -33.29
CA SER B 111 -12.38 -42.57 -34.69
C SER B 111 -11.36 -43.23 -35.62
N ASN B 112 -11.74 -43.45 -36.87
CA ASN B 112 -10.94 -44.24 -37.80
C ASN B 112 -10.78 -43.50 -39.11
N ARG B 113 -10.37 -42.23 -39.03
CA ARG B 113 -9.96 -41.48 -40.21
C ARG B 113 -8.76 -42.15 -40.88
N ASN B 114 -8.81 -42.22 -42.21
CA ASN B 114 -7.71 -42.83 -42.97
C ASN B 114 -6.45 -41.98 -42.86
N LEU B 115 -6.57 -40.67 -43.14
CA LEU B 115 -5.59 -39.62 -42.85
C LEU B 115 -4.30 -39.72 -43.67
N SER B 116 -4.13 -40.78 -44.47
CA SER B 116 -2.86 -41.03 -45.16
C SER B 116 -2.63 -40.01 -46.27
N GLU B 117 -3.69 -39.63 -46.97
CA GLU B 117 -3.63 -38.52 -47.92
C GLU B 117 -3.91 -37.19 -47.24
N ILE B 118 -4.64 -37.23 -46.12
CA ILE B 118 -4.96 -36.03 -45.36
C ILE B 118 -3.77 -35.60 -44.50
N TRP B 119 -2.76 -36.46 -44.36
CA TRP B 119 -1.53 -36.08 -43.67
C TRP B 119 -0.79 -34.96 -44.41
N ASP B 120 -0.98 -34.88 -45.73
CA ASP B 120 -0.35 -33.81 -46.50
C ASP B 120 -1.37 -32.77 -46.98
N ASN B 121 -2.59 -32.75 -46.44
CA ASN B 121 -3.45 -31.59 -46.57
C ASN B 121 -3.88 -30.99 -45.24
N MET B 122 -4.53 -31.80 -44.39
CA MET B 122 -5.30 -31.54 -43.16
C MET B 122 -5.83 -30.10 -43.00
N THR B 123 -5.13 -29.10 -42.39
CA THR B 123 -3.78 -28.68 -41.95
C THR B 123 -3.35 -28.97 -40.47
N TRP B 124 -3.90 -28.32 -39.44
CA TRP B 124 -3.58 -28.73 -38.07
C TRP B 124 -4.78 -28.68 -37.12
N LEU B 125 -5.61 -27.63 -37.26
CA LEU B 125 -6.51 -27.25 -36.18
C LEU B 125 -7.73 -28.16 -36.11
N GLN B 126 -8.23 -28.58 -37.27
CA GLN B 126 -9.36 -29.50 -37.30
C GLN B 126 -8.96 -30.87 -36.79
N TRP B 127 -7.68 -31.22 -36.87
CA TRP B 127 -7.21 -32.48 -36.29
C TRP B 127 -7.27 -32.43 -34.76
N ASP B 128 -6.91 -31.29 -34.17
CA ASP B 128 -7.06 -31.13 -32.73
C ASP B 128 -8.53 -31.14 -32.33
N LYS B 129 -9.37 -30.46 -33.12
CA LYS B 129 -10.80 -30.41 -32.84
C LYS B 129 -11.45 -31.78 -32.98
N GLU B 130 -10.92 -32.63 -33.85
CA GLU B 130 -11.41 -34.00 -33.97
C GLU B 130 -10.93 -34.85 -32.80
N ILE B 131 -9.63 -34.80 -32.50
CA ILE B 131 -9.05 -35.74 -31.55
C ILE B 131 -9.28 -35.33 -30.11
N SER B 132 -9.81 -34.12 -29.86
CA SER B 132 -10.01 -33.64 -28.50
C SER B 132 -11.08 -34.41 -27.72
N ASN B 133 -11.88 -35.24 -28.40
CA ASN B 133 -12.84 -36.08 -27.70
C ASN B 133 -12.18 -37.21 -26.93
N TYR B 134 -10.92 -37.53 -27.22
CA TYR B 134 -10.27 -38.69 -26.64
C TYR B 134 -8.88 -38.42 -26.08
N THR B 135 -8.42 -37.16 -26.05
CA THR B 135 -7.08 -36.86 -25.58
C THR B 135 -6.92 -37.12 -24.10
N GLN B 136 -8.00 -36.93 -23.33
CA GLN B 136 -7.96 -37.14 -21.89
C GLN B 136 -7.82 -38.62 -21.52
N ILE B 137 -8.13 -39.51 -22.45
CA ILE B 137 -8.13 -40.95 -22.15
C ILE B 137 -6.79 -41.61 -22.51
N ILE B 138 -6.16 -41.18 -23.60
CA ILE B 138 -4.97 -41.83 -24.16
C ILE B 138 -3.77 -41.68 -23.22
N TYR B 139 -3.75 -40.62 -22.42
CA TYR B 139 -2.61 -40.34 -21.55
C TYR B 139 -2.45 -41.39 -20.46
N GLY B 140 -3.56 -41.94 -19.97
CA GLY B 140 -3.49 -43.05 -19.04
C GLY B 140 -2.91 -44.30 -19.66
N LEU B 141 -3.24 -44.55 -20.93
CA LEU B 141 -2.65 -45.67 -21.67
C LEU B 141 -1.15 -45.49 -21.81
N LEU B 142 -0.71 -44.28 -22.12
CA LEU B 142 0.72 -43.99 -22.23
C LEU B 142 1.43 -44.18 -20.90
N GLU B 143 0.83 -43.71 -19.81
CA GLU B 143 1.44 -43.83 -18.49
C GLU B 143 1.52 -45.29 -18.04
N GLU B 144 0.47 -46.07 -18.31
CA GLU B 144 0.48 -47.48 -17.94
C GLU B 144 1.49 -48.26 -18.77
N SER B 145 1.62 -47.95 -20.06
CA SER B 145 2.63 -48.60 -20.88
C SER B 145 4.04 -48.22 -20.44
N GLN B 146 4.23 -46.98 -19.99
CA GLN B 146 5.52 -46.58 -19.44
C GLN B 146 5.84 -47.34 -18.15
N ASN B 147 4.83 -47.57 -17.31
CA ASN B 147 5.03 -48.38 -16.11
C ASN B 147 5.37 -49.82 -16.47
N GLN B 148 4.73 -50.37 -17.51
CA GLN B 148 5.06 -51.69 -18.03
C GLN B 148 6.52 -51.77 -18.46
N GLN B 149 6.97 -50.78 -19.25
CA GLN B 149 8.34 -50.75 -19.73
C GLN B 149 9.34 -50.65 -18.58
N GLU B 150 9.11 -49.73 -17.65
CA GLU B 150 10.02 -49.52 -16.53
C GLU B 150 10.11 -50.75 -15.63
N LYS B 151 8.97 -51.35 -15.29
CA LYS B 151 8.99 -52.48 -14.37
C LYS B 151 9.57 -53.73 -15.01
N ASN B 152 9.21 -54.01 -16.28
CA ASN B 152 9.75 -55.18 -16.96
C ASN B 152 11.24 -55.04 -17.21
N GLU B 153 11.69 -53.85 -17.59
CA GLU B 153 13.11 -53.63 -17.83
C GLU B 153 13.89 -53.67 -16.52
N GLN B 154 13.27 -53.21 -15.42
CA GLN B 154 13.93 -53.24 -14.13
C GLN B 154 14.07 -54.66 -13.63
N ASP B 155 13.06 -55.51 -13.85
CA ASP B 155 13.17 -56.92 -13.48
C ASP B 155 14.20 -57.64 -14.36
N LEU B 156 14.23 -57.31 -15.66
CA LEU B 156 15.17 -57.95 -16.57
C LEU B 156 16.61 -57.61 -16.21
N LEU B 157 16.87 -56.36 -15.83
CA LEU B 157 18.18 -56.05 -15.26
C LEU B 157 18.35 -56.62 -13.87
N ALA B 158 17.25 -56.84 -13.13
CA ALA B 158 17.34 -57.42 -11.79
C ALA B 158 17.67 -58.90 -11.83
N LEU B 159 17.64 -59.52 -13.02
CA LEU B 159 18.19 -60.87 -13.17
C LEU B 159 19.70 -60.93 -12.97
N ASP B 160 20.40 -59.79 -12.96
CA ASP B 160 21.82 -59.71 -12.59
C ASP B 160 22.03 -60.18 -11.15
N GLN C 1 -33.18 -8.95 -4.46
CA GLN C 1 -32.27 -8.04 -3.78
C GLN C 1 -32.45 -6.61 -4.26
N VAL C 2 -32.45 -6.43 -5.58
CA VAL C 2 -32.64 -5.10 -6.15
C VAL C 2 -34.11 -4.68 -6.01
N ARG C 3 -34.32 -3.41 -5.69
CA ARG C 3 -35.66 -2.86 -5.53
C ARG C 3 -35.75 -1.52 -6.23
N LEU C 4 -36.92 -1.24 -6.79
CA LEU C 4 -37.19 0.01 -7.51
C LEU C 4 -38.39 0.67 -6.87
N ALA C 5 -38.16 1.48 -5.85
CA ALA C 5 -39.24 2.18 -5.19
C ALA C 5 -39.70 3.36 -6.04
N GLN C 6 -41.01 3.59 -6.04
CA GLN C 6 -41.59 4.68 -6.80
C GLN C 6 -42.41 5.58 -5.88
N TYR C 7 -42.33 6.88 -6.14
CA TYR C 7 -43.05 7.87 -5.36
C TYR C 7 -43.66 8.91 -6.28
N GLY C 8 -44.73 9.51 -5.80
CA GLY C 8 -45.59 10.35 -6.63
C GLY C 8 -46.74 9.56 -7.21
N GLY C 9 -47.83 10.27 -7.49
CA GLY C 9 -48.96 9.64 -8.11
C GLY C 9 -50.30 10.07 -7.54
N GLY C 10 -51.26 9.14 -7.51
CA GLY C 10 -52.58 9.50 -7.04
C GLY C 10 -53.31 10.34 -8.07
N VAL C 11 -54.00 11.36 -7.60
CA VAL C 11 -54.80 12.22 -8.45
C VAL C 11 -54.02 13.48 -8.80
N LYS C 12 -54.03 13.82 -10.08
CA LYS C 12 -53.45 15.06 -10.57
C LYS C 12 -54.48 15.80 -11.40
N ARG C 13 -54.44 17.13 -11.34
CA ARG C 13 -55.43 17.97 -11.98
C ARG C 13 -55.16 18.09 -13.47
N LEU C 14 -56.22 18.39 -14.22
CA LEU C 14 -56.15 18.44 -15.68
C LEU C 14 -55.34 19.63 -16.16
N GLY C 15 -54.47 19.38 -17.13
CA GLY C 15 -53.67 20.44 -17.74
C GLY C 15 -52.38 20.78 -17.02
N ALA C 16 -52.10 20.16 -15.87
CA ALA C 16 -50.95 20.53 -15.06
C ALA C 16 -49.71 19.74 -15.44
N THR C 17 -48.60 20.07 -14.79
CA THR C 17 -47.33 19.37 -14.98
C THR C 17 -47.03 18.52 -13.76
N MET C 18 -46.69 17.26 -14.00
CA MET C 18 -46.60 16.24 -12.96
C MET C 18 -45.21 15.63 -12.99
N THR C 19 -44.81 15.09 -11.83
CA THR C 19 -43.47 14.56 -11.62
C THR C 19 -43.58 13.22 -10.91
N LEU C 20 -42.85 12.23 -11.40
CA LEU C 20 -42.74 10.94 -10.71
C LEU C 20 -41.29 10.68 -10.38
N SER C 21 -41.04 9.97 -9.29
CA SER C 21 -39.68 9.70 -8.86
C SER C 21 -39.48 8.22 -8.61
N CYS C 22 -38.26 7.75 -8.86
CA CYS C 22 -37.88 6.38 -8.56
C CYS C 22 -36.52 6.33 -7.90
N VAL C 23 -36.37 5.37 -6.98
CA VAL C 23 -35.13 5.12 -6.26
C VAL C 23 -34.73 3.67 -6.49
N ALA C 24 -33.51 3.46 -6.96
CA ALA C 24 -32.90 2.15 -7.09
C ALA C 24 -31.96 1.91 -5.92
N SER C 25 -31.90 0.66 -5.46
CA SER C 25 -31.28 0.34 -4.19
C SER C 25 -30.02 -0.52 -4.30
N GLY C 26 -30.10 -1.69 -4.92
CA GLY C 26 -29.09 -2.70 -4.67
C GLY C 26 -28.25 -3.18 -5.83
N TYR C 27 -27.81 -2.29 -6.71
CA TYR C 27 -26.97 -2.69 -7.82
C TYR C 27 -26.15 -1.49 -8.27
N THR C 28 -25.18 -1.77 -9.15
CA THR C 28 -24.32 -0.73 -9.71
C THR C 28 -25.13 0.19 -10.61
N PHE C 29 -25.25 1.46 -10.19
CA PHE C 29 -26.23 2.37 -10.76
C PHE C 29 -25.92 2.74 -12.20
N ASN C 30 -24.64 2.72 -12.58
CA ASN C 30 -24.26 3.17 -13.92
C ASN C 30 -24.42 2.10 -14.98
N ASP C 31 -24.63 0.84 -14.59
CA ASP C 31 -24.49 -0.26 -15.54
C ASP C 31 -25.75 -0.51 -16.36
N TYR C 32 -26.93 -0.21 -15.84
CA TYR C 32 -28.17 -0.65 -16.45
C TYR C 32 -29.01 0.54 -16.91
N TYR C 33 -29.62 0.42 -18.09
CA TYR C 33 -30.52 1.42 -18.60
C TYR C 33 -31.87 1.32 -17.89
N ILE C 34 -32.64 2.41 -17.92
CA ILE C 34 -33.95 2.43 -17.28
C ILE C 34 -35.00 2.82 -18.31
N HIS C 35 -36.03 2.01 -18.44
CA HIS C 35 -37.14 2.30 -19.36
C HIS C 35 -38.39 2.65 -18.57
N TRP C 36 -39.25 3.47 -19.16
CA TRP C 36 -40.50 3.88 -18.51
C TRP C 36 -41.70 3.37 -19.31
N VAL C 37 -42.46 2.47 -18.70
CA VAL C 37 -43.58 1.84 -19.39
C VAL C 37 -44.87 2.22 -18.67
N ARG C 38 -45.97 2.20 -19.40
CA ARG C 38 -47.27 2.53 -18.85
C ARG C 38 -48.33 1.62 -19.43
N GLN C 39 -49.44 1.51 -18.71
CA GLN C 39 -50.60 0.73 -19.15
C GLN C 39 -51.86 1.52 -18.86
N ALA C 40 -52.57 1.91 -19.90
CA ALA C 40 -53.91 2.44 -19.76
C ALA C 40 -54.88 1.29 -19.51
N PRO C 41 -55.99 1.53 -18.80
CA PRO C 41 -56.97 0.46 -18.60
C PRO C 41 -57.70 0.13 -19.89
N GLY C 42 -57.87 -1.17 -20.14
CA GLY C 42 -58.45 -1.62 -21.38
C GLY C 42 -57.53 -1.57 -22.58
N GLN C 43 -56.24 -1.34 -22.35
CA GLN C 43 -55.26 -1.27 -23.43
C GLN C 43 -54.01 -2.00 -23.03
N GLY C 44 -53.24 -2.40 -24.03
CA GLY C 44 -51.95 -3.01 -23.77
C GLY C 44 -50.92 -1.99 -23.34
N PHE C 45 -49.77 -2.50 -22.91
CA PHE C 45 -48.66 -1.64 -22.51
C PHE C 45 -48.07 -0.93 -23.72
N GLU C 46 -47.37 0.17 -23.46
CA GLU C 46 -46.64 0.88 -24.50
C GLU C 46 -45.49 1.61 -23.82
N LEU C 47 -44.44 1.86 -24.60
CA LEU C 47 -43.22 2.46 -24.08
C LEU C 47 -43.22 3.96 -24.29
N LEU C 48 -42.86 4.71 -23.25
CA LEU C 48 -42.68 6.15 -23.38
C LEU C 48 -41.25 6.50 -23.79
N GLY C 49 -40.27 6.00 -23.05
CA GLY C 49 -38.89 6.29 -23.39
C GLY C 49 -37.94 5.57 -22.47
N TYR C 50 -36.66 5.88 -22.63
CA TYR C 50 -35.64 5.31 -21.77
C TYR C 50 -34.53 6.32 -21.51
N ILE C 51 -33.73 6.01 -20.49
CA ILE C 51 -32.69 6.88 -19.98
C ILE C 51 -31.45 6.05 -19.67
N ASP C 52 -30.28 6.63 -19.97
CA ASP C 52 -29.02 6.10 -19.50
C ASP C 52 -28.64 6.88 -18.25
N PRO C 53 -28.54 6.25 -17.08
CA PRO C 53 -28.20 7.00 -15.86
C PRO C 53 -26.76 7.46 -15.80
N ALA C 54 -25.88 6.85 -16.61
CA ALA C 54 -24.46 7.20 -16.55
C ALA C 54 -24.20 8.60 -17.09
N ASN C 55 -24.72 8.91 -18.27
CA ASN C 55 -24.48 10.20 -18.90
C ASN C 55 -25.74 11.04 -19.08
N GLY C 56 -26.88 10.56 -18.60
CA GLY C 56 -28.12 11.33 -18.72
C GLY C 56 -28.70 11.39 -20.10
N ARG C 57 -28.35 10.46 -20.98
CA ARG C 57 -28.86 10.47 -22.34
C ARG C 57 -30.28 9.91 -22.37
N PRO C 58 -31.27 10.69 -22.81
CA PRO C 58 -32.61 10.13 -22.98
C PRO C 58 -32.90 9.71 -24.41
N ASP C 59 -34.03 9.02 -24.57
CA ASP C 59 -34.63 8.80 -25.87
C ASP C 59 -36.12 8.59 -25.66
N TYR C 60 -36.92 9.12 -26.58
CA TYR C 60 -38.34 9.33 -26.37
C TYR C 60 -39.12 8.68 -27.51
N ALA C 61 -40.40 8.40 -27.25
CA ALA C 61 -41.26 7.91 -28.32
C ALA C 61 -41.56 9.03 -29.31
N GLY C 62 -41.99 8.62 -30.50
CA GLY C 62 -42.20 9.58 -31.58
C GLY C 62 -43.34 10.55 -31.32
N ALA C 63 -44.44 10.05 -30.74
CA ALA C 63 -45.61 10.89 -30.54
C ALA C 63 -45.53 11.78 -29.32
N LEU C 64 -44.54 11.60 -28.44
CA LEU C 64 -44.51 12.33 -27.18
C LEU C 64 -43.17 13.01 -26.92
N ARG C 65 -42.49 13.49 -27.97
CA ARG C 65 -41.20 14.13 -27.76
C ARG C 65 -41.31 15.50 -27.09
N GLU C 66 -42.46 16.17 -27.20
CA GLU C 66 -42.61 17.53 -26.70
C GLU C 66 -43.11 17.60 -25.27
N ARG C 67 -43.80 16.57 -24.78
CA ARG C 67 -44.43 16.63 -23.48
C ARG C 67 -43.60 15.99 -22.36
N LEU C 68 -42.68 15.09 -22.70
CA LEU C 68 -41.94 14.35 -21.68
C LEU C 68 -40.63 15.04 -21.32
N SER C 69 -40.07 14.61 -20.18
CA SER C 69 -38.71 14.92 -19.77
C SER C 69 -38.25 13.90 -18.75
N PHE C 70 -37.06 13.36 -18.95
CA PHE C 70 -36.39 12.51 -17.99
C PHE C 70 -35.13 13.20 -17.51
N TYR C 71 -34.80 12.99 -16.24
CA TYR C 71 -33.45 13.30 -15.76
C TYR C 71 -33.19 12.47 -14.52
N ARG C 72 -31.99 12.61 -13.98
CA ARG C 72 -31.58 11.79 -12.85
C ARG C 72 -30.55 12.56 -12.01
N ASP C 73 -30.43 12.12 -10.77
CA ASP C 73 -29.38 12.55 -9.85
C ASP C 73 -28.57 11.32 -9.50
N LYS C 74 -27.25 11.41 -9.68
CA LYS C 74 -26.41 10.23 -9.51
C LYS C 74 -26.05 9.99 -8.05
N SER C 75 -25.96 11.04 -7.24
CA SER C 75 -25.52 10.87 -5.86
C SER C 75 -26.59 10.21 -5.00
N MET C 76 -27.84 10.66 -5.11
CA MET C 76 -28.95 9.98 -4.46
C MET C 76 -29.58 8.91 -5.34
N GLU C 77 -28.95 8.60 -6.49
CA GLU C 77 -29.32 7.56 -7.47
C GLU C 77 -30.82 7.55 -7.80
N THR C 78 -31.36 8.75 -7.98
CA THR C 78 -32.79 8.97 -8.09
C THR C 78 -33.14 9.41 -9.50
N LEU C 79 -34.27 8.93 -10.00
CA LEU C 79 -34.68 9.21 -11.38
C LEU C 79 -36.02 9.93 -11.37
N TYR C 80 -36.20 10.87 -12.30
CA TYR C 80 -37.40 11.69 -12.30
C TYR C 80 -37.98 11.80 -13.70
N MET C 81 -39.29 11.55 -13.80
CA MET C 81 -40.15 12.02 -14.89
C MET C 81 -40.74 13.37 -14.58
N ASP C 82 -40.71 14.27 -15.56
CA ASP C 82 -41.64 15.38 -15.69
C ASP C 82 -42.50 15.17 -16.93
N LEU C 83 -43.81 15.30 -16.77
CA LEU C 83 -44.76 15.29 -17.87
C LEU C 83 -45.59 16.56 -17.82
N ARG C 84 -45.57 17.31 -18.91
CA ARG C 84 -46.25 18.59 -19.01
C ARG C 84 -47.60 18.41 -19.69
N SER C 85 -48.56 19.25 -19.30
CA SER C 85 -49.86 19.42 -19.95
C SER C 85 -50.65 18.11 -19.97
N LEU C 86 -51.04 17.67 -18.78
CA LEU C 86 -51.75 16.41 -18.63
C LEU C 86 -53.11 16.47 -19.31
N ARG C 87 -53.45 15.40 -20.00
CA ARG C 87 -54.75 15.25 -20.66
C ARG C 87 -55.44 14.01 -20.12
N TYR C 88 -56.73 13.89 -20.44
CA TYR C 88 -57.59 12.91 -19.77
C TYR C 88 -57.21 11.48 -20.13
N ASP C 89 -56.60 11.26 -21.29
CA ASP C 89 -56.24 9.92 -21.73
C ASP C 89 -55.00 9.37 -21.04
N ASP C 90 -54.32 10.16 -20.24
CA ASP C 90 -53.10 9.71 -19.58
C ASP C 90 -53.35 8.91 -18.32
N THR C 91 -54.61 8.57 -18.00
CA THR C 91 -54.93 7.71 -16.87
C THR C 91 -54.29 6.35 -17.02
N ALA C 92 -53.29 6.04 -16.21
CA ALA C 92 -52.54 4.82 -16.44
C ALA C 92 -51.80 4.38 -15.19
N MET C 93 -51.41 3.12 -15.21
CA MET C 93 -50.48 2.53 -14.26
C MET C 93 -49.08 2.67 -14.85
N TYR C 94 -48.20 3.34 -14.13
CA TYR C 94 -46.87 3.66 -14.61
C TYR C 94 -45.81 2.87 -13.85
N TYR C 95 -44.87 2.30 -14.58
CA TYR C 95 -43.76 1.55 -14.02
C TYR C 95 -42.44 2.01 -14.61
N CYS C 96 -41.40 1.97 -13.78
CA CYS C 96 -40.05 1.93 -14.28
C CYS C 96 -39.60 0.48 -14.38
N VAL C 97 -38.72 0.19 -15.34
CA VAL C 97 -38.13 -1.14 -15.48
C VAL C 97 -36.64 -1.00 -15.73
N ARG C 98 -35.87 -1.89 -15.11
CA ARG C 98 -34.45 -2.02 -15.38
C ARG C 98 -34.24 -2.83 -16.65
N ASN C 99 -33.23 -2.46 -17.43
CA ASN C 99 -32.94 -3.14 -18.67
C ASN C 99 -31.57 -3.82 -18.60
N VAL C 100 -31.52 -5.06 -19.08
CA VAL C 100 -30.28 -5.81 -19.22
C VAL C 100 -29.75 -5.59 -20.62
N GLY C 101 -28.46 -5.27 -20.73
CA GLY C 101 -27.88 -5.03 -22.04
C GLY C 101 -26.44 -5.48 -22.09
N THR C 102 -25.98 -5.74 -23.31
CA THR C 102 -24.61 -6.14 -23.55
C THR C 102 -23.73 -4.89 -23.69
N ALA C 103 -22.50 -5.08 -24.18
CA ALA C 103 -21.63 -3.94 -24.42
C ALA C 103 -22.09 -3.10 -25.60
N GLY C 104 -22.86 -3.69 -26.51
CA GLY C 104 -23.29 -2.97 -27.69
C GLY C 104 -24.78 -2.92 -27.93
N SER C 105 -25.53 -3.81 -27.31
CA SER C 105 -26.95 -3.94 -27.57
C SER C 105 -27.74 -4.06 -26.27
N LEU C 106 -29.04 -3.84 -26.37
CA LEU C 106 -29.97 -3.97 -25.26
C LEU C 106 -30.86 -5.19 -25.46
N LEU C 107 -31.39 -5.70 -24.37
CA LEU C 107 -32.05 -7.01 -24.34
C LEU C 107 -33.30 -6.90 -23.49
N HIS C 108 -33.80 -8.04 -23.01
CA HIS C 108 -35.01 -8.15 -22.22
C HIS C 108 -34.94 -7.33 -20.92
N TYR C 109 -36.10 -7.11 -20.33
CA TYR C 109 -36.23 -6.48 -19.02
C TYR C 109 -36.27 -7.54 -17.93
N ASP C 110 -35.64 -7.24 -16.79
CA ASP C 110 -35.59 -8.20 -15.68
C ASP C 110 -36.59 -7.88 -14.57
N HIS C 111 -36.53 -6.67 -14.02
CA HIS C 111 -37.32 -6.31 -12.84
C HIS C 111 -38.29 -5.20 -13.17
N TRP C 112 -39.42 -5.20 -12.46
CA TRP C 112 -40.44 -4.18 -12.56
C TRP C 112 -40.61 -3.53 -11.21
N GLY C 113 -40.76 -2.21 -11.21
CA GLY C 113 -40.94 -1.49 -9.96
C GLY C 113 -42.32 -1.71 -9.36
N SER C 114 -42.50 -1.13 -8.17
CA SER C 114 -43.79 -1.21 -7.49
C SER C 114 -44.88 -0.44 -8.21
N GLY C 115 -44.52 0.55 -9.02
CA GLY C 115 -45.47 1.28 -9.82
C GLY C 115 -46.03 2.51 -9.12
N SER C 116 -46.76 3.30 -9.89
CA SER C 116 -47.39 4.52 -9.40
C SER C 116 -48.61 4.81 -10.25
N PRO C 117 -49.82 4.60 -9.72
CA PRO C 117 -51.02 4.91 -10.50
C PRO C 117 -51.26 6.40 -10.61
N VAL C 118 -51.76 6.82 -11.78
CA VAL C 118 -52.05 8.22 -12.03
C VAL C 118 -53.49 8.33 -12.50
N ILE C 119 -54.29 9.11 -11.78
CA ILE C 119 -55.65 9.42 -12.17
C ILE C 119 -55.70 10.90 -12.50
N VAL C 120 -56.06 11.22 -13.73
CA VAL C 120 -56.16 12.60 -14.18
C VAL C 120 -57.64 12.98 -14.27
N SER C 121 -57.98 14.07 -13.58
CA SER C 121 -59.30 14.70 -13.52
C SER C 121 -59.15 16.00 -12.78
N SER C 122 -60.05 16.94 -13.05
CA SER C 122 -60.16 18.17 -12.29
C SER C 122 -61.59 18.22 -11.73
N ALA C 123 -61.76 17.58 -10.58
CA ALA C 123 -63.07 17.49 -9.95
C ALA C 123 -62.89 17.44 -8.45
N SER C 124 -63.75 18.16 -7.72
CA SER C 124 -63.67 18.20 -6.28
C SER C 124 -64.16 16.91 -5.66
N THR C 125 -63.89 16.74 -4.36
CA THR C 125 -64.41 15.60 -3.63
C THR C 125 -65.92 15.73 -3.50
N LYS C 126 -66.63 14.71 -3.97
CA LYS C 126 -68.08 14.81 -4.12
C LYS C 126 -68.71 13.46 -3.84
N GLY C 127 -69.86 13.50 -3.17
CA GLY C 127 -70.62 12.30 -2.89
C GLY C 127 -71.32 11.77 -4.12
N PRO C 128 -71.93 10.60 -3.98
CA PRO C 128 -72.52 9.92 -5.14
C PRO C 128 -73.96 10.32 -5.41
N SER C 129 -74.25 10.51 -6.70
CA SER C 129 -75.63 10.55 -7.16
C SER C 129 -76.11 9.13 -7.40
N VAL C 130 -77.24 8.78 -6.82
CA VAL C 130 -77.69 7.40 -6.72
C VAL C 130 -79.04 7.28 -7.42
N PHE C 131 -79.10 6.45 -8.47
CA PHE C 131 -80.28 6.33 -9.30
C PHE C 131 -80.80 4.90 -9.28
N PRO C 132 -82.03 4.65 -8.82
CA PRO C 132 -82.52 3.28 -8.67
C PRO C 132 -83.02 2.70 -9.99
N LEU C 133 -82.25 1.78 -10.56
CA LEU C 133 -82.65 1.19 -11.82
C LEU C 133 -83.79 0.22 -11.58
N ALA C 134 -84.83 0.30 -12.42
CA ALA C 134 -86.09 -0.37 -12.13
C ALA C 134 -85.94 -1.89 -12.18
N PRO C 135 -86.58 -2.61 -11.26
CA PRO C 135 -86.59 -4.08 -11.34
C PRO C 135 -87.28 -4.58 -12.60
N SER C 136 -86.80 -5.73 -13.10
CA SER C 136 -87.26 -6.31 -14.35
C SER C 136 -88.67 -6.84 -14.20
N SER C 137 -89.66 -6.05 -14.61
CA SER C 137 -91.05 -6.44 -14.51
C SER C 137 -91.91 -5.67 -15.51
N GLY C 143 -87.88 -16.94 -14.32
CA GLY C 143 -88.19 -17.01 -12.91
C GLY C 143 -87.34 -16.07 -12.06
N THR C 144 -86.07 -15.96 -12.42
CA THR C 144 -85.17 -15.05 -11.72
C THR C 144 -85.19 -13.69 -12.41
N ALA C 145 -85.52 -12.64 -11.65
CA ALA C 145 -85.53 -11.28 -12.13
C ALA C 145 -84.49 -10.47 -11.37
N ALA C 146 -83.79 -9.59 -12.08
CA ALA C 146 -82.71 -8.81 -11.48
C ALA C 146 -83.14 -7.36 -11.31
N LEU C 147 -82.58 -6.72 -10.27
CA LEU C 147 -82.79 -5.31 -10.02
C LEU C 147 -81.47 -4.67 -9.63
N GLY C 148 -81.35 -3.37 -9.88
CA GLY C 148 -80.05 -2.76 -9.71
C GLY C 148 -80.12 -1.27 -9.50
N CYS C 149 -78.93 -0.67 -9.48
CA CYS C 149 -78.78 0.73 -9.15
C CYS C 149 -77.55 1.27 -9.84
N LEU C 150 -77.56 2.59 -10.07
CA LEU C 150 -76.49 3.28 -10.76
C LEU C 150 -75.87 4.30 -9.80
N VAL C 151 -74.57 4.15 -9.56
CA VAL C 151 -73.80 5.12 -8.81
C VAL C 151 -73.10 6.01 -9.82
N LYS C 152 -73.24 7.32 -9.66
CA LYS C 152 -72.86 8.28 -10.69
C LYS C 152 -72.21 9.49 -10.07
N ASP C 153 -71.11 9.94 -10.69
CA ASP C 153 -70.50 11.25 -10.44
C ASP C 153 -70.01 11.41 -9.00
N TYR C 154 -69.26 10.43 -8.54
CA TYR C 154 -68.66 10.49 -7.21
C TYR C 154 -67.15 10.54 -7.36
N PHE C 155 -66.51 11.24 -6.43
CA PHE C 155 -65.06 11.33 -6.45
C PHE C 155 -64.59 11.62 -5.04
N PRO C 156 -63.50 10.99 -4.58
CA PRO C 156 -62.74 9.92 -5.24
C PRO C 156 -63.16 8.53 -4.82
N GLU C 157 -62.32 7.56 -5.19
CA GLU C 157 -62.51 6.17 -4.81
C GLU C 157 -62.19 5.97 -3.33
N PRO C 158 -62.82 4.97 -2.67
CA PRO C 158 -63.82 4.00 -3.16
C PRO C 158 -65.26 4.36 -2.82
N VAL C 159 -66.16 3.43 -3.09
CA VAL C 159 -67.57 3.54 -2.73
C VAL C 159 -68.03 2.15 -2.26
N THR C 160 -68.96 2.12 -1.31
CA THR C 160 -69.43 0.89 -0.72
C THR C 160 -70.91 0.69 -1.04
N VAL C 161 -71.24 -0.45 -1.63
CA VAL C 161 -72.61 -0.78 -2.03
C VAL C 161 -72.99 -2.10 -1.38
N SER C 162 -74.18 -2.13 -0.78
CA SER C 162 -74.72 -3.37 -0.23
C SER C 162 -76.24 -3.37 -0.42
N TRP C 163 -76.87 -4.50 -0.10
CA TRP C 163 -78.29 -4.67 -0.30
C TRP C 163 -78.96 -5.18 0.97
N ASN C 164 -80.08 -4.54 1.32
CA ASN C 164 -80.90 -4.85 2.50
C ASN C 164 -80.07 -4.85 3.78
N SER C 165 -79.23 -3.81 3.92
CA SER C 165 -78.25 -3.66 5.00
C SER C 165 -77.32 -4.88 5.06
N GLY C 166 -76.91 -5.36 3.89
CA GLY C 166 -76.02 -6.50 3.81
C GLY C 166 -76.69 -7.86 3.84
N ALA C 167 -78.02 -7.91 3.92
CA ALA C 167 -78.70 -9.20 4.04
C ALA C 167 -78.87 -9.87 2.68
N LEU C 168 -79.43 -9.14 1.71
CA LEU C 168 -79.75 -9.70 0.40
C LEU C 168 -78.46 -9.85 -0.40
N THR C 169 -77.85 -11.03 -0.28
CA THR C 169 -76.57 -11.34 -0.92
C THR C 169 -76.71 -12.27 -2.11
N SER C 170 -77.93 -12.58 -2.54
CA SER C 170 -78.13 -13.57 -3.61
C SER C 170 -77.77 -12.96 -4.96
N GLY C 171 -76.59 -13.30 -5.47
CA GLY C 171 -76.14 -12.75 -6.74
C GLY C 171 -75.81 -11.28 -6.71
N VAL C 172 -75.12 -10.83 -5.66
CA VAL C 172 -74.63 -9.46 -5.61
C VAL C 172 -73.41 -9.35 -6.51
N HIS C 173 -73.42 -8.42 -7.46
CA HIS C 173 -72.31 -8.20 -8.38
C HIS C 173 -72.07 -6.71 -8.48
N THR C 174 -71.20 -6.19 -7.61
CA THR C 174 -70.77 -4.81 -7.65
C THR C 174 -69.66 -4.71 -8.69
N PHE C 175 -69.98 -4.12 -9.83
CA PHE C 175 -69.01 -4.02 -10.92
C PHE C 175 -67.94 -2.99 -10.57
N PRO C 176 -66.72 -3.16 -11.10
CA PRO C 176 -65.64 -2.21 -10.79
C PRO C 176 -65.90 -0.83 -11.37
N ALA C 177 -65.32 0.17 -10.70
CA ALA C 177 -65.61 1.57 -11.01
C ALA C 177 -65.06 1.97 -12.36
N VAL C 178 -65.84 2.75 -13.10
CA VAL C 178 -65.50 3.19 -14.44
C VAL C 178 -65.33 4.70 -14.42
N LEU C 179 -64.17 5.17 -14.87
CA LEU C 179 -63.90 6.60 -14.99
C LEU C 179 -64.47 7.11 -16.30
N GLN C 180 -65.38 8.07 -16.21
CA GLN C 180 -66.03 8.64 -17.38
C GLN C 180 -65.10 9.64 -18.07
N SER C 181 -65.61 10.23 -19.15
CA SER C 181 -64.82 11.19 -19.92
C SER C 181 -64.69 12.52 -19.18
N SER C 182 -65.69 12.88 -18.38
CA SER C 182 -65.67 14.17 -17.69
C SER C 182 -64.69 14.19 -16.52
N GLY C 183 -64.26 13.04 -16.04
CA GLY C 183 -63.41 12.96 -14.88
C GLY C 183 -64.11 12.50 -13.61
N LEU C 184 -65.22 11.77 -13.73
CA LEU C 184 -65.98 11.30 -12.60
C LEU C 184 -66.23 9.80 -12.74
N TYR C 185 -66.46 9.15 -11.61
CA TYR C 185 -66.65 7.72 -11.56
C TYR C 185 -68.12 7.33 -11.57
N SER C 186 -68.40 6.20 -12.21
CA SER C 186 -69.75 5.66 -12.26
C SER C 186 -69.67 4.13 -12.37
N LEU C 187 -70.67 3.47 -11.79
CA LEU C 187 -70.75 2.02 -11.83
C LEU C 187 -72.19 1.59 -11.68
N SER C 188 -72.44 0.32 -11.97
CA SER C 188 -73.77 -0.27 -11.83
C SER C 188 -73.67 -1.47 -10.90
N SER C 189 -74.54 -1.50 -9.89
CA SER C 189 -74.61 -2.62 -8.96
C SER C 189 -75.91 -3.38 -9.18
N VAL C 190 -75.83 -4.71 -9.22
CA VAL C 190 -76.97 -5.56 -9.57
C VAL C 190 -77.15 -6.65 -8.53
N VAL C 191 -78.36 -7.17 -8.42
CA VAL C 191 -78.69 -8.28 -7.55
C VAL C 191 -79.88 -8.99 -8.18
N THR C 192 -80.00 -10.30 -7.91
CA THR C 192 -81.04 -11.10 -8.52
C THR C 192 -81.92 -11.74 -7.46
N VAL C 193 -83.23 -11.72 -7.71
CA VAL C 193 -84.25 -12.23 -6.79
C VAL C 193 -85.21 -13.08 -7.63
N PRO C 194 -86.14 -13.83 -7.04
CA PRO C 194 -87.24 -14.37 -7.85
C PRO C 194 -88.15 -13.28 -8.39
N SER C 195 -88.83 -13.59 -9.50
CA SER C 195 -89.68 -12.62 -10.17
C SER C 195 -90.91 -12.28 -9.33
N SER C 196 -91.46 -13.28 -8.62
CA SER C 196 -92.58 -13.03 -7.72
C SER C 196 -92.16 -12.17 -6.53
N SER C 197 -90.90 -12.26 -6.12
CA SER C 197 -90.38 -11.51 -4.98
C SER C 197 -90.34 -10.01 -5.23
N LEU C 198 -90.48 -9.57 -6.49
CA LEU C 198 -90.66 -8.15 -6.78
C LEU C 198 -91.95 -7.62 -6.16
N GLY C 199 -92.99 -8.45 -6.08
CA GLY C 199 -94.22 -8.00 -5.48
C GLY C 199 -94.29 -8.10 -3.98
N THR C 200 -93.34 -8.80 -3.34
CA THR C 200 -93.43 -9.06 -1.91
C THR C 200 -92.23 -8.56 -1.12
N GLN C 201 -91.02 -8.74 -1.63
CA GLN C 201 -89.81 -8.48 -0.85
C GLN C 201 -89.45 -7.00 -0.92
N THR C 202 -88.92 -6.47 0.19
CA THR C 202 -88.45 -5.09 0.22
C THR C 202 -87.00 -5.00 -0.21
N TYR C 203 -86.61 -3.83 -0.72
CA TYR C 203 -85.30 -3.66 -1.34
C TYR C 203 -84.65 -2.35 -0.92
N ILE C 204 -83.42 -2.45 -0.43
CA ILE C 204 -82.63 -1.30 0.01
C ILE C 204 -81.31 -1.34 -0.72
N CYS C 205 -80.92 -0.23 -1.33
CA CYS C 205 -79.58 -0.12 -1.90
C CYS C 205 -78.77 0.83 -1.01
N ASN C 206 -77.90 0.25 -0.19
CA ASN C 206 -77.08 1.04 0.73
C ASN C 206 -75.82 1.49 0.00
N VAL C 207 -75.63 2.81 -0.09
CA VAL C 207 -74.46 3.40 -0.71
C VAL C 207 -73.77 4.28 0.32
N ASN C 208 -72.48 4.04 0.54
CA ASN C 208 -71.68 4.83 1.47
C ASN C 208 -70.43 5.30 0.75
N HIS C 209 -70.07 6.57 0.98
CA HIS C 209 -68.90 7.18 0.35
C HIS C 209 -68.00 7.68 1.47
N LYS C 210 -66.90 6.96 1.70
CA LYS C 210 -65.97 7.29 2.78
C LYS C 210 -65.25 8.63 2.64
N PRO C 211 -64.70 9.05 1.47
CA PRO C 211 -64.04 10.37 1.44
C PRO C 211 -64.99 11.55 1.65
N SER C 212 -66.12 11.58 0.96
CA SER C 212 -67.14 12.57 1.29
C SER C 212 -67.93 12.17 2.53
N ASN C 213 -67.86 10.89 2.91
CA ASN C 213 -68.48 10.34 4.12
C ASN C 213 -69.99 10.55 4.14
N THR C 214 -70.64 10.23 3.03
CA THR C 214 -72.08 10.43 2.88
C THR C 214 -72.74 9.09 2.55
N LYS C 215 -73.89 8.84 3.16
CA LYS C 215 -74.54 7.54 3.04
C LYS C 215 -76.03 7.72 2.73
N VAL C 216 -76.49 7.02 1.69
CA VAL C 216 -77.89 7.04 1.26
C VAL C 216 -78.36 5.60 1.10
N ASP C 217 -79.51 5.28 1.70
CA ASP C 217 -80.15 3.98 1.53
C ASP C 217 -81.32 4.15 0.56
N LYS C 218 -81.01 4.04 -0.73
CA LYS C 218 -81.94 4.35 -1.79
C LYS C 218 -83.02 3.28 -1.93
N ARG C 219 -84.23 3.73 -2.29
CA ARG C 219 -85.37 2.87 -2.54
C ARG C 219 -85.33 2.42 -3.99
N VAL C 220 -85.00 1.15 -4.21
CA VAL C 220 -85.08 0.53 -5.53
C VAL C 220 -86.42 -0.21 -5.68
N GLU C 221 -87.03 -0.59 -4.57
CA GLU C 221 -88.34 -1.27 -4.60
C GLU C 221 -89.52 -0.57 -5.28
N PRO C 222 -89.77 0.77 -5.14
CA PRO C 222 -91.12 1.28 -5.51
C PRO C 222 -91.47 1.21 -6.99
N LYS C 223 -90.49 1.19 -7.90
CA LYS C 223 -90.78 1.03 -9.32
C LYS C 223 -90.70 -0.45 -9.71
N SER C 224 -91.54 -1.26 -9.06
CA SER C 224 -91.74 -2.66 -9.44
C SER C 224 -92.84 -2.75 -10.50
N CYS C 225 -92.56 -2.11 -11.64
CA CYS C 225 -93.54 -1.93 -12.69
C CYS C 225 -92.87 -1.89 -14.06
N GLU D 1 -44.67 -0.21 -35.85
CA GLU D 1 -43.96 -1.09 -36.77
C GLU D 1 -44.31 -2.55 -36.49
N ILE D 2 -43.60 -3.14 -35.53
CA ILE D 2 -43.85 -4.52 -35.14
C ILE D 2 -45.12 -4.58 -34.31
N VAL D 3 -46.03 -5.51 -34.65
CA VAL D 3 -47.24 -5.71 -33.87
C VAL D 3 -47.28 -7.15 -33.36
N LEU D 4 -47.10 -7.32 -32.05
CA LEU D 4 -47.29 -8.64 -31.44
C LEU D 4 -48.77 -8.88 -31.19
N THR D 5 -49.36 -9.80 -31.95
CA THR D 5 -50.74 -10.21 -31.74
C THR D 5 -50.72 -11.49 -30.91
N GLN D 6 -51.04 -11.34 -29.62
CA GLN D 6 -51.14 -12.50 -28.75
C GLN D 6 -52.46 -13.21 -29.00
N SER D 7 -52.46 -14.54 -28.79
CA SER D 7 -53.62 -15.32 -29.12
C SER D 7 -53.65 -16.56 -28.22
N PRO D 8 -54.84 -16.96 -27.76
CA PRO D 8 -56.12 -16.25 -27.85
C PRO D 8 -56.24 -15.24 -26.71
N ALA D 9 -57.38 -14.59 -26.55
CA ALA D 9 -57.56 -13.66 -25.44
C ALA D 9 -57.67 -14.40 -24.11
N THR D 10 -58.33 -15.56 -24.11
CA THR D 10 -58.61 -16.29 -22.88
C THR D 10 -58.41 -17.78 -23.10
N LEU D 11 -57.68 -18.41 -22.20
CA LEU D 11 -57.52 -19.86 -22.18
C LEU D 11 -58.06 -20.43 -20.88
N SER D 12 -58.61 -21.63 -20.95
CA SER D 12 -59.27 -22.26 -19.82
C SER D 12 -58.72 -23.66 -19.61
N ALA D 13 -58.39 -23.99 -18.35
CA ALA D 13 -57.86 -25.30 -18.03
C ALA D 13 -58.16 -25.63 -16.57
N SER D 14 -58.13 -26.91 -16.27
CA SER D 14 -58.18 -27.46 -14.93
C SER D 14 -56.78 -27.48 -14.33
N PRO D 15 -56.65 -27.48 -13.00
CA PRO D 15 -55.31 -27.45 -12.38
C PRO D 15 -54.50 -28.71 -12.67
N GLY D 16 -53.19 -28.51 -12.82
CA GLY D 16 -52.26 -29.59 -13.12
C GLY D 16 -52.05 -29.86 -14.59
N GLU D 17 -52.88 -29.33 -15.47
CA GLU D 17 -52.85 -29.70 -16.88
C GLU D 17 -51.83 -28.87 -17.64
N ARG D 18 -51.79 -29.07 -18.95
CA ARG D 18 -50.91 -28.36 -19.86
C ARG D 18 -51.70 -27.33 -20.67
N VAL D 19 -51.08 -26.16 -20.88
CA VAL D 19 -51.73 -25.06 -21.58
C VAL D 19 -50.69 -24.39 -22.46
N THR D 20 -51.14 -23.77 -23.56
CA THR D 20 -50.26 -23.27 -24.60
C THR D 20 -50.78 -21.96 -25.17
N LEU D 21 -49.94 -20.93 -25.11
CA LEU D 21 -50.26 -19.58 -25.58
C LEU D 21 -49.42 -19.28 -26.81
N THR D 22 -50.01 -18.60 -27.80
CA THR D 22 -49.30 -18.28 -29.03
C THR D 22 -49.12 -16.77 -29.14
N CYS D 23 -47.99 -16.36 -29.70
CA CYS D 23 -47.74 -14.95 -29.99
C CYS D 23 -47.31 -14.87 -31.45
N ARG D 24 -48.07 -14.13 -32.25
CA ARG D 24 -47.84 -13.99 -33.68
C ARG D 24 -47.21 -12.63 -33.96
N ALA D 25 -46.06 -12.65 -34.62
CA ALA D 25 -45.38 -11.41 -34.96
C ALA D 25 -45.83 -10.91 -36.33
N SER D 26 -45.68 -9.60 -36.54
CA SER D 26 -46.06 -9.03 -37.82
C SER D 26 -45.03 -9.35 -38.90
N ARG D 27 -43.76 -9.44 -38.52
CA ARG D 27 -42.69 -9.82 -39.44
C ARG D 27 -41.56 -10.46 -38.63
N SER D 28 -40.41 -10.65 -39.27
CA SER D 28 -39.30 -11.36 -38.63
C SER D 28 -38.69 -10.55 -37.50
N VAL D 29 -38.51 -11.20 -36.36
CA VAL D 29 -37.99 -10.55 -35.15
C VAL D 29 -36.82 -11.35 -34.61
N ARG D 30 -36.27 -12.26 -35.43
CA ARG D 30 -35.24 -13.26 -35.05
C ARG D 30 -35.79 -14.04 -33.85
N ASN D 31 -35.05 -14.13 -32.76
CA ASN D 31 -35.53 -14.71 -31.52
C ASN D 31 -35.38 -13.74 -30.35
N ASN D 32 -35.60 -12.45 -30.61
CA ASN D 32 -35.50 -11.42 -29.57
C ASN D 32 -36.85 -11.23 -28.86
N VAL D 33 -37.37 -12.32 -28.32
CA VAL D 33 -38.73 -12.40 -27.80
C VAL D 33 -38.69 -12.92 -26.37
N ALA D 34 -39.45 -12.26 -25.50
CA ALA D 34 -39.54 -12.64 -24.09
C ALA D 34 -41.01 -12.88 -23.74
N TRP D 35 -41.20 -13.60 -22.64
CA TRP D 35 -42.52 -13.88 -22.09
C TRP D 35 -42.51 -13.55 -20.61
N TYR D 36 -43.56 -12.84 -20.16
CA TYR D 36 -43.65 -12.36 -18.78
C TYR D 36 -44.97 -12.80 -18.16
N GLN D 37 -44.92 -13.10 -16.87
CA GLN D 37 -46.09 -13.42 -16.05
C GLN D 37 -46.51 -12.19 -15.27
N HIS D 38 -47.79 -11.84 -15.36
CA HIS D 38 -48.34 -10.65 -14.72
C HIS D 38 -49.16 -11.10 -13.51
N LYS D 39 -48.74 -10.66 -12.32
CA LYS D 39 -49.46 -10.98 -11.10
C LYS D 39 -50.71 -10.11 -11.02
N GLY D 40 -51.59 -10.39 -10.06
CA GLY D 40 -52.82 -9.65 -9.92
C GLY D 40 -52.67 -8.28 -9.26
N GLY D 41 -51.78 -7.45 -9.79
CA GLY D 41 -51.62 -6.11 -9.29
C GLY D 41 -50.17 -5.75 -9.03
N GLN D 42 -49.33 -6.75 -8.82
CA GLN D 42 -47.95 -6.56 -8.40
C GLN D 42 -47.03 -6.42 -9.61
N SER D 43 -45.73 -6.45 -9.36
CA SER D 43 -44.75 -6.34 -10.43
C SER D 43 -44.74 -7.60 -11.28
N PRO D 44 -44.79 -7.50 -12.60
CA PRO D 44 -44.65 -8.68 -13.45
C PRO D 44 -43.26 -9.29 -13.35
N ARG D 45 -43.21 -10.60 -13.58
CA ARG D 45 -41.98 -11.38 -13.44
C ARG D 45 -41.54 -11.90 -14.81
N LEU D 46 -40.25 -11.82 -15.08
CA LEU D 46 -39.67 -12.40 -16.29
C LEU D 46 -39.75 -13.92 -16.23
N LEU D 47 -40.41 -14.52 -17.21
CA LEU D 47 -40.41 -15.97 -17.35
C LEU D 47 -39.34 -16.44 -18.31
N ILE D 48 -39.41 -16.02 -19.57
CA ILE D 48 -38.58 -16.60 -20.62
C ILE D 48 -37.97 -15.47 -21.44
N TYR D 49 -36.67 -15.56 -21.71
CA TYR D 49 -36.02 -14.66 -22.65
C TYR D 49 -35.37 -15.49 -23.75
N ASP D 50 -35.18 -14.84 -24.90
CA ASP D 50 -34.62 -15.40 -26.14
C ASP D 50 -35.41 -16.60 -26.65
N ALA D 51 -36.71 -16.64 -26.33
CA ALA D 51 -37.75 -17.51 -26.90
C ALA D 51 -37.63 -18.97 -26.49
N SER D 52 -36.55 -19.36 -25.83
CA SER D 52 -36.45 -20.73 -25.33
C SER D 52 -35.75 -20.88 -23.99
N THR D 53 -35.20 -19.82 -23.41
CA THR D 53 -34.37 -19.93 -22.21
C THR D 53 -35.18 -19.52 -20.99
N ARG D 54 -35.32 -20.45 -20.06
CA ARG D 54 -35.97 -20.15 -18.79
C ARG D 54 -35.09 -19.27 -17.93
N ALA D 55 -35.69 -18.27 -17.28
CA ALA D 55 -34.93 -17.34 -16.47
C ALA D 55 -34.61 -17.94 -15.10
N ALA D 56 -33.77 -17.24 -14.36
CA ALA D 56 -33.31 -17.73 -13.06
C ALA D 56 -34.42 -17.65 -12.03
N GLY D 57 -34.54 -18.72 -11.23
CA GLY D 57 -35.54 -18.79 -10.19
C GLY D 57 -36.93 -19.18 -10.65
N VAL D 58 -37.15 -19.28 -11.95
CA VAL D 58 -38.45 -19.64 -12.52
C VAL D 58 -38.66 -21.13 -12.28
N PRO D 59 -39.88 -21.56 -11.94
CA PRO D 59 -40.16 -23.01 -11.87
C PRO D 59 -39.97 -23.71 -13.20
N ALA D 60 -39.53 -24.96 -13.14
CA ALA D 60 -39.13 -25.69 -14.33
C ALA D 60 -40.30 -26.15 -15.19
N ARG D 61 -41.53 -26.05 -14.69
CA ARG D 61 -42.69 -26.48 -15.47
C ARG D 61 -42.98 -25.58 -16.66
N PHE D 62 -42.44 -24.36 -16.67
CA PHE D 62 -42.60 -23.46 -17.80
C PHE D 62 -41.65 -23.84 -18.93
N SER D 63 -42.10 -23.62 -20.17
CA SER D 63 -41.27 -23.89 -21.33
C SER D 63 -41.71 -22.97 -22.45
N GLY D 64 -40.81 -22.78 -23.41
CA GLY D 64 -41.10 -21.89 -24.52
C GLY D 64 -40.29 -22.27 -25.73
N SER D 65 -40.84 -21.94 -26.90
CA SER D 65 -40.23 -22.36 -28.16
C SER D 65 -40.52 -21.35 -29.24
N ALA D 66 -39.68 -21.37 -30.27
CA ALA D 66 -39.81 -20.52 -31.44
C ALA D 66 -40.08 -21.38 -32.68
N SER D 67 -40.87 -20.83 -33.60
CA SER D 67 -41.20 -21.52 -34.84
C SER D 67 -41.09 -20.54 -36.01
N GLY D 68 -40.04 -19.73 -36.03
CA GLY D 68 -39.88 -18.72 -37.07
C GLY D 68 -40.55 -17.40 -36.68
N THR D 69 -41.72 -17.14 -37.25
CA THR D 69 -42.49 -15.94 -36.95
C THR D 69 -43.67 -16.24 -36.02
N GLU D 70 -43.49 -17.20 -35.12
CA GLU D 70 -44.54 -17.58 -34.18
C GLU D 70 -43.86 -18.13 -32.93
N PHE D 71 -44.38 -17.75 -31.76
CA PHE D 71 -43.71 -18.12 -30.52
C PHE D 71 -44.73 -18.74 -29.56
N THR D 72 -44.26 -19.74 -28.82
CA THR D 72 -45.12 -20.65 -28.07
C THR D 72 -44.69 -20.69 -26.61
N LEU D 73 -45.64 -20.43 -25.71
CA LEU D 73 -45.42 -20.54 -24.27
C LEU D 73 -46.26 -21.70 -23.74
N ALA D 74 -45.61 -22.68 -23.12
CA ALA D 74 -46.28 -23.89 -22.66
C ALA D 74 -46.07 -24.06 -21.16
N ILE D 75 -47.16 -24.30 -20.45
CA ILE D 75 -47.11 -24.65 -19.03
C ILE D 75 -47.56 -26.09 -18.89
N SER D 76 -46.72 -26.92 -18.28
CA SER D 76 -46.95 -28.35 -18.20
C SER D 76 -47.82 -28.75 -17.01
N ASN D 77 -47.64 -28.07 -15.87
CA ASN D 77 -48.24 -28.46 -14.60
C ASN D 77 -48.94 -27.27 -13.97
N LEU D 78 -49.86 -26.67 -14.74
CA LEU D 78 -50.59 -25.44 -14.39
C LEU D 78 -51.23 -25.49 -13.01
N GLU D 79 -50.75 -24.62 -12.13
CA GLU D 79 -51.17 -24.59 -10.74
C GLU D 79 -52.34 -23.64 -10.56
N SER D 80 -52.89 -23.63 -9.34
CA SER D 80 -53.97 -22.72 -9.02
C SER D 80 -53.47 -21.27 -8.98
N GLU D 81 -52.21 -21.07 -8.58
CA GLU D 81 -51.63 -19.74 -8.55
C GLU D 81 -51.32 -19.22 -9.94
N ASP D 82 -51.26 -20.10 -10.94
CA ASP D 82 -50.85 -19.72 -12.28
C ASP D 82 -51.99 -19.19 -13.12
N PHE D 83 -53.22 -19.16 -12.60
CA PHE D 83 -54.36 -18.62 -13.33
C PHE D 83 -54.28 -17.09 -13.30
N THR D 84 -53.47 -16.55 -14.21
CA THR D 84 -53.24 -15.11 -14.27
C THR D 84 -52.98 -14.72 -15.72
N VAL D 85 -52.49 -13.50 -15.90
CA VAL D 85 -52.23 -12.94 -17.22
C VAL D 85 -50.78 -13.22 -17.59
N TYR D 86 -50.55 -13.56 -18.86
CA TYR D 86 -49.20 -13.67 -19.40
C TYR D 86 -49.13 -12.88 -20.70
N PHE D 87 -47.99 -12.26 -20.96
CA PHE D 87 -47.86 -11.47 -22.17
C PHE D 87 -46.48 -11.63 -22.81
N CYS D 88 -46.46 -11.45 -24.13
CA CYS D 88 -45.26 -11.61 -24.94
C CYS D 88 -44.71 -10.24 -25.33
N LEU D 89 -43.38 -10.15 -25.34
CA LEU D 89 -42.64 -8.93 -25.62
C LEU D 89 -41.61 -9.24 -26.71
N GLN D 90 -41.25 -8.22 -27.49
CA GLN D 90 -40.19 -8.37 -28.46
C GLN D 90 -39.20 -7.23 -28.33
N TYR D 91 -37.94 -7.51 -28.70
CA TYR D 91 -36.91 -6.48 -28.66
C TYR D 91 -35.95 -6.57 -29.84
N ASN D 92 -36.43 -7.03 -31.00
CA ASN D 92 -35.62 -7.00 -32.20
C ASN D 92 -35.46 -5.58 -32.73
N ASN D 93 -36.37 -4.69 -32.36
CA ASN D 93 -36.45 -3.32 -32.82
C ASN D 93 -37.01 -2.52 -31.66
N TRP D 94 -37.66 -1.40 -31.97
CA TRP D 94 -38.41 -0.65 -30.96
C TRP D 94 -39.44 -1.53 -30.26
N TRP D 95 -39.69 -1.18 -29.00
CA TRP D 95 -40.28 -2.07 -28.04
C TRP D 95 -41.79 -2.00 -28.11
N THR D 96 -42.42 -3.17 -28.23
CA THR D 96 -43.87 -3.24 -28.32
C THR D 96 -44.35 -4.35 -27.41
N PHE D 97 -45.64 -4.31 -27.08
CA PHE D 97 -46.25 -5.24 -26.15
C PHE D 97 -47.50 -5.82 -26.78
N GLY D 98 -47.79 -7.07 -26.46
CA GLY D 98 -49.02 -7.70 -26.87
C GLY D 98 -50.18 -7.35 -25.97
N GLN D 99 -51.35 -7.91 -26.32
CA GLN D 99 -52.55 -7.68 -25.52
C GLN D 99 -52.56 -8.47 -24.22
N GLY D 100 -51.78 -9.54 -24.13
CA GLY D 100 -51.83 -10.43 -22.98
C GLY D 100 -52.94 -11.45 -23.11
N THR D 101 -52.93 -12.42 -22.19
CA THR D 101 -53.92 -13.49 -22.22
C THR D 101 -54.15 -13.99 -20.79
N ARG D 102 -55.42 -14.01 -20.39
CA ARG D 102 -55.82 -14.48 -19.07
C ARG D 102 -56.14 -15.96 -19.09
N VAL D 103 -55.55 -16.70 -18.16
CA VAL D 103 -55.82 -18.12 -17.97
C VAL D 103 -56.83 -18.23 -16.83
N ASP D 104 -58.01 -18.78 -17.12
CA ASP D 104 -59.05 -18.90 -16.12
C ASP D 104 -59.43 -20.36 -15.88
N ILE D 105 -60.38 -20.55 -14.97
CA ILE D 105 -60.81 -21.89 -14.56
C ILE D 105 -61.75 -22.45 -15.61
N LYS D 106 -61.41 -23.61 -16.15
CA LYS D 106 -62.30 -24.32 -17.06
C LYS D 106 -63.48 -24.90 -16.30
N ARG D 107 -64.66 -24.83 -16.91
CA ARG D 107 -65.87 -25.46 -16.40
C ARG D 107 -66.75 -25.76 -17.61
N THR D 108 -67.99 -26.14 -17.34
CA THR D 108 -68.93 -26.41 -18.41
C THR D 108 -69.43 -25.11 -19.03
N VAL D 109 -70.09 -25.24 -20.19
CA VAL D 109 -70.63 -24.09 -20.89
C VAL D 109 -71.85 -23.57 -20.14
N ALA D 110 -71.87 -22.26 -19.86
CA ALA D 110 -72.95 -21.63 -19.12
C ALA D 110 -73.54 -20.51 -19.95
N ALA D 111 -74.86 -20.49 -20.05
CA ALA D 111 -75.57 -19.47 -20.81
C ALA D 111 -75.86 -18.24 -19.94
N PRO D 112 -75.79 -17.04 -20.51
CA PRO D 112 -76.10 -15.84 -19.74
C PRO D 112 -77.59 -15.63 -19.56
N SER D 113 -77.96 -15.15 -18.37
CA SER D 113 -79.29 -14.60 -18.14
C SER D 113 -79.22 -13.10 -18.37
N VAL D 114 -80.09 -12.60 -19.25
CA VAL D 114 -79.98 -11.24 -19.77
C VAL D 114 -81.15 -10.41 -19.26
N PHE D 115 -80.84 -9.22 -18.76
CA PHE D 115 -81.86 -8.26 -18.33
C PHE D 115 -81.52 -6.90 -18.92
N ILE D 116 -82.56 -6.09 -19.11
CA ILE D 116 -82.40 -4.73 -19.61
C ILE D 116 -83.07 -3.78 -18.63
N PHE D 117 -82.43 -2.64 -18.39
CA PHE D 117 -82.82 -1.70 -17.35
C PHE D 117 -83.03 -0.34 -18.01
N PRO D 118 -84.26 0.18 -18.00
CA PRO D 118 -84.51 1.52 -18.53
C PRO D 118 -83.89 2.58 -17.64
N PRO D 119 -83.67 3.79 -18.17
CA PRO D 119 -83.17 4.88 -17.31
C PRO D 119 -84.18 5.23 -16.22
N SER D 120 -83.65 5.54 -15.04
CA SER D 120 -84.49 5.88 -13.91
C SER D 120 -85.15 7.23 -14.15
N ASP D 121 -86.34 7.40 -13.57
CA ASP D 121 -87.01 8.70 -13.67
C ASP D 121 -86.29 9.77 -12.87
N GLU D 122 -85.55 9.35 -11.83
CA GLU D 122 -84.59 10.25 -11.19
C GLU D 122 -83.50 10.67 -12.17
N GLN D 123 -83.03 9.72 -13.00
CA GLN D 123 -82.07 10.06 -14.04
C GLN D 123 -82.69 10.95 -15.12
N LEU D 124 -83.99 10.78 -15.39
CA LEU D 124 -84.68 11.67 -16.31
C LEU D 124 -84.81 13.08 -15.74
N LYS D 125 -85.03 13.18 -14.42
CA LYS D 125 -85.04 14.49 -13.77
C LYS D 125 -83.66 15.12 -13.79
N SER D 126 -82.61 14.32 -13.66
CA SER D 126 -81.26 14.81 -13.86
C SER D 126 -80.96 15.01 -15.33
N GLY D 127 -81.61 14.25 -16.21
CA GLY D 127 -81.44 14.42 -17.65
C GLY D 127 -80.32 13.64 -18.28
N THR D 128 -79.61 12.81 -17.53
CA THR D 128 -78.48 12.03 -18.05
C THR D 128 -78.84 10.57 -18.31
N ALA D 129 -80.06 10.37 -18.84
CA ALA D 129 -80.73 9.07 -19.00
C ALA D 129 -79.90 8.05 -19.79
N SER D 130 -79.51 6.98 -19.11
CA SER D 130 -78.63 5.95 -19.67
C SER D 130 -79.25 4.58 -19.46
N VAL D 131 -79.06 3.69 -20.42
CA VAL D 131 -79.73 2.40 -20.43
C VAL D 131 -78.73 1.33 -20.02
N VAL D 132 -79.16 0.31 -19.26
CA VAL D 132 -78.26 -0.69 -18.70
C VAL D 132 -78.63 -2.07 -19.25
N CYS D 133 -77.63 -2.86 -19.62
CA CYS D 133 -77.82 -4.28 -19.94
C CYS D 133 -77.00 -5.13 -18.99
N LEU D 134 -77.52 -6.31 -18.66
CA LEU D 134 -76.91 -7.21 -17.70
C LEU D 134 -76.90 -8.64 -18.24
N LEU D 135 -75.75 -9.29 -18.13
CA LEU D 135 -75.57 -10.71 -18.38
C LEU D 135 -75.04 -11.35 -17.11
N ASN D 136 -75.71 -12.41 -16.64
CA ASN D 136 -75.32 -13.04 -15.39
C ASN D 136 -75.09 -14.53 -15.62
N ASN D 137 -74.02 -15.05 -14.99
CA ASN D 137 -73.73 -16.48 -14.84
C ASN D 137 -73.58 -17.17 -16.20
N PHE D 138 -72.58 -16.72 -16.94
CA PHE D 138 -72.23 -17.33 -18.21
C PHE D 138 -70.79 -17.80 -18.20
N TYR D 139 -70.47 -18.64 -19.19
CA TYR D 139 -69.11 -19.12 -19.41
C TYR D 139 -68.99 -19.62 -20.85
N PRO D 140 -67.91 -19.28 -21.56
CA PRO D 140 -66.75 -18.47 -21.16
C PRO D 140 -66.82 -16.98 -21.48
N ARG D 141 -65.65 -16.34 -21.48
CA ARG D 141 -65.45 -14.89 -21.53
C ARG D 141 -65.83 -14.29 -22.89
N GLU D 142 -66.07 -15.13 -23.90
CA GLU D 142 -66.18 -14.74 -25.31
C GLU D 142 -67.29 -13.73 -25.61
N ALA D 143 -68.32 -13.64 -24.76
CA ALA D 143 -69.59 -12.95 -25.02
C ALA D 143 -69.50 -11.51 -25.48
N LYS D 144 -70.54 -11.05 -26.19
CA LYS D 144 -70.54 -9.76 -26.88
C LYS D 144 -71.92 -9.13 -26.77
N VAL D 145 -71.93 -7.81 -26.56
CA VAL D 145 -73.17 -7.04 -26.41
C VAL D 145 -73.15 -5.89 -27.40
N GLN D 146 -74.31 -5.63 -28.03
CA GLN D 146 -74.50 -4.50 -28.93
C GLN D 146 -75.72 -3.71 -28.47
N TRP D 147 -75.75 -2.43 -28.83
CA TRP D 147 -76.83 -1.52 -28.46
C TRP D 147 -77.56 -1.05 -29.70
N LYS D 148 -78.89 -1.16 -29.69
CA LYS D 148 -79.71 -0.75 -30.83
C LYS D 148 -80.92 0.04 -30.31
N VAL D 149 -80.97 1.33 -30.64
CA VAL D 149 -82.11 2.17 -30.29
C VAL D 149 -82.90 2.46 -31.56
N ASP D 150 -84.20 2.12 -31.52
CA ASP D 150 -85.10 2.07 -32.68
C ASP D 150 -84.48 1.21 -33.80
N ASN D 151 -83.90 0.08 -33.41
CA ASN D 151 -83.13 -0.86 -34.24
C ASN D 151 -81.93 -0.21 -34.92
N ALA D 152 -81.41 0.88 -34.37
CA ALA D 152 -80.27 1.59 -34.93
C ALA D 152 -79.06 1.37 -34.04
N LEU D 153 -77.94 0.96 -34.64
CA LEU D 153 -76.74 0.62 -33.89
C LEU D 153 -76.12 1.87 -33.26
N GLN D 154 -75.73 1.75 -31.99
CA GLN D 154 -75.01 2.80 -31.29
C GLN D 154 -73.65 2.25 -30.85
N SER D 155 -72.60 3.01 -31.11
CA SER D 155 -71.26 2.58 -30.74
C SER D 155 -70.46 3.80 -30.31
N GLY D 156 -69.41 3.55 -29.53
CA GLY D 156 -68.58 4.61 -29.01
C GLY D 156 -69.08 5.18 -27.69
N ASN D 157 -70.36 5.57 -27.65
CA ASN D 157 -70.97 6.16 -26.47
C ASN D 157 -71.56 5.08 -25.56
N SER D 158 -70.71 4.11 -25.21
CA SER D 158 -71.15 2.98 -24.38
C SER D 158 -69.95 2.49 -23.57
N GLN D 159 -70.27 1.77 -22.50
CA GLN D 159 -69.27 1.22 -21.60
C GLN D 159 -69.59 -0.23 -21.29
N GLU D 160 -68.56 -0.98 -20.93
CA GLU D 160 -68.69 -2.37 -20.55
C GLU D 160 -67.90 -2.63 -19.28
N SER D 161 -68.33 -3.64 -18.53
CA SER D 161 -67.65 -4.03 -17.31
C SER D 161 -67.92 -5.50 -17.06
N VAL D 162 -66.89 -6.21 -16.60
CA VAL D 162 -66.98 -7.63 -16.31
C VAL D 162 -66.62 -7.82 -14.85
N THR D 163 -67.40 -8.65 -14.15
CA THR D 163 -66.99 -9.07 -12.82
C THR D 163 -65.77 -9.98 -12.90
N GLU D 164 -65.09 -10.11 -11.76
CA GLU D 164 -64.09 -11.14 -11.61
C GLU D 164 -64.77 -12.51 -11.65
N GLN D 165 -64.02 -13.52 -12.10
CA GLN D 165 -64.55 -14.87 -12.20
C GLN D 165 -64.97 -15.40 -10.83
N ASP D 166 -66.20 -15.93 -10.77
CA ASP D 166 -66.80 -16.33 -9.51
C ASP D 166 -66.05 -17.52 -8.93
N SER D 167 -65.64 -17.40 -7.67
CA SER D 167 -64.77 -18.42 -7.06
C SER D 167 -65.50 -19.73 -6.80
N LYS D 168 -66.84 -19.73 -6.85
CA LYS D 168 -67.60 -20.95 -6.58
C LYS D 168 -67.90 -21.73 -7.86
N ASP D 169 -68.59 -21.11 -8.81
CA ASP D 169 -69.06 -21.80 -10.00
C ASP D 169 -68.40 -21.35 -11.30
N SER D 170 -67.33 -20.56 -11.22
CA SER D 170 -66.43 -20.18 -12.32
C SER D 170 -67.09 -19.35 -13.41
N THR D 171 -68.31 -18.82 -13.20
CA THR D 171 -69.01 -18.11 -14.25
C THR D 171 -68.57 -16.64 -14.30
N TYR D 172 -69.28 -15.84 -15.09
CA TYR D 172 -68.95 -14.44 -15.29
C TYR D 172 -70.23 -13.61 -15.32
N SER D 173 -70.07 -12.31 -15.12
CA SER D 173 -71.17 -11.36 -15.19
C SER D 173 -70.69 -10.08 -15.85
N LEU D 174 -71.45 -9.61 -16.83
CA LEU D 174 -71.07 -8.43 -17.61
C LEU D 174 -72.21 -7.43 -17.61
N SER D 175 -71.91 -6.20 -17.23
CA SER D 175 -72.82 -5.09 -17.39
C SER D 175 -72.36 -4.20 -18.53
N SER D 176 -73.32 -3.62 -19.23
CA SER D 176 -73.01 -2.63 -20.24
C SER D 176 -73.95 -1.45 -20.06
N THR D 177 -73.48 -0.28 -20.48
CA THR D 177 -74.25 0.94 -20.30
C THR D 177 -74.20 1.74 -21.59
N LEU D 178 -75.36 2.22 -22.00
CA LEU D 178 -75.49 3.13 -23.13
C LEU D 178 -75.80 4.51 -22.56
N THR D 179 -74.82 5.39 -22.58
CA THR D 179 -74.97 6.72 -22.02
C THR D 179 -75.61 7.66 -23.03
N LEU D 180 -76.63 8.38 -22.57
CA LEU D 180 -77.37 9.32 -23.41
C LEU D 180 -77.83 10.49 -22.55
N SER D 181 -78.23 11.56 -23.20
CA SER D 181 -78.86 12.68 -22.53
C SER D 181 -80.38 12.48 -22.51
N LYS D 182 -81.09 13.47 -21.96
CA LYS D 182 -82.54 13.49 -22.07
C LYS D 182 -82.99 13.63 -23.53
N ALA D 183 -82.36 14.54 -24.27
CA ALA D 183 -82.74 14.77 -25.66
C ALA D 183 -82.39 13.57 -26.54
N ASP D 184 -81.24 12.94 -26.27
CA ASP D 184 -80.89 11.72 -26.97
C ASP D 184 -81.83 10.58 -26.61
N TYR D 185 -82.41 10.61 -25.41
CA TYR D 185 -83.38 9.60 -25.02
C TYR D 185 -84.74 9.83 -25.67
N GLU D 186 -84.99 11.00 -26.23
CA GLU D 186 -86.31 11.35 -26.74
C GLU D 186 -86.54 10.95 -28.19
N LYS D 187 -85.47 10.72 -28.96
CA LYS D 187 -85.62 10.45 -30.39
C LYS D 187 -86.20 9.08 -30.71
N HIS D 188 -86.17 8.14 -29.77
CA HIS D 188 -86.50 6.75 -30.08
C HIS D 188 -87.54 6.21 -29.10
N LYS D 189 -88.32 5.25 -29.58
CA LYS D 189 -89.33 4.56 -28.79
C LYS D 189 -88.89 3.20 -28.30
N VAL D 190 -88.20 2.43 -29.14
CA VAL D 190 -87.82 1.05 -28.84
C VAL D 190 -86.33 0.99 -28.59
N TYR D 191 -85.95 0.39 -27.46
CA TYR D 191 -84.56 0.30 -27.03
C TYR D 191 -84.22 -1.17 -26.82
N ALA D 192 -83.03 -1.59 -27.24
CA ALA D 192 -82.71 -3.00 -27.22
C ALA D 192 -81.22 -3.25 -27.03
N CYS D 193 -80.91 -4.29 -26.28
CA CYS D 193 -79.56 -4.81 -26.15
C CYS D 193 -79.51 -6.20 -26.78
N GLU D 194 -78.55 -6.39 -27.69
CA GLU D 194 -78.43 -7.61 -28.47
C GLU D 194 -77.21 -8.38 -27.99
N VAL D 195 -77.42 -9.62 -27.53
CA VAL D 195 -76.41 -10.39 -26.82
C VAL D 195 -76.07 -11.64 -27.62
N THR D 196 -74.78 -11.84 -27.86
CA THR D 196 -74.28 -13.01 -28.57
C THR D 196 -73.21 -13.69 -27.74
N HIS D 197 -73.41 -14.98 -27.45
CA HIS D 197 -72.47 -15.77 -26.68
C HIS D 197 -72.46 -17.17 -27.28
N GLN D 198 -71.33 -17.88 -27.13
CA GLN D 198 -71.23 -19.22 -27.68
C GLN D 198 -72.15 -20.21 -26.96
N GLY D 199 -72.48 -19.93 -25.70
CA GLY D 199 -73.49 -20.74 -25.02
C GLY D 199 -74.86 -20.56 -25.62
N LEU D 200 -75.23 -19.33 -25.95
CA LEU D 200 -76.49 -19.08 -26.64
C LEU D 200 -76.41 -19.55 -28.09
N SER D 201 -77.57 -19.93 -28.62
CA SER D 201 -77.64 -20.42 -29.99
C SER D 201 -77.92 -19.33 -31.01
N SER D 202 -78.12 -18.10 -30.57
CA SER D 202 -78.59 -17.03 -31.44
C SER D 202 -78.26 -15.69 -30.79
N PRO D 203 -78.18 -14.61 -31.56
CA PRO D 203 -78.07 -13.28 -30.95
C PRO D 203 -79.35 -12.85 -30.23
N VAL D 204 -79.54 -13.38 -29.01
CA VAL D 204 -80.74 -13.10 -28.24
C VAL D 204 -80.74 -11.65 -27.80
N THR D 205 -81.90 -10.99 -27.98
CA THR D 205 -82.02 -9.56 -27.79
C THR D 205 -83.14 -9.25 -26.82
N LYS D 206 -82.85 -8.47 -25.79
CA LYS D 206 -83.85 -7.93 -24.89
C LYS D 206 -84.20 -6.51 -25.32
N SER D 207 -85.43 -6.10 -25.06
CA SER D 207 -85.89 -4.79 -25.53
C SER D 207 -86.99 -4.27 -24.62
N PHE D 208 -87.15 -2.94 -24.63
CA PHE D 208 -88.25 -2.28 -23.95
C PHE D 208 -88.70 -1.08 -24.77
N ASN D 209 -89.79 -0.48 -24.31
CA ASN D 209 -90.38 0.71 -24.92
C ASN D 209 -90.41 1.84 -23.91
N ARG D 210 -90.41 3.07 -24.42
CA ARG D 210 -90.45 4.24 -23.55
C ARG D 210 -91.86 4.51 -23.05
N GLY D 211 -91.96 4.91 -21.79
CA GLY D 211 -93.25 5.22 -21.19
C GLY D 211 -94.12 4.01 -20.94
N GLU E 1 42.87 -31.23 -37.27
CA GLU E 1 41.87 -31.81 -38.16
C GLU E 1 40.94 -32.74 -37.39
N ASN E 2 39.82 -33.10 -38.04
CA ASN E 2 38.76 -33.94 -37.48
C ASN E 2 38.21 -33.36 -36.17
N LEU E 3 38.11 -32.04 -36.10
CA LEU E 3 37.53 -31.40 -34.94
C LEU E 3 36.04 -31.17 -35.15
N TRP E 4 35.28 -31.28 -34.07
CA TRP E 4 33.84 -31.13 -34.09
C TRP E 4 33.43 -30.28 -32.90
N VAL E 5 32.24 -29.72 -32.97
CA VAL E 5 31.73 -28.89 -31.90
C VAL E 5 31.37 -29.77 -30.69
N THR E 6 31.56 -29.22 -29.50
CA THR E 6 31.04 -29.81 -28.27
C THR E 6 30.60 -28.68 -27.36
N VAL E 7 29.73 -29.00 -26.42
CA VAL E 7 29.26 -28.03 -25.45
C VAL E 7 29.64 -28.50 -24.06
N TYR E 8 29.83 -27.54 -23.17
CA TYR E 8 30.22 -27.80 -21.80
C TYR E 8 29.27 -27.07 -20.85
N TYR E 9 28.93 -27.71 -19.76
CA TYR E 9 28.04 -27.14 -18.76
C TYR E 9 28.81 -26.96 -17.46
N GLY E 10 28.45 -25.91 -16.71
CA GLY E 10 29.19 -25.58 -15.51
C GLY E 10 30.48 -24.83 -15.77
N VAL E 11 30.52 -24.04 -16.83
CA VAL E 11 31.75 -23.37 -17.27
C VAL E 11 32.10 -22.23 -16.31
N PRO E 12 33.35 -22.17 -15.81
CA PRO E 12 33.74 -21.05 -14.95
C PRO E 12 34.14 -19.79 -15.71
N VAL E 13 33.14 -19.00 -16.12
CA VAL E 13 33.38 -17.68 -16.70
C VAL E 13 32.19 -16.81 -16.32
N TRP E 14 32.40 -15.50 -16.28
CA TRP E 14 31.40 -14.57 -15.79
C TRP E 14 31.47 -13.27 -16.57
N LYS E 15 30.39 -12.50 -16.48
CA LYS E 15 30.33 -11.13 -16.94
C LYS E 15 30.00 -10.23 -15.75
N GLU E 16 30.04 -8.92 -15.99
CA GLU E 16 29.66 -7.94 -14.98
C GLU E 16 28.33 -7.32 -15.35
N ALA E 17 27.39 -7.31 -14.40
CA ALA E 17 26.06 -6.81 -14.68
C ALA E 17 25.40 -6.37 -13.38
N LYS E 18 24.33 -5.58 -13.53
CA LYS E 18 23.52 -5.16 -12.40
C LYS E 18 22.57 -6.28 -11.98
N THR E 19 22.15 -6.23 -10.72
CA THR E 19 21.20 -7.18 -10.16
C THR E 19 20.62 -6.58 -8.89
N THR E 20 19.60 -7.25 -8.36
CA THR E 20 19.05 -6.94 -7.05
C THR E 20 19.65 -7.88 -6.02
N LEU E 21 20.18 -7.31 -4.94
CA LEU E 21 20.88 -8.08 -3.93
C LEU E 21 20.01 -8.33 -2.71
N PHE E 22 20.19 -9.50 -2.11
CA PHE E 22 19.48 -9.92 -0.91
C PHE E 22 20.26 -9.49 0.33
N CYS E 23 19.55 -9.39 1.46
CA CYS E 23 20.16 -8.95 2.70
C CYS E 23 19.88 -9.96 3.80
N ALA E 24 20.62 -9.83 4.91
CA ALA E 24 20.48 -10.70 6.06
C ALA E 24 19.94 -9.91 7.26
N SER E 25 19.82 -10.61 8.38
CA SER E 25 19.31 -10.01 9.61
C SER E 25 20.11 -10.49 10.82
N ASP E 26 19.58 -10.25 12.03
CA ASP E 26 20.23 -10.63 13.27
C ASP E 26 19.20 -11.32 14.17
N ALA E 27 19.69 -12.10 15.13
CA ALA E 27 18.82 -12.77 16.09
C ALA E 27 18.13 -11.76 17.00
N LYS E 28 18.90 -10.98 17.75
CA LYS E 28 18.34 -9.92 18.57
C LYS E 28 18.06 -8.69 17.71
N ALA E 29 16.94 -8.03 17.98
CA ALA E 29 16.54 -6.88 17.21
C ALA E 29 15.67 -5.96 18.06
N TYR E 30 15.38 -4.78 17.49
CA TYR E 30 14.53 -3.80 18.17
C TYR E 30 13.10 -4.30 18.31
N GLU E 31 12.58 -4.98 17.29
CA GLU E 31 11.21 -5.49 17.17
C GLU E 31 10.15 -4.42 17.45
N THR E 40 9.85 -5.78 9.20
CA THR E 40 10.47 -5.80 7.88
C THR E 40 11.96 -6.09 7.99
N HIS E 41 12.51 -5.91 9.18
CA HIS E 41 13.92 -6.20 9.41
C HIS E 41 14.10 -6.96 10.73
N ALA E 42 13.12 -6.83 11.62
CA ALA E 42 13.27 -7.30 13.00
C ALA E 42 13.36 -8.82 13.11
N CYS E 43 12.70 -9.54 12.19
CA CYS E 43 12.72 -11.00 12.22
C CYS E 43 13.10 -11.58 10.86
N VAL E 44 13.19 -10.75 9.84
CA VAL E 44 13.48 -11.17 8.48
C VAL E 44 14.62 -10.32 7.94
N PRO E 45 15.41 -10.84 7.00
CA PRO E 45 15.48 -12.21 6.42
C PRO E 45 16.28 -13.19 7.26
N THR E 46 16.78 -14.24 6.61
CA THR E 46 17.57 -15.27 7.26
C THR E 46 18.91 -14.72 7.75
N ASP E 47 19.53 -15.46 8.66
CA ASP E 47 20.81 -15.08 9.27
C ASP E 47 21.80 -16.23 9.11
N PRO E 48 22.39 -16.38 7.92
CA PRO E 48 23.26 -17.52 7.66
C PRO E 48 24.68 -17.26 8.14
N ASN E 49 25.51 -18.30 8.00
CA ASN E 49 26.94 -18.21 8.34
C ASN E 49 27.77 -18.35 7.08
N PRO E 50 28.51 -17.34 6.67
CA PRO E 50 29.21 -17.37 5.38
C PRO E 50 30.55 -18.10 5.45
N GLN E 51 31.03 -18.46 4.25
CA GLN E 51 32.36 -19.02 4.06
C GLN E 51 33.02 -18.35 2.86
N GLU E 52 34.35 -18.45 2.81
CA GLU E 52 35.15 -17.75 1.82
C GLU E 52 36.14 -18.71 1.17
N MET E 53 36.27 -18.62 -0.15
CA MET E 53 37.29 -19.38 -0.86
C MET E 53 38.17 -18.45 -1.70
N VAL E 54 39.43 -18.82 -1.82
CA VAL E 54 40.44 -18.03 -2.51
C VAL E 54 40.51 -18.48 -3.97
N LEU E 55 40.35 -17.54 -4.89
CA LEU E 55 40.46 -17.82 -6.32
C LEU E 55 41.93 -17.71 -6.70
N LYS E 56 42.62 -18.86 -6.72
CA LYS E 56 44.04 -18.89 -7.05
C LYS E 56 44.26 -18.58 -8.52
N ASN E 57 45.29 -17.76 -8.79
CA ASN E 57 45.75 -17.40 -10.14
C ASN E 57 44.65 -16.72 -10.96
N VAL E 58 43.86 -15.88 -10.30
CA VAL E 58 42.77 -15.14 -10.92
C VAL E 58 43.05 -13.66 -10.75
N THR E 59 43.02 -12.92 -11.86
CA THR E 59 43.22 -11.46 -11.85
C THR E 59 41.97 -10.80 -12.39
N GLU E 60 41.45 -9.82 -11.65
CA GLU E 60 40.21 -9.19 -12.04
C GLU E 60 40.23 -7.70 -11.69
N ASN E 61 39.68 -6.89 -12.58
CA ASN E 61 39.63 -5.45 -12.37
C ASN E 61 38.50 -5.07 -11.43
N PHE E 62 38.75 -4.07 -10.59
CA PHE E 62 37.78 -3.53 -9.66
C PHE E 62 37.72 -2.01 -9.80
N ASN E 63 36.58 -1.46 -9.42
CA ASN E 63 36.36 -0.01 -9.46
C ASN E 63 35.28 0.31 -8.44
N MET E 64 35.64 1.06 -7.40
CA MET E 64 34.70 1.40 -6.33
C MET E 64 33.89 2.66 -6.62
N TRP E 65 34.08 3.27 -7.77
CA TRP E 65 33.24 4.40 -8.17
C TRP E 65 32.05 3.95 -9.02
N LYS E 66 32.28 2.99 -9.92
CA LYS E 66 31.26 2.62 -10.89
C LYS E 66 30.29 1.58 -10.36
N ASN E 67 30.62 0.92 -9.25
CA ASN E 67 29.82 -0.20 -8.78
C ASN E 67 28.46 0.26 -8.25
N ASP E 68 27.47 -0.62 -8.42
CA ASP E 68 26.07 -0.22 -8.34
C ASP E 68 25.42 -0.48 -6.99
N MET E 69 25.92 -1.44 -6.21
CA MET E 69 25.22 -1.85 -4.99
C MET E 69 25.24 -0.79 -3.90
N VAL E 70 26.14 0.19 -4.00
CA VAL E 70 26.15 1.31 -3.07
C VAL E 70 24.85 2.09 -3.17
N ASP E 71 24.43 2.39 -4.40
CA ASP E 71 23.15 3.07 -4.62
C ASP E 71 21.97 2.20 -4.19
N GLN E 72 22.10 0.89 -4.40
CA GLN E 72 21.06 -0.06 -4.00
C GLN E 72 20.83 -0.02 -2.49
N MET E 73 21.91 -0.09 -1.72
CA MET E 73 21.74 -0.10 -0.26
C MET E 73 21.46 1.29 0.27
N HIS E 74 21.83 2.34 -0.46
CA HIS E 74 21.39 3.70 -0.14
C HIS E 74 19.87 3.80 -0.22
N GLU E 75 19.29 3.24 -1.29
CA GLU E 75 17.85 3.15 -1.42
C GLU E 75 17.24 2.27 -0.33
N ASP E 76 17.93 1.19 0.03
CA ASP E 76 17.45 0.30 1.10
C ASP E 76 17.41 1.01 2.45
N VAL E 77 18.44 1.82 2.74
CA VAL E 77 18.49 2.57 3.99
C VAL E 77 17.35 3.59 4.04
N ILE E 78 17.12 4.29 2.93
CA ILE E 78 16.00 5.23 2.86
C ILE E 78 14.66 4.52 3.05
N SER E 79 14.48 3.37 2.39
CA SER E 79 13.20 2.66 2.47
C SER E 79 12.95 2.10 3.86
N LEU E 80 13.99 1.58 4.52
CA LEU E 80 13.85 1.09 5.89
C LEU E 80 13.54 2.22 6.85
N TRP E 81 14.16 3.40 6.65
CA TRP E 81 13.85 4.55 7.48
C TRP E 81 12.41 5.01 7.29
N ASP E 82 11.92 5.02 6.06
CA ASP E 82 10.55 5.41 5.79
C ASP E 82 9.55 4.43 6.38
N GLN E 83 9.83 3.12 6.26
CA GLN E 83 8.93 2.12 6.80
C GLN E 83 8.94 2.13 8.32
N SER E 84 10.09 2.45 8.93
CA SER E 84 10.13 2.58 10.38
C SER E 84 9.39 3.83 10.85
N LEU E 85 9.52 4.93 10.11
CA LEU E 85 8.92 6.18 10.53
C LEU E 85 7.46 6.31 10.14
N LYS E 86 6.94 5.41 9.31
CA LYS E 86 5.56 5.50 8.86
C LYS E 86 4.54 5.33 9.99
N PRO E 87 4.60 4.30 10.89
CA PRO E 87 3.55 4.29 11.92
C PRO E 87 3.88 5.19 13.12
N CYS E 88 3.87 6.50 12.88
CA CYS E 88 4.26 7.46 13.89
C CYS E 88 3.30 8.64 13.86
N VAL E 89 3.31 9.40 14.96
CA VAL E 89 2.45 10.57 15.06
C VAL E 89 2.97 11.69 14.15
N LYS E 90 2.04 12.43 13.56
CA LYS E 90 2.35 13.66 12.84
C LYS E 90 2.15 14.84 13.79
N LEU E 91 3.14 15.75 13.80
CA LEU E 91 3.15 16.86 14.74
C LEU E 91 2.60 18.14 14.12
N THR E 92 1.60 18.01 13.25
CA THR E 92 0.97 19.18 12.62
C THR E 92 0.34 20.19 13.59
N PRO E 93 -0.50 19.82 14.59
CA PRO E 93 -1.16 20.87 15.38
C PRO E 93 -0.23 21.63 16.31
N LEU E 94 1.05 21.24 16.40
CA LEU E 94 2.03 22.04 17.12
C LEU E 94 2.50 23.25 16.34
N CYS E 95 2.05 23.45 15.09
CA CYS E 95 2.54 24.57 14.30
C CYS E 95 1.88 25.91 14.68
N VAL E 96 1.14 25.98 15.79
CA VAL E 96 0.53 27.24 16.21
C VAL E 96 1.59 28.23 16.71
N THR E 97 1.16 29.47 16.88
CA THR E 97 2.06 30.55 17.25
C THR E 97 2.56 30.40 18.68
N LEU E 98 3.88 30.48 18.85
CA LEU E 98 4.52 30.32 20.14
C LEU E 98 4.88 31.69 20.72
N ASN E 99 4.58 31.87 22.00
CA ASN E 99 4.97 33.07 22.75
C ASN E 99 6.01 32.63 23.78
N CYS E 100 7.27 32.97 23.55
CA CYS E 100 8.36 32.55 24.40
C CYS E 100 9.00 33.76 25.07
N THR E 101 9.28 33.62 26.36
CA THR E 101 10.04 34.60 27.12
C THR E 101 11.36 34.03 27.60
N ASN E 102 11.36 32.76 28.02
CA ASN E 102 12.56 31.95 28.26
C ASN E 102 13.47 32.56 29.34
N ALA E 103 12.97 32.52 30.58
CA ALA E 103 13.76 32.99 31.71
C ALA E 103 13.60 32.10 32.94
N THR E 104 13.42 30.80 32.75
CA THR E 104 13.16 29.93 33.90
C THR E 104 14.46 29.44 34.54
N ALA E 105 15.41 28.99 33.73
CA ALA E 105 16.63 28.37 34.25
C ALA E 105 17.59 29.44 34.78
N SER E 106 18.73 28.97 35.30
CA SER E 106 19.77 29.89 35.76
C SER E 106 20.37 30.68 34.60
N ASN E 107 20.64 30.02 33.48
CA ASN E 107 21.02 30.68 32.25
C ASN E 107 20.03 30.30 31.16
N SER E 108 19.62 31.29 30.38
CA SER E 108 18.60 31.12 29.37
C SER E 108 19.12 31.14 27.93
N SER E 109 20.24 31.81 27.69
CA SER E 109 20.71 32.03 26.33
C SER E 109 21.23 30.75 25.67
N ILE E 110 21.51 29.71 26.47
CA ILE E 110 22.04 28.47 25.92
C ILE E 110 20.99 27.74 25.08
N ILE E 111 19.73 27.76 25.53
CA ILE E 111 18.74 26.85 24.98
C ILE E 111 17.51 27.62 24.49
N GLU E 112 17.05 28.60 25.28
CA GLU E 112 16.18 29.70 24.84
C GLU E 112 14.78 29.23 24.41
N GLY E 113 14.34 28.08 24.90
CA GLY E 113 12.92 27.79 24.87
C GLY E 113 12.50 27.10 26.16
N MET E 114 11.63 27.74 26.95
CA MET E 114 11.26 27.19 28.25
C MET E 114 9.80 27.54 28.52
N CYS E 117 8.08 29.37 25.99
CA CYS E 117 7.22 28.95 24.88
C CYS E 117 5.92 28.30 25.35
N SER E 118 4.85 29.07 25.35
CA SER E 118 3.51 28.58 25.64
C SER E 118 2.66 28.61 24.38
N PHE E 119 1.68 27.72 24.32
CA PHE E 119 0.89 27.54 23.10
C PHE E 119 -0.40 26.81 23.45
N ASN E 120 -1.34 26.85 22.50
CA ASN E 120 -2.64 26.23 22.66
C ASN E 120 -2.73 24.94 21.85
N ILE E 121 -3.26 23.90 22.47
CA ILE E 121 -3.35 22.59 21.84
C ILE E 121 -4.71 21.95 22.15
N THR E 122 -5.31 21.34 21.13
CA THR E 122 -6.51 20.54 21.34
C THR E 122 -6.14 19.23 22.01
N THR E 123 -6.87 18.87 23.07
CA THR E 123 -6.61 17.61 23.74
C THR E 123 -7.91 16.91 24.12
N GLU E 124 -8.07 15.69 23.59
CA GLU E 124 -8.97 14.62 24.04
C GLU E 124 -10.47 14.93 24.05
N LEU E 125 -10.87 16.13 23.65
CA LEU E 125 -12.29 16.47 23.59
C LEU E 125 -12.71 17.18 22.31
N ARG E 126 -11.78 17.87 21.62
CA ARG E 126 -12.07 18.80 20.51
C ARG E 126 -13.06 19.89 20.93
N ASP E 127 -13.03 20.28 22.20
CA ASP E 127 -13.88 21.36 22.70
C ASP E 127 -13.26 22.72 22.42
N LYS E 128 -12.11 22.99 23.04
CA LYS E 128 -11.37 24.22 22.85
C LYS E 128 -9.95 23.97 23.30
N ARG E 129 -8.99 24.62 22.63
CA ARG E 129 -7.59 24.39 22.90
C ARG E 129 -7.19 24.88 24.29
N GLU E 130 -6.31 24.13 24.93
CA GLU E 130 -5.83 24.43 26.27
C GLU E 130 -4.40 24.92 26.22
N LYS E 131 -4.01 25.70 27.22
CA LYS E 131 -2.68 26.26 27.29
C LYS E 131 -1.69 25.25 27.85
N LYS E 132 -0.56 25.11 27.17
CA LYS E 132 0.54 24.26 27.62
C LYS E 132 1.84 25.01 27.37
N ASN E 133 2.91 24.51 27.99
CA ASN E 133 4.24 25.02 27.73
C ASN E 133 5.24 23.88 27.80
N ALA E 134 6.35 24.05 27.09
CA ALA E 134 7.36 23.01 26.99
C ALA E 134 8.71 23.68 26.85
N LEU E 135 9.73 22.88 26.52
CA LEU E 135 11.11 23.31 26.49
C LEU E 135 11.71 22.95 25.15
N PHE E 136 12.44 23.89 24.54
CA PHE E 136 12.92 23.71 23.17
C PHE E 136 14.28 24.39 23.00
N TYR E 137 14.97 24.00 21.94
CA TYR E 137 16.27 24.58 21.59
C TYR E 137 16.10 25.69 20.57
N LYS E 138 16.95 26.71 20.67
CA LYS E 138 16.81 27.89 19.82
C LYS E 138 17.19 27.62 18.38
N LEU E 139 17.91 26.52 18.11
CA LEU E 139 18.19 26.15 16.73
C LEU E 139 16.92 25.68 16.02
N ASP E 140 16.07 24.93 16.73
CA ASP E 140 14.82 24.47 16.15
C ASP E 140 13.76 25.56 16.13
N ILE E 141 13.99 26.67 16.79
CA ILE E 141 13.05 27.78 16.83
C ILE E 141 13.49 28.86 15.86
N VAL E 142 12.56 29.36 15.04
CA VAL E 142 12.83 30.49 14.17
C VAL E 142 11.97 31.66 14.64
N GLN E 143 12.42 32.86 14.31
CA GLN E 143 11.80 34.09 14.81
C GLN E 143 10.83 34.64 13.77
N LEU E 144 9.58 34.82 14.16
CA LEU E 144 8.60 35.41 13.27
C LEU E 144 8.80 36.92 13.19
N ASP E 145 8.06 37.55 12.28
CA ASP E 145 8.22 38.97 12.05
C ASP E 145 7.56 39.77 13.17
N GLY E 146 7.82 41.08 13.17
CA GLY E 146 7.25 41.95 14.18
C GLY E 146 7.94 41.78 15.52
N ASN E 147 7.16 41.44 16.55
CA ASN E 147 7.69 41.25 17.89
C ASN E 147 8.56 40.02 17.94
N SER E 148 9.70 40.14 18.64
CA SER E 148 10.66 39.04 18.72
C SER E 148 10.13 37.87 19.55
N SER E 149 9.21 38.10 20.48
CA SER E 149 8.71 37.03 21.33
C SER E 149 7.84 36.03 20.56
N GLN E 150 7.32 36.42 19.39
CA GLN E 150 6.66 35.46 18.52
C GLN E 150 7.69 34.56 17.87
N TYR E 151 7.35 33.27 17.76
CA TYR E 151 8.29 32.29 17.24
C TYR E 151 7.52 31.19 16.52
N ARG E 152 8.25 30.43 15.72
CA ARG E 152 7.66 29.32 14.98
C ARG E 152 8.65 28.17 14.94
N LEU E 153 8.14 26.98 14.65
CA LEU E 153 8.99 25.83 14.40
C LEU E 153 9.70 26.03 13.07
N ILE E 154 10.87 25.39 12.91
CA ILE E 154 11.79 25.77 11.84
C ILE E 154 11.29 25.28 10.49
N ASN E 155 10.87 24.03 10.39
CA ASN E 155 10.62 23.42 9.08
C ASN E 155 9.14 23.36 8.72
N CYS E 156 8.25 23.93 9.54
CA CYS E 156 6.83 23.80 9.27
C CYS E 156 6.36 24.75 8.17
N ASN E 157 7.18 25.73 7.77
CA ASN E 157 6.90 26.50 6.58
C ASN E 157 7.24 25.73 5.32
N THR E 158 7.86 24.56 5.44
CA THR E 158 8.30 23.76 4.31
C THR E 158 7.76 22.35 4.30
N SER E 159 7.62 21.69 5.46
CA SER E 159 7.26 20.28 5.46
C SER E 159 6.57 19.93 6.76
N VAL E 160 6.01 18.72 6.78
CA VAL E 160 5.41 18.17 8.00
C VAL E 160 6.52 17.51 8.82
N ILE E 161 6.33 17.47 10.13
CA ILE E 161 7.33 16.98 11.07
C ILE E 161 6.73 15.83 11.84
N THR E 162 7.44 14.70 11.89
CA THR E 162 6.96 13.50 12.56
C THR E 162 7.87 13.15 13.73
N GLN E 163 7.26 12.85 14.88
CA GLN E 163 8.00 12.37 16.03
C GLN E 163 8.30 10.88 15.88
N ALA E 164 9.54 10.51 16.16
CA ALA E 164 9.94 9.11 16.16
C ALA E 164 9.51 8.45 17.46
N CYS E 165 8.89 7.29 17.35
CA CYS E 165 8.52 6.51 18.53
C CYS E 165 9.77 5.97 19.19
N PRO E 166 9.95 6.18 20.50
CA PRO E 166 11.26 5.88 21.12
C PRO E 166 11.59 4.40 21.23
N LYS E 167 10.61 3.51 21.24
CA LYS E 167 10.87 2.09 21.49
C LYS E 167 11.13 1.29 20.23
N VAL E 168 11.15 1.95 19.07
CA VAL E 168 11.43 1.30 17.79
C VAL E 168 12.68 1.94 17.18
N SER E 169 13.59 2.40 18.04
CA SER E 169 14.73 3.20 17.61
C SER E 169 15.72 2.36 16.79
N PHE E 170 16.14 2.90 15.66
CA PHE E 170 17.01 2.19 14.74
C PHE E 170 18.45 2.56 15.02
N ASP E 171 19.33 1.59 14.88
CA ASP E 171 20.70 1.69 15.36
C ASP E 171 21.59 0.90 14.41
N PRO E 172 22.93 1.14 14.42
CA PRO E 172 23.80 0.43 13.47
C PRO E 172 23.91 -1.07 13.71
N ILE E 173 22.85 -1.78 13.35
CA ILE E 173 22.86 -3.25 13.35
C ILE E 173 23.62 -3.73 12.12
N PRO E 174 24.63 -4.59 12.28
CA PRO E 174 25.40 -5.06 11.12
C PRO E 174 24.56 -5.91 10.16
N ILE E 175 24.76 -5.67 8.86
CA ILE E 175 23.91 -6.23 7.81
C ILE E 175 24.80 -6.95 6.81
N HIS E 176 24.42 -8.17 6.43
CA HIS E 176 25.14 -8.94 5.43
C HIS E 176 24.34 -8.95 4.14
N TYR E 177 25.02 -8.67 3.02
CA TYR E 177 24.36 -8.61 1.71
C TYR E 177 24.57 -9.93 1.00
N CYS E 178 23.48 -10.65 0.73
CA CYS E 178 23.53 -11.98 0.15
C CYS E 178 23.35 -11.89 -1.36
N ALA E 179 24.16 -12.64 -2.10
CA ALA E 179 23.98 -12.75 -3.52
C ALA E 179 22.79 -13.64 -3.83
N PRO E 180 22.10 -13.38 -4.94
CA PRO E 180 21.10 -14.34 -5.43
C PRO E 180 21.78 -15.51 -6.12
N ALA E 181 20.98 -16.52 -6.45
CA ALA E 181 21.50 -17.69 -7.14
C ALA E 181 21.92 -17.34 -8.55
N GLY E 182 23.06 -17.89 -8.97
CA GLY E 182 23.62 -17.57 -10.27
C GLY E 182 24.47 -16.32 -10.31
N TYR E 183 24.65 -15.63 -9.19
CA TYR E 183 25.45 -14.42 -9.11
C TYR E 183 26.50 -14.59 -8.02
N ALA E 184 27.72 -14.13 -8.30
CA ALA E 184 28.83 -14.31 -7.38
C ALA E 184 29.41 -12.97 -6.96
N ILE E 185 29.94 -12.93 -5.73
CA ILE E 185 30.52 -11.73 -5.14
C ILE E 185 32.03 -11.91 -5.05
N LEU E 186 32.77 -10.95 -5.60
CA LEU E 186 34.22 -10.94 -5.60
C LEU E 186 34.70 -9.89 -4.60
N LYS E 187 35.81 -10.20 -3.91
CA LYS E 187 36.19 -9.45 -2.72
C LYS E 187 37.48 -8.63 -2.84
N CYS E 188 38.50 -9.12 -3.56
CA CYS E 188 39.82 -8.48 -3.68
C CYS E 188 40.47 -8.29 -2.30
N ASN E 189 40.93 -9.43 -1.77
CA ASN E 189 41.62 -9.45 -0.48
C ASN E 189 43.02 -8.83 -0.48
N ASN E 190 43.46 -8.20 -1.58
CA ASN E 190 44.76 -7.53 -1.57
C ASN E 190 44.72 -6.34 -0.62
N LYS E 191 45.86 -6.11 0.05
CA LYS E 191 45.94 -5.09 1.08
C LYS E 191 46.04 -3.69 0.50
N THR E 192 46.87 -3.50 -0.53
CA THR E 192 47.17 -2.18 -1.07
C THR E 192 46.31 -1.84 -2.27
N PHE E 193 45.05 -2.30 -2.29
CA PHE E 193 44.10 -1.91 -3.32
C PHE E 193 43.83 -0.41 -3.26
N THR E 194 43.91 0.25 -4.42
CA THR E 194 43.89 1.70 -4.50
C THR E 194 42.52 2.25 -4.92
N GLY E 195 41.48 1.43 -4.85
CA GLY E 195 40.16 1.85 -5.27
C GLY E 195 39.86 1.62 -6.74
N THR E 196 40.87 1.31 -7.55
CA THR E 196 40.64 0.99 -8.95
C THR E 196 41.82 0.15 -9.44
N GLY E 197 41.55 -0.65 -10.46
CA GLY E 197 42.60 -1.40 -11.10
C GLY E 197 42.50 -2.89 -10.90
N PRO E 198 43.50 -3.64 -11.39
CA PRO E 198 43.43 -5.10 -11.29
C PRO E 198 43.95 -5.65 -9.96
N CYS E 199 43.15 -6.51 -9.34
CA CYS E 199 43.59 -7.30 -8.20
C CYS E 199 44.05 -8.67 -8.66
N ASN E 200 45.15 -9.14 -8.09
CA ASN E 200 45.62 -10.51 -8.28
C ASN E 200 45.47 -11.33 -7.01
N ASN E 201 44.49 -10.96 -6.18
CA ASN E 201 44.21 -11.66 -4.92
C ASN E 201 42.70 -11.85 -4.78
N VAL E 202 42.07 -12.31 -5.86
CA VAL E 202 40.62 -12.38 -5.92
C VAL E 202 40.11 -13.55 -5.07
N SER E 203 38.99 -13.32 -4.40
CA SER E 203 38.36 -14.37 -3.59
C SER E 203 36.85 -14.17 -3.65
N THR E 204 36.12 -15.24 -3.28
CA THR E 204 34.68 -15.24 -3.38
C THR E 204 34.03 -15.67 -2.08
N VAL E 205 32.86 -15.07 -1.80
CA VAL E 205 32.02 -15.39 -0.66
C VAL E 205 30.59 -15.58 -1.17
N GLN E 206 29.72 -16.05 -0.28
CA GLN E 206 28.29 -16.07 -0.55
C GLN E 206 27.62 -14.77 -0.13
N CYS E 207 28.07 -14.19 0.99
CA CYS E 207 27.52 -12.92 1.45
C CYS E 207 28.61 -12.13 2.14
N THR E 208 28.41 -10.82 2.23
CA THR E 208 29.39 -9.92 2.80
C THR E 208 29.37 -10.01 4.33
N HIS E 209 30.28 -9.25 4.95
CA HIS E 209 30.39 -9.21 6.40
C HIS E 209 29.35 -8.24 6.97
N GLY E 210 29.52 -7.88 8.23
CA GLY E 210 28.57 -7.05 8.92
C GLY E 210 28.73 -5.55 8.72
N ILE E 211 28.33 -5.05 7.55
CA ILE E 211 28.36 -3.61 7.31
C ILE E 211 27.26 -2.94 8.13
N LYS E 212 27.64 -1.88 8.87
CA LYS E 212 26.73 -1.13 9.73
C LYS E 212 26.28 0.16 9.05
N PRO E 213 25.01 0.55 9.22
CA PRO E 213 24.54 1.84 8.67
C PRO E 213 24.95 3.04 9.53
N VAL E 214 26.16 3.50 9.32
CA VAL E 214 26.72 4.60 10.09
C VAL E 214 26.41 5.91 9.41
N VAL E 215 25.83 6.86 10.16
CA VAL E 215 25.51 8.19 9.67
C VAL E 215 26.41 9.17 10.40
N SER E 216 27.30 9.83 9.66
CA SER E 216 28.22 10.79 10.27
C SER E 216 28.67 11.78 9.21
N THR E 217 29.20 12.91 9.67
CA THR E 217 29.74 13.93 8.79
C THR E 217 31.16 14.29 9.22
N GLN E 218 31.92 14.79 8.24
CA GLN E 218 33.30 15.30 8.31
C GLN E 218 34.37 14.23 8.55
N LEU E 219 33.94 13.02 8.89
CA LEU E 219 34.74 11.82 9.18
C LEU E 219 33.77 10.69 9.50
N LEU E 220 34.29 9.46 9.45
CA LEU E 220 33.47 8.29 9.71
C LEU E 220 34.10 7.45 10.82
N LEU E 221 33.24 6.64 11.44
CA LEU E 221 33.52 6.07 12.75
C LEU E 221 32.70 4.80 12.91
N ASN E 222 33.10 3.98 13.90
CA ASN E 222 32.58 2.61 14.12
C ASN E 222 32.72 1.73 12.87
N GLY E 223 33.80 1.90 12.12
CA GLY E 223 34.00 1.16 10.89
C GLY E 223 35.20 0.22 10.94
N SER E 224 35.47 -0.37 9.78
CA SER E 224 36.59 -1.29 9.65
C SER E 224 37.91 -0.50 9.56
N LEU E 225 39.01 -1.25 9.55
CA LEU E 225 40.34 -0.65 9.56
C LEU E 225 41.17 -1.21 8.41
N ALA E 226 42.14 -0.42 7.97
CA ALA E 226 43.00 -0.80 6.86
C ALA E 226 43.99 -1.89 7.29
N GLU E 227 44.67 -2.45 6.30
CA GLU E 227 45.59 -3.57 6.51
C GLU E 227 47.03 -3.12 6.67
N GLY E 228 47.53 -2.30 5.75
CA GLY E 228 48.90 -1.82 5.81
C GLY E 228 48.99 -0.53 6.59
N GLU E 229 49.41 0.55 5.95
CA GLU E 229 49.28 1.89 6.48
C GLU E 229 48.03 2.55 5.91
N ILE E 230 47.93 3.87 6.12
CA ILE E 230 46.74 4.62 5.74
C ILE E 230 46.59 4.67 4.22
N ILE E 231 45.38 4.38 3.74
CA ILE E 231 45.09 4.26 2.32
C ILE E 231 44.29 5.49 1.89
N ILE E 232 44.57 6.00 0.69
CA ILE E 232 43.87 7.16 0.16
C ILE E 232 43.19 6.75 -1.14
N ARG E 233 41.87 6.92 -1.19
CA ARG E 233 41.08 6.56 -2.35
C ARG E 233 40.48 7.82 -2.98
N SER E 234 40.56 7.91 -4.30
CA SER E 234 40.10 9.07 -5.03
C SER E 234 39.85 8.69 -6.48
N GLU E 235 39.04 9.49 -7.15
CA GLU E 235 38.84 9.33 -8.58
C GLU E 235 40.06 9.88 -9.33
N ASN E 236 40.32 9.32 -10.52
CA ASN E 236 41.47 9.74 -11.30
C ASN E 236 41.09 10.16 -12.72
N ILE E 237 39.84 10.52 -12.96
CA ILE E 237 39.47 11.09 -14.26
C ILE E 237 40.11 12.47 -14.43
N THR E 238 40.03 13.30 -13.39
CA THR E 238 40.60 14.63 -13.40
C THR E 238 41.01 15.01 -11.99
N LYS E 239 41.87 16.03 -11.90
CA LYS E 239 42.28 16.53 -10.60
C LYS E 239 41.15 17.23 -9.87
N ASN E 240 40.15 17.71 -10.59
CA ASN E 240 38.96 18.31 -10.01
C ASN E 240 38.13 17.19 -9.39
N VAL E 241 38.21 17.04 -8.07
CA VAL E 241 37.60 15.92 -7.37
C VAL E 241 36.51 16.45 -6.44
N LYS E 242 35.48 15.63 -6.23
CA LYS E 242 34.43 15.99 -5.27
C LYS E 242 34.85 15.66 -3.85
N THR E 243 35.24 14.41 -3.61
CA THR E 243 35.51 13.94 -2.26
C THR E 243 36.61 12.89 -2.33
N ILE E 244 37.56 12.99 -1.41
CA ILE E 244 38.68 12.07 -1.30
C ILE E 244 38.54 11.33 0.03
N ILE E 245 38.60 10.00 -0.02
CA ILE E 245 38.40 9.15 1.15
C ILE E 245 39.77 8.79 1.72
N VAL E 246 39.92 8.94 3.03
CA VAL E 246 41.14 8.55 3.74
C VAL E 246 40.76 7.47 4.73
N HIS E 247 41.39 6.30 4.60
CA HIS E 247 41.09 5.14 5.43
C HIS E 247 42.27 4.88 6.36
N LEU E 248 42.00 4.91 7.66
CA LEU E 248 43.05 4.77 8.66
C LEU E 248 43.41 3.31 8.90
N ASN E 249 44.68 3.09 9.24
CA ASN E 249 45.15 1.78 9.66
C ASN E 249 45.20 1.64 11.18
N GLU E 250 44.88 2.70 11.92
CA GLU E 250 45.00 2.70 13.37
C GLU E 250 43.86 3.52 13.95
N SER E 251 43.12 2.93 14.89
CA SER E 251 41.97 3.61 15.46
C SER E 251 42.38 4.70 16.43
N VAL E 252 41.59 5.77 16.45
CA VAL E 252 41.70 6.84 17.43
C VAL E 252 40.38 6.91 18.17
N LYS E 253 40.44 7.14 19.48
CA LYS E 253 39.25 7.10 20.32
C LYS E 253 38.70 8.50 20.56
N ILE E 254 37.37 8.61 20.50
CA ILE E 254 36.65 9.85 20.79
C ILE E 254 35.70 9.60 21.95
N GLU E 255 35.63 10.55 22.88
CA GLU E 255 34.71 10.43 24.01
C GLU E 255 33.76 11.62 24.01
N CYS E 256 32.48 11.36 23.84
CA CYS E 256 31.46 12.40 23.74
C CYS E 256 30.59 12.38 24.98
N THR E 257 30.14 13.56 25.43
CA THR E 257 29.30 13.57 26.62
C THR E 257 28.35 14.77 26.60
N ARG E 258 27.10 14.49 26.98
CA ARG E 258 26.11 15.49 27.36
C ARG E 258 25.91 15.36 28.85
N PRO E 259 26.34 16.32 29.65
CA PRO E 259 26.47 16.10 31.10
C PRO E 259 25.17 16.24 31.89
N ASN E 260 24.18 16.94 31.34
CA ASN E 260 23.00 17.27 32.11
C ASN E 260 21.92 16.20 31.99
N ASN E 261 21.07 16.12 33.01
CA ASN E 261 19.90 15.26 33.01
C ASN E 261 18.68 16.07 32.62
N LYS E 262 17.74 15.41 31.93
CA LYS E 262 16.58 16.09 31.39
C LYS E 262 15.30 15.41 31.88
N THR E 263 14.22 16.18 31.92
CA THR E 263 12.93 15.71 32.40
C THR E 263 12.00 15.56 31.21
N ARG E 264 11.71 14.32 30.82
CA ARG E 264 10.73 14.06 29.78
C ARG E 264 9.33 14.30 30.31
N THR E 265 8.53 15.05 29.54
CA THR E 265 7.13 15.25 29.85
C THR E 265 6.30 14.89 28.62
N SER E 266 5.08 14.43 28.87
CA SER E 266 4.20 13.96 27.81
C SER E 266 3.00 14.88 27.66
N ILE E 267 2.65 15.19 26.42
CA ILE E 267 1.47 15.97 26.09
C ILE E 267 0.56 15.11 25.22
N ARG E 268 -0.70 15.01 25.63
CA ARG E 268 -1.66 14.16 24.93
C ARG E 268 -2.33 14.95 23.82
N ILE E 269 -2.29 14.40 22.61
CA ILE E 269 -2.98 15.00 21.47
C ILE E 269 -4.18 14.14 21.10
N PRO E 271 -6.79 11.73 20.15
CA PRO E 271 -6.69 10.27 19.96
C PRO E 271 -5.49 9.62 20.67
N GLY E 272 -5.12 8.41 20.28
CA GLY E 272 -4.24 7.57 21.08
C GLY E 272 -2.78 7.97 21.11
N GLN E 273 -2.39 9.02 20.41
CA GLN E 273 -1.00 9.44 20.42
C GLN E 273 -0.66 10.18 21.71
N TRP E 274 0.64 10.33 21.95
CA TRP E 274 1.13 11.03 23.14
C TRP E 274 2.44 11.71 22.76
N PHE E 275 2.40 13.02 22.57
CA PHE E 275 3.58 13.77 22.19
C PHE E 275 4.53 13.90 23.38
N TYR E 276 5.83 13.78 23.10
CA TYR E 276 6.87 13.85 24.11
C TYR E 276 7.66 15.14 23.98
N ALA E 277 7.85 15.83 25.11
CA ALA E 277 8.59 17.08 25.13
C ALA E 277 9.49 17.10 26.35
N THR E 278 10.35 18.10 26.41
CA THR E 278 11.24 18.27 27.56
C THR E 278 10.55 19.14 28.61
N GLY E 279 10.65 18.73 29.87
CA GLY E 279 10.10 19.52 30.95
C GLY E 279 11.08 20.48 31.60
N GLN E 280 12.21 19.95 32.09
CA GLN E 280 13.14 20.75 32.88
C GLN E 280 14.47 20.04 32.96
N VAL E 281 15.55 20.81 32.85
CA VAL E 281 16.90 20.27 33.05
C VAL E 281 17.20 20.21 34.54
N ILE E 282 17.79 19.11 34.99
CA ILE E 282 18.13 18.89 36.39
C ILE E 282 19.46 19.54 36.69
N GLY E 283 19.49 20.35 37.74
CA GLY E 283 20.75 20.91 38.22
C GLY E 283 21.28 22.06 37.36
N ASP E 284 22.54 22.38 37.61
CA ASP E 284 23.19 23.49 36.93
C ASP E 284 23.55 23.10 35.49
N ILE E 285 23.58 24.10 34.62
CA ILE E 285 23.74 23.88 33.19
C ILE E 285 25.22 23.78 32.84
N ARG E 286 25.57 22.74 32.10
CA ARG E 286 26.92 22.60 31.55
C ARG E 286 26.79 22.29 30.07
N GLU E 287 27.73 22.81 29.27
CA GLU E 287 27.68 22.63 27.83
C GLU E 287 28.30 21.29 27.44
N ALA E 288 27.63 20.57 26.53
CA ALA E 288 28.09 19.26 26.10
C ALA E 288 29.36 19.36 25.29
N TYR E 289 30.20 18.32 25.36
CA TYR E 289 31.54 18.44 24.80
C TYR E 289 32.10 17.06 24.48
N CYS E 290 33.15 17.05 23.66
CA CYS E 290 33.86 15.84 23.30
C CYS E 290 35.34 16.00 23.56
N ASN E 291 36.02 14.85 23.69
CA ASN E 291 37.41 14.76 24.08
C ASN E 291 38.18 13.87 23.12
N ILE E 292 39.40 14.31 22.80
CA ILE E 292 40.31 13.65 21.87
C ILE E 292 41.67 13.53 22.54
N ASN E 293 42.27 12.33 22.47
CA ASN E 293 43.67 12.18 22.83
C ASN E 293 44.53 12.97 21.86
N GLU E 294 45.29 13.94 22.38
CA GLU E 294 45.95 14.91 21.53
C GLU E 294 47.12 14.29 20.76
N SER E 295 47.88 13.41 21.42
CA SER E 295 49.04 12.80 20.78
C SER E 295 48.65 11.89 19.63
N LYS E 296 47.59 11.10 19.83
CA LYS E 296 47.10 10.24 18.75
C LYS E 296 46.62 11.07 17.57
N TRP E 297 45.93 12.17 17.85
CA TRP E 297 45.38 13.01 16.78
C TRP E 297 46.49 13.70 15.99
N ASN E 298 47.46 14.32 16.67
CA ASN E 298 48.47 15.07 15.92
C ASN E 298 49.44 14.12 15.20
N GLU E 299 49.77 12.99 15.83
CA GLU E 299 50.60 11.99 15.16
C GLU E 299 49.88 11.41 13.94
N THR E 300 48.57 11.18 14.05
CA THR E 300 47.79 10.69 12.92
C THR E 300 47.76 11.73 11.79
N LEU E 301 47.63 13.01 12.13
CA LEU E 301 47.64 14.06 11.11
C LEU E 301 49.00 14.16 10.42
N GLN E 302 50.10 14.02 11.18
CA GLN E 302 51.43 14.03 10.58
C GLN E 302 51.62 12.86 9.62
N ARG E 303 51.19 11.66 10.04
CA ARG E 303 51.30 10.49 9.18
C ARG E 303 50.44 10.63 7.92
N VAL E 304 49.23 11.19 8.08
CA VAL E 304 48.33 11.37 6.94
C VAL E 304 48.90 12.39 5.95
N SER E 305 49.45 13.50 6.43
CA SER E 305 50.00 14.51 5.53
C SER E 305 51.26 14.00 4.81
N LYS E 306 52.14 13.32 5.55
CA LYS E 306 53.35 12.81 4.93
C LYS E 306 53.08 11.61 4.03
N LYS E 307 51.91 11.00 4.14
CA LYS E 307 51.51 9.98 3.16
C LYS E 307 50.78 10.61 1.96
N LEU E 308 50.04 11.71 2.19
CA LEU E 308 49.36 12.40 1.07
C LEU E 308 50.34 13.09 0.14
N LYS E 309 51.53 13.48 0.62
CA LYS E 309 52.41 14.16 -0.33
C LYS E 309 53.10 13.21 -1.32
N GLU E 310 52.78 11.92 -1.33
CA GLU E 310 53.17 11.06 -2.45
C GLU E 310 52.49 11.50 -3.73
N TYR E 311 51.19 11.79 -3.66
CA TYR E 311 50.43 12.15 -4.87
C TYR E 311 50.86 13.50 -5.41
N PHE E 312 50.89 14.51 -4.54
CA PHE E 312 51.25 15.86 -4.97
C PHE E 312 52.74 16.09 -4.68
N PRO E 313 53.55 16.35 -5.70
CA PRO E 313 55.01 16.18 -5.57
C PRO E 313 55.74 17.16 -4.66
N HIS E 314 55.53 18.47 -4.83
CA HIS E 314 56.46 19.44 -4.27
C HIS E 314 55.78 20.54 -3.46
N LYS E 315 54.49 20.43 -3.14
CA LYS E 315 53.74 21.52 -2.56
C LYS E 315 53.44 21.26 -1.09
N ASN E 316 53.34 22.33 -0.31
CA ASN E 316 53.09 22.23 1.12
C ASN E 316 51.65 21.78 1.37
N ILE E 317 51.39 21.34 2.60
CA ILE E 317 50.08 20.78 2.96
C ILE E 317 49.53 21.54 4.16
N THR E 318 48.30 22.05 4.04
CA THR E 318 47.76 22.94 5.07
C THR E 318 46.27 22.67 5.23
N PHE E 319 45.79 22.76 6.48
CA PHE E 319 44.42 22.42 6.83
C PHE E 319 43.71 23.65 7.41
N GLN E 320 42.45 23.82 7.03
CA GLN E 320 41.52 24.74 7.65
C GLN E 320 40.19 24.02 7.79
N PRO E 321 39.31 24.45 8.70
CA PRO E 321 37.94 23.94 8.71
C PRO E 321 37.15 24.47 7.53
N SER E 322 36.00 23.85 7.30
CA SER E 322 35.13 24.23 6.20
C SER E 322 34.48 25.58 6.47
N SER E 323 34.04 26.22 5.40
CA SER E 323 33.37 27.52 5.47
C SER E 323 32.04 27.43 4.73
N GLY E 324 31.02 28.09 5.28
CA GLY E 324 29.74 28.19 4.63
C GLY E 324 28.91 26.91 4.71
N GLY E 325 27.65 27.05 4.33
CA GLY E 325 26.73 25.93 4.34
C GLY E 325 26.06 25.73 5.70
N ASP E 326 25.25 24.68 5.76
CA ASP E 326 24.49 24.36 6.96
C ASP E 326 25.41 23.76 8.03
N LEU E 327 24.79 23.41 9.16
CA LEU E 327 25.54 22.89 10.29
C LEU E 327 26.03 21.47 10.05
N GLU E 328 25.45 20.78 9.06
CA GLU E 328 25.87 19.41 8.77
C GLU E 328 27.24 19.34 8.12
N ILE E 329 27.74 20.43 7.55
CA ILE E 329 29.06 20.43 6.94
C ILE E 329 30.05 21.29 7.71
N THR E 330 29.60 22.36 8.38
CA THR E 330 30.50 23.16 9.20
C THR E 330 30.91 22.44 10.48
N THR E 331 30.15 21.45 10.93
CA THR E 331 30.43 20.74 12.17
C THR E 331 30.42 19.24 11.93
N HIS E 332 31.06 18.51 12.84
CA HIS E 332 30.91 17.07 12.90
C HIS E 332 29.53 16.73 13.45
N SER E 333 28.66 16.19 12.63
CA SER E 333 27.35 15.78 13.13
C SER E 333 27.26 14.26 13.13
N PHE E 334 26.62 13.74 14.17
CA PHE E 334 26.39 12.30 14.29
C PHE E 334 25.20 12.11 15.22
N ASN E 335 24.89 10.84 15.49
CA ASN E 335 23.88 10.46 16.45
C ASN E 335 24.54 9.55 17.49
N CYS E 336 24.16 9.74 18.75
CA CYS E 336 24.53 8.81 19.80
C CYS E 336 23.37 8.68 20.77
N GLY E 337 23.07 7.44 21.15
CA GLY E 337 21.86 7.17 21.90
C GLY E 337 20.64 7.53 21.08
N GLY E 338 19.82 8.42 21.63
CA GLY E 338 18.75 9.06 20.89
C GLY E 338 18.99 10.51 20.56
N GLU E 339 20.21 11.02 20.73
CA GLU E 339 20.47 12.45 20.64
C GLU E 339 21.50 12.74 19.56
N PHE E 340 21.25 13.79 18.79
CA PHE E 340 22.08 14.17 17.66
C PHE E 340 23.04 15.28 18.06
N PHE E 341 24.32 15.12 17.71
CA PHE E 341 25.38 16.00 18.15
C PHE E 341 26.03 16.69 16.96
N TYR E 342 26.38 17.96 17.17
CA TYR E 342 27.08 18.79 16.20
C TYR E 342 28.29 19.39 16.90
N CYS E 343 29.48 19.04 16.43
CA CYS E 343 30.73 19.28 17.13
C CYS E 343 31.60 20.26 16.36
N ASN E 344 32.03 21.31 17.05
CA ASN E 344 32.98 22.29 16.53
C ASN E 344 34.32 21.60 16.25
N THR E 345 34.77 21.65 15.00
CA THR E 345 36.03 21.02 14.60
C THR E 345 37.07 22.04 14.14
N SER E 346 36.95 23.29 14.57
CA SER E 346 37.90 24.32 14.11
C SER E 346 39.29 24.11 14.69
N SER E 347 39.36 23.70 15.96
CA SER E 347 40.66 23.53 16.60
C SER E 347 41.40 22.30 16.10
N LEU E 348 40.67 21.29 15.64
CA LEU E 348 41.30 20.03 15.25
C LEU E 348 42.08 20.16 13.94
N PHE E 349 41.55 20.93 12.99
CA PHE E 349 42.09 20.98 11.64
C PHE E 349 42.91 22.23 11.38
N ASN E 350 43.67 22.71 12.37
CA ASN E 350 44.53 23.88 12.18
C ASN E 350 45.99 23.44 12.21
N ARG E 351 46.49 22.99 11.07
CA ARG E 351 47.86 22.52 10.94
C ARG E 351 48.43 22.95 9.59
N THR E 352 49.76 22.96 9.51
CA THR E 352 50.46 23.13 8.24
C THR E 352 51.79 22.39 8.29
N TYR E 353 52.27 21.99 7.11
CA TYR E 353 53.52 21.25 6.95
C TYR E 353 54.19 21.63 5.65
N MET E 354 55.51 21.79 5.73
CA MET E 354 56.36 22.18 4.61
C MET E 354 56.71 20.93 3.80
N ALA E 355 56.91 21.13 2.50
CA ALA E 355 57.16 20.02 1.58
C ALA E 355 58.63 19.61 1.52
N ASN E 356 59.49 20.20 2.34
CA ASN E 356 60.94 19.96 2.39
C ASN E 356 61.63 20.17 1.04
N ASN E 367 51.89 8.30 25.36
CA ASN E 367 51.09 7.82 24.23
C ASN E 367 49.67 8.38 24.29
N SER E 368 49.27 8.86 25.47
CA SER E 368 47.95 9.44 25.65
C SER E 368 48.02 10.71 26.50
N THR E 369 49.12 11.43 26.44
CA THR E 369 49.23 12.67 27.19
C THR E 369 48.44 13.79 26.51
N ARG E 370 47.78 14.61 27.36
CA ARG E 370 46.97 15.79 27.00
C ARG E 370 45.71 15.45 26.18
N THR E 371 44.74 16.35 26.21
CA THR E 371 43.43 16.05 25.64
C THR E 371 42.77 17.32 25.12
N ILE E 372 42.34 17.29 23.87
CA ILE E 372 41.62 18.40 23.25
C ILE E 372 40.14 18.24 23.56
N THR E 373 39.53 19.30 24.08
CA THR E 373 38.09 19.36 24.33
C THR E 373 37.45 20.27 23.30
N ILE E 374 36.32 19.84 22.75
CA ILE E 374 35.60 20.59 21.74
C ILE E 374 34.14 20.75 22.17
N HIS E 375 33.62 21.95 21.98
CA HIS E 375 32.25 22.30 22.36
C HIS E 375 31.26 21.87 21.29
N CYS E 376 30.02 21.61 21.71
CA CYS E 376 29.02 21.05 20.83
C CYS E 376 27.69 21.75 21.04
N ARG E 377 26.76 21.50 20.12
CA ARG E 377 25.37 21.90 20.26
C ARG E 377 24.50 20.73 19.82
N ILE E 378 23.29 20.68 20.37
CA ILE E 378 22.35 19.59 20.10
C ILE E 378 21.00 20.20 19.73
N LYS E 379 20.33 19.59 18.75
CA LYS E 379 19.05 20.05 18.27
C LYS E 379 18.16 18.85 17.99
N GLN E 380 16.84 19.06 18.09
CA GLN E 380 15.90 17.96 18.01
C GLN E 380 15.35 17.71 16.62
N ILE E 381 15.03 18.76 15.87
CA ILE E 381 14.43 18.59 14.55
C ILE E 381 15.56 18.45 13.52
N ILE E 382 15.62 17.28 12.90
CA ILE E 382 16.66 16.96 11.93
C ILE E 382 15.99 16.67 10.60
N ASN E 383 16.51 17.26 9.53
CA ASN E 383 16.08 16.89 8.19
C ASN E 383 16.59 15.47 7.87
N MET E 384 16.01 14.88 6.82
CA MET E 384 16.56 13.64 6.30
C MET E 384 17.96 13.90 5.76
N TRP E 385 18.85 12.95 5.98
CA TRP E 385 20.28 13.20 5.86
C TRP E 385 20.76 13.32 4.42
N GLN E 386 19.87 13.23 3.44
CA GLN E 386 20.22 13.43 2.04
C GLN E 386 19.30 14.42 1.36
N GLU E 387 18.26 14.92 2.05
CA GLU E 387 17.12 15.49 1.35
C GLU E 387 16.41 16.46 2.28
N VAL E 388 15.89 17.53 1.68
CA VAL E 388 15.04 18.48 2.38
C VAL E 388 13.61 18.32 1.88
N GLY E 389 12.68 19.00 2.54
CA GLY E 389 11.27 18.75 2.31
C GLY E 389 10.68 17.64 3.14
N ARG E 390 11.47 17.04 4.04
CA ARG E 390 10.96 16.10 5.02
C ARG E 390 11.87 16.14 6.24
N ALA E 391 11.27 16.23 7.43
CA ALA E 391 12.02 16.38 8.66
C ALA E 391 11.39 15.53 9.76
N MET E 392 12.22 15.10 10.71
CA MET E 392 11.77 14.31 11.84
C MET E 392 12.22 14.96 13.14
N TYR E 393 11.38 14.82 14.17
CA TYR E 393 11.65 15.39 15.48
C TYR E 393 12.17 14.30 16.40
N ALA E 394 13.39 14.49 16.90
CA ALA E 394 13.93 13.54 17.86
C ALA E 394 13.24 13.71 19.21
N PRO E 395 12.91 12.61 19.88
CA PRO E 395 12.34 12.72 21.22
C PRO E 395 13.42 13.10 22.23
N PRO E 396 13.05 13.72 23.34
CA PRO E 396 14.04 14.03 24.38
C PRO E 396 14.52 12.76 25.08
N ILE E 397 15.75 12.80 25.53
CA ILE E 397 16.38 11.68 26.22
C ILE E 397 16.75 12.14 27.63
N ALA E 398 16.24 11.43 28.63
CA ALA E 398 16.48 11.79 30.01
C ALA E 398 17.87 11.32 30.46
N GLY E 399 18.43 12.05 31.42
CA GLY E 399 19.69 11.67 32.02
C GLY E 399 20.90 12.13 31.22
N ASN E 400 22.05 12.05 31.87
CA ASN E 400 23.32 12.36 31.20
C ASN E 400 23.69 11.24 30.25
N ILE E 401 24.34 11.60 29.14
CA ILE E 401 24.69 10.65 28.08
C ILE E 401 26.20 10.67 27.89
N THR E 402 26.81 9.49 27.87
CA THR E 402 28.22 9.34 27.56
C THR E 402 28.39 8.34 26.42
N CYS E 403 29.37 8.60 25.56
CA CYS E 403 29.61 7.78 24.39
C CYS E 403 31.11 7.66 24.16
N ILE E 404 31.53 6.50 23.67
CA ILE E 404 32.90 6.24 23.25
C ILE E 404 32.85 5.63 21.86
N SER E 405 33.67 6.16 20.95
CA SER E 405 33.68 5.60 19.60
C SER E 405 35.08 5.61 19.01
N ASN E 406 35.22 4.87 17.92
CA ASN E 406 36.48 4.66 17.24
C ASN E 406 36.39 5.27 15.85
N ILE E 407 37.18 6.30 15.59
CA ILE E 407 37.12 6.98 14.30
C ILE E 407 38.08 6.28 13.34
N THR E 408 37.59 5.99 12.13
CA THR E 408 38.31 5.10 11.22
C THR E 408 38.75 5.75 9.93
N GLY E 409 38.35 6.99 9.66
CA GLY E 409 38.74 7.61 8.41
C GLY E 409 38.21 9.02 8.30
N LEU E 410 38.58 9.67 7.21
CA LEU E 410 38.24 11.05 6.95
C LEU E 410 37.67 11.19 5.54
N LEU E 411 36.79 12.17 5.36
CA LEU E 411 36.29 12.55 4.05
C LEU E 411 36.74 13.99 3.82
N LEU E 412 37.60 14.19 2.83
CA LEU E 412 38.21 15.50 2.61
C LEU E 412 37.87 16.02 1.22
N THR E 413 37.99 17.33 1.07
CA THR E 413 37.96 18.00 -0.23
C THR E 413 39.15 18.94 -0.29
N ARG E 414 39.42 19.45 -1.49
CA ARG E 414 40.59 20.28 -1.69
C ARG E 414 40.22 21.59 -2.38
N ASP E 415 40.84 22.67 -1.92
CA ASP E 415 40.70 23.95 -2.58
C ASP E 415 41.54 24.00 -3.85
N TYR E 416 41.42 25.10 -4.59
CA TYR E 416 42.33 25.35 -5.69
C TYR E 416 43.72 25.67 -5.18
N GLY E 417 43.86 26.76 -4.43
CA GLY E 417 45.20 27.15 -4.02
C GLY E 417 45.99 27.70 -5.20
N LYS E 418 47.31 27.70 -5.04
CA LYS E 418 48.16 28.23 -6.09
C LYS E 418 49.48 27.48 -6.05
N ASN E 419 50.52 28.06 -6.66
CA ASN E 419 51.89 27.58 -6.58
C ASN E 419 52.33 27.34 -5.14
N ASN E 420 53.08 26.25 -4.96
CA ASN E 420 53.86 25.88 -3.77
C ASN E 420 52.98 25.38 -2.62
N THR E 421 51.66 25.48 -2.74
CA THR E 421 50.79 25.14 -1.62
C THR E 421 49.48 24.54 -2.12
N GLU E 422 49.19 23.33 -1.68
CA GLU E 422 47.85 22.77 -1.75
C GLU E 422 47.13 22.90 -0.42
N THR E 423 45.82 22.68 -0.45
CA THR E 423 44.98 22.96 0.70
C THR E 423 43.87 21.92 0.77
N PHE E 424 43.70 21.32 1.95
CA PHE E 424 42.70 20.28 2.15
C PHE E 424 41.85 20.61 3.36
N ARG E 425 40.54 20.54 3.20
CA ARG E 425 39.56 20.90 4.21
C ARG E 425 38.48 19.82 4.28
N PRO E 426 37.91 19.57 5.45
CA PRO E 426 36.91 18.50 5.57
C PRO E 426 35.59 18.85 4.90
N GLY E 427 34.87 17.81 4.52
CA GLY E 427 33.56 17.96 3.90
C GLY E 427 32.78 16.67 4.03
N GLY E 428 32.02 16.34 3.00
CA GLY E 428 31.30 15.07 2.98
C GLY E 428 29.86 15.16 3.44
N GLY E 429 29.10 16.10 2.88
CA GLY E 429 27.70 16.21 3.22
C GLY E 429 26.84 15.10 2.66
N ASN E 430 27.30 14.43 1.60
CA ASN E 430 26.54 13.38 0.95
C ASN E 430 26.77 12.07 1.70
N MET E 431 25.68 11.41 2.09
CA MET E 431 25.79 10.19 2.89
C MET E 431 26.26 8.99 2.07
N LYS E 432 26.15 9.05 0.74
CA LYS E 432 26.46 7.90 -0.09
C LYS E 432 27.96 7.59 -0.10
N ASP E 433 28.80 8.63 -0.01
CA ASP E 433 30.24 8.41 0.02
C ASP E 433 30.70 7.76 1.30
N ASN E 434 29.93 7.90 2.39
CA ASN E 434 30.26 7.21 3.63
C ASN E 434 30.15 5.70 3.46
N TRP E 435 29.10 5.24 2.78
CA TRP E 435 28.97 3.83 2.51
C TRP E 435 29.84 3.37 1.35
N ARG E 436 30.20 4.29 0.46
CA ARG E 436 31.15 3.96 -0.60
C ARG E 436 32.56 3.76 -0.05
N SER E 437 32.84 4.30 1.14
CA SER E 437 34.11 4.07 1.80
C SER E 437 34.23 2.65 2.37
N GLU E 438 33.13 1.92 2.47
CA GLU E 438 33.15 0.58 3.04
C GLU E 438 32.95 -0.52 2.02
N LEU E 439 32.09 -0.33 1.02
CA LEU E 439 31.81 -1.34 0.02
C LEU E 439 32.76 -1.26 -1.17
N TYR E 440 33.98 -0.79 -0.95
CA TYR E 440 34.97 -0.72 -2.03
C TYR E 440 35.48 -2.09 -2.42
N LYS E 441 35.40 -3.06 -1.51
CA LYS E 441 35.98 -4.38 -1.78
C LYS E 441 35.17 -5.17 -2.80
N TYR E 442 33.85 -5.17 -2.67
CA TYR E 442 33.02 -6.17 -3.31
C TYR E 442 32.66 -5.79 -4.73
N LYS E 443 32.28 -6.80 -5.52
CA LYS E 443 31.76 -6.62 -6.86
C LYS E 443 30.87 -7.81 -7.19
N VAL E 444 29.87 -7.59 -8.05
CA VAL E 444 28.89 -8.61 -8.38
C VAL E 444 29.08 -9.03 -9.83
N VAL E 445 29.10 -10.35 -10.06
CA VAL E 445 29.28 -10.91 -11.41
C VAL E 445 28.16 -11.92 -11.68
N LYS E 446 27.84 -12.08 -12.96
CA LYS E 446 26.84 -13.02 -13.43
C LYS E 446 27.51 -14.18 -14.13
N ILE E 447 27.12 -15.39 -13.78
CA ILE E 447 27.79 -16.62 -14.22
C ILE E 447 27.23 -17.06 -15.57
N GLU E 448 28.13 -17.45 -16.48
CA GLU E 448 27.77 -17.84 -17.84
C GLU E 448 28.30 -19.25 -18.07
N PRO E 449 27.54 -20.27 -17.66
CA PRO E 449 28.12 -21.62 -17.59
C PRO E 449 28.02 -22.46 -18.85
N LEU E 450 27.76 -21.84 -20.01
CA LEU E 450 27.45 -22.63 -21.20
C LEU E 450 28.49 -22.36 -22.30
N GLY E 451 29.77 -22.43 -21.96
CA GLY E 451 30.80 -22.22 -22.97
C GLY E 451 30.92 -23.41 -23.90
N VAL E 452 30.98 -23.14 -25.20
CA VAL E 452 31.20 -24.15 -26.23
C VAL E 452 32.69 -24.40 -26.38
N ALA E 453 33.05 -25.46 -27.10
CA ALA E 453 34.44 -25.85 -27.28
C ALA E 453 34.54 -26.70 -28.55
N PRO E 454 35.74 -26.88 -29.08
CA PRO E 454 35.97 -27.96 -30.04
C PRO E 454 36.50 -29.21 -29.34
N THR E 455 36.38 -30.34 -30.03
CA THR E 455 36.91 -31.60 -29.53
C THR E 455 37.20 -32.51 -30.71
N ARG E 456 38.00 -33.54 -30.46
CA ARG E 456 38.35 -34.51 -31.51
C ARG E 456 37.49 -35.76 -31.35
N CYS E 457 36.19 -35.58 -31.61
CA CYS E 457 35.18 -36.62 -31.43
C CYS E 457 33.90 -36.21 -32.13
N LYS E 458 33.25 -37.18 -32.79
CA LYS E 458 31.98 -36.94 -33.45
C LYS E 458 30.84 -37.36 -32.52
N ARG E 459 29.61 -37.39 -33.03
CA ARG E 459 28.49 -37.95 -32.30
C ARG E 459 28.07 -39.25 -32.97
N ARG E 460 27.47 -40.14 -32.18
CA ARG E 460 26.89 -41.38 -32.69
C ARG E 460 25.78 -41.08 -33.70
N VAL E 461 25.79 -41.83 -34.80
CA VAL E 461 24.76 -41.71 -35.82
C VAL E 461 24.01 -43.03 -35.93
N VAL F 14 24.17 -26.97 -0.79
CA VAL F 14 25.43 -26.98 -0.06
C VAL F 14 26.47 -26.20 -0.87
N PHE F 15 27.28 -25.41 -0.17
CA PHE F 15 28.21 -24.46 -0.79
C PHE F 15 29.63 -24.83 -0.39
N LEU F 16 30.41 -25.31 -1.35
CA LEU F 16 31.82 -25.64 -1.13
C LEU F 16 32.53 -25.70 -2.47
N GLY F 17 33.60 -24.92 -2.61
CA GLY F 17 34.39 -24.94 -3.82
C GLY F 17 33.71 -24.35 -5.02
N PHE F 18 32.71 -23.50 -4.82
CA PHE F 18 31.98 -22.89 -5.93
C PHE F 18 32.87 -21.86 -6.62
N LEU F 19 33.11 -22.06 -7.92
CA LEU F 19 33.94 -21.25 -8.81
C LEU F 19 35.41 -21.25 -8.39
N GLY F 20 35.82 -22.16 -7.50
CA GLY F 20 37.20 -22.24 -7.08
C GLY F 20 38.13 -22.82 -8.12
N ALA F 21 37.57 -23.54 -9.11
CA ALA F 21 38.38 -24.16 -10.15
C ALA F 21 38.82 -23.18 -11.22
N ALA F 22 38.32 -21.94 -11.20
CA ALA F 22 38.83 -20.92 -12.08
C ALA F 22 40.29 -20.64 -11.76
N GLY F 23 41.08 -20.35 -12.80
CA GLY F 23 42.51 -20.34 -12.70
C GLY F 23 43.16 -21.65 -13.06
N SER F 24 42.37 -22.71 -13.25
CA SER F 24 42.87 -23.95 -13.79
C SER F 24 42.44 -24.10 -15.24
N THR F 25 42.72 -25.27 -15.82
CA THR F 25 42.64 -25.43 -17.25
C THR F 25 41.21 -25.79 -17.67
N MET F 26 41.05 -26.15 -18.95
CA MET F 26 39.82 -26.78 -19.42
C MET F 26 39.62 -28.09 -18.68
N GLY F 27 40.62 -28.96 -18.83
CA GLY F 27 40.50 -30.32 -18.36
C GLY F 27 40.49 -30.44 -16.85
N ALA F 28 41.13 -29.51 -16.14
CA ALA F 28 41.11 -29.54 -14.69
C ALA F 28 39.72 -29.19 -14.16
N ALA F 29 39.11 -28.15 -14.71
CA ALA F 29 37.76 -27.78 -14.31
C ALA F 29 36.71 -28.75 -14.86
N SER F 30 37.10 -29.63 -15.79
CA SER F 30 36.19 -30.61 -16.36
C SER F 30 35.64 -31.57 -15.30
N MET F 31 36.48 -32.04 -14.37
CA MET F 31 35.92 -32.90 -13.33
C MET F 31 35.19 -32.12 -12.24
N THR F 32 35.30 -30.80 -12.19
CA THR F 32 34.68 -30.03 -11.13
C THR F 32 33.53 -29.15 -11.63
N LEU F 33 33.07 -29.37 -12.87
CA LEU F 33 31.87 -28.69 -13.38
C LEU F 33 30.61 -28.94 -12.54
N THR F 34 30.54 -30.06 -11.81
CA THR F 34 29.31 -30.39 -11.08
C THR F 34 29.05 -29.43 -9.92
N VAL F 35 30.12 -28.91 -9.32
CA VAL F 35 29.99 -27.95 -8.22
C VAL F 35 29.31 -26.68 -8.71
N GLN F 36 29.71 -26.19 -9.88
CA GLN F 36 29.03 -25.04 -10.46
C GLN F 36 27.65 -25.41 -10.99
N ALA F 37 27.45 -26.68 -11.37
CA ALA F 37 26.13 -27.10 -11.81
C ALA F 37 25.14 -27.22 -10.64
N ARG F 38 25.63 -27.29 -9.40
CA ARG F 38 24.75 -27.53 -8.27
C ARG F 38 23.87 -26.32 -7.92
N ASN F 39 24.38 -25.11 -8.10
CA ASN F 39 23.83 -23.92 -7.43
C ASN F 39 22.49 -23.51 -8.02
N LEU F 40 21.41 -23.89 -7.34
CA LEU F 40 20.08 -23.33 -7.52
C LEU F 40 19.42 -23.17 -6.15
N LEU F 41 20.18 -22.63 -5.20
CA LEU F 41 19.86 -22.75 -3.79
C LEU F 41 18.79 -21.73 -3.37
N SER F 42 18.40 -21.84 -2.09
CA SER F 42 17.41 -20.99 -1.41
C SER F 42 16.06 -20.95 -2.13
N GLY F 68 13.39 -3.60 1.28
CA GLY F 68 12.09 -3.72 1.88
C GLY F 68 11.63 -5.15 2.05
N ILE F 69 10.43 -5.45 1.54
CA ILE F 69 9.84 -6.78 1.66
C ILE F 69 9.77 -7.49 0.31
N LYS F 70 9.94 -6.77 -0.80
CA LYS F 70 9.60 -7.25 -2.13
C LYS F 70 10.76 -7.96 -2.81
N GLN F 71 11.64 -8.60 -2.05
CA GLN F 71 12.85 -9.23 -2.57
C GLN F 71 12.62 -10.63 -3.14
N LEU F 72 11.36 -11.04 -3.29
CA LEU F 72 11.04 -12.39 -3.78
C LEU F 72 11.45 -12.57 -5.23
N GLN F 73 11.33 -11.49 -6.03
CA GLN F 73 11.33 -11.57 -7.50
C GLN F 73 12.62 -12.15 -8.06
N ALA F 74 13.75 -11.88 -7.40
CA ALA F 74 15.05 -12.35 -7.86
C ALA F 74 15.13 -13.88 -7.86
N ARG F 75 14.44 -14.52 -6.89
CA ARG F 75 14.37 -15.98 -6.86
C ARG F 75 13.72 -16.52 -8.13
N VAL F 76 12.68 -15.82 -8.61
CA VAL F 76 12.01 -16.18 -9.87
C VAL F 76 13.00 -16.10 -11.03
N LEU F 77 13.88 -15.10 -11.01
CA LEU F 77 14.91 -14.97 -12.03
C LEU F 77 15.85 -16.17 -12.02
N ALA F 78 16.17 -16.67 -10.82
CA ALA F 78 17.01 -17.86 -10.70
C ALA F 78 16.31 -19.09 -11.27
N VAL F 79 14.98 -19.12 -11.18
CA VAL F 79 14.24 -20.19 -11.82
C VAL F 79 14.28 -20.04 -13.34
N GLU F 80 14.26 -18.81 -13.83
CA GLU F 80 14.06 -18.57 -15.26
C GLU F 80 15.30 -18.93 -16.07
N ARG F 81 16.43 -18.30 -15.73
CA ARG F 81 17.63 -18.35 -16.57
C ARG F 81 18.17 -19.76 -16.70
N TYR F 82 18.17 -20.51 -15.60
CA TYR F 82 18.57 -21.91 -15.61
C TYR F 82 17.71 -22.73 -16.57
N LEU F 83 16.39 -22.50 -16.54
CA LEU F 83 15.51 -23.15 -17.51
C LEU F 83 15.84 -22.69 -18.91
N ARG F 84 16.14 -21.40 -19.08
CA ARG F 84 16.55 -20.87 -20.38
C ARG F 84 17.90 -21.44 -20.78
N ASP F 85 18.69 -21.89 -19.81
CA ASP F 85 19.86 -22.70 -20.16
C ASP F 85 19.43 -24.12 -20.51
N GLN F 86 18.64 -24.75 -19.63
CA GLN F 86 18.47 -26.20 -19.66
C GLN F 86 17.71 -26.66 -20.89
N GLN F 87 16.57 -26.01 -21.16
CA GLN F 87 15.79 -26.25 -22.37
C GLN F 87 16.60 -25.97 -23.63
N LEU F 88 17.55 -25.04 -23.56
CA LEU F 88 18.43 -24.76 -24.69
C LEU F 88 19.27 -25.98 -25.02
N LEU F 89 19.76 -26.68 -23.99
CA LEU F 89 20.46 -27.95 -24.23
C LEU F 89 19.53 -28.97 -24.85
N GLY F 90 18.24 -28.91 -24.48
CA GLY F 90 17.26 -29.79 -25.06
C GLY F 90 17.05 -29.58 -26.54
N ILE F 91 17.33 -28.36 -27.04
CA ILE F 91 17.15 -28.18 -28.47
C ILE F 91 18.40 -28.64 -29.21
N TRP F 92 19.52 -28.82 -28.51
CA TRP F 92 20.72 -29.31 -29.17
C TRP F 92 20.84 -30.83 -29.14
N GLY F 93 20.01 -31.50 -28.35
CA GLY F 93 20.16 -32.93 -28.15
C GLY F 93 21.17 -33.32 -27.11
N CYS F 94 21.87 -32.35 -26.51
CA CYS F 94 22.77 -32.62 -25.39
C CYS F 94 21.95 -32.56 -24.10
N SER F 95 21.11 -33.58 -23.94
CA SER F 95 20.15 -33.59 -22.83
C SER F 95 20.82 -34.08 -21.56
N GLY F 96 20.66 -33.31 -20.49
CA GLY F 96 21.03 -33.78 -19.17
C GLY F 96 22.50 -33.79 -18.84
N LYS F 97 23.28 -34.59 -19.58
CA LYS F 97 24.68 -34.83 -19.23
C LYS F 97 25.52 -33.59 -19.44
N LEU F 98 26.51 -33.42 -18.56
CA LEU F 98 27.29 -32.18 -18.51
C LEU F 98 28.26 -32.06 -19.68
N ILE F 99 28.74 -33.18 -20.22
CA ILE F 99 29.69 -33.18 -21.32
C ILE F 99 29.14 -34.08 -22.42
N CYS F 100 29.11 -33.58 -23.64
CA CYS F 100 28.73 -34.40 -24.79
C CYS F 100 29.37 -33.81 -26.04
N CYS F 101 29.38 -34.62 -27.09
CA CYS F 101 29.79 -34.17 -28.40
C CYS F 101 28.57 -34.05 -29.30
N THR F 102 28.77 -33.48 -30.50
CA THR F 102 27.65 -33.35 -31.42
C THR F 102 28.14 -33.58 -32.85
N ASN F 103 27.18 -33.59 -33.77
CA ASN F 103 27.40 -33.96 -35.15
C ASN F 103 28.03 -32.82 -35.97
N VAL F 104 27.91 -31.58 -35.51
CA VAL F 104 28.45 -30.42 -36.24
C VAL F 104 29.96 -30.42 -36.19
N PRO F 105 30.65 -30.40 -37.33
CA PRO F 105 32.11 -30.30 -37.33
C PRO F 105 32.57 -28.88 -37.04
N TRP F 106 33.87 -28.76 -36.77
CA TRP F 106 34.47 -27.47 -36.49
C TRP F 106 34.72 -26.69 -37.79
N ASN F 107 34.72 -25.38 -37.66
CA ASN F 107 34.97 -24.48 -38.79
C ASN F 107 36.10 -23.54 -38.41
N SER F 108 37.01 -23.31 -39.34
CA SER F 108 38.06 -22.30 -39.16
C SER F 108 37.54 -20.88 -39.31
N SER F 109 36.30 -20.71 -39.77
CA SER F 109 35.67 -19.39 -39.82
C SER F 109 35.40 -18.81 -38.44
N TRP F 110 35.40 -19.65 -37.41
CA TRP F 110 35.29 -19.23 -36.02
C TRP F 110 36.68 -19.13 -35.38
N SER F 111 37.65 -18.69 -36.18
CA SER F 111 39.10 -18.63 -35.95
C SER F 111 39.71 -20.02 -35.90
N ASN F 112 41.03 -20.10 -36.02
CA ASN F 112 41.72 -21.38 -36.17
C ASN F 112 42.89 -21.46 -35.20
N ARG F 113 42.61 -21.16 -33.93
CA ARG F 113 43.57 -21.41 -32.85
C ARG F 113 43.90 -22.90 -32.77
N ASN F 114 45.18 -23.21 -32.60
CA ASN F 114 45.60 -24.61 -32.48
C ASN F 114 45.08 -25.23 -31.19
N LEU F 115 45.31 -24.56 -30.06
CA LEU F 115 44.69 -24.78 -28.75
C LEU F 115 45.10 -26.11 -28.09
N SER F 116 45.86 -26.96 -28.78
CA SER F 116 46.15 -28.30 -28.29
C SER F 116 47.09 -28.27 -27.09
N GLU F 117 48.07 -27.37 -27.11
CA GLU F 117 48.89 -27.12 -25.93
C GLU F 117 48.25 -26.06 -25.03
N ILE F 118 47.41 -25.20 -25.61
CA ILE F 118 46.72 -24.17 -24.85
C ILE F 118 45.52 -24.74 -24.11
N TRP F 119 45.13 -25.98 -24.42
CA TRP F 119 44.07 -26.65 -23.66
C TRP F 119 44.48 -26.88 -22.21
N ASP F 120 45.78 -26.99 -21.95
CA ASP F 120 46.27 -27.17 -20.59
C ASP F 120 46.97 -25.94 -20.04
N ASN F 121 46.83 -24.79 -20.69
CA ASN F 121 47.16 -23.51 -20.06
C ASN F 121 45.98 -22.55 -20.01
N MET F 122 45.37 -22.27 -21.17
CA MET F 122 44.39 -21.25 -21.54
C MET F 122 44.30 -20.00 -20.61
N THR F 123 43.49 -19.93 -19.52
CA THR F 123 42.67 -20.74 -18.58
C THR F 123 41.14 -20.88 -18.87
N TRP F 124 40.27 -19.86 -18.76
CA TRP F 124 38.90 -20.02 -19.23
C TRP F 124 38.33 -18.78 -19.92
N LEU F 125 38.64 -17.59 -19.38
CA LEU F 125 37.89 -16.40 -19.72
C LEU F 125 38.29 -15.86 -21.08
N GLN F 126 39.57 -16.02 -21.44
CA GLN F 126 40.10 -15.51 -22.70
C GLN F 126 39.53 -16.27 -23.86
N TRP F 127 39.30 -17.57 -23.65
CA TRP F 127 38.61 -18.38 -24.62
C TRP F 127 37.18 -17.90 -24.81
N ASP F 128 36.54 -17.45 -23.73
CA ASP F 128 35.18 -16.95 -23.83
C ASP F 128 35.13 -15.68 -24.65
N LYS F 129 36.07 -14.75 -24.40
CA LYS F 129 36.05 -13.52 -25.19
C LYS F 129 36.48 -13.77 -26.63
N GLU F 130 37.31 -14.79 -26.87
CA GLU F 130 37.69 -15.13 -28.24
C GLU F 130 36.51 -15.73 -29.01
N ILE F 131 35.80 -16.67 -28.38
CA ILE F 131 34.74 -17.39 -29.09
C ILE F 131 33.42 -16.64 -29.10
N SER F 132 33.31 -15.54 -28.33
CA SER F 132 32.05 -14.80 -28.27
C SER F 132 31.66 -14.12 -29.58
N ASN F 133 32.58 -14.01 -30.54
CA ASN F 133 32.24 -13.45 -31.84
C ASN F 133 31.35 -14.36 -32.66
N TYR F 134 31.28 -15.65 -32.33
CA TYR F 134 30.58 -16.62 -33.17
C TYR F 134 29.62 -17.52 -32.42
N THR F 135 29.38 -17.28 -31.12
CA THR F 135 28.51 -18.15 -30.34
C THR F 135 27.06 -18.05 -30.80
N GLN F 136 26.64 -16.88 -31.26
CA GLN F 136 25.27 -16.68 -31.71
C GLN F 136 24.96 -17.44 -33.00
N ILE F 137 26.00 -17.84 -33.74
CA ILE F 137 25.80 -18.47 -35.04
C ILE F 137 25.77 -20.00 -34.93
N ILE F 138 26.60 -20.57 -34.07
CA ILE F 138 26.81 -22.01 -33.98
C ILE F 138 25.56 -22.73 -33.48
N TYR F 139 24.71 -22.04 -32.71
CA TYR F 139 23.54 -22.66 -32.11
C TYR F 139 22.51 -23.06 -33.16
N GLY F 140 22.41 -22.27 -34.24
CA GLY F 140 21.55 -22.66 -35.35
C GLY F 140 22.04 -23.90 -36.06
N LEU F 141 23.37 -24.05 -36.17
CA LEU F 141 23.96 -25.27 -36.74
C LEU F 141 23.63 -26.48 -35.89
N LEU F 142 23.74 -26.32 -34.56
CA LEU F 142 23.40 -27.41 -33.64
C LEU F 142 21.92 -27.79 -33.74
N GLU F 143 21.04 -26.79 -33.81
CA GLU F 143 19.61 -27.06 -33.89
C GLU F 143 19.24 -27.73 -35.21
N GLU F 144 19.86 -27.30 -36.32
CA GLU F 144 19.58 -27.91 -37.61
C GLU F 144 20.10 -29.34 -37.67
N SER F 145 21.28 -29.59 -37.10
CA SER F 145 21.79 -30.95 -37.04
C SER F 145 20.94 -31.84 -36.15
N GLN F 146 20.37 -31.28 -35.07
CA GLN F 146 19.45 -32.05 -34.25
C GLN F 146 18.17 -32.39 -35.02
N ASN F 147 17.67 -31.45 -35.83
CA ASN F 147 16.52 -31.74 -36.68
C ASN F 147 16.84 -32.82 -37.71
N GLN F 148 18.05 -32.78 -38.27
CA GLN F 148 18.52 -33.84 -39.17
C GLN F 148 18.50 -35.20 -38.50
N GLN F 149 19.06 -35.28 -37.28
CA GLN F 149 19.11 -36.53 -36.53
C GLN F 149 17.72 -37.05 -36.22
N GLU F 150 16.85 -36.18 -35.70
CA GLU F 150 15.49 -36.59 -35.31
C GLU F 150 14.68 -37.06 -36.53
N LYS F 151 14.72 -36.31 -37.63
CA LYS F 151 13.90 -36.68 -38.77
C LYS F 151 14.42 -37.92 -39.48
N ASN F 152 15.74 -38.04 -39.64
CA ASN F 152 16.29 -39.23 -40.29
C ASN F 152 16.08 -40.47 -39.44
N GLU F 153 16.24 -40.35 -38.12
CA GLU F 153 16.03 -41.50 -37.24
C GLU F 153 14.57 -41.87 -37.17
N GLN F 154 13.67 -40.86 -37.27
CA GLN F 154 12.24 -41.13 -37.24
C GLN F 154 11.80 -41.83 -38.51
N ASP F 155 12.36 -41.45 -39.66
CA ASP F 155 12.06 -42.16 -40.90
C ASP F 155 12.63 -43.58 -40.90
N LEU F 156 13.84 -43.74 -40.35
CA LEU F 156 14.46 -45.06 -40.30
C LEU F 156 13.67 -46.02 -39.42
N LEU F 157 13.16 -45.52 -38.29
CA LEU F 157 12.21 -46.34 -37.52
C LEU F 157 10.87 -46.43 -38.22
N ALA F 158 10.50 -45.45 -39.05
CA ALA F 158 9.24 -45.50 -39.76
C ALA F 158 9.25 -46.52 -40.90
N LEU F 159 10.43 -47.07 -41.23
CA LEU F 159 10.48 -48.23 -42.12
C LEU F 159 9.84 -49.49 -41.52
N ASP F 160 9.57 -49.50 -40.21
CA ASP F 160 8.78 -50.56 -39.57
C ASP F 160 7.37 -50.64 -40.16
N GLN G 1 14.65 22.41 -22.01
CA GLN G 1 13.66 22.25 -20.94
C GLN G 1 14.10 22.99 -19.69
N VAL G 2 15.35 22.78 -19.28
CA VAL G 2 15.88 23.45 -18.10
C VAL G 2 16.16 24.92 -18.43
N ARG G 3 15.84 25.80 -17.48
CA ARG G 3 16.05 27.23 -17.65
C ARG G 3 16.67 27.80 -16.38
N LEU G 4 17.55 28.79 -16.56
CA LEU G 4 18.24 29.44 -15.45
C LEU G 4 17.96 30.93 -15.55
N ALA G 5 16.86 31.37 -14.93
CA ALA G 5 16.53 32.78 -14.94
C ALA G 5 17.42 33.54 -13.98
N GLN G 6 17.79 34.76 -14.38
CA GLN G 6 18.63 35.61 -13.55
C GLN G 6 17.94 36.93 -13.32
N TYR G 7 18.11 37.45 -12.10
CA TYR G 7 17.51 38.73 -11.71
C TYR G 7 18.52 39.53 -10.91
N GLY G 8 18.37 40.84 -10.98
CA GLY G 8 19.35 41.77 -10.47
C GLY G 8 20.32 42.21 -11.55
N GLY G 9 20.85 43.42 -11.39
CA GLY G 9 21.81 43.92 -12.34
C GLY G 9 21.62 45.38 -12.68
N GLY G 10 21.92 45.74 -13.93
CA GLY G 10 21.85 47.15 -14.30
C GLY G 10 23.00 47.92 -13.70
N VAL G 11 22.71 49.11 -13.21
CA VAL G 11 23.72 50.00 -12.68
C VAL G 11 23.75 49.89 -11.16
N LYS G 12 24.96 49.76 -10.62
CA LYS G 12 25.18 49.78 -9.18
C LYS G 12 26.24 50.82 -8.84
N ARG G 13 26.09 51.44 -7.68
CA ARG G 13 26.95 52.53 -7.29
C ARG G 13 28.29 52.01 -6.77
N LEU G 14 29.30 52.88 -6.84
CA LEU G 14 30.66 52.50 -6.50
C LEU G 14 30.81 52.29 -4.99
N GLY G 15 31.50 51.21 -4.62
CA GLY G 15 31.78 50.91 -3.23
C GLY G 15 30.69 50.18 -2.48
N ALA G 16 29.56 49.90 -3.11
CA ALA G 16 28.41 49.31 -2.42
C ALA G 16 28.46 47.79 -2.48
N THR G 17 27.48 47.17 -1.80
CA THR G 17 27.33 45.72 -1.80
C THR G 17 26.11 45.33 -2.64
N MET G 18 26.31 44.37 -3.53
CA MET G 18 25.35 44.05 -4.58
C MET G 18 24.98 42.58 -4.48
N THR G 19 23.80 42.25 -4.97
CA THR G 19 23.22 40.91 -4.86
C THR G 19 22.66 40.51 -6.23
N LEU G 20 22.97 39.29 -6.64
CA LEU G 20 22.35 38.74 -7.85
C LEU G 20 21.63 37.45 -7.48
N SER G 21 20.54 37.16 -8.20
CA SER G 21 19.74 35.98 -7.89
C SER G 21 19.53 35.14 -9.15
N CYS G 22 19.43 33.84 -8.96
CA CYS G 22 19.11 32.91 -10.04
C CYS G 22 18.07 31.90 -9.60
N VAL G 23 17.21 31.52 -10.54
CA VAL G 23 16.17 30.53 -10.33
C VAL G 23 16.35 29.42 -11.36
N ALA G 24 16.43 28.18 -10.88
CA ALA G 24 16.44 26.99 -11.72
C ALA G 24 15.06 26.37 -11.74
N SER G 25 14.68 25.81 -12.88
CA SER G 25 13.30 25.43 -13.13
C SER G 25 13.08 23.94 -13.28
N GLY G 26 13.76 23.28 -14.22
CA GLY G 26 13.27 22.00 -14.69
C GLY G 26 14.15 20.78 -14.51
N TYR G 27 14.80 20.64 -13.36
CA TYR G 27 15.64 19.48 -13.10
C TYR G 27 15.76 19.27 -11.60
N THR G 28 16.32 18.12 -11.23
CA THR G 28 16.54 17.77 -9.82
C THR G 28 17.58 18.70 -9.22
N PHE G 29 17.15 19.52 -8.26
CA PHE G 29 17.94 20.65 -7.81
C PHE G 29 19.20 20.24 -7.05
N ASN G 30 19.18 19.06 -6.41
CA ASN G 30 20.31 18.65 -5.60
C ASN G 30 21.43 18.02 -6.40
N ASP G 31 21.19 17.67 -7.67
CA ASP G 31 22.11 16.79 -8.39
C ASP G 31 23.29 17.53 -9.01
N TYR G 32 23.14 18.79 -9.39
CA TYR G 32 24.12 19.47 -10.22
C TYR G 32 24.73 20.65 -9.48
N TYR G 33 26.04 20.81 -9.63
CA TYR G 33 26.74 21.95 -9.06
C TYR G 33 26.48 23.20 -9.90
N ILE G 34 26.67 24.38 -9.30
CA ILE G 34 26.45 25.62 -10.00
C ILE G 34 27.73 26.45 -9.94
N HIS G 35 28.22 26.88 -11.10
CA HIS G 35 29.39 27.73 -11.18
C HIS G 35 28.99 29.13 -11.60
N TRP G 36 29.77 30.12 -11.17
CA TRP G 36 29.52 31.53 -11.50
C TRP G 36 30.65 32.10 -12.34
N VAL G 37 30.36 32.44 -13.58
CA VAL G 37 31.38 32.92 -14.50
C VAL G 37 31.04 34.36 -14.89
N ARG G 38 32.08 35.11 -15.26
CA ARG G 38 31.92 36.50 -15.67
C ARG G 38 32.84 36.80 -16.83
N GLN G 39 32.48 37.84 -17.58
CA GLN G 39 33.29 38.32 -18.70
C GLN G 39 33.32 39.85 -18.65
N ALA G 40 34.51 40.39 -18.41
CA ALA G 40 34.75 41.81 -18.59
C ALA G 40 34.87 42.12 -20.08
N PRO G 41 34.52 43.33 -20.51
CA PRO G 41 34.69 43.68 -21.93
C PRO G 41 36.16 43.82 -22.30
N GLY G 42 36.52 43.26 -23.45
CA GLY G 42 37.90 43.25 -23.88
C GLY G 42 38.75 42.22 -23.19
N GLN G 43 38.15 41.30 -22.43
CA GLN G 43 38.88 40.27 -21.72
C GLN G 43 38.15 38.95 -21.87
N GLY G 44 38.91 37.86 -21.67
CA GLY G 44 38.31 36.55 -21.66
C GLY G 44 37.53 36.28 -20.39
N PHE G 45 36.81 35.17 -20.40
CA PHE G 45 36.06 34.76 -19.23
C PHE G 45 36.99 34.32 -18.10
N GLU G 46 36.48 34.35 -16.89
CA GLU G 46 37.20 33.84 -15.72
C GLU G 46 36.18 33.38 -14.69
N LEU G 47 36.59 32.45 -13.85
CA LEU G 47 35.69 31.85 -12.88
C LEU G 47 35.82 32.53 -11.52
N LEU G 48 34.67 32.83 -10.91
CA LEU G 48 34.66 33.36 -9.55
C LEU G 48 34.60 32.24 -8.53
N GLY G 49 33.63 31.34 -8.66
CA GLY G 49 33.53 30.24 -7.72
C GLY G 49 32.40 29.31 -8.09
N TYR G 50 32.16 28.34 -7.20
CA TYR G 50 31.07 27.41 -7.40
C TYR G 50 30.44 27.02 -6.06
N ILE G 51 29.25 26.47 -6.17
CA ILE G 51 28.39 26.14 -5.03
C ILE G 51 27.78 24.76 -5.26
N ASP G 52 27.69 23.99 -4.17
CA ASP G 52 26.89 22.79 -4.14
C ASP G 52 25.54 23.14 -3.53
N PRO G 53 24.43 23.01 -4.27
CA PRO G 53 23.14 23.39 -3.68
C PRO G 53 22.63 22.41 -2.64
N ALA G 54 23.16 21.18 -2.60
CA ALA G 54 22.66 20.18 -1.67
C ALA G 54 23.02 20.52 -0.23
N ASN G 55 24.29 20.85 0.02
CA ASN G 55 24.75 21.12 1.38
C ASN G 55 25.26 22.55 1.57
N GLY G 56 25.16 23.39 0.54
CA GLY G 56 25.59 24.77 0.66
C GLY G 56 27.09 24.97 0.72
N ARG G 57 27.86 24.01 0.24
CA ARG G 57 29.32 24.14 0.27
C ARG G 57 29.80 25.04 -0.85
N PRO G 58 30.47 26.15 -0.54
CA PRO G 58 31.07 26.96 -1.60
C PRO G 58 32.53 26.67 -1.82
N ASP G 59 33.05 27.23 -2.91
CA ASP G 59 34.49 27.32 -3.12
C ASP G 59 34.74 28.51 -4.02
N TYR G 60 35.83 29.22 -3.75
CA TYR G 60 36.05 30.57 -4.25
C TYR G 60 37.40 30.65 -4.95
N ALA G 61 37.55 31.65 -5.82
CA ALA G 61 38.85 31.87 -6.44
C ALA G 61 39.82 32.44 -5.41
N GLY G 62 41.11 32.33 -5.73
CA GLY G 62 42.14 32.72 -4.78
C GLY G 62 42.19 34.22 -4.51
N ALA G 63 41.99 35.03 -5.56
CA ALA G 63 42.10 36.46 -5.41
C ALA G 63 40.86 37.13 -4.83
N LEU G 64 39.75 36.41 -4.71
CA LEU G 64 38.49 37.04 -4.29
C LEU G 64 37.80 36.31 -3.14
N ARG G 65 38.57 35.73 -2.21
CA ARG G 65 37.95 35.00 -1.10
C ARG G 65 37.27 35.94 -0.10
N GLU G 66 37.68 37.20 -0.02
CA GLU G 66 37.17 38.11 1.00
C GLU G 66 35.96 38.90 0.56
N ARG G 67 35.77 39.09 -0.75
CA ARG G 67 34.70 39.95 -1.24
C ARG G 67 33.44 39.20 -1.63
N LEU G 68 33.52 37.91 -1.91
CA LEU G 68 32.37 37.16 -2.42
C LEU G 68 31.60 36.48 -1.30
N SER G 69 30.37 36.08 -1.63
CA SER G 69 29.56 35.18 -0.82
C SER G 69 28.50 34.54 -1.69
N PHE G 70 28.38 33.22 -1.60
CA PHE G 70 27.30 32.47 -2.21
C PHE G 70 26.43 31.87 -1.13
N TYR G 71 25.13 31.79 -1.40
CA TYR G 71 24.26 30.91 -0.62
C TYR G 71 23.04 30.57 -1.46
N ARG G 72 22.16 29.76 -0.89
CA ARG G 72 21.01 29.28 -1.64
C ARG G 72 19.87 28.99 -0.68
N ASP G 73 18.67 28.95 -1.25
CA ASP G 73 17.46 28.52 -0.57
C ASP G 73 16.95 27.30 -1.33
N LYS G 74 16.73 26.20 -0.62
CA LYS G 74 16.36 24.95 -1.25
C LYS G 74 14.86 24.86 -1.53
N SER G 75 14.04 25.58 -0.74
CA SER G 75 12.60 25.51 -0.93
C SER G 75 12.18 26.19 -2.23
N MET G 76 12.66 27.41 -2.45
CA MET G 76 12.32 28.19 -3.63
C MET G 76 13.35 27.96 -4.74
N GLU G 77 14.27 27.02 -4.50
CA GLU G 77 15.40 26.59 -5.36
C GLU G 77 16.16 27.77 -5.97
N THR G 78 16.46 28.75 -5.13
CA THR G 78 17.00 30.02 -5.57
C THR G 78 18.43 30.19 -5.07
N LEU G 79 19.28 30.80 -5.90
CA LEU G 79 20.70 30.96 -5.58
C LEU G 79 21.05 32.43 -5.58
N TYR G 80 21.94 32.83 -4.65
CA TYR G 80 22.25 34.25 -4.49
C TYR G 80 23.74 34.47 -4.37
N MET G 81 24.25 35.43 -5.15
CA MET G 81 25.51 36.13 -4.89
C MET G 81 25.29 37.36 -4.03
N ASP G 82 26.16 37.54 -3.05
CA ASP G 82 26.50 38.85 -2.51
C ASP G 82 27.95 39.15 -2.85
N LEU G 83 28.18 40.35 -3.37
CA LEU G 83 29.51 40.88 -3.61
C LEU G 83 29.65 42.21 -2.91
N ARG G 84 30.65 42.31 -2.03
CA ARG G 84 30.87 43.48 -1.22
C ARG G 84 31.94 44.36 -1.86
N SER G 85 31.80 45.68 -1.63
CA SER G 85 32.80 46.70 -1.95
C SER G 85 33.14 46.72 -3.44
N LEU G 86 32.14 47.10 -4.24
CA LEU G 86 32.28 47.12 -5.69
C LEU G 86 33.33 48.13 -6.12
N ARG G 87 34.15 47.73 -7.07
CA ARG G 87 35.18 48.59 -7.66
C ARG G 87 34.93 48.69 -9.16
N TYR G 88 35.63 49.64 -9.79
CA TYR G 88 35.30 50.03 -11.16
C TYR G 88 35.60 48.93 -12.17
N ASP G 89 36.54 48.03 -11.85
CA ASP G 89 36.93 46.98 -12.78
C ASP G 89 35.93 45.83 -12.83
N ASP G 90 34.91 45.83 -11.98
CA ASP G 90 33.96 44.73 -11.94
C ASP G 90 32.87 44.84 -13.00
N THR G 91 32.96 45.80 -13.93
CA THR G 91 32.03 45.91 -15.04
C THR G 91 32.06 44.67 -15.92
N ALA G 92 30.99 43.89 -15.91
CA ALA G 92 31.04 42.59 -16.58
C ALA G 92 29.65 42.07 -16.88
N MET G 93 29.62 41.09 -17.79
CA MET G 93 28.48 40.23 -17.97
C MET G 93 28.64 39.04 -17.02
N TYR G 94 27.61 38.78 -16.23
CA TYR G 94 27.67 37.70 -15.26
C TYR G 94 26.67 36.60 -15.62
N TYR G 95 27.14 35.35 -15.57
CA TYR G 95 26.32 34.19 -15.86
C TYR G 95 26.47 33.16 -14.75
N CYS G 96 25.37 32.48 -14.46
CA CYS G 96 25.44 31.19 -13.80
C CYS G 96 25.48 30.08 -14.84
N VAL G 97 26.16 28.98 -14.51
CA VAL G 97 26.19 27.81 -15.36
C VAL G 97 25.96 26.56 -14.52
N ARG G 98 25.20 25.63 -15.06
CA ARG G 98 25.04 24.32 -14.46
C ARG G 98 26.23 23.44 -14.84
N ASN G 99 26.65 22.59 -13.90
CA ASN G 99 27.79 21.71 -14.12
C ASN G 99 27.35 20.26 -14.10
N VAL G 100 27.86 19.51 -15.05
CA VAL G 100 27.66 18.06 -15.11
C VAL G 100 28.83 17.39 -14.41
N GLY G 101 28.54 16.45 -13.54
CA GLY G 101 29.58 15.76 -12.80
C GLY G 101 29.23 14.32 -12.54
N THR G 102 30.27 13.53 -12.32
CA THR G 102 30.12 12.12 -11.99
C THR G 102 29.93 11.97 -10.48
N ALA G 103 30.03 10.73 -9.99
CA ALA G 103 29.93 10.49 -8.56
C ALA G 103 31.15 11.02 -7.82
N GLY G 104 32.29 11.17 -8.51
CA GLY G 104 33.50 11.60 -7.84
C GLY G 104 34.16 12.83 -8.44
N SER G 105 33.84 13.15 -9.68
CA SER G 105 34.52 14.24 -10.38
C SER G 105 33.52 15.13 -11.08
N LEU G 106 33.99 16.32 -11.47
CA LEU G 106 33.22 17.29 -12.22
C LEU G 106 33.74 17.38 -13.64
N LEU G 107 32.88 17.84 -14.54
CA LEU G 107 33.13 17.75 -15.98
C LEU G 107 32.69 19.06 -16.63
N HIS G 108 32.44 19.02 -17.93
CA HIS G 108 32.05 20.18 -18.73
C HIS G 108 30.75 20.82 -18.24
N TYR G 109 30.53 22.05 -18.70
CA TYR G 109 29.28 22.77 -18.45
C TYR G 109 28.31 22.53 -19.60
N ASP G 110 27.02 22.42 -19.29
CA ASP G 110 26.01 22.18 -20.31
C ASP G 110 25.23 23.43 -20.69
N HIS G 111 24.62 24.11 -19.72
CA HIS G 111 23.72 25.21 -19.99
C HIS G 111 24.25 26.51 -19.41
N TRP G 112 23.91 27.60 -20.06
CA TRP G 112 24.27 28.94 -19.61
C TRP G 112 23.00 29.72 -19.38
N GLY G 113 22.97 30.51 -18.31
CA GLY G 113 21.81 31.31 -17.99
C GLY G 113 21.65 32.49 -18.93
N SER G 114 20.54 33.20 -18.74
CA SER G 114 20.25 34.38 -19.54
C SER G 114 21.22 35.52 -19.25
N GLY G 115 21.85 35.53 -18.10
CA GLY G 115 22.86 36.52 -17.78
C GLY G 115 22.29 37.74 -17.07
N SER G 116 23.21 38.57 -16.60
CA SER G 116 22.86 39.80 -15.88
C SER G 116 24.00 40.78 -16.05
N PRO G 117 23.80 41.86 -16.80
CA PRO G 117 24.87 42.85 -16.95
C PRO G 117 25.01 43.69 -15.70
N VAL G 118 26.26 44.03 -15.37
CA VAL G 118 26.54 44.89 -14.23
C VAL G 118 27.41 46.05 -14.68
N ILE G 119 26.92 47.27 -14.50
CA ILE G 119 27.67 48.48 -14.77
C ILE G 119 27.92 49.17 -13.45
N VAL G 120 29.19 49.34 -13.10
CA VAL G 120 29.57 50.00 -11.86
C VAL G 120 30.07 51.40 -12.18
N SER G 121 29.45 52.38 -11.53
CA SER G 121 29.76 53.81 -11.60
C SER G 121 28.93 54.50 -10.53
N SER G 122 29.40 55.65 -10.08
CA SER G 122 28.65 56.53 -9.20
C SER G 122 28.54 57.87 -9.91
N ALA G 123 27.53 57.98 -10.77
CA ALA G 123 27.33 59.18 -11.56
C ALA G 123 25.84 59.36 -11.82
N SER G 124 25.37 60.59 -11.73
CA SER G 124 23.96 60.89 -11.93
C SER G 124 23.59 60.81 -13.41
N THR G 125 22.29 60.80 -13.67
CA THR G 125 21.80 60.85 -15.04
C THR G 125 22.13 62.21 -15.65
N LYS G 126 22.85 62.21 -16.75
CA LYS G 126 23.42 63.42 -17.29
C LYS G 126 23.40 63.37 -18.81
N GLY G 127 23.12 64.52 -19.43
CA GLY G 127 23.13 64.62 -20.86
C GLY G 127 24.54 64.66 -21.41
N PRO G 128 24.64 64.63 -22.74
CA PRO G 128 25.96 64.53 -23.37
C PRO G 128 26.64 65.86 -23.64
N SER G 129 27.93 65.91 -23.35
CA SER G 129 28.79 66.97 -23.85
C SER G 129 29.24 66.61 -25.26
N VAL G 130 29.03 67.53 -26.19
CA VAL G 130 29.16 67.26 -27.61
C VAL G 130 30.23 68.16 -28.19
N PHE G 131 31.30 67.56 -28.73
CA PHE G 131 32.46 68.30 -29.22
C PHE G 131 32.66 68.03 -30.70
N PRO G 132 32.61 69.05 -31.56
CA PRO G 132 32.68 68.83 -33.01
C PRO G 132 34.12 68.66 -33.49
N LEU G 133 34.49 67.42 -33.83
CA LEU G 133 35.84 67.18 -34.28
C LEU G 133 36.00 67.71 -35.69
N ALA G 134 37.10 68.42 -35.93
CA ALA G 134 37.24 69.23 -37.14
C ALA G 134 37.34 68.34 -38.38
N PRO G 135 36.70 68.73 -39.48
CA PRO G 135 36.85 68.01 -40.74
C PRO G 135 38.29 68.04 -41.25
N SER G 136 38.67 66.97 -41.93
CA SER G 136 40.04 66.77 -42.40
C SER G 136 40.35 67.73 -43.55
N SER G 137 40.99 68.84 -43.23
CA SER G 137 41.34 69.84 -44.22
C SER G 137 42.50 70.71 -43.76
N GLY G 143 40.78 62.07 -51.94
CA GLY G 143 39.53 62.63 -52.41
C GLY G 143 38.42 62.58 -51.39
N THR G 144 38.37 61.49 -50.64
CA THR G 144 37.39 61.34 -49.57
C THR G 144 37.98 61.86 -48.27
N ALA G 145 37.30 62.83 -47.66
CA ALA G 145 37.68 63.39 -46.36
C ALA G 145 36.60 63.10 -45.34
N ALA G 146 37.02 62.78 -44.12
CA ALA G 146 36.08 62.40 -43.08
C ALA G 146 35.97 63.50 -42.03
N LEU G 147 34.78 63.59 -41.43
CA LEU G 147 34.53 64.52 -40.35
C LEU G 147 33.72 63.81 -39.27
N GLY G 148 33.86 64.29 -38.04
CA GLY G 148 33.27 63.55 -36.95
C GLY G 148 33.01 64.38 -35.71
N CYS G 149 32.61 63.68 -34.66
CA CYS G 149 32.17 64.32 -33.44
C CYS G 149 32.44 63.40 -32.27
N LEU G 150 32.59 64.00 -31.09
CA LEU G 150 32.88 63.28 -29.86
C LEU G 150 31.73 63.48 -28.89
N VAL G 151 31.11 62.38 -28.47
CA VAL G 151 30.12 62.38 -27.42
C VAL G 151 30.83 62.00 -26.13
N LYS G 152 30.63 62.80 -25.08
CA LYS G 152 31.46 62.71 -23.89
C LYS G 152 30.60 62.90 -22.65
N ASP G 153 30.84 62.05 -21.65
CA ASP G 153 30.35 62.24 -20.26
C ASP G 153 28.82 62.25 -20.20
N TYR G 154 28.20 61.25 -20.80
CA TYR G 154 26.77 61.08 -20.73
C TYR G 154 26.44 59.80 -19.98
N PHE G 155 25.34 59.84 -19.24
CA PHE G 155 24.93 58.66 -18.49
C PHE G 155 23.43 58.73 -18.28
N PRO G 156 22.70 57.61 -18.42
CA PRO G 156 23.15 56.29 -18.85
C PRO G 156 22.97 56.04 -20.35
N GLU G 157 23.12 54.77 -20.73
CA GLU G 157 22.91 54.34 -22.10
C GLU G 157 21.42 54.35 -22.44
N PRO G 158 21.07 54.53 -23.73
CA PRO G 158 21.90 54.77 -24.92
C PRO G 158 21.98 56.24 -25.34
N VAL G 159 22.54 56.47 -26.53
CA VAL G 159 22.58 57.80 -27.15
C VAL G 159 22.33 57.61 -28.65
N THR G 160 21.69 58.60 -29.27
CA THR G 160 21.33 58.53 -30.67
C THR G 160 22.08 59.60 -31.45
N VAL G 161 22.82 59.18 -32.48
CA VAL G 161 23.62 60.06 -33.31
C VAL G 161 23.20 59.90 -34.76
N SER G 162 22.98 61.02 -35.44
CA SER G 162 22.69 61.00 -36.88
C SER G 162 23.32 62.22 -37.52
N TRP G 163 23.26 62.27 -38.85
CA TRP G 163 23.89 63.35 -39.61
C TRP G 163 22.91 63.95 -40.60
N ASN G 164 22.86 65.29 -40.61
CA ASN G 164 22.01 66.09 -41.49
C ASN G 164 20.54 65.70 -41.37
N SER G 165 20.10 65.55 -40.10
CA SER G 165 18.77 65.03 -39.74
C SER G 165 18.50 63.68 -40.38
N GLY G 166 19.51 62.81 -40.39
CA GLY G 166 19.40 61.49 -40.96
C GLY G 166 19.65 61.40 -42.45
N ALA G 167 19.96 62.51 -43.13
CA ALA G 167 20.12 62.46 -44.57
C ALA G 167 21.51 61.97 -44.96
N LEU G 168 22.56 62.56 -44.41
CA LEU G 168 23.94 62.24 -44.79
C LEU G 168 24.32 60.90 -44.17
N THR G 169 24.08 59.84 -44.94
CA THR G 169 24.34 58.47 -44.50
C THR G 169 25.57 57.84 -45.16
N SER G 170 26.36 58.62 -45.89
CA SER G 170 27.49 58.07 -46.64
C SER G 170 28.64 57.74 -45.68
N GLY G 171 28.79 56.46 -45.35
CA GLY G 171 29.83 56.06 -44.42
C GLY G 171 29.62 56.51 -42.99
N VAL G 172 28.39 56.40 -42.49
CA VAL G 172 28.13 56.66 -41.08
C VAL G 172 28.60 55.47 -40.25
N HIS G 173 29.47 55.74 -39.27
CA HIS G 173 29.99 54.69 -38.41
C HIS G 173 29.94 55.19 -36.97
N THR G 174 28.82 54.92 -36.31
CA THR G 174 28.65 55.24 -34.89
C THR G 174 29.30 54.11 -34.10
N PHE G 175 30.46 54.40 -33.52
CA PHE G 175 31.21 53.40 -32.78
C PHE G 175 30.50 53.08 -31.46
N PRO G 176 30.65 51.85 -30.95
CA PRO G 176 29.96 51.49 -29.70
C PRO G 176 30.50 52.25 -28.50
N ALA G 177 29.64 52.39 -27.51
CA ALA G 177 29.92 53.24 -26.35
C ALA G 177 31.04 52.66 -25.50
N VAL G 178 31.93 53.53 -25.04
CA VAL G 178 33.09 53.14 -24.26
C VAL G 178 32.95 53.74 -22.87
N LEU G 179 33.02 52.90 -21.84
CA LEU G 179 32.96 53.34 -20.46
C LEU G 179 34.35 53.77 -20.01
N GLN G 180 34.47 55.03 -19.60
CA GLN G 180 35.75 55.57 -19.18
C GLN G 180 36.08 55.12 -17.76
N SER G 181 37.24 55.58 -17.28
CA SER G 181 37.68 55.21 -15.93
C SER G 181 36.86 55.92 -14.86
N SER G 182 36.40 57.14 -15.14
CA SER G 182 35.66 57.91 -14.15
C SER G 182 34.27 57.38 -13.90
N GLY G 183 33.73 56.57 -14.81
CA GLY G 183 32.37 56.09 -14.72
C GLY G 183 31.40 56.77 -15.68
N LEU G 184 31.88 57.30 -16.79
CA LEU G 184 31.04 57.99 -17.76
C LEU G 184 31.33 57.41 -19.14
N TYR G 185 30.35 57.55 -20.04
CA TYR G 185 30.45 57.00 -21.38
C TYR G 185 30.92 58.04 -22.38
N SER G 186 31.69 57.58 -23.36
CA SER G 186 32.16 58.43 -24.44
C SER G 186 32.33 57.60 -25.70
N LEU G 187 32.14 58.25 -26.85
CA LEU G 187 32.27 57.59 -28.14
C LEU G 187 32.57 58.64 -29.20
N SER G 188 32.99 58.16 -30.37
CA SER G 188 33.28 59.00 -31.52
C SER G 188 32.43 58.55 -32.69
N SER G 189 31.72 59.50 -33.31
CA SER G 189 30.93 59.23 -34.49
C SER G 189 31.56 59.89 -35.70
N VAL G 190 31.66 59.16 -36.81
CA VAL G 190 32.38 59.62 -37.99
C VAL G 190 31.50 59.47 -39.22
N VAL G 191 31.79 60.27 -40.25
CA VAL G 191 31.12 60.20 -41.53
C VAL G 191 32.11 60.71 -42.58
N THR G 192 31.96 60.23 -43.82
CA THR G 192 32.89 60.56 -44.87
C THR G 192 32.18 61.24 -46.03
N VAL G 193 32.80 62.28 -46.56
CA VAL G 193 32.27 63.10 -47.65
C VAL G 193 33.39 63.30 -48.66
N PRO G 194 33.15 63.85 -49.84
CA PRO G 194 34.28 64.31 -50.67
C PRO G 194 35.01 65.49 -50.02
N SER G 195 36.28 65.64 -50.39
CA SER G 195 37.13 66.68 -49.81
C SER G 195 36.68 68.07 -50.24
N SER G 196 36.22 68.21 -51.48
CA SER G 196 35.68 69.48 -51.95
C SER G 196 34.38 69.83 -51.24
N SER G 197 33.61 68.83 -50.83
CA SER G 197 32.33 69.03 -50.16
C SER G 197 32.48 69.68 -48.79
N LEU G 198 33.69 69.71 -48.23
CA LEU G 198 33.95 70.49 -47.02
C LEU G 198 33.71 71.97 -47.26
N GLY G 199 33.99 72.46 -48.47
CA GLY G 199 33.76 73.86 -48.76
C GLY G 199 32.34 74.22 -49.17
N THR G 200 31.50 73.23 -49.46
CA THR G 200 30.17 73.51 -50.01
C THR G 200 29.03 72.94 -49.19
N GLN G 201 29.17 71.72 -48.68
CA GLN G 201 28.06 71.00 -48.06
C GLN G 201 27.93 71.41 -46.60
N THR G 202 26.69 71.49 -46.11
CA THR G 202 26.45 71.78 -44.70
C THR G 202 26.41 70.50 -43.87
N TYR G 203 26.72 70.63 -42.59
CA TYR G 203 26.92 69.47 -41.72
C TYR G 203 26.25 69.67 -40.36
N ILE G 204 25.43 68.70 -39.98
CA ILE G 204 24.70 68.70 -38.72
C ILE G 204 25.01 67.40 -38.01
N CYS G 205 25.41 67.48 -36.75
CA CYS G 205 25.55 66.28 -35.93
C CYS G 205 24.41 66.27 -34.92
N ASN G 206 23.39 65.45 -35.18
CA ASN G 206 22.23 65.36 -34.30
C ASN G 206 22.52 64.36 -33.19
N VAL G 207 22.48 64.83 -31.94
CA VAL G 207 22.69 63.98 -30.77
C VAL G 207 21.45 64.08 -29.90
N ASN G 208 20.87 62.94 -29.57
CA ASN G 208 19.70 62.87 -28.70
C ASN G 208 19.98 61.88 -27.57
N HIS G 209 19.60 62.26 -26.35
CA HIS G 209 19.81 61.42 -25.17
C HIS G 209 18.45 61.18 -24.54
N LYS G 210 17.94 59.96 -24.71
CA LYS G 210 16.62 59.60 -24.21
C LYS G 210 16.46 59.61 -22.69
N PRO G 211 17.39 59.10 -21.85
CA PRO G 211 17.15 59.17 -20.39
C PRO G 211 17.17 60.59 -19.84
N SER G 212 18.17 61.40 -20.18
CA SER G 212 18.10 62.82 -19.85
C SER G 212 17.14 63.56 -20.77
N ASN G 213 16.86 62.98 -21.94
CA ASN G 213 15.93 63.51 -22.95
C ASN G 213 16.36 64.91 -23.39
N THR G 214 17.61 65.01 -23.83
CA THR G 214 18.18 66.27 -24.28
C THR G 214 18.76 66.10 -25.68
N LYS G 215 18.54 67.09 -26.54
CA LYS G 215 18.92 66.98 -27.95
C LYS G 215 19.65 68.23 -28.41
N VAL G 216 20.82 68.03 -29.02
CA VAL G 216 21.64 69.12 -29.55
C VAL G 216 22.01 68.77 -30.99
N ASP G 217 21.80 69.72 -31.91
CA ASP G 217 22.23 69.57 -33.30
C ASP G 217 23.49 70.41 -33.48
N LYS G 218 24.63 69.78 -33.21
CA LYS G 218 25.90 70.49 -33.15
C LYS G 218 26.42 70.82 -34.55
N ARG G 219 27.09 71.98 -34.63
CA ARG G 219 27.72 72.46 -35.85
C ARG G 219 29.12 71.86 -35.95
N VAL G 220 29.29 70.91 -36.86
CA VAL G 220 30.61 70.36 -37.17
C VAL G 220 31.20 71.09 -38.40
N GLU G 221 30.35 71.67 -39.24
CA GLU G 221 30.79 72.42 -40.40
C GLU G 221 31.75 73.61 -40.20
N PRO G 222 31.63 74.51 -39.18
CA PRO G 222 32.35 75.80 -39.28
C PRO G 222 33.87 75.71 -39.22
N LYS G 223 34.43 74.67 -38.61
CA LYS G 223 35.89 74.50 -38.61
C LYS G 223 36.32 73.62 -39.78
N SER G 224 36.00 74.08 -40.99
CA SER G 224 36.49 73.47 -42.23
C SER G 224 37.84 74.09 -42.59
N CYS G 225 38.81 73.91 -41.70
CA CYS G 225 40.09 74.58 -41.79
C CYS G 225 41.19 73.72 -41.19
N GLU H 1 47.50 28.99 -13.60
CA GLU H 1 48.21 27.75 -13.86
C GLU H 1 48.12 27.38 -15.34
N ILE H 2 47.04 26.73 -15.72
CA ILE H 2 46.81 26.35 -17.11
C ILE H 2 46.39 27.59 -17.90
N VAL H 3 47.04 27.81 -19.05
CA VAL H 3 46.67 28.91 -19.93
C VAL H 3 46.28 28.36 -21.30
N LEU H 4 44.99 28.43 -21.62
CA LEU H 4 44.53 28.08 -22.96
C LEU H 4 44.75 29.26 -23.90
N THR H 5 45.70 29.12 -24.82
CA THR H 5 45.94 30.13 -25.84
C THR H 5 45.21 29.69 -27.11
N GLN H 6 44.07 30.33 -27.37
CA GLN H 6 43.33 30.04 -28.59
C GLN H 6 44.00 30.75 -29.77
N SER H 7 43.88 30.15 -30.95
CA SER H 7 44.58 30.66 -32.12
C SER H 7 43.80 30.29 -33.38
N PRO H 8 43.73 31.20 -34.36
CA PRO H 8 44.16 32.60 -34.30
C PRO H 8 43.05 33.45 -33.70
N ALA H 9 43.20 34.78 -33.69
CA ALA H 9 42.14 35.63 -33.18
C ALA H 9 40.95 35.67 -34.13
N THR H 10 41.20 35.65 -35.44
CA THR H 10 40.16 35.83 -36.44
C THR H 10 40.41 34.90 -37.62
N LEU H 11 39.35 34.20 -38.05
CA LEU H 11 39.38 33.36 -39.22
C LEU H 11 38.34 33.83 -40.23
N SER H 12 38.68 33.70 -41.51
CA SER H 12 37.85 34.20 -42.59
C SER H 12 37.53 33.06 -43.55
N ALA H 13 36.25 32.94 -43.92
CA ALA H 13 35.83 31.91 -44.87
C ALA H 13 34.55 32.35 -45.55
N SER H 14 34.31 31.76 -46.72
CA SER H 14 33.08 31.85 -47.48
C SER H 14 32.09 30.80 -46.97
N PRO H 15 30.78 31.00 -47.16
CA PRO H 15 29.80 30.04 -46.64
C PRO H 15 29.89 28.67 -47.32
N GLY H 16 29.65 27.64 -46.51
CA GLY H 16 29.71 26.26 -46.97
C GLY H 16 31.07 25.60 -46.83
N GLU H 17 32.12 26.36 -46.58
CA GLU H 17 33.48 25.83 -46.61
C GLU H 17 33.86 25.19 -45.28
N ARG H 18 35.10 24.75 -45.19
CA ARG H 18 35.68 24.14 -44.00
C ARG H 18 36.61 25.13 -43.30
N VAL H 19 36.56 25.14 -41.97
CA VAL H 19 37.37 26.06 -41.17
C VAL H 19 37.86 25.30 -39.94
N THR H 20 39.01 25.74 -39.40
CA THR H 20 39.71 24.99 -38.37
C THR H 20 40.33 25.95 -37.35
N LEU H 21 39.98 25.76 -36.08
CA LEU H 21 40.44 26.58 -34.97
C LEU H 21 41.34 25.73 -34.08
N THR H 22 42.43 26.32 -33.57
CA THR H 22 43.37 25.60 -32.73
C THR H 22 43.34 26.17 -31.33
N CYS H 23 43.52 25.29 -30.34
CA CYS H 23 43.64 25.71 -28.95
C CYS H 23 44.89 25.04 -28.40
N ARG H 24 45.85 25.86 -27.95
CA ARG H 24 47.13 25.39 -27.44
C ARG H 24 47.13 25.46 -25.92
N ALA H 25 47.42 24.34 -25.29
CA ALA H 25 47.47 24.29 -23.83
C ALA H 25 48.87 24.60 -23.34
N SER H 26 48.96 25.07 -22.10
CA SER H 26 50.26 25.37 -21.51
C SER H 26 51.00 24.09 -21.12
N ARG H 27 50.27 23.07 -20.69
CA ARG H 27 50.85 21.77 -20.36
C ARG H 27 49.77 20.70 -20.56
N SER H 28 50.05 19.49 -20.07
CA SER H 28 49.16 18.36 -20.32
C SER H 28 47.85 18.50 -19.55
N VAL H 29 46.74 18.30 -20.26
CA VAL H 29 45.40 18.47 -19.69
C VAL H 29 44.57 17.22 -19.95
N ARG H 30 45.25 16.12 -20.34
CA ARG H 30 44.64 14.86 -20.81
C ARG H 30 43.69 15.21 -21.97
N ASN H 31 42.44 14.80 -21.92
CA ASN H 31 41.43 15.22 -22.88
C ASN H 31 40.22 15.84 -22.20
N ASN H 32 40.46 16.60 -21.13
CA ASN H 32 39.38 17.26 -20.39
C ASN H 32 39.11 18.65 -20.96
N VAL H 33 38.80 18.68 -22.26
CA VAL H 33 38.71 19.90 -23.05
C VAL H 33 37.37 19.95 -23.75
N ALA H 34 36.73 21.12 -23.70
CA ALA H 34 35.45 21.34 -24.34
C ALA H 34 35.56 22.53 -25.28
N TRP H 35 34.60 22.60 -26.21
CA TRP H 35 34.49 23.69 -27.16
C TRP H 35 33.06 24.20 -27.15
N TYR H 36 32.89 25.52 -27.10
CA TYR H 36 31.59 26.17 -26.99
C TYR H 36 31.42 27.21 -28.09
N GLN H 37 30.19 27.32 -28.58
CA GLN H 37 29.78 28.33 -29.54
C GLN H 37 29.08 29.47 -28.82
N HIS H 38 29.54 30.69 -29.07
CA HIS H 38 29.02 31.89 -28.42
C HIS H 38 28.14 32.64 -29.41
N LYS H 39 26.86 32.78 -29.07
CA LYS H 39 25.92 33.52 -29.91
C LYS H 39 26.18 35.02 -29.74
N GLY H 40 25.53 35.84 -30.57
CA GLY H 40 25.73 37.27 -30.51
C GLY H 40 24.98 37.97 -29.39
N GLY H 41 25.17 37.51 -28.15
CA GLY H 41 24.57 38.14 -27.00
C GLY H 41 23.87 37.16 -26.08
N GLN H 42 23.48 36.02 -26.61
CA GLN H 42 22.66 35.06 -25.89
C GLN H 42 23.53 34.07 -25.13
N SER H 43 22.91 33.02 -24.61
CA SER H 43 23.63 32.01 -23.86
C SER H 43 24.50 31.17 -24.80
N PRO H 44 25.77 30.96 -24.47
CA PRO H 44 26.61 30.07 -25.28
C PRO H 44 26.14 28.62 -25.19
N ARG H 45 26.41 27.88 -26.26
CA ARG H 45 25.96 26.49 -26.40
C ARG H 45 27.15 25.55 -26.39
N LEU H 46 27.01 24.44 -25.67
CA LEU H 46 28.02 23.39 -25.69
C LEU H 46 28.07 22.73 -27.06
N LEU H 47 29.24 22.76 -27.69
CA LEU H 47 29.45 22.01 -28.93
C LEU H 47 30.08 20.66 -28.67
N ILE H 48 31.27 20.63 -28.08
CA ILE H 48 32.06 19.41 -28.01
C ILE H 48 32.61 19.25 -26.60
N TYR H 49 32.48 18.05 -26.03
CA TYR H 49 33.13 17.73 -24.78
C TYR H 49 34.03 16.52 -24.98
N ASP H 50 35.04 16.41 -24.11
CA ASP H 50 36.07 15.37 -24.11
C ASP H 50 36.87 15.33 -25.41
N ALA H 51 36.96 16.48 -26.10
CA ALA H 51 37.85 16.79 -27.22
C ALA H 51 37.52 16.06 -28.52
N SER H 52 36.58 15.11 -28.50
CA SER H 52 36.15 14.48 -29.73
C SER H 52 34.67 14.14 -29.80
N THR H 53 33.90 14.33 -28.73
CA THR H 53 32.52 13.87 -28.69
C THR H 53 31.57 15.03 -28.94
N ARG H 54 30.77 14.91 -30.00
CA ARG H 54 29.74 15.91 -30.28
C ARG H 54 28.61 15.79 -29.27
N ALA H 55 28.12 16.93 -28.80
CA ALA H 55 27.07 16.95 -27.79
C ALA H 55 25.71 16.70 -28.44
N ALA H 56 24.70 16.51 -27.59
CA ALA H 56 23.36 16.19 -28.05
C ALA H 56 22.69 17.40 -28.69
N GLY H 57 22.03 17.17 -29.83
CA GLY H 57 21.34 18.21 -30.54
C GLY H 57 22.21 19.08 -31.42
N VAL H 58 23.53 18.91 -31.37
CA VAL H 58 24.47 19.69 -32.16
C VAL H 58 24.39 19.20 -33.60
N PRO H 59 24.45 20.08 -34.60
CA PRO H 59 24.54 19.63 -35.98
C PRO H 59 25.80 18.81 -36.25
N ALA H 60 25.69 17.84 -37.15
CA ALA H 60 26.74 16.86 -37.37
C ALA H 60 27.93 17.42 -38.13
N ARG H 61 27.82 18.62 -38.71
CA ARG H 61 28.93 19.20 -39.46
C ARG H 61 30.10 19.61 -38.58
N PHE H 62 29.88 19.76 -37.28
CA PHE H 62 30.96 20.07 -36.34
C PHE H 62 31.77 18.81 -36.03
N SER H 63 33.07 19.01 -35.81
CA SER H 63 33.95 17.91 -35.44
C SER H 63 35.10 18.46 -34.61
N GLY H 64 35.73 17.58 -33.84
CA GLY H 64 36.83 18.00 -33.00
C GLY H 64 37.76 16.85 -32.74
N SER H 65 39.02 17.20 -32.47
CA SER H 65 40.05 16.19 -32.32
C SER H 65 41.12 16.68 -31.35
N ALA H 66 41.85 15.72 -30.80
CA ALA H 66 42.97 15.98 -29.90
C ALA H 66 44.27 15.49 -30.52
N SER H 67 45.34 16.20 -30.23
CA SER H 67 46.67 15.85 -30.74
C SER H 67 47.70 15.97 -29.62
N GLY H 68 47.35 15.48 -28.44
CA GLY H 68 48.25 15.60 -27.28
C GLY H 68 48.00 16.90 -26.51
N THR H 69 48.88 17.88 -26.70
CA THR H 69 48.76 19.19 -26.07
C THR H 69 48.24 20.24 -27.04
N GLU H 70 47.38 19.83 -27.98
CA GLU H 70 46.82 20.73 -28.97
C GLU H 70 45.46 20.19 -29.37
N PHE H 71 44.48 21.09 -29.50
CA PHE H 71 43.12 20.65 -29.76
C PHE H 71 42.54 21.41 -30.94
N THR H 72 41.74 20.70 -31.75
CA THR H 72 41.35 21.16 -33.06
C THR H 72 39.83 21.11 -33.20
N LEU H 73 39.24 22.25 -33.58
CA LEU H 73 37.81 22.35 -33.85
C LEU H 73 37.62 22.61 -35.33
N ALA H 74 36.88 21.73 -36.01
CA ALA H 74 36.71 21.80 -37.45
C ALA H 74 35.23 21.89 -37.80
N ILE H 75 34.88 22.86 -38.64
CA ILE H 75 33.54 22.98 -39.19
C ILE H 75 33.61 22.69 -40.69
N SER H 76 32.83 21.71 -41.13
CA SER H 76 32.90 21.23 -42.51
C SER H 76 32.05 22.03 -43.48
N ASN H 77 30.88 22.48 -43.03
CA ASN H 77 29.86 23.09 -43.88
C ASN H 77 29.40 24.41 -43.28
N LEU H 78 30.38 25.30 -43.03
CA LEU H 78 30.20 26.59 -42.35
C LEU H 78 29.08 27.43 -42.96
N GLU H 79 28.05 27.66 -42.15
CA GLU H 79 26.84 28.35 -42.58
C GLU H 79 26.97 29.85 -42.34
N SER H 80 25.98 30.60 -42.82
CA SER H 80 25.94 32.03 -42.57
C SER H 80 25.67 32.33 -41.09
N GLU H 81 24.90 31.47 -40.43
CA GLU H 81 24.63 31.63 -39.01
C GLU H 81 25.83 31.31 -38.15
N ASP H 82 26.80 30.58 -38.69
CA ASP H 82 27.94 30.11 -37.92
C ASP H 82 29.06 31.14 -37.81
N PHE H 83 28.92 32.30 -38.44
CA PHE H 83 29.93 33.36 -38.34
C PHE H 83 29.80 34.05 -36.99
N THR H 84 30.39 33.42 -35.98
CA THR H 84 30.30 33.92 -34.62
C THR H 84 31.59 33.56 -33.88
N VAL H 85 31.56 33.70 -32.56
CA VAL H 85 32.70 33.45 -31.70
C VAL H 85 32.64 32.00 -31.22
N TYR H 86 33.80 31.35 -31.14
CA TYR H 86 33.91 30.03 -30.53
C TYR H 86 35.08 30.07 -29.56
N PHE H 87 34.95 29.34 -28.45
CA PHE H 87 36.03 29.34 -27.47
C PHE H 87 36.24 27.96 -26.86
N CYS H 88 37.47 27.71 -26.44
CA CYS H 88 37.90 26.44 -25.88
C CYS H 88 38.04 26.55 -24.35
N LEU H 89 37.63 25.48 -23.67
CA LEU H 89 37.61 25.39 -22.22
C LEU H 89 38.36 24.13 -21.82
N GLN H 90 38.94 24.14 -20.62
CA GLN H 90 39.56 22.95 -20.08
C GLN H 90 39.08 22.70 -18.66
N TYR H 91 39.07 21.43 -18.25
CA TYR H 91 38.66 21.08 -16.89
C TYR H 91 39.52 19.95 -16.32
N ASN H 92 40.79 19.86 -16.71
CA ASN H 92 41.70 18.92 -16.08
C ASN H 92 42.08 19.36 -14.68
N ASN H 93 41.95 20.64 -14.39
CA ASN H 93 42.32 21.27 -13.14
C ASN H 93 41.34 22.41 -12.93
N TRP H 94 41.77 23.43 -12.19
CA TRP H 94 40.99 24.66 -12.07
C TRP H 94 40.67 25.25 -13.44
N TRP H 95 39.54 25.94 -13.49
CA TRP H 95 38.84 26.22 -14.72
C TRP H 95 39.36 27.50 -15.33
N THR H 96 39.73 27.43 -16.61
CA THR H 96 40.24 28.60 -17.32
C THR H 96 39.57 28.66 -18.68
N PHE H 97 39.65 29.84 -19.28
CA PHE H 97 39.00 30.11 -20.56
C PHE H 97 40.02 30.74 -21.50
N GLY H 98 39.84 30.44 -22.79
CA GLY H 98 40.65 31.06 -23.82
C GLY H 98 40.11 32.42 -24.22
N GLN H 99 40.82 33.04 -25.16
CA GLN H 99 40.41 34.35 -25.66
C GLN H 99 39.22 34.28 -26.61
N GLY H 100 38.96 33.12 -27.21
CA GLY H 100 37.94 33.00 -28.22
C GLY H 100 38.44 33.40 -29.59
N THR H 101 37.62 33.12 -30.60
CA THR H 101 37.99 33.42 -31.98
C THR H 101 36.74 33.71 -32.79
N ARG H 102 36.74 34.86 -33.47
CA ARG H 102 35.62 35.27 -34.31
C ARG H 102 35.83 34.80 -35.74
N VAL H 103 34.80 34.15 -36.29
CA VAL H 103 34.78 33.74 -37.69
C VAL H 103 34.00 34.78 -38.46
N ASP H 104 34.65 35.45 -39.40
CA ASP H 104 34.00 36.51 -40.16
C ASP H 104 33.94 36.17 -41.65
N ILE H 105 33.34 37.07 -42.41
CA ILE H 105 33.17 36.88 -43.84
C ILE H 105 34.48 37.16 -44.55
N LYS H 106 34.95 36.20 -45.33
CA LYS H 106 36.13 36.40 -46.14
C LYS H 106 35.79 37.30 -47.31
N ARG H 107 36.76 38.13 -47.70
CA ARG H 107 36.67 38.94 -48.91
C ARG H 107 38.09 39.24 -49.35
N THR H 108 38.24 40.16 -50.30
CA THR H 108 39.55 40.56 -50.76
C THR H 108 40.23 41.48 -49.73
N VAL H 109 41.52 41.69 -49.93
CA VAL H 109 42.28 42.55 -49.05
C VAL H 109 41.90 44.01 -49.30
N ALA H 110 41.59 44.73 -48.22
CA ALA H 110 41.17 46.11 -48.31
C ALA H 110 42.07 46.97 -47.44
N ALA H 111 42.55 48.07 -48.00
CA ALA H 111 43.43 48.98 -47.29
C ALA H 111 42.63 50.04 -46.53
N PRO H 112 43.09 50.43 -45.34
CA PRO H 112 42.37 51.46 -44.59
C PRO H 112 42.64 52.86 -45.12
N SER H 113 41.57 53.68 -45.10
CA SER H 113 41.72 55.12 -45.27
C SER H 113 41.85 55.75 -43.89
N VAL H 114 42.91 56.52 -43.68
CA VAL H 114 43.31 56.98 -42.35
C VAL H 114 43.13 58.48 -42.26
N PHE H 115 42.50 58.92 -41.17
CA PHE H 115 42.33 60.34 -40.88
C PHE H 115 42.71 60.60 -39.44
N ILE H 116 43.16 61.81 -39.16
CA ILE H 116 43.52 62.23 -37.81
C ILE H 116 42.72 63.49 -37.49
N PHE H 117 42.24 63.57 -36.24
CA PHE H 117 41.33 64.61 -35.81
C PHE H 117 41.94 65.30 -34.59
N PRO H 118 42.27 66.58 -34.70
CA PRO H 118 42.78 67.33 -33.55
C PRO H 118 41.69 67.54 -32.52
N PRO H 119 42.05 67.82 -31.27
CA PRO H 119 41.04 68.14 -30.26
C PRO H 119 40.28 69.41 -30.61
N SER H 120 38.99 69.40 -30.32
CA SER H 120 38.13 70.54 -30.62
C SER H 120 38.49 71.70 -29.71
N ASP H 121 38.28 72.93 -30.20
CA ASP H 121 38.53 74.09 -29.37
C ASP H 121 37.48 74.21 -28.27
N GLU H 122 36.29 73.63 -28.47
CA GLU H 122 35.36 73.43 -27.36
C GLU H 122 35.95 72.49 -26.33
N GLN H 123 36.63 71.43 -26.77
CA GLN H 123 37.33 70.54 -25.84
C GLN H 123 38.50 71.25 -25.17
N LEU H 124 39.17 72.16 -25.86
CA LEU H 124 40.22 72.96 -25.24
C LEU H 124 39.65 73.90 -24.18
N LYS H 125 38.47 74.47 -24.43
CA LYS H 125 37.79 75.27 -23.41
C LYS H 125 37.38 74.40 -22.22
N SER H 126 36.95 73.17 -22.48
CA SER H 126 36.68 72.25 -21.38
C SER H 126 37.96 71.70 -20.79
N GLY H 127 39.04 71.66 -21.56
CA GLY H 127 40.33 71.25 -21.04
C GLY H 127 40.64 69.78 -21.10
N THR H 128 39.75 68.96 -21.66
CA THR H 128 39.94 67.51 -21.75
C THR H 128 40.38 67.07 -23.14
N ALA H 129 41.27 67.85 -23.76
CA ALA H 129 41.69 67.73 -25.15
C ALA H 129 42.25 66.36 -25.51
N SER H 130 41.54 65.67 -26.41
CA SER H 130 41.86 64.30 -26.80
C SER H 130 41.92 64.19 -28.31
N VAL H 131 42.83 63.37 -28.82
CA VAL H 131 43.11 63.30 -30.25
C VAL H 131 42.47 62.03 -30.80
N VAL H 132 41.95 62.07 -32.03
CA VAL H 132 41.20 60.94 -32.60
C VAL H 132 41.91 60.46 -33.87
N CYS H 133 42.00 59.15 -34.03
CA CYS H 133 42.43 58.54 -35.28
C CYS H 133 41.34 57.64 -35.83
N LEU H 134 41.25 57.59 -37.16
CA LEU H 134 40.19 56.85 -37.85
C LEU H 134 40.78 56.03 -38.98
N LEU H 135 40.37 54.77 -39.06
CA LEU H 135 40.65 53.86 -40.17
C LEU H 135 39.31 53.41 -40.73
N ASN H 136 39.12 53.55 -42.03
CA ASN H 136 37.85 53.21 -42.65
C ASN H 136 38.06 52.22 -43.78
N ASN H 137 37.18 51.22 -43.87
CA ASN H 137 37.03 50.31 -45.01
C ASN H 137 38.32 49.53 -45.28
N PHE H 138 38.70 48.72 -44.30
CA PHE H 138 39.84 47.84 -44.42
C PHE H 138 39.43 46.40 -44.18
N TYR H 139 40.31 45.48 -44.56
CA TYR H 139 40.15 44.06 -44.33
C TYR H 139 41.51 43.39 -44.42
N PRO H 140 41.85 42.48 -43.50
CA PRO H 140 41.08 41.99 -42.34
C PRO H 140 41.33 42.72 -41.02
N ARG H 141 40.94 42.04 -39.93
CA ARG H 141 40.85 42.56 -38.57
C ARG H 141 42.23 42.87 -37.95
N GLU H 142 43.32 42.42 -38.60
CA GLU H 142 44.66 42.37 -38.04
C GLU H 142 45.23 43.73 -37.61
N ALA H 143 44.72 44.84 -38.16
CA ALA H 143 45.31 46.18 -38.10
C ALA H 143 45.65 46.71 -36.71
N LYS H 144 46.61 47.63 -36.64
CA LYS H 144 47.19 48.10 -35.40
C LYS H 144 47.46 49.59 -35.49
N VAL H 145 47.20 50.32 -34.39
CA VAL H 145 47.39 51.76 -34.32
C VAL H 145 48.25 52.08 -33.10
N GLN H 146 49.18 53.03 -33.28
CA GLN H 146 50.03 53.53 -32.22
C GLN H 146 49.91 55.05 -32.17
N TRP H 147 50.19 55.63 -31.01
CA TRP H 147 50.11 57.06 -30.78
C TRP H 147 51.48 57.62 -30.46
N LYS H 148 51.88 58.68 -31.17
CA LYS H 148 53.18 59.31 -30.97
C LYS H 148 53.01 60.83 -30.94
N VAL H 149 53.26 61.43 -29.78
CA VAL H 149 53.22 62.88 -29.63
C VAL H 149 54.65 63.39 -29.49
N ASP H 150 55.02 64.32 -30.38
CA ASP H 150 56.40 64.77 -30.61
C ASP H 150 57.33 63.58 -30.87
N ASN H 151 56.84 62.62 -31.66
CA ASN H 151 57.45 61.32 -31.97
C ASN H 151 57.72 60.47 -30.73
N ALA H 152 56.98 60.69 -29.64
CA ALA H 152 57.14 59.96 -28.40
C ALA H 152 55.93 59.04 -28.21
N LEU H 153 56.20 57.76 -27.95
CA LEU H 153 55.14 56.76 -27.83
C LEU H 153 54.28 57.00 -26.59
N GLN H 154 52.97 56.92 -26.77
CA GLN H 154 52.03 56.99 -25.66
C GLN H 154 51.23 55.69 -25.60
N SER H 155 51.12 55.11 -24.41
CA SER H 155 50.40 53.87 -24.24
C SER H 155 49.68 53.89 -22.90
N GLY H 156 48.63 53.07 -22.80
CA GLY H 156 47.84 53.02 -21.59
C GLY H 156 46.69 54.03 -21.59
N ASN H 157 47.02 55.30 -21.84
CA ASN H 157 46.03 56.38 -21.84
C ASN H 157 45.40 56.55 -23.22
N SER H 158 44.87 55.45 -23.74
CA SER H 158 44.28 55.46 -25.07
C SER H 158 43.17 54.41 -25.12
N GLN H 159 42.29 54.57 -26.10
CA GLN H 159 41.16 53.67 -26.29
C GLN H 159 41.04 53.30 -27.76
N GLU H 160 40.43 52.14 -28.00
CA GLU H 160 40.18 51.66 -29.35
C GLU H 160 38.74 51.19 -29.45
N SER H 161 38.21 51.24 -30.66
CA SER H 161 36.86 50.78 -30.93
C SER H 161 36.77 50.32 -32.38
N VAL H 162 36.07 49.21 -32.60
CA VAL H 162 35.95 48.61 -33.91
C VAL H 162 34.47 48.48 -34.23
N THR H 163 34.08 48.92 -35.43
CA THR H 163 32.71 48.71 -35.88
C THR H 163 32.43 47.24 -36.14
N GLU H 164 31.14 46.90 -36.16
CA GLU H 164 30.73 45.59 -36.62
C GLU H 164 31.04 45.48 -38.11
N GLN H 165 31.30 44.25 -38.56
CA GLN H 165 31.65 44.01 -39.95
C GLN H 165 30.51 44.42 -40.87
N ASP H 166 30.86 45.20 -41.89
CA ASP H 166 29.86 45.82 -42.76
C ASP H 166 29.15 44.74 -43.58
N SER H 167 27.81 44.74 -43.52
CA SER H 167 27.05 43.67 -44.13
C SER H 167 27.08 43.69 -45.65
N LYS H 168 27.53 44.79 -46.26
CA LYS H 168 27.58 44.89 -47.71
C LYS H 168 28.93 44.46 -48.28
N ASP H 169 30.01 45.14 -47.86
CA ASP H 169 31.32 44.91 -48.45
C ASP H 169 32.34 44.29 -47.50
N SER H 170 31.90 43.78 -46.35
CA SER H 170 32.66 42.96 -45.39
C SER H 170 33.86 43.67 -44.76
N THR H 171 33.98 44.99 -44.89
CA THR H 171 35.15 45.69 -44.38
C THR H 171 34.99 46.04 -42.91
N TYR H 172 35.91 46.84 -42.38
CA TYR H 172 35.92 47.20 -40.97
C TYR H 172 36.30 48.67 -40.82
N SER H 173 36.00 49.21 -39.64
CA SER H 173 36.34 50.59 -39.31
C SER H 173 36.79 50.65 -37.86
N LEU H 174 37.91 51.32 -37.61
CA LEU H 174 38.50 51.40 -36.28
C LEU H 174 38.71 52.86 -35.92
N SER H 175 38.21 53.26 -34.77
CA SER H 175 38.55 54.54 -34.18
C SER H 175 39.46 54.31 -33.00
N SER H 176 40.37 55.25 -32.79
CA SER H 176 41.20 55.24 -31.59
C SER H 176 41.25 56.65 -31.04
N THR H 177 41.44 56.73 -29.73
CA THR H 177 41.43 58.01 -29.05
C THR H 177 42.59 58.06 -28.08
N LEU H 178 43.31 59.17 -28.11
CA LEU H 178 44.37 59.46 -27.15
C LEU H 178 43.84 60.53 -26.21
N THR H 179 43.52 60.13 -25.00
CA THR H 179 42.96 61.04 -24.02
C THR H 179 44.08 61.80 -23.30
N LEU H 180 43.92 63.12 -23.24
CA LEU H 180 44.89 63.99 -22.58
C LEU H 180 44.15 65.14 -21.92
N SER H 181 44.83 65.82 -21.02
CA SER H 181 44.31 67.06 -20.47
C SER H 181 44.77 68.24 -21.33
N LYS H 182 44.32 69.44 -20.96
CA LYS H 182 44.79 70.64 -21.63
C LYS H 182 46.27 70.87 -21.37
N ALA H 183 46.72 70.61 -20.14
CA ALA H 183 48.14 70.72 -19.81
C ALA H 183 48.96 69.68 -20.55
N ASP H 184 48.44 68.45 -20.64
CA ASP H 184 49.13 67.40 -21.38
C ASP H 184 49.14 67.70 -22.88
N TYR H 185 48.17 68.46 -23.37
CA TYR H 185 48.15 68.86 -24.77
C TYR H 185 49.18 69.94 -25.07
N GLU H 186 49.73 70.61 -24.04
CA GLU H 186 50.60 71.76 -24.26
C GLU H 186 52.07 71.40 -24.42
N LYS H 187 52.49 70.20 -24.00
CA LYS H 187 53.90 69.86 -24.01
C LYS H 187 54.47 69.60 -25.40
N HIS H 188 53.62 69.32 -26.39
CA HIS H 188 54.08 68.85 -27.68
C HIS H 188 53.49 69.69 -28.81
N LYS H 189 54.23 69.76 -29.91
CA LYS H 189 53.82 70.47 -31.12
C LYS H 189 53.30 69.54 -32.20
N VAL H 190 53.93 68.38 -32.39
CA VAL H 190 53.62 67.47 -33.48
C VAL H 190 52.93 66.23 -32.90
N TYR H 191 51.77 65.90 -33.46
CA TYR H 191 50.96 64.78 -33.00
C TYR H 191 50.74 63.83 -34.16
N ALA H 192 50.80 62.52 -33.90
CA ALA H 192 50.77 61.56 -34.99
C ALA H 192 50.16 60.23 -34.56
N CYS H 193 49.41 59.64 -35.47
CA CYS H 193 48.91 58.28 -35.34
C CYS H 193 49.57 57.41 -36.39
N GLU H 194 50.15 56.30 -35.96
CA GLU H 194 50.93 55.41 -36.80
C GLU H 194 50.15 54.12 -37.02
N VAL H 195 49.86 53.80 -38.27
CA VAL H 195 48.91 52.74 -38.62
C VAL H 195 49.63 51.65 -39.40
N THR H 196 49.50 50.40 -38.94
CA THR H 196 50.09 49.26 -39.60
C THR H 196 49.02 48.21 -39.86
N HIS H 197 48.87 47.82 -41.13
CA HIS H 197 47.90 46.82 -41.54
C HIS H 197 48.53 46.00 -42.63
N GLN H 198 48.09 44.74 -42.77
CA GLN H 198 48.67 43.85 -43.78
C GLN H 198 48.32 44.32 -45.20
N GLY H 199 47.20 45.02 -45.35
CA GLY H 199 46.90 45.63 -46.64
C GLY H 199 47.87 46.74 -47.00
N LEU H 200 48.23 47.56 -46.02
CA LEU H 200 49.24 48.58 -46.25
C LEU H 200 50.62 47.96 -46.34
N SER H 201 51.50 48.60 -47.09
CA SER H 201 52.85 48.11 -47.30
C SER H 201 53.85 48.64 -46.28
N SER H 202 53.42 49.51 -45.38
CA SER H 202 54.33 50.23 -44.50
C SER H 202 53.54 50.76 -43.31
N PRO H 203 54.20 51.04 -42.18
CA PRO H 203 53.50 51.75 -41.09
C PRO H 203 53.17 53.20 -41.44
N VAL H 204 52.10 53.38 -42.22
CA VAL H 204 51.72 54.71 -42.68
C VAL H 204 51.22 55.53 -41.49
N THR H 205 51.69 56.78 -41.41
CA THR H 205 51.47 57.62 -40.25
C THR H 205 50.87 58.95 -40.70
N LYS H 206 49.74 59.32 -40.07
CA LYS H 206 49.17 60.65 -40.24
C LYS H 206 49.59 61.53 -39.08
N SER H 207 49.69 62.83 -39.34
CA SER H 207 50.20 63.74 -38.31
C SER H 207 49.63 65.13 -38.53
N PHE H 208 49.61 65.92 -37.46
CA PHE H 208 49.26 67.33 -37.51
C PHE H 208 50.11 68.10 -36.52
N ASN H 209 49.97 69.42 -36.57
CA ASN H 209 50.66 70.36 -35.70
C ASN H 209 49.65 71.18 -34.92
N ARG H 210 50.06 71.66 -33.75
CA ARG H 210 49.18 72.47 -32.91
C ARG H 210 49.11 73.90 -33.42
N GLY H 211 47.92 74.48 -33.37
CA GLY H 211 47.71 75.85 -33.79
C GLY H 211 47.80 76.04 -35.30
N GLU I 1 24.45 -60.03 -0.47
CA GLU I 1 25.63 -59.69 -1.26
C GLU I 1 25.22 -59.18 -2.63
N ASN I 2 26.20 -58.58 -3.34
CA ASN I 2 26.02 -57.96 -4.66
C ASN I 2 24.92 -56.91 -4.66
N LEU I 3 24.80 -56.16 -3.57
CA LEU I 3 23.82 -55.09 -3.49
C LEU I 3 24.46 -53.77 -3.93
N TRP I 4 23.66 -52.94 -4.59
CA TRP I 4 24.11 -51.67 -5.11
C TRP I 4 23.04 -50.63 -4.78
N VAL I 5 23.45 -49.36 -4.82
CA VAL I 5 22.52 -48.28 -4.54
C VAL I 5 21.53 -48.14 -5.69
N THR I 6 20.30 -47.75 -5.36
CA THR I 6 19.32 -47.31 -6.35
C THR I 6 18.51 -46.18 -5.74
N VAL I 7 17.91 -45.37 -6.60
CA VAL I 7 17.07 -44.28 -6.16
C VAL I 7 15.66 -44.51 -6.65
N TYR I 8 14.70 -43.99 -5.91
CA TYR I 8 13.29 -44.11 -6.23
C TYR I 8 12.64 -42.75 -6.20
N TYR I 9 11.74 -42.51 -7.14
CA TYR I 9 11.03 -41.24 -7.23
C TYR I 9 9.56 -41.48 -6.96
N GLY I 10 8.91 -40.51 -6.30
CA GLY I 10 7.53 -40.66 -5.91
C GLY I 10 7.33 -41.47 -4.65
N VAL I 11 8.29 -41.42 -3.73
CA VAL I 11 8.27 -42.25 -2.53
C VAL I 11 7.20 -41.74 -1.57
N PRO I 12 6.32 -42.61 -1.05
CA PRO I 12 5.32 -42.16 -0.06
C PRO I 12 5.86 -42.06 1.36
N VAL I 13 6.49 -40.93 1.67
CA VAL I 13 6.93 -40.61 3.03
C VAL I 13 6.88 -39.10 3.17
N TRP I 14 6.71 -38.63 4.40
CA TRP I 14 6.50 -37.22 4.65
C TRP I 14 7.14 -36.81 5.97
N LYS I 15 7.34 -35.50 6.13
CA LYS I 15 7.71 -34.89 7.39
C LYS I 15 6.63 -33.90 7.78
N GLU I 16 6.76 -33.35 8.98
CA GLU I 16 5.87 -32.30 9.46
C GLU I 16 6.59 -30.97 9.48
N ALA I 17 5.96 -29.95 8.88
CA ALA I 17 6.58 -28.65 8.75
C ALA I 17 5.53 -27.58 8.60
N LYS I 18 5.94 -26.33 8.82
CA LYS I 18 5.09 -25.18 8.60
C LYS I 18 5.03 -24.83 7.12
N THR I 19 3.96 -24.15 6.73
CA THR I 19 3.76 -23.69 5.36
C THR I 19 2.68 -22.61 5.37
N THR I 20 2.51 -21.97 4.22
CA THR I 20 1.42 -21.04 3.99
C THR I 20 0.31 -21.77 3.25
N LEU I 21 -0.91 -21.69 3.77
CA LEU I 21 -2.04 -22.42 3.23
C LEU I 21 -2.92 -21.51 2.37
N PHE I 22 -3.49 -22.10 1.34
CA PHE I 22 -4.40 -21.43 0.41
C PHE I 22 -5.84 -21.59 0.90
N CYS I 23 -6.70 -20.68 0.44
CA CYS I 23 -8.10 -20.68 0.87
C CYS I 23 -9.01 -20.68 -0.35
N ALA I 24 -10.28 -20.98 -0.11
CA ALA I 24 -11.29 -21.02 -1.15
C ALA I 24 -12.31 -19.91 -0.95
N SER I 25 -13.32 -19.89 -1.83
CA SER I 25 -14.37 -18.87 -1.76
C SER I 25 -15.73 -19.50 -2.06
N ASP I 26 -16.73 -18.66 -2.32
CA ASP I 26 -18.09 -19.09 -2.60
C ASP I 26 -18.60 -18.35 -3.83
N ALA I 27 -19.62 -18.93 -4.48
CA ALA I 27 -20.24 -18.29 -5.64
C ALA I 27 -20.95 -17.01 -5.25
N LYS I 28 -21.94 -17.10 -4.37
CA LYS I 28 -22.62 -15.92 -3.85
C LYS I 28 -21.79 -15.28 -2.75
N ALA I 29 -21.75 -13.95 -2.74
CA ALA I 29 -20.95 -13.23 -1.76
C ALA I 29 -21.55 -11.85 -1.53
N TYR I 30 -21.00 -11.16 -0.53
CA TYR I 30 -21.43 -9.81 -0.19
C TYR I 30 -21.12 -8.82 -1.31
N GLU I 31 -19.95 -8.96 -1.93
CA GLU I 31 -19.41 -8.08 -2.98
C GLU I 31 -19.40 -6.60 -2.59
N THR I 40 -11.39 -8.95 -2.32
CA THR I 40 -10.31 -9.78 -1.80
C THR I 40 -10.84 -11.16 -1.39
N HIS I 41 -12.15 -11.26 -1.20
CA HIS I 41 -12.78 -12.52 -0.87
C HIS I 41 -14.05 -12.74 -1.69
N ALA I 42 -14.61 -11.64 -2.21
CA ALA I 42 -15.94 -11.68 -2.82
C ALA I 42 -15.98 -12.47 -4.12
N CYS I 43 -14.88 -12.49 -4.86
CA CYS I 43 -14.84 -13.21 -6.13
C CYS I 43 -13.62 -14.13 -6.20
N VAL I 44 -12.72 -14.04 -5.23
CA VAL I 44 -11.48 -14.81 -5.21
C VAL I 44 -11.35 -15.48 -3.85
N PRO I 45 -10.66 -16.62 -3.77
CA PRO I 45 -10.06 -17.49 -4.81
C PRO I 45 -11.05 -18.44 -5.46
N THR I 46 -10.52 -19.53 -6.02
CA THR I 46 -11.33 -20.54 -6.69
C THR I 46 -12.21 -21.29 -5.69
N ASP I 47 -13.23 -21.96 -6.21
CA ASP I 47 -14.21 -22.70 -5.43
C ASP I 47 -14.28 -24.13 -5.95
N PRO I 48 -13.31 -24.98 -5.59
CA PRO I 48 -13.25 -26.33 -6.13
C PRO I 48 -14.16 -27.29 -5.35
N ASN I 49 -14.22 -28.52 -5.84
CA ASN I 49 -14.98 -29.59 -5.19
C ASN I 49 -14.00 -30.66 -4.69
N PRO I 50 -13.91 -30.88 -3.38
CA PRO I 50 -12.88 -31.79 -2.86
C PRO I 50 -13.31 -33.25 -2.87
N GLN I 51 -12.31 -34.12 -2.74
CA GLN I 51 -12.49 -35.56 -2.58
C GLN I 51 -11.58 -36.05 -1.46
N GLU I 52 -11.93 -37.22 -0.93
CA GLU I 52 -11.26 -37.78 0.24
C GLU I 52 -10.90 -39.24 0.00
N MET I 53 -9.67 -39.62 0.34
CA MET I 53 -9.27 -41.02 0.29
C MET I 53 -8.77 -41.47 1.64
N VAL I 54 -8.99 -42.76 1.92
CA VAL I 54 -8.67 -43.37 3.20
C VAL I 54 -7.29 -43.99 3.12
N LEU I 55 -6.41 -43.62 4.05
CA LEU I 55 -5.08 -44.19 4.12
C LEU I 55 -5.15 -45.46 4.97
N LYS I 56 -5.27 -46.59 4.28
CA LYS I 56 -5.38 -47.88 4.96
C LYS I 56 -4.06 -48.26 5.61
N ASN I 57 -4.16 -48.79 6.85
CA ASN I 57 -3.02 -49.31 7.64
C ASN I 57 -1.95 -48.24 7.88
N VAL I 58 -2.40 -47.01 8.13
CA VAL I 58 -1.52 -45.89 8.40
C VAL I 58 -1.85 -45.35 9.79
N THR I 59 -0.83 -45.22 10.63
CA THR I 59 -0.96 -44.67 11.97
C THR I 59 -0.12 -43.41 12.08
N GLU I 60 -0.73 -42.32 12.56
CA GLU I 60 -0.01 -41.06 12.62
C GLU I 60 -0.44 -40.28 13.86
N ASN I 61 0.53 -39.61 14.48
CA ASN I 61 0.27 -38.82 15.68
C ASN I 61 -0.31 -37.46 15.31
N PHE I 62 -1.25 -37.01 16.13
CA PHE I 62 -1.88 -35.70 15.99
C PHE I 62 -1.82 -34.95 17.30
N ASN I 63 -1.89 -33.63 17.21
CA ASN I 63 -1.86 -32.75 18.38
C ASN I 63 -2.56 -31.44 17.97
N MET I 64 -3.68 -31.14 18.60
CA MET I 64 -4.44 -29.94 18.25
C MET I 64 -3.94 -28.69 18.98
N TRP I 65 -2.93 -28.82 19.84
CA TRP I 65 -2.37 -27.66 20.50
C TRP I 65 -1.18 -27.08 19.74
N LYS I 66 -0.34 -27.95 19.19
CA LYS I 66 0.92 -27.50 18.60
C LYS I 66 0.76 -27.07 17.14
N ASN I 67 -0.36 -27.42 16.51
CA ASN I 67 -0.51 -27.19 15.08
C ASN I 67 -0.63 -25.70 14.75
N ASP I 68 -0.13 -25.33 13.57
CA ASP I 68 0.20 -23.94 13.26
C ASP I 68 -0.89 -23.20 12.50
N MET I 69 -1.74 -23.91 11.73
CA MET I 69 -2.65 -23.24 10.82
C MET I 69 -3.76 -22.48 11.54
N VAL I 70 -3.98 -22.78 12.83
CA VAL I 70 -4.94 -22.02 13.62
C VAL I 70 -4.51 -20.57 13.73
N ASP I 71 -3.22 -20.35 14.04
CA ASP I 71 -2.67 -19.00 14.09
C ASP I 71 -2.68 -18.34 12.72
N GLN I 72 -2.44 -19.14 11.67
CA GLN I 72 -2.47 -18.63 10.30
C GLN I 72 -3.83 -18.08 9.94
N MET I 73 -4.89 -18.84 10.22
CA MET I 73 -6.22 -18.36 9.85
C MET I 73 -6.73 -17.31 10.83
N HIS I 74 -6.18 -17.27 12.05
CA HIS I 74 -6.44 -16.16 12.96
C HIS I 74 -5.92 -14.85 12.38
N GLU I 75 -4.69 -14.90 11.85
CA GLU I 75 -4.13 -13.75 11.12
C GLU I 75 -4.95 -13.43 9.88
N ASP I 76 -5.44 -14.45 9.18
CA ASP I 76 -6.27 -14.24 7.99
C ASP I 76 -7.58 -13.54 8.33
N VAL I 77 -8.21 -13.94 9.44
CA VAL I 77 -9.46 -13.32 9.87
C VAL I 77 -9.23 -11.85 10.23
N ILE I 78 -8.13 -11.57 10.95
CA ILE I 78 -7.78 -10.18 11.28
C ILE I 78 -7.53 -9.36 10.01
N SER I 79 -6.78 -9.93 9.05
CA SER I 79 -6.43 -9.19 7.84
C SER I 79 -7.66 -8.93 6.97
N LEU I 80 -8.56 -9.91 6.87
CA LEU I 80 -9.80 -9.71 6.11
C LEU I 80 -10.68 -8.67 6.76
N TRP I 81 -10.74 -8.66 8.10
CA TRP I 81 -11.52 -7.63 8.80
C TRP I 81 -10.94 -6.24 8.58
N ASP I 82 -9.60 -6.12 8.61
CA ASP I 82 -8.96 -4.83 8.37
C ASP I 82 -9.17 -4.34 6.94
N GLN I 83 -9.06 -5.26 5.97
CA GLN I 83 -9.24 -4.87 4.57
C GLN I 83 -10.70 -4.51 4.28
N SER I 84 -11.65 -5.19 4.94
CA SER I 84 -13.05 -4.81 4.80
C SER I 84 -13.33 -3.47 5.46
N LEU I 85 -12.72 -3.20 6.61
CA LEU I 85 -13.02 -1.98 7.34
C LEU I 85 -12.22 -0.78 6.86
N LYS I 86 -11.22 -0.98 6.01
CA LYS I 86 -10.39 0.13 5.54
C LYS I 86 -11.15 1.17 4.71
N PRO I 87 -11.97 0.82 3.68
CA PRO I 87 -12.66 1.96 3.02
C PRO I 87 -13.94 2.37 3.75
N CYS I 88 -13.78 2.97 4.92
CA CYS I 88 -14.92 3.34 5.74
C CYS I 88 -14.67 4.72 6.34
N VAL I 89 -15.75 5.34 6.80
CA VAL I 89 -15.67 6.66 7.42
C VAL I 89 -15.02 6.55 8.80
N LYS I 90 -14.22 7.56 9.14
CA LYS I 90 -13.69 7.73 10.49
C LYS I 90 -14.60 8.70 11.24
N LEU I 91 -14.95 8.33 12.48
CA LEU I 91 -15.91 9.09 13.26
C LEU I 91 -15.23 10.04 14.25
N THR I 92 -14.11 10.62 13.86
CA THR I 92 -13.39 11.57 14.71
C THR I 92 -14.20 12.81 15.10
N PRO I 93 -14.85 13.57 14.20
CA PRO I 93 -15.47 14.83 14.65
C PRO I 93 -16.69 14.65 15.54
N LEU I 94 -17.16 13.42 15.76
CA LEU I 94 -18.20 13.16 16.74
C LEU I 94 -17.70 13.18 18.17
N CYS I 95 -16.37 13.29 18.40
CA CYS I 95 -15.84 13.17 19.75
C CYS I 95 -16.02 14.46 20.58
N VAL I 96 -16.83 15.41 20.09
CA VAL I 96 -17.06 16.65 20.84
C VAL I 96 -17.94 16.38 22.07
N THR I 97 -18.03 17.40 22.93
CA THR I 97 -18.72 17.28 24.20
C THR I 97 -20.23 17.12 24.01
N LEU I 98 -20.80 16.11 24.65
CA LEU I 98 -22.22 15.81 24.56
C LEU I 98 -22.95 16.31 25.79
N ASN I 99 -24.10 16.94 25.57
CA ASN I 99 -24.99 17.38 26.64
C ASN I 99 -26.26 16.55 26.53
N CYS I 100 -26.42 15.60 27.45
CA CYS I 100 -27.54 14.67 27.41
C CYS I 100 -28.44 14.89 28.62
N THR I 101 -29.73 14.89 28.38
CA THR I 101 -30.74 14.91 29.44
C THR I 101 -31.57 13.63 29.44
N ASN I 102 -31.90 13.11 28.26
CA ASN I 102 -32.44 11.76 28.06
C ASN I 102 -33.77 11.55 28.79
N ALA I 103 -34.80 12.24 28.29
CA ALA I 103 -36.14 12.07 28.84
C ALA I 103 -37.22 12.05 27.76
N THR I 104 -36.92 11.52 26.57
CA THR I 104 -37.88 11.58 25.48
C THR I 104 -38.85 10.41 25.52
N ALA I 105 -38.34 9.19 25.72
CA ALA I 105 -39.17 8.00 25.65
C ALA I 105 -40.01 7.84 26.91
N SER I 106 -40.82 6.77 26.92
CA SER I 106 -41.62 6.46 28.10
C SER I 106 -40.74 6.06 29.28
N ASN I 107 -39.71 5.26 29.04
CA ASN I 107 -38.69 4.97 30.03
C ASN I 107 -37.34 5.36 29.45
N SER I 108 -36.52 6.00 30.29
CA SER I 108 -35.24 6.54 29.86
C SER I 108 -34.04 5.79 30.39
N SER I 109 -34.18 5.10 31.53
CA SER I 109 -33.02 4.50 32.19
C SER I 109 -32.49 3.28 31.45
N ILE I 110 -33.28 2.73 30.52
CA ILE I 110 -32.84 1.54 29.79
C ILE I 110 -31.70 1.87 28.84
N ILE I 111 -31.73 3.04 28.20
CA ILE I 111 -30.87 3.30 27.06
C ILE I 111 -30.08 4.60 27.27
N GLU I 112 -30.75 5.65 27.76
CA GLU I 112 -30.14 6.82 28.40
C GLU I 112 -29.28 7.66 27.44
N GLY I 113 -29.56 7.58 26.14
CA GLY I 113 -29.08 8.62 25.25
C GLY I 113 -30.15 8.94 24.21
N MET I 114 -30.67 10.16 24.22
CA MET I 114 -31.78 10.51 23.33
C MET I 114 -31.61 11.97 22.91
N CYS I 117 -28.80 13.72 24.20
CA CYS I 117 -27.47 13.97 23.67
C CYS I 117 -27.49 14.86 22.42
N SER I 118 -27.21 16.14 22.60
CA SER I 118 -27.06 17.08 21.50
C SER I 118 -25.60 17.52 21.40
N PHE I 119 -25.20 17.89 20.18
CA PHE I 119 -23.80 18.18 19.91
C PHE I 119 -23.70 18.99 18.62
N ASN I 120 -22.52 19.57 18.41
CA ASN I 120 -22.25 20.41 17.25
C ASN I 120 -21.38 19.66 16.25
N ILE I 121 -21.77 19.73 14.97
CA ILE I 121 -21.06 19.01 13.92
C ILE I 121 -20.92 19.91 12.68
N THR I 122 -19.73 19.89 12.08
CA THR I 122 -19.53 20.54 10.80
C THR I 122 -20.20 19.75 9.69
N THR I 123 -20.98 20.43 8.84
CA THR I 123 -21.63 19.74 7.73
C THR I 123 -21.57 20.58 6.46
N GLU I 124 -20.94 20.00 5.43
CA GLU I 124 -21.03 20.32 4.01
C GLU I 124 -20.62 21.75 3.60
N LEU I 125 -20.19 22.57 4.54
CA LEU I 125 -19.73 23.92 4.21
C LEU I 125 -18.44 24.33 4.89
N ARG I 126 -18.08 23.73 6.04
CA ARG I 126 -16.99 24.16 6.93
C ARG I 126 -17.15 25.63 7.35
N ASP I 127 -18.39 26.08 7.46
CA ASP I 127 -18.67 27.45 7.90
C ASP I 127 -18.67 27.54 9.42
N LYS I 128 -19.61 26.84 10.05
CA LYS I 128 -19.72 26.79 11.51
C LYS I 128 -20.56 25.56 11.83
N ARG I 129 -20.24 24.93 12.96
CA ARG I 129 -20.91 23.70 13.35
C ARG I 129 -22.37 23.93 13.69
N GLU I 130 -23.21 22.98 13.31
CA GLU I 130 -24.64 23.03 13.53
C GLU I 130 -25.04 22.06 14.62
N LYS I 131 -26.16 22.37 15.28
CA LYS I 131 -26.66 21.53 16.36
C LYS I 131 -27.42 20.33 15.82
N LYS I 132 -27.12 19.16 16.36
CA LYS I 132 -27.82 17.93 16.03
C LYS I 132 -28.02 17.14 17.31
N ASN I 133 -28.89 16.15 17.24
CA ASN I 133 -29.07 15.22 18.34
C ASN I 133 -29.36 13.84 17.79
N ALA I 134 -29.04 12.82 18.58
CA ALA I 134 -29.19 11.44 18.15
C ALA I 134 -29.49 10.60 19.38
N LEU I 135 -29.44 9.28 19.20
CA LEU I 135 -29.84 8.32 20.23
C LEU I 135 -28.72 7.33 20.45
N PHE I 136 -28.42 7.03 21.71
CA PHE I 136 -27.24 6.22 22.04
C PHE I 136 -27.53 5.37 23.27
N TYR I 137 -26.70 4.35 23.46
CA TYR I 137 -26.79 3.47 24.61
C TYR I 137 -25.82 3.91 25.70
N LYS I 138 -26.22 3.72 26.96
CA LYS I 138 -25.44 4.22 28.08
C LYS I 138 -24.16 3.42 28.30
N LEU I 139 -24.06 2.23 27.72
CA LEU I 139 -22.80 1.48 27.79
C LEU I 139 -21.73 2.15 26.94
N ASP I 140 -22.11 2.67 25.77
CA ASP I 140 -21.16 3.36 24.91
C ASP I 140 -20.88 4.77 25.38
N ILE I 141 -21.64 5.28 26.32
CA ILE I 141 -21.47 6.62 26.86
C ILE I 141 -20.72 6.55 28.19
N VAL I 142 -19.70 7.39 28.35
CA VAL I 142 -19.02 7.52 29.64
C VAL I 142 -19.26 8.93 30.16
N GLN I 143 -19.15 9.07 31.48
CA GLN I 143 -19.51 10.30 32.16
C GLN I 143 -18.26 11.14 32.40
N LEU I 144 -18.26 12.37 31.90
CA LEU I 144 -17.15 13.28 32.15
C LEU I 144 -17.23 13.83 33.57
N ASP I 145 -16.18 14.53 33.95
CA ASP I 145 -16.07 15.05 35.31
C ASP I 145 -17.00 16.26 35.48
N GLY I 146 -17.15 16.67 36.74
CA GLY I 146 -17.99 17.83 37.03
C GLY I 146 -19.46 17.48 36.96
N ASN I 147 -20.18 18.21 36.10
CA ASN I 147 -21.61 17.98 35.92
C ASN I 147 -21.85 16.65 35.24
N SER I 148 -22.86 15.93 35.72
CA SER I 148 -23.17 14.60 35.18
C SER I 148 -23.74 14.65 33.77
N SER I 149 -24.36 15.77 33.38
CA SER I 149 -24.95 15.87 32.05
C SER I 149 -23.91 15.92 30.94
N GLN I 150 -22.67 16.27 31.27
CA GLN I 150 -21.59 16.16 30.30
C GLN I 150 -21.23 14.70 30.11
N TYR I 151 -20.96 14.32 28.86
CA TYR I 151 -20.69 12.93 28.54
C TYR I 151 -19.72 12.87 27.37
N ARG I 152 -19.12 11.70 27.19
CA ARG I 152 -18.19 11.48 26.09
C ARG I 152 -18.39 10.08 25.56
N LEU I 153 -17.90 9.86 24.34
CA LEU I 153 -17.86 8.51 23.78
C LEU I 153 -16.81 7.70 24.54
N ILE I 154 -16.97 6.37 24.54
CA ILE I 154 -16.24 5.55 25.49
C ILE I 154 -14.76 5.42 25.09
N ASN I 155 -14.49 5.18 23.82
CA ASN I 155 -13.14 4.80 23.40
C ASN I 155 -12.36 5.93 22.74
N CYS I 156 -12.87 7.16 22.72
CA CYS I 156 -12.15 8.22 22.02
C CYS I 156 -10.95 8.72 22.83
N ASN I 157 -10.91 8.46 24.14
CA ASN I 157 -9.74 8.76 24.93
C ASN I 157 -8.60 7.77 24.69
N THR I 158 -8.86 6.72 23.93
CA THR I 158 -7.88 5.68 23.63
C THR I 158 -7.65 5.46 22.14
N SER I 159 -8.68 5.53 21.29
CA SER I 159 -8.50 5.14 19.90
C SER I 159 -9.51 5.86 19.02
N VAL I 160 -9.30 5.74 17.72
CA VAL I 160 -10.24 6.24 16.73
C VAL I 160 -11.32 5.19 16.49
N ILE I 161 -12.52 5.64 16.13
CA ILE I 161 -13.68 4.77 15.97
C ILE I 161 -14.16 4.89 14.54
N THR I 162 -14.36 3.76 13.88
CA THR I 162 -14.79 3.72 12.49
C THR I 162 -16.15 3.06 12.37
N GLN I 163 -17.04 3.70 11.62
CA GLN I 163 -18.33 3.11 11.30
C GLN I 163 -18.20 2.09 10.18
N ALA I 164 -18.82 0.93 10.37
CA ALA I 164 -18.86 -0.08 9.33
C ALA I 164 -19.93 0.26 8.31
N CYS I 165 -19.59 0.17 7.05
CA CYS I 165 -20.56 0.39 5.98
C CYS I 165 -21.54 -0.78 5.94
N PRO I 166 -22.85 -0.52 5.95
CA PRO I 166 -23.81 -1.61 6.16
C PRO I 166 -23.93 -2.60 5.01
N LYS I 167 -23.60 -2.21 3.79
CA LYS I 167 -23.84 -3.06 2.63
C LYS I 167 -22.67 -3.97 2.29
N VAL I 168 -21.60 -3.93 3.09
CA VAL I 168 -20.44 -4.80 2.91
C VAL I 168 -20.25 -5.66 4.15
N SER I 169 -21.37 -6.00 4.79
CA SER I 169 -21.35 -6.68 6.09
C SER I 169 -20.82 -8.10 5.97
N PHE I 170 -19.89 -8.45 6.85
CA PHE I 170 -19.23 -9.75 6.80
C PHE I 170 -19.96 -10.71 7.74
N ASP I 171 -20.03 -11.96 7.32
CA ASP I 171 -20.90 -12.95 7.93
C ASP I 171 -20.22 -14.30 7.82
N PRO I 172 -20.64 -15.30 8.64
CA PRO I 172 -19.95 -16.61 8.60
C PRO I 172 -20.13 -17.38 7.30
N ILE I 173 -19.43 -16.93 6.27
CA ILE I 173 -19.36 -17.66 5.00
C ILE I 173 -18.39 -18.81 5.17
N PRO I 174 -18.79 -20.04 4.84
CA PRO I 174 -17.89 -21.19 5.01
C PRO I 174 -16.68 -21.14 4.08
N ILE I 175 -15.52 -21.49 4.63
CA ILE I 175 -14.23 -21.29 3.95
C ILE I 175 -13.50 -22.63 3.92
N HIS I 176 -12.96 -23.00 2.77
CA HIS I 176 -12.18 -24.21 2.62
C HIS I 176 -10.71 -23.86 2.49
N TYR I 177 -9.86 -24.54 3.26
CA TYR I 177 -8.42 -24.27 3.26
C TYR I 177 -7.73 -25.26 2.34
N CYS I 178 -7.12 -24.76 1.28
CA CYS I 178 -6.50 -25.60 0.26
C CYS I 178 -5.01 -25.76 0.55
N ALA I 179 -4.51 -26.98 0.41
CA ALA I 179 -3.09 -27.23 0.50
C ALA I 179 -2.39 -26.71 -0.75
N PRO I 180 -1.14 -26.27 -0.63
CA PRO I 180 -0.33 -26.02 -1.83
C PRO I 180 0.20 -27.33 -2.40
N ALA I 181 0.80 -27.22 -3.57
CA ALA I 181 1.35 -28.40 -4.23
C ALA I 181 2.57 -28.91 -3.46
N GLY I 182 2.67 -30.23 -3.33
CA GLY I 182 3.71 -30.84 -2.55
C GLY I 182 3.43 -30.96 -1.07
N TYR I 183 2.27 -30.51 -0.61
CA TYR I 183 1.89 -30.58 0.79
C TYR I 183 0.54 -31.28 0.92
N ALA I 184 0.42 -32.14 1.92
CA ALA I 184 -0.78 -32.95 2.09
C ALA I 184 -1.43 -32.66 3.44
N ILE I 185 -2.75 -32.83 3.48
CA ILE I 185 -3.54 -32.59 4.68
C ILE I 185 -4.08 -33.92 5.20
N LEU I 186 -3.83 -34.20 6.47
CA LEU I 186 -4.26 -35.40 7.15
C LEU I 186 -5.42 -35.07 8.08
N LYS I 187 -6.39 -35.98 8.19
CA LYS I 187 -7.69 -35.65 8.77
C LYS I 187 -7.99 -36.35 10.09
N CYS I 188 -7.59 -37.61 10.27
CA CYS I 188 -7.90 -38.45 11.46
C CYS I 188 -9.42 -38.57 11.64
N ASN I 189 -10.01 -39.39 10.77
CA ASN I 189 -11.45 -39.69 10.81
C ASN I 189 -11.88 -40.55 11.99
N ASN I 190 -11.00 -40.88 12.95
CA ASN I 190 -11.44 -41.63 14.12
C ASN I 190 -12.40 -40.79 14.95
N LYS I 191 -13.39 -41.48 15.54
CA LYS I 191 -14.46 -40.80 16.26
C LYS I 191 -14.00 -40.33 17.64
N THR I 192 -13.28 -41.18 18.38
CA THR I 192 -12.93 -40.90 19.76
C THR I 192 -11.54 -40.28 19.90
N PHE I 193 -11.13 -39.46 18.94
CA PHE I 193 -9.88 -38.72 19.04
C PHE I 193 -9.94 -37.74 20.21
N THR I 194 -8.89 -37.73 21.02
CA THR I 194 -8.89 -37.02 22.29
C THR I 194 -8.12 -35.70 22.23
N GLY I 195 -7.83 -35.20 21.03
CA GLY I 195 -7.06 -34.00 20.87
C GLY I 195 -5.56 -34.20 20.81
N THR I 196 -5.07 -35.38 21.16
CA THR I 196 -3.65 -35.70 21.06
C THR I 196 -3.51 -37.21 20.97
N GLY I 197 -2.41 -37.64 20.35
CA GLY I 197 -2.08 -39.05 20.32
C GLY I 197 -2.14 -39.64 18.93
N PRO I 198 -1.93 -40.95 18.82
CA PRO I 198 -1.92 -41.60 17.51
C PRO I 198 -3.30 -42.00 17.00
N CYS I 199 -3.61 -41.60 15.76
CA CYS I 199 -4.79 -42.09 15.06
C CYS I 199 -4.40 -43.26 14.17
N ASN I 200 -5.26 -44.28 14.14
CA ASN I 200 -5.13 -45.39 13.21
C ASN I 200 -6.25 -45.36 12.17
N ASN I 201 -6.79 -44.17 11.90
CA ASN I 201 -7.85 -43.98 10.93
C ASN I 201 -7.53 -42.78 10.05
N VAL I 202 -6.29 -42.72 9.57
CA VAL I 202 -5.79 -41.56 8.85
C VAL I 202 -6.39 -41.50 7.46
N SER I 203 -6.71 -40.29 7.00
CA SER I 203 -7.23 -40.09 5.65
C SER I 203 -6.74 -38.75 5.14
N THR I 204 -6.82 -38.57 3.82
CA THR I 204 -6.29 -37.39 3.17
C THR I 204 -7.33 -36.74 2.25
N VAL I 205 -7.26 -35.41 2.19
CA VAL I 205 -8.07 -34.60 1.30
C VAL I 205 -7.15 -33.62 0.58
N GLN I 206 -7.73 -32.89 -0.37
CA GLN I 206 -7.04 -31.76 -0.98
C GLN I 206 -7.32 -30.46 -0.25
N CYS I 207 -8.53 -30.29 0.24
CA CYS I 207 -8.88 -29.10 1.00
C CYS I 207 -9.91 -29.47 2.05
N THR I 208 -10.01 -28.63 3.08
CA THR I 208 -10.90 -28.87 4.20
C THR I 208 -12.34 -28.54 3.83
N HIS I 209 -13.24 -28.80 4.78
CA HIS I 209 -14.66 -28.53 4.58
C HIS I 209 -14.95 -27.04 4.84
N GLY I 210 -16.23 -26.72 4.98
CA GLY I 210 -16.64 -25.35 5.15
C GLY I 210 -16.57 -24.80 6.57
N ILE I 211 -15.37 -24.48 7.04
CA ILE I 211 -15.22 -23.86 8.35
C ILE I 211 -15.71 -22.41 8.27
N LYS I 212 -16.59 -22.03 9.23
CA LYS I 212 -17.18 -20.71 9.31
C LYS I 212 -16.46 -19.86 10.35
N PRO I 213 -16.27 -18.56 10.08
CA PRO I 213 -15.68 -17.65 11.09
C PRO I 213 -16.70 -17.21 12.14
N VAL I 214 -16.90 -18.05 13.14
CA VAL I 214 -17.87 -17.81 14.19
C VAL I 214 -17.22 -17.04 15.32
N VAL I 215 -17.84 -15.93 15.73
CA VAL I 215 -17.35 -15.10 16.81
C VAL I 215 -18.37 -15.21 17.95
N SER I 216 -17.95 -15.80 19.07
CA SER I 216 -18.83 -15.97 20.22
C SER I 216 -17.98 -16.11 21.46
N THR I 217 -18.62 -15.91 22.61
CA THR I 217 -17.98 -16.10 23.91
C THR I 217 -18.85 -16.96 24.81
N GLN I 218 -18.19 -17.59 25.79
CA GLN I 218 -18.70 -18.47 26.85
C GLN I 218 -19.18 -19.83 26.36
N LEU I 219 -19.32 -20.00 25.04
CA LEU I 219 -19.76 -21.18 24.31
C LEU I 219 -19.71 -20.86 22.83
N LEU I 220 -19.75 -21.91 22.01
CA LEU I 220 -19.69 -21.75 20.56
C LEU I 220 -20.89 -22.43 19.90
N LEU I 221 -21.19 -21.96 18.69
CA LEU I 221 -22.48 -22.16 18.07
C LEU I 221 -22.32 -22.06 16.56
N ASN I 222 -23.34 -22.58 15.84
CA ASN I 222 -23.32 -22.76 14.38
C ASN I 222 -22.12 -23.60 13.91
N GLY I 223 -21.74 -24.60 14.70
CA GLY I 223 -20.59 -25.42 14.40
C GLY I 223 -20.94 -26.87 14.11
N SER I 224 -19.88 -27.66 13.93
CA SER I 224 -20.04 -29.09 13.67
C SER I 224 -20.40 -29.82 14.96
N LEU I 225 -20.67 -31.12 14.83
CA LEU I 225 -21.11 -31.94 15.95
C LEU I 225 -20.23 -33.18 16.06
N ALA I 226 -20.14 -33.72 17.27
CA ALA I 226 -19.31 -34.88 17.54
C ALA I 226 -19.96 -36.13 16.97
N GLU I 227 -19.20 -37.23 16.97
CA GLU I 227 -19.61 -38.49 16.38
C GLU I 227 -20.22 -39.45 17.41
N GLY I 228 -19.53 -39.68 18.51
CA GLY I 228 -20.02 -40.57 19.54
C GLY I 228 -20.86 -39.82 20.56
N GLU I 229 -20.42 -39.80 21.81
CA GLU I 229 -20.97 -38.91 22.81
C GLU I 229 -20.10 -37.66 22.94
N ILE I 230 -20.34 -36.88 23.99
CA ILE I 230 -19.67 -35.60 24.19
C ILE I 230 -18.19 -35.81 24.46
N ILE I 231 -17.34 -35.06 23.74
CA ILE I 231 -15.89 -35.19 23.81
C ILE I 231 -15.32 -34.02 24.61
N ILE I 232 -14.30 -34.29 25.41
CA ILE I 232 -13.63 -33.26 26.19
C ILE I 232 -12.17 -33.20 25.74
N ARG I 233 -11.74 -32.02 25.31
CA ARG I 233 -10.37 -31.81 24.86
C ARG I 233 -9.67 -30.84 25.80
N SER I 234 -8.43 -31.17 26.17
CA SER I 234 -7.66 -30.38 27.11
C SER I 234 -6.19 -30.71 26.94
N GLU I 235 -5.35 -29.78 27.38
CA GLU I 235 -3.92 -30.03 27.42
C GLU I 235 -3.59 -30.94 28.60
N ASN I 236 -2.51 -31.72 28.46
CA ASN I 236 -2.14 -32.66 29.51
C ASN I 236 -0.70 -32.48 29.97
N ILE I 237 -0.11 -31.30 29.76
CA ILE I 237 1.20 -31.02 30.34
C ILE I 237 1.10 -30.91 31.86
N THR I 238 0.08 -30.20 32.34
CA THR I 238 -0.14 -30.03 33.77
C THR I 238 -1.63 -29.85 34.02
N LYS I 239 -2.03 -30.05 35.27
CA LYS I 239 -3.43 -29.85 35.65
C LYS I 239 -3.82 -28.38 35.61
N ASN I 240 -2.86 -27.48 35.72
CA ASN I 240 -3.09 -26.05 35.57
C ASN I 240 -3.36 -25.75 34.10
N VAL I 241 -4.65 -25.59 33.75
CA VAL I 241 -5.07 -25.46 32.37
C VAL I 241 -5.65 -24.07 32.15
N LYS I 242 -5.50 -23.56 30.93
CA LYS I 242 -6.12 -22.28 30.60
C LYS I 242 -7.58 -22.46 30.21
N THR I 243 -7.86 -23.34 29.25
CA THR I 243 -9.20 -23.48 28.71
C THR I 243 -9.41 -24.94 28.31
N ILE I 244 -10.57 -25.47 28.65
CA ILE I 244 -10.97 -26.83 28.34
C ILE I 244 -12.15 -26.77 27.39
N ILE I 245 -12.05 -27.49 26.26
CA ILE I 245 -13.07 -27.47 25.22
C ILE I 245 -13.98 -28.66 25.41
N VAL I 246 -15.30 -28.41 25.35
CA VAL I 246 -16.30 -29.45 25.44
C VAL I 246 -17.08 -29.43 24.13
N HIS I 247 -17.09 -30.57 23.42
CA HIS I 247 -17.72 -30.69 22.12
C HIS I 247 -18.94 -31.59 22.25
N LEU I 248 -20.10 -31.06 21.90
CA LEU I 248 -21.35 -31.77 22.07
C LEU I 248 -21.61 -32.73 20.92
N ASN I 249 -22.30 -33.81 21.22
CA ASN I 249 -22.78 -34.75 20.23
C ASN I 249 -24.23 -34.52 19.84
N GLU I 250 -24.89 -33.55 20.47
CA GLU I 250 -26.31 -33.32 20.25
C GLU I 250 -26.56 -31.82 20.33
N SER I 251 -27.20 -31.27 19.30
CA SER I 251 -27.44 -29.84 19.25
C SER I 251 -28.55 -29.42 20.21
N VAL I 252 -28.41 -28.21 20.76
CA VAL I 252 -29.43 -27.56 21.56
C VAL I 252 -29.74 -26.23 20.87
N LYS I 253 -31.02 -25.86 20.85
CA LYS I 253 -31.46 -24.69 20.11
C LYS I 253 -31.61 -23.49 21.03
N ILE I 254 -31.16 -22.33 20.55
CA ILE I 254 -31.29 -21.06 21.23
C ILE I 254 -32.09 -20.11 20.36
N GLU I 255 -33.01 -19.37 20.97
CA GLU I 255 -33.81 -18.39 20.24
C GLU I 255 -33.60 -17.01 20.84
N CYS I 256 -33.04 -16.10 20.06
CA CYS I 256 -32.68 -14.76 20.52
C CYS I 256 -33.62 -13.75 19.87
N THR I 257 -33.98 -12.69 20.61
CA THR I 257 -34.85 -11.70 20.01
C THR I 257 -34.62 -10.32 20.62
N ARG I 258 -34.59 -9.32 19.73
CA ARG I 258 -34.70 -7.90 20.07
C ARG I 258 -36.07 -7.45 19.58
N PRO I 259 -37.01 -7.15 20.46
CA PRO I 259 -38.41 -7.03 20.05
C PRO I 259 -38.79 -5.68 19.43
N ASN I 260 -38.01 -4.64 19.69
CA ASN I 260 -38.41 -3.31 19.29
C ASN I 260 -37.91 -2.96 17.90
N ASN I 261 -38.63 -2.04 17.24
CA ASN I 261 -38.23 -1.49 15.97
C ASN I 261 -37.54 -0.15 16.18
N LYS I 262 -36.57 0.16 15.32
CA LYS I 262 -35.74 1.34 15.48
C LYS I 262 -35.79 2.19 14.22
N THR I 263 -35.55 3.48 14.39
CA THR I 263 -35.60 4.45 13.30
C THR I 263 -34.18 4.88 12.97
N ARG I 264 -33.66 4.42 11.84
CA ARG I 264 -32.36 4.87 11.37
C ARG I 264 -32.46 6.29 10.84
N THR I 265 -31.53 7.14 11.27
CA THR I 265 -31.42 8.49 10.75
C THR I 265 -29.98 8.72 10.29
N SER I 266 -29.82 9.58 9.29
CA SER I 266 -28.52 9.84 8.69
C SER I 266 -28.08 11.26 8.97
N ILE I 267 -26.81 11.42 9.32
CA ILE I 267 -26.19 12.71 9.54
C ILE I 267 -25.05 12.85 8.54
N ARG I 268 -25.04 13.96 7.79
CA ARG I 268 -24.05 14.18 6.76
C ARG I 268 -22.82 14.87 7.35
N ILE I 269 -21.66 14.28 7.13
CA ILE I 269 -20.40 14.89 7.55
C ILE I 269 -19.64 15.39 6.33
N PRO I 271 -17.81 16.17 3.21
CA PRO I 271 -17.58 15.32 2.03
C PRO I 271 -18.59 14.18 1.88
N GLY I 272 -18.26 13.17 1.07
CA GLY I 272 -19.23 12.20 0.60
C GLY I 272 -19.73 11.19 1.60
N GLN I 273 -19.23 11.21 2.83
CA GLN I 273 -19.67 10.26 3.83
C GLN I 273 -21.05 10.64 4.37
N TRP I 274 -21.68 9.67 5.04
CA TRP I 274 -23.00 9.88 5.64
C TRP I 274 -23.07 9.03 6.90
N PHE I 275 -22.93 9.67 8.06
CA PHE I 275 -22.98 8.95 9.33
C PHE I 275 -24.39 8.48 9.64
N TYR I 276 -24.51 7.27 10.19
CA TYR I 276 -25.79 6.69 10.53
C TYR I 276 -25.96 6.63 12.04
N ALA I 277 -27.13 7.06 12.51
CA ALA I 277 -27.44 7.05 13.93
C ALA I 277 -28.89 6.60 14.11
N THR I 278 -29.27 6.39 15.37
CA THR I 278 -30.63 6.00 15.69
C THR I 278 -31.48 7.24 15.93
N GLY I 279 -32.69 7.25 15.37
CA GLY I 279 -33.59 8.35 15.61
C GLY I 279 -34.55 8.15 16.76
N GLN I 280 -35.32 7.07 16.73
CA GLN I 280 -36.41 6.86 17.69
C GLN I 280 -36.83 5.40 17.66
N VAL I 281 -37.10 4.85 18.84
CA VAL I 281 -37.65 3.50 18.95
C VAL I 281 -39.16 3.59 18.75
N ILE I 282 -39.70 2.64 17.97
CA ILE I 282 -41.12 2.58 17.66
C ILE I 282 -41.84 1.85 18.77
N GLY I 283 -42.90 2.47 19.30
CA GLY I 283 -43.75 1.80 20.26
C GLY I 283 -43.16 1.72 21.66
N ASP I 284 -43.79 0.88 22.47
CA ASP I 284 -43.39 0.71 23.86
C ASP I 284 -42.12 -0.11 23.96
N ILE I 285 -41.36 0.15 25.02
CA ILE I 285 -40.02 -0.43 25.17
C ILE I 285 -40.12 -1.80 25.83
N ARG I 286 -39.47 -2.79 25.23
CA ARG I 286 -39.33 -4.11 25.82
C ARG I 286 -37.86 -4.50 25.79
N GLU I 287 -37.42 -5.23 26.81
CA GLU I 287 -36.02 -5.61 26.91
C GLU I 287 -35.76 -6.88 26.11
N ALA I 288 -34.66 -6.88 25.35
CA ALA I 288 -34.31 -8.01 24.50
C ALA I 288 -33.92 -9.22 25.33
N TYR I 289 -34.17 -10.41 24.79
CA TYR I 289 -34.05 -11.61 25.60
C TYR I 289 -33.85 -12.83 24.72
N CYS I 290 -33.39 -13.91 25.35
CA CYS I 290 -33.17 -15.18 24.69
C CYS I 290 -33.88 -16.30 25.45
N ASN I 291 -34.14 -17.39 24.73
CA ASN I 291 -34.92 -18.51 25.21
C ASN I 291 -34.20 -19.82 24.97
N ILE I 292 -34.28 -20.70 25.97
CA ILE I 292 -33.62 -22.01 26.00
C ILE I 292 -34.66 -23.04 26.38
N ASN I 293 -34.71 -24.15 25.63
CA ASN I 293 -35.46 -25.33 26.06
C ASN I 293 -34.82 -25.88 27.33
N GLU I 294 -35.60 -25.92 28.41
CA GLU I 294 -35.03 -26.20 29.73
C GLU I 294 -34.62 -27.66 29.86
N SER I 295 -35.42 -28.58 29.32
CA SER I 295 -35.14 -30.01 29.43
C SER I 295 -33.88 -30.40 28.68
N LYS I 296 -33.70 -29.85 27.49
CA LYS I 296 -32.49 -30.11 26.72
C LYS I 296 -31.25 -29.59 27.44
N TRP I 297 -31.37 -28.40 28.04
CA TRP I 297 -30.24 -27.78 28.73
C TRP I 297 -29.86 -28.54 29.98
N ASN I 298 -30.83 -28.91 30.82
CA ASN I 298 -30.46 -29.56 32.07
C ASN I 298 -30.01 -31.00 31.84
N GLU I 299 -30.64 -31.69 30.87
CA GLU I 299 -30.19 -33.03 30.51
C GLU I 299 -28.78 -33.01 29.93
N THR I 300 -28.47 -32.00 29.11
CA THR I 300 -27.13 -31.84 28.56
C THR I 300 -26.12 -31.56 29.66
N LEU I 301 -26.48 -30.74 30.65
CA LEU I 301 -25.59 -30.47 31.77
C LEU I 301 -25.33 -31.71 32.61
N GLN I 302 -26.37 -32.52 32.84
CA GLN I 302 -26.19 -33.78 33.58
C GLN I 302 -25.27 -34.74 32.83
N ARG I 303 -25.47 -34.86 31.52
CA ARG I 303 -24.62 -35.74 30.71
C ARG I 303 -23.18 -35.24 30.70
N VAL I 304 -22.99 -33.92 30.58
CA VAL I 304 -21.65 -33.35 30.55
C VAL I 304 -20.94 -33.56 31.88
N SER I 305 -21.63 -33.36 33.00
CA SER I 305 -21.00 -33.55 34.31
C SER I 305 -20.66 -35.02 34.57
N LYS I 306 -21.58 -35.93 34.22
CA LYS I 306 -21.31 -37.33 34.47
C LYS I 306 -20.32 -37.92 33.47
N LYS I 307 -20.04 -37.21 32.36
CA LYS I 307 -18.94 -37.61 31.51
C LYS I 307 -17.62 -36.98 31.98
N LEU I 308 -17.69 -35.75 32.52
CA LEU I 308 -16.50 -35.06 33.02
C LEU I 308 -15.93 -35.71 34.26
N LYS I 309 -16.74 -36.42 35.04
CA LYS I 309 -16.13 -37.04 36.21
C LYS I 309 -15.34 -38.31 35.89
N GLU I 310 -15.15 -38.66 34.62
CA GLU I 310 -14.17 -39.70 34.26
C GLU I 310 -12.75 -39.23 34.58
N TYR I 311 -12.43 -37.98 34.25
CA TYR I 311 -11.07 -37.48 34.43
C TYR I 311 -10.76 -37.30 35.91
N PHE I 312 -11.64 -36.65 36.65
CA PHE I 312 -11.43 -36.39 38.06
C PHE I 312 -12.15 -37.45 38.88
N PRO I 313 -11.43 -38.25 39.68
CA PRO I 313 -11.99 -39.52 40.16
C PRO I 313 -13.12 -39.45 41.17
N HIS I 314 -12.97 -38.66 42.24
CA HIS I 314 -13.84 -38.82 43.41
C HIS I 314 -14.47 -37.53 43.90
N LYS I 315 -14.39 -36.44 43.15
CA LYS I 315 -14.77 -35.13 43.65
C LYS I 315 -16.07 -34.67 43.00
N ASN I 316 -16.85 -33.88 43.75
CA ASN I 316 -18.13 -33.38 43.26
C ASN I 316 -17.91 -32.33 42.17
N ILE I 317 -18.98 -32.03 41.43
CA ILE I 317 -18.90 -31.13 40.28
C ILE I 317 -19.92 -30.01 40.45
N THR I 318 -19.47 -28.76 40.36
CA THR I 318 -20.33 -27.63 40.70
C THR I 318 -20.03 -26.47 39.76
N PHE I 319 -21.08 -25.73 39.38
CA PHE I 319 -21.00 -24.67 38.40
C PHE I 319 -21.41 -23.33 39.02
N GLN I 320 -20.68 -22.28 38.67
CA GLN I 320 -21.05 -20.89 38.93
C GLN I 320 -20.73 -20.11 37.67
N PRO I 321 -21.37 -18.95 37.48
CA PRO I 321 -20.93 -18.05 36.41
C PRO I 321 -19.60 -17.40 36.73
N SER I 322 -19.01 -16.79 35.72
CA SER I 322 -17.71 -16.14 35.86
C SER I 322 -17.85 -14.85 36.69
N SER I 323 -16.73 -14.43 37.25
CA SER I 323 -16.67 -13.21 38.05
C SER I 323 -15.57 -12.32 37.50
N GLY I 324 -15.81 -11.01 37.53
CA GLY I 324 -14.80 -10.04 37.15
C GLY I 324 -14.59 -9.95 35.65
N GLY I 325 -13.85 -8.90 35.26
CA GLY I 325 -13.54 -8.69 33.86
C GLY I 325 -14.61 -7.90 33.13
N ASP I 326 -14.37 -7.73 31.84
CA ASP I 326 -15.27 -6.97 30.99
C ASP I 326 -16.53 -7.78 30.67
N LEU I 327 -17.42 -7.17 29.87
CA LEU I 327 -18.69 -7.79 29.54
C LEU I 327 -18.52 -8.96 28.58
N GLU I 328 -17.37 -9.05 27.89
CA GLU I 328 -17.15 -10.13 26.95
C GLU I 328 -16.94 -11.48 27.63
N ILE I 329 -16.60 -11.50 28.92
CA ILE I 329 -16.42 -12.75 29.64
C ILE I 329 -17.49 -12.96 30.69
N THR I 330 -18.05 -11.90 31.28
CA THR I 330 -19.15 -12.07 32.23
C THR I 330 -20.45 -12.46 31.56
N THR I 331 -20.60 -12.21 30.25
CA THR I 331 -21.82 -12.51 29.53
C THR I 331 -21.50 -13.29 28.28
N HIS I 332 -22.52 -13.97 27.76
CA HIS I 332 -22.46 -14.54 26.41
C HIS I 332 -22.55 -13.42 25.38
N SER I 333 -21.47 -13.14 24.68
CA SER I 333 -21.52 -12.14 23.64
C SER I 333 -21.42 -12.80 22.27
N PHE I 334 -22.19 -12.28 21.34
CA PHE I 334 -22.15 -12.76 19.95
C PHE I 334 -22.68 -11.65 19.07
N ASN I 335 -22.77 -11.94 17.77
CA ASN I 335 -23.37 -11.05 16.79
C ASN I 335 -24.51 -11.81 16.10
N CYS I 336 -25.61 -11.10 15.85
CA CYS I 336 -26.67 -11.63 15.01
C CYS I 336 -27.24 -10.49 14.18
N GLY I 337 -27.43 -10.76 12.90
CA GLY I 337 -27.79 -9.70 11.96
C GLY I 337 -26.66 -8.69 11.89
N GLY I 338 -26.99 -7.44 12.18
CA GLY I 338 -26.01 -6.40 12.39
C GLY I 338 -25.84 -5.97 13.82
N GLU I 339 -26.40 -6.71 14.79
CA GLU I 339 -26.46 -6.24 16.17
C GLU I 339 -25.76 -7.21 17.10
N PHE I 340 -25.01 -6.66 18.04
CA PHE I 340 -24.19 -7.44 18.98
C PHE I 340 -24.93 -7.61 20.29
N PHE I 341 -24.96 -8.84 20.79
CA PHE I 341 -25.75 -9.19 21.96
C PHE I 341 -24.84 -9.68 23.09
N TYR I 342 -25.22 -9.30 24.31
CA TYR I 342 -24.54 -9.71 25.54
C TYR I 342 -25.60 -10.26 26.48
N CYS I 343 -25.50 -11.55 26.80
CA CYS I 343 -26.56 -12.31 27.44
C CYS I 343 -26.13 -12.74 28.84
N ASN I 344 -26.98 -12.42 29.81
CA ASN I 344 -26.82 -12.86 31.19
C ASN I 344 -26.92 -14.39 31.25
N THR I 345 -25.87 -15.04 31.75
CA THR I 345 -25.83 -16.50 31.86
C THR I 345 -25.75 -16.98 33.29
N SER I 346 -26.18 -16.16 34.26
CA SER I 346 -26.10 -16.55 35.66
C SER I 346 -27.05 -17.69 35.99
N SER I 347 -28.26 -17.66 35.42
CA SER I 347 -29.25 -18.68 35.75
C SER I 347 -28.92 -20.02 35.11
N LEU I 348 -28.20 -20.02 33.98
CA LEU I 348 -27.94 -21.26 33.25
C LEU I 348 -26.94 -22.15 33.99
N PHE I 349 -25.92 -21.54 34.59
CA PHE I 349 -24.79 -22.28 35.15
C PHE I 349 -24.87 -22.42 36.66
N ASN I 350 -26.06 -22.61 37.23
CA ASN I 350 -26.20 -22.79 38.66
C ASN I 350 -26.64 -24.22 38.95
N ARG I 351 -25.68 -25.13 39.00
CA ARG I 351 -25.94 -26.55 39.25
C ARG I 351 -24.85 -27.13 40.14
N THR I 352 -25.16 -28.26 40.77
CA THR I 352 -24.18 -29.06 41.47
C THR I 352 -24.58 -30.53 41.43
N TYR I 353 -23.58 -31.40 41.52
CA TYR I 353 -23.76 -32.85 41.48
C TYR I 353 -22.74 -33.54 42.38
N MET I 354 -23.22 -34.54 43.10
CA MET I 354 -22.42 -35.32 44.03
C MET I 354 -21.68 -36.42 43.27
N ALA I 355 -20.52 -36.80 43.78
CA ALA I 355 -19.66 -37.77 43.10
C ALA I 355 -20.01 -39.22 43.43
N ASN I 356 -21.09 -39.45 44.18
CA ASN I 356 -21.55 -40.78 44.61
C ASN I 356 -20.49 -41.57 45.37
N ASN I 367 -40.12 -33.53 25.91
CA ASN I 367 -38.77 -33.37 25.37
C ASN I 367 -38.43 -31.89 25.20
N SER I 368 -39.46 -31.04 25.21
CA SER I 368 -39.26 -29.60 25.08
C SER I 368 -40.16 -28.83 26.04
N THR I 369 -40.48 -29.42 27.19
CA THR I 369 -41.30 -28.72 28.18
C THR I 369 -40.47 -27.67 28.92
N ARG I 370 -41.11 -26.52 29.18
CA ARG I 370 -40.61 -25.34 29.88
C ARG I 370 -39.43 -24.64 29.18
N THR I 371 -39.21 -23.38 29.52
CA THR I 371 -38.26 -22.56 28.78
C THR I 371 -37.65 -21.51 29.69
N ILE I 372 -36.33 -21.45 29.70
CA ILE I 372 -35.58 -20.45 30.45
C ILE I 372 -35.42 -19.22 29.58
N THR I 373 -35.79 -18.06 30.13
CA THR I 373 -35.61 -16.77 29.47
C THR I 373 -34.48 -16.02 30.17
N ILE I 374 -33.60 -15.42 29.38
CA ILE I 374 -32.46 -14.68 29.91
C ILE I 374 -32.45 -13.28 29.30
N HIS I 375 -32.18 -12.28 30.14
CA HIS I 375 -32.15 -10.88 29.75
C HIS I 375 -30.81 -10.52 29.13
N CYS I 376 -30.84 -9.50 28.26
CA CYS I 376 -29.66 -9.14 27.49
C CYS I 376 -29.51 -7.63 27.45
N ARG I 377 -28.34 -7.19 26.99
CA ARG I 377 -28.09 -5.80 26.68
C ARG I 377 -27.32 -5.74 25.36
N ILE I 378 -27.49 -4.63 24.65
CA ILE I 378 -26.90 -4.44 23.33
C ILE I 378 -26.18 -3.10 23.30
N LYS I 379 -25.01 -3.06 22.66
CA LYS I 379 -24.20 -1.86 22.57
C LYS I 379 -23.61 -1.76 21.17
N GLN I 380 -23.31 -0.54 20.75
CA GLN I 380 -22.89 -0.31 19.38
C GLN I 380 -21.38 -0.30 19.18
N ILE I 381 -20.63 0.30 20.09
CA ILE I 381 -19.19 0.41 19.94
C ILE I 381 -18.54 -0.84 20.52
N ILE I 382 -17.91 -1.63 19.65
CA ILE I 382 -17.28 -2.89 20.04
C ILE I 382 -15.80 -2.77 19.74
N ASN I 383 -14.97 -3.17 20.70
CA ASN I 383 -13.55 -3.32 20.43
C ASN I 383 -13.31 -4.51 19.52
N MET I 384 -12.11 -4.55 18.93
CA MET I 384 -11.70 -5.74 18.19
C MET I 384 -11.62 -6.92 19.16
N TRP I 385 -12.03 -8.09 18.69
CA TRP I 385 -12.36 -9.20 19.57
C TRP I 385 -11.13 -9.89 20.17
N GLN I 386 -9.92 -9.38 19.90
CA GLN I 386 -8.70 -9.90 20.48
C GLN I 386 -7.85 -8.81 21.08
N GLU I 387 -8.23 -7.54 20.91
CA GLU I 387 -7.26 -6.46 21.02
C GLU I 387 -7.97 -5.16 21.35
N VAL I 388 -7.31 -4.33 22.16
CA VAL I 388 -7.78 -2.99 22.45
C VAL I 388 -6.86 -1.99 21.76
N GLY I 389 -7.25 -0.73 21.79
CA GLY I 389 -6.59 0.28 20.99
C GLY I 389 -7.15 0.43 19.60
N ARG I 390 -8.21 -0.30 19.27
CA ARG I 390 -8.94 -0.12 18.02
C ARG I 390 -10.37 -0.57 18.25
N ALA I 391 -11.33 0.27 17.82
CA ALA I 391 -12.73 0.02 18.07
C ALA I 391 -13.55 0.35 16.83
N MET I 392 -14.69 -0.30 16.70
CA MET I 392 -15.59 -0.13 15.57
C MET I 392 -16.98 0.21 16.09
N TYR I 393 -17.72 0.99 15.29
CA TYR I 393 -19.07 1.39 15.66
C TYR I 393 -20.06 0.62 14.78
N ALA I 394 -20.91 -0.18 15.41
CA ALA I 394 -21.94 -0.88 14.68
C ALA I 394 -23.02 0.10 14.25
N PRO I 395 -23.49 0.01 13.00
CA PRO I 395 -24.61 0.86 12.58
C PRO I 395 -25.90 0.37 13.20
N PRO I 396 -26.89 1.25 13.38
CA PRO I 396 -28.19 0.80 13.89
C PRO I 396 -28.92 -0.05 12.87
N ILE I 397 -29.74 -0.96 13.38
CA ILE I 397 -30.52 -1.88 12.56
C ILE I 397 -31.99 -1.63 12.85
N ALA I 398 -32.75 -1.31 11.80
CA ALA I 398 -34.17 -1.02 11.97
C ALA I 398 -34.97 -2.31 12.11
N GLY I 399 -36.10 -2.19 12.80
CA GLY I 399 -37.02 -3.30 12.93
C GLY I 399 -36.64 -4.28 14.03
N ASN I 400 -37.61 -5.13 14.38
CA ASN I 400 -37.36 -6.19 15.34
C ASN I 400 -36.51 -7.29 14.72
N ILE I 401 -35.67 -7.91 15.55
CA ILE I 401 -34.71 -8.92 15.09
C ILE I 401 -34.98 -10.22 15.82
N THR I 402 -35.07 -11.32 15.07
CA THR I 402 -35.18 -12.65 15.66
C THR I 402 -34.10 -13.55 15.08
N CYS I 403 -33.59 -14.44 15.91
CA CYS I 403 -32.50 -15.32 15.54
C CYS I 403 -32.72 -16.69 16.16
N ILE I 404 -32.31 -17.72 15.43
CA ILE I 404 -32.32 -19.10 15.92
C ILE I 404 -30.95 -19.69 15.63
N SER I 405 -30.35 -20.34 16.64
CA SER I 405 -29.03 -20.92 16.41
C SER I 405 -28.89 -22.23 17.18
N ASN I 406 -27.85 -22.97 16.81
CA ASN I 406 -27.56 -24.30 17.32
C ASN I 406 -26.24 -24.23 18.08
N ILE I 407 -26.29 -24.46 19.39
CA ILE I 407 -25.08 -24.38 20.20
C ILE I 407 -24.41 -25.75 20.21
N THR I 408 -23.10 -25.76 19.98
CA THR I 408 -22.40 -27.03 19.71
C THR I 408 -21.33 -27.37 20.72
N GLY I 409 -21.02 -26.49 21.67
CA GLY I 409 -19.99 -26.81 22.63
C GLY I 409 -19.80 -25.70 23.63
N LEU I 410 -18.91 -25.95 24.58
CA LEU I 410 -18.63 -25.04 25.68
C LEU I 410 -17.13 -24.83 25.81
N LEU I 411 -16.75 -23.66 26.32
CA LEU I 411 -15.37 -23.36 26.67
C LEU I 411 -15.36 -23.08 28.17
N LEU I 412 -14.67 -23.92 28.94
CA LEU I 412 -14.72 -23.85 30.38
C LEU I 412 -13.33 -23.64 30.96
N THR I 413 -13.28 -23.14 32.19
CA THR I 413 -12.07 -23.07 32.99
C THR I 413 -12.39 -23.64 34.38
N ARG I 414 -11.34 -23.92 35.14
CA ARG I 414 -11.51 -24.62 36.41
C ARG I 414 -10.86 -23.81 37.51
N ASP I 415 -11.57 -23.67 38.63
CA ASP I 415 -11.00 -23.05 39.81
C ASP I 415 -10.05 -24.00 40.50
N TYR I 416 -9.38 -23.51 41.55
CA TYR I 416 -8.60 -24.40 42.40
C TYR I 416 -9.52 -25.29 43.22
N GLY I 417 -10.34 -24.71 44.07
CA GLY I 417 -11.15 -25.55 44.93
C GLY I 417 -10.30 -26.21 46.00
N LYS I 418 -10.83 -27.28 46.58
CA LYS I 418 -10.12 -27.98 47.63
C LYS I 418 -10.50 -29.45 47.56
N ASN I 419 -10.27 -30.17 48.66
CA ASN I 419 -10.72 -31.55 48.85
C ASN I 419 -12.21 -31.69 48.57
N ASN I 420 -12.55 -32.82 47.91
CA ASN I 420 -13.89 -33.38 47.72
C ASN I 420 -14.70 -32.60 46.66
N THR I 421 -14.18 -31.48 46.17
CA THR I 421 -14.97 -30.65 45.27
C THR I 421 -14.07 -29.98 44.24
N GLU I 422 -14.34 -30.23 42.96
CA GLU I 422 -13.84 -29.39 41.88
C GLU I 422 -14.92 -28.43 41.42
N THR I 423 -14.50 -27.43 40.63
CA THR I 423 -15.38 -26.32 40.29
C THR I 423 -15.07 -25.85 38.88
N PHE I 424 -16.09 -25.80 38.03
CA PHE I 424 -15.94 -25.41 36.63
C PHE I 424 -16.83 -24.22 36.34
N ARG I 425 -16.26 -23.20 35.69
CA ARG I 425 -16.94 -21.96 35.37
C ARG I 425 -16.63 -21.58 33.93
N PRO I 426 -17.57 -20.94 33.23
CA PRO I 426 -17.33 -20.60 31.82
C PRO I 426 -16.31 -19.48 31.66
N GLY I 427 -15.69 -19.46 30.50
CA GLY I 427 -14.72 -18.42 30.15
C GLY I 427 -14.55 -18.37 28.66
N GLY I 428 -13.31 -18.14 28.21
CA GLY I 428 -13.00 -18.18 26.81
C GLY I 428 -13.03 -16.85 26.10
N GLY I 429 -12.37 -15.85 26.68
CA GLY I 429 -12.27 -14.55 26.03
C GLY I 429 -11.36 -14.53 24.82
N ASN I 430 -10.39 -15.44 24.76
CA ASN I 430 -9.47 -15.50 23.64
C ASN I 430 -10.18 -16.18 22.48
N MET I 431 -10.24 -15.49 21.33
CA MET I 431 -11.04 -15.96 20.22
C MET I 431 -10.37 -17.12 19.50
N LYS I 432 -9.06 -17.29 19.69
CA LYS I 432 -8.29 -18.29 18.96
C LYS I 432 -8.69 -19.72 19.35
N ASP I 433 -9.05 -19.92 20.62
CA ASP I 433 -9.47 -21.25 21.08
C ASP I 433 -10.79 -21.68 20.48
N ASN I 434 -11.62 -20.72 20.05
CA ASN I 434 -12.86 -21.06 19.37
C ASN I 434 -12.60 -21.70 18.01
N TRP I 435 -11.62 -21.18 17.27
CA TRP I 435 -11.24 -21.84 16.04
C TRP I 435 -10.37 -23.06 16.26
N ARG I 436 -9.69 -23.14 17.41
CA ARG I 436 -8.96 -24.35 17.74
C ARG I 436 -9.91 -25.50 18.06
N SER I 437 -11.15 -25.19 18.44
CA SER I 437 -12.15 -26.21 18.70
C SER I 437 -12.65 -26.88 17.42
N GLU I 438 -12.36 -26.31 16.26
CA GLU I 438 -12.83 -26.84 14.99
C GLU I 438 -11.73 -27.46 14.14
N LEU I 439 -10.53 -26.87 14.12
CA LEU I 439 -9.42 -27.36 13.31
C LEU I 439 -8.57 -28.38 14.05
N TYR I 440 -9.17 -29.12 14.98
CA TYR I 440 -8.42 -30.17 15.70
C TYR I 440 -8.14 -31.37 14.80
N LYS I 441 -8.93 -31.56 13.74
CA LYS I 441 -8.80 -32.75 12.92
C LYS I 441 -7.53 -32.71 12.06
N TYR I 442 -7.27 -31.58 11.43
CA TYR I 442 -6.36 -31.52 10.30
C TYR I 442 -4.91 -31.36 10.74
N LYS I 443 -4.00 -31.71 9.84
CA LYS I 443 -2.56 -31.51 10.02
C LYS I 443 -1.92 -31.43 8.64
N VAL I 444 -0.83 -30.67 8.55
CA VAL I 444 -0.16 -30.44 7.28
C VAL I 444 1.19 -31.14 7.27
N VAL I 445 1.48 -31.86 6.18
CA VAL I 445 2.74 -32.60 6.03
C VAL I 445 3.39 -32.23 4.70
N LYS I 446 4.71 -32.34 4.67
CA LYS I 446 5.51 -32.07 3.48
C LYS I 446 6.05 -33.38 2.92
N ILE I 447 5.90 -33.54 1.61
CA ILE I 447 6.18 -34.81 0.93
C ILE I 447 7.65 -34.87 0.56
N GLU I 448 8.28 -36.02 0.81
CA GLU I 448 9.70 -36.23 0.56
C GLU I 448 9.85 -37.43 -0.38
N PRO I 449 9.73 -37.21 -1.69
CA PRO I 449 9.56 -38.33 -2.62
C PRO I 449 10.84 -38.96 -3.14
N LEU I 450 11.99 -38.70 -2.51
CA LEU I 450 13.25 -39.12 -3.09
C LEU I 450 13.98 -40.11 -2.19
N GLY I 451 13.28 -41.14 -1.74
CA GLY I 451 13.90 -42.14 -0.89
C GLY I 451 14.84 -43.04 -1.69
N VAL I 452 16.03 -43.29 -1.13
CA VAL I 452 17.00 -44.20 -1.72
C VAL I 452 16.75 -45.62 -1.23
N ALA I 453 17.38 -46.60 -1.87
CA ALA I 453 17.15 -48.00 -1.53
C ALA I 453 18.38 -48.79 -1.99
N PRO I 454 18.55 -50.02 -1.50
CA PRO I 454 19.45 -50.95 -2.16
C PRO I 454 18.69 -51.85 -3.14
N THR I 455 19.45 -52.46 -4.05
CA THR I 455 18.88 -53.41 -4.99
C THR I 455 19.97 -54.38 -5.43
N ARG I 456 19.55 -55.50 -6.01
CA ARG I 456 20.49 -56.50 -6.49
C ARG I 456 20.67 -56.36 -8.00
N CYS I 457 21.29 -55.25 -8.39
CA CYS I 457 21.48 -54.86 -9.78
C CYS I 457 22.51 -53.75 -9.88
N LYS I 458 23.38 -53.84 -10.88
CA LYS I 458 24.38 -52.82 -11.13
C LYS I 458 23.85 -51.84 -12.19
N ARG I 459 24.70 -50.94 -12.67
CA ARG I 459 24.38 -50.10 -13.82
C ARG I 459 25.21 -50.54 -15.00
N ARG I 460 24.69 -50.29 -16.21
CA ARG I 460 25.41 -50.53 -17.44
C ARG I 460 26.69 -49.69 -17.50
N VAL I 461 27.78 -50.33 -17.93
CA VAL I 461 29.05 -49.64 -18.09
C VAL I 461 29.46 -49.69 -19.57
N VAL J 14 -4.97 -33.71 -12.32
CA VAL J 14 -6.04 -34.60 -11.89
C VAL J 14 -5.62 -35.27 -10.57
N PHE J 15 -6.58 -35.40 -9.65
CA PHE J 15 -6.32 -35.85 -8.29
C PHE J 15 -7.11 -37.13 -8.05
N LEU J 16 -6.40 -38.25 -7.92
CA LEU J 16 -7.01 -39.54 -7.60
C LEU J 16 -5.93 -40.48 -7.07
N GLY J 17 -6.17 -41.03 -5.88
CA GLY J 17 -5.24 -41.99 -5.30
C GLY J 17 -3.92 -41.40 -4.87
N PHE J 18 -3.86 -40.10 -4.62
CA PHE J 18 -2.62 -39.46 -4.19
C PHE J 18 -2.29 -39.86 -2.76
N LEU J 19 -1.11 -40.46 -2.58
CA LEU J 19 -0.55 -40.98 -1.33
C LEU J 19 -1.39 -42.11 -0.75
N GLY J 20 -2.32 -42.69 -1.52
CA GLY J 20 -3.12 -43.80 -1.04
C GLY J 20 -2.37 -45.11 -0.94
N ALA J 21 -1.23 -45.21 -1.64
CA ALA J 21 -0.44 -46.44 -1.61
C ALA J 21 0.40 -46.58 -0.35
N ALA J 22 0.46 -45.55 0.49
CA ALA J 22 1.09 -45.70 1.80
C ALA J 22 0.29 -46.68 2.64
N GLY J 23 1.01 -47.46 3.46
CA GLY J 23 0.46 -48.63 4.08
C GLY J 23 0.68 -49.90 3.29
N SER J 24 1.17 -49.79 2.07
CA SER J 24 1.64 -50.95 1.32
C SER J 24 3.17 -50.99 1.34
N THR J 25 3.73 -51.88 0.52
CA THR J 25 5.13 -52.22 0.64
C THR J 25 6.00 -51.31 -0.22
N MET J 26 7.27 -51.69 -0.34
CA MET J 26 8.15 -51.17 -1.39
C MET J 26 7.55 -51.47 -2.75
N GLY J 27 7.41 -52.76 -3.04
CA GLY J 27 7.10 -53.20 -4.38
C GLY J 27 5.68 -52.88 -4.81
N ALA J 28 4.75 -52.79 -3.85
CA ALA J 28 3.37 -52.45 -4.18
C ALA J 28 3.25 -50.99 -4.60
N ALA J 29 3.89 -50.09 -3.85
CA ALA J 29 3.89 -48.67 -4.22
C ALA J 29 4.78 -48.40 -5.42
N SER J 30 5.63 -49.36 -5.80
CA SER J 30 6.50 -49.19 -6.96
C SER J 30 5.70 -48.99 -8.26
N MET J 31 4.58 -49.70 -8.44
CA MET J 31 3.83 -49.43 -9.67
C MET J 31 2.99 -48.17 -9.57
N THR J 32 2.81 -47.60 -8.38
CA THR J 32 1.93 -46.45 -8.20
C THR J 32 2.70 -45.17 -7.87
N LEU J 33 4.02 -45.18 -8.02
CA LEU J 33 4.83 -43.97 -7.88
C LEU J 33 4.42 -42.83 -8.82
N THR J 34 3.81 -43.14 -9.97
CA THR J 34 3.50 -42.11 -10.96
C THR J 34 2.42 -41.15 -10.46
N VAL J 35 1.50 -41.66 -9.63
CA VAL J 35 0.44 -40.82 -9.08
C VAL J 35 1.03 -39.73 -8.19
N GLN J 36 2.00 -40.10 -7.35
CA GLN J 36 2.70 -39.11 -6.55
C GLN J 36 3.62 -38.25 -7.40
N ALA J 37 4.12 -38.80 -8.51
CA ALA J 37 4.95 -38.00 -9.41
C ALA J 37 4.14 -36.95 -10.18
N ARG J 38 2.82 -37.11 -10.25
CA ARG J 38 2.01 -36.22 -11.09
C ARG J 38 1.88 -34.81 -10.50
N ASN J 39 1.81 -34.68 -9.17
CA ASN J 39 1.28 -33.48 -8.53
C ASN J 39 2.23 -32.29 -8.66
N LEU J 40 1.92 -31.41 -9.61
CA LEU J 40 2.46 -30.06 -9.70
C LEU J 40 1.33 -29.12 -10.12
N LEU J 41 0.18 -29.26 -9.49
CA LEU J 41 -1.07 -28.72 -10.02
C LEU J 41 -1.21 -27.23 -9.69
N SER J 42 -2.29 -26.65 -10.22
CA SER J 42 -2.69 -25.25 -10.05
C SER J 42 -1.62 -24.26 -10.49
N GLY J 68 -5.01 -12.72 2.72
CA GLY J 68 -5.20 -11.53 1.90
C GLY J 68 -5.13 -11.81 0.42
N ILE J 69 -4.28 -11.07 -0.29
CA ILE J 69 -4.14 -11.20 -1.73
C ILE J 69 -2.79 -11.80 -2.12
N LYS J 70 -1.83 -11.85 -1.20
CA LYS J 70 -0.44 -12.12 -1.52
C LYS J 70 -0.09 -13.61 -1.48
N GLN J 71 -1.05 -14.48 -1.78
CA GLN J 71 -0.88 -15.92 -1.68
C GLN J 71 -0.19 -16.54 -2.89
N LEU J 72 0.36 -15.72 -3.79
CA LEU J 72 0.99 -16.24 -5.01
C LEU J 72 2.27 -17.01 -4.70
N GLN J 73 3.00 -16.57 -3.67
CA GLN J 73 4.40 -16.95 -3.46
C GLN J 73 4.59 -18.46 -3.28
N ALA J 74 3.61 -19.10 -2.65
CA ALA J 74 3.68 -20.54 -2.39
C ALA J 74 3.74 -21.35 -3.68
N ARG J 75 3.07 -20.87 -4.73
CA ARG J 75 3.15 -21.51 -6.05
C ARG J 75 4.58 -21.53 -6.55
N VAL J 76 5.31 -20.43 -6.34
CA VAL J 76 6.73 -20.33 -6.70
C VAL J 76 7.52 -21.40 -5.97
N LEU J 77 7.19 -21.64 -4.69
CA LEU J 77 7.85 -22.68 -3.91
C LEU J 77 7.62 -24.06 -4.53
N ALA J 78 6.41 -24.29 -5.05
CA ALA J 78 6.11 -25.55 -5.71
C ALA J 78 6.93 -25.70 -6.99
N VAL J 79 7.24 -24.58 -7.65
CA VAL J 79 8.12 -24.63 -8.80
C VAL J 79 9.54 -24.95 -8.36
N GLU J 80 9.95 -24.44 -7.20
CA GLU J 80 11.36 -24.48 -6.83
C GLU J 80 11.78 -25.89 -6.41
N ARG J 81 11.10 -26.45 -5.41
CA ARG J 81 11.54 -27.68 -4.74
C ARG J 81 11.58 -28.86 -5.70
N TYR J 82 10.57 -28.97 -6.57
CA TYR J 82 10.55 -29.99 -7.61
C TYR J 82 11.76 -29.90 -8.52
N LEU J 83 12.11 -28.67 -8.93
CA LEU J 83 13.33 -28.48 -9.69
C LEU J 83 14.56 -28.86 -8.88
N ARG J 84 14.54 -28.51 -7.58
CA ARG J 84 15.63 -28.91 -6.69
C ARG J 84 15.65 -30.41 -6.50
N ASP J 85 14.51 -31.08 -6.71
CA ASP J 85 14.53 -32.52 -6.82
C ASP J 85 15.08 -32.95 -8.17
N GLN J 86 14.52 -32.38 -9.26
CA GLN J 86 14.66 -32.96 -10.59
C GLN J 86 16.10 -32.84 -11.09
N GLN J 87 16.67 -31.63 -11.00
CA GLN J 87 18.06 -31.39 -11.33
C GLN J 87 19.00 -32.22 -10.48
N LEU J 88 18.59 -32.53 -9.24
CA LEU J 88 19.38 -33.41 -8.39
C LEU J 88 19.52 -34.80 -9.00
N LEU J 89 18.44 -35.30 -9.59
CA LEU J 89 18.52 -36.56 -10.33
C LEU J 89 19.45 -36.42 -11.53
N GLY J 90 19.48 -35.23 -12.13
CA GLY J 90 20.38 -34.97 -13.23
C GLY J 90 21.84 -35.05 -12.84
N ILE J 91 22.16 -34.79 -11.56
CA ILE J 91 23.57 -34.89 -11.21
C ILE J 91 23.92 -36.33 -10.89
N TRP J 92 22.93 -37.20 -10.69
CA TRP J 92 23.23 -38.61 -10.44
C TRP J 92 23.24 -39.45 -11.71
N GLY J 93 22.79 -38.90 -12.83
CA GLY J 93 22.62 -39.68 -14.03
C GLY J 93 21.35 -40.48 -14.11
N CYS J 94 20.52 -40.45 -13.07
CA CYS J 94 19.20 -41.06 -13.11
C CYS J 94 18.21 -40.05 -13.69
N SER J 95 18.36 -39.79 -14.98
CA SER J 95 17.61 -38.74 -15.64
C SER J 95 16.22 -39.25 -16.02
N GLY J 96 15.20 -38.48 -15.62
CA GLY J 96 13.86 -38.71 -16.11
C GLY J 96 13.11 -39.88 -15.51
N LYS J 97 13.63 -41.10 -15.72
CA LYS J 97 12.89 -42.30 -15.36
C LYS J 97 12.77 -42.45 -13.85
N LEU J 98 11.63 -43.00 -13.42
CA LEU J 98 11.28 -43.04 -12.01
C LEU J 98 12.10 -44.06 -11.23
N ILE J 99 12.53 -45.14 -11.87
CA ILE J 99 13.30 -46.19 -11.23
C ILE J 99 14.56 -46.44 -12.05
N CYS J 100 15.71 -46.44 -11.40
CA CYS J 100 16.95 -46.79 -12.05
C CYS J 100 17.93 -47.34 -11.01
N CYS J 101 18.96 -48.01 -11.50
CA CYS J 101 20.06 -48.45 -10.67
C CYS J 101 21.28 -47.57 -10.95
N THR J 102 22.32 -47.73 -10.14
CA THR J 102 23.53 -46.95 -10.35
C THR J 102 24.76 -47.80 -10.07
N ASN J 103 25.92 -47.21 -10.34
CA ASN J 103 27.20 -47.90 -10.28
C ASN J 103 27.73 -48.06 -8.86
N VAL J 104 27.25 -47.26 -7.92
CA VAL J 104 27.73 -47.30 -6.54
C VAL J 104 27.23 -48.56 -5.84
N PRO J 105 28.11 -49.38 -5.30
CA PRO J 105 27.66 -50.57 -4.55
C PRO J 105 27.18 -50.20 -3.16
N TRP J 106 26.53 -51.15 -2.52
CA TRP J 106 26.02 -50.95 -1.17
C TRP J 106 27.12 -51.09 -0.13
N ASN J 107 26.94 -50.41 0.99
CA ASN J 107 27.88 -50.45 2.10
C ASN J 107 27.13 -50.84 3.36
N SER J 108 27.74 -51.72 4.16
CA SER J 108 27.19 -52.05 5.47
C SER J 108 27.42 -50.96 6.50
N SER J 109 28.22 -49.94 6.17
CA SER J 109 28.38 -48.78 7.05
C SER J 109 27.11 -47.95 7.15
N TRP J 110 26.18 -48.11 6.22
CA TRP J 110 24.85 -47.49 6.27
C TRP J 110 23.84 -48.45 6.86
N SER J 111 24.29 -49.24 7.85
CA SER J 111 23.63 -50.37 8.51
C SER J 111 23.46 -51.56 7.57
N ASN J 112 23.19 -52.74 8.13
CA ASN J 112 23.21 -53.97 7.36
C ASN J 112 21.94 -54.77 7.63
N ARG J 113 20.79 -54.09 7.51
CA ARG J 113 19.50 -54.77 7.53
C ARG J 113 19.40 -55.75 6.36
N ASN J 114 18.87 -56.95 6.65
CA ASN J 114 18.72 -57.95 5.61
C ASN J 114 17.67 -57.52 4.58
N LEU J 115 16.48 -57.12 5.05
CA LEU J 115 15.43 -56.41 4.31
C LEU J 115 14.76 -57.24 3.22
N SER J 116 15.25 -58.46 2.96
CA SER J 116 14.76 -59.25 1.83
C SER J 116 13.33 -59.72 2.05
N GLU J 117 13.01 -60.08 3.29
CA GLU J 117 11.62 -60.35 3.66
C GLU J 117 10.91 -59.10 4.12
N ILE J 118 11.67 -58.10 4.59
CA ILE J 118 11.10 -56.84 5.04
C ILE J 118 10.80 -55.94 3.86
N TRP J 119 11.27 -56.28 2.66
CA TRP J 119 10.91 -55.56 1.44
C TRP J 119 9.42 -55.65 1.14
N ASP J 120 8.77 -56.73 1.57
CA ASP J 120 7.34 -56.91 1.35
C ASP J 120 6.52 -56.79 2.63
N ASN J 121 7.11 -56.26 3.71
CA ASN J 121 6.35 -55.77 4.85
C ASN J 121 6.59 -54.30 5.12
N MET J 122 7.86 -53.91 5.26
CA MET J 122 8.47 -52.66 5.77
C MET J 122 7.57 -51.79 6.69
N THR J 123 6.72 -50.84 6.24
CA THR J 123 6.02 -50.35 5.02
C THR J 123 6.69 -49.19 4.21
N TRP J 124 6.85 -47.94 4.68
CA TRP J 124 7.77 -47.01 4.02
C TRP J 124 8.55 -46.12 4.99
N LEU J 125 7.88 -45.64 6.05
CA LEU J 125 8.39 -44.49 6.78
C LEU J 125 9.54 -44.87 7.69
N GLN J 126 9.51 -46.10 8.20
CA GLN J 126 10.53 -46.59 9.13
C GLN J 126 11.85 -46.76 8.42
N TRP J 127 11.79 -47.15 7.15
CA TRP J 127 12.96 -47.19 6.32
C TRP J 127 13.54 -45.80 6.12
N ASP J 128 12.68 -44.79 6.01
CA ASP J 128 13.16 -43.43 5.85
C ASP J 128 13.88 -42.95 7.10
N LYS J 129 13.31 -43.23 8.29
CA LYS J 129 13.99 -42.80 9.49
C LYS J 129 15.25 -43.61 9.75
N GLU J 130 15.30 -44.87 9.30
CA GLU J 130 16.50 -45.67 9.43
C GLU J 130 17.61 -45.15 8.53
N ILE J 131 17.29 -44.88 7.26
CA ILE J 131 18.32 -44.51 6.29
C ILE J 131 18.67 -43.03 6.35
N SER J 132 17.92 -42.21 7.11
CA SER J 132 18.19 -40.78 7.17
C SER J 132 19.52 -40.44 7.84
N ASN J 133 20.16 -41.38 8.53
CA ASN J 133 21.47 -41.12 9.12
C ASN J 133 22.57 -41.01 8.08
N TYR J 134 22.35 -41.50 6.86
CA TYR J 134 23.40 -41.60 5.86
C TYR J 134 23.03 -41.05 4.49
N THR J 135 21.85 -40.44 4.34
CA THR J 135 21.40 -39.95 3.04
C THR J 135 22.26 -38.78 2.55
N GLN J 136 22.76 -37.97 3.47
CA GLN J 136 23.59 -36.82 3.10
C GLN J 136 24.95 -37.24 2.55
N ILE J 137 25.38 -38.47 2.81
CA ILE J 137 26.71 -38.92 2.43
C ILE J 137 26.72 -39.62 1.07
N ILE J 138 25.67 -40.40 0.78
CA ILE J 138 25.60 -41.26 -0.40
C ILE J 138 25.55 -40.45 -1.69
N TYR J 139 25.01 -39.22 -1.62
CA TYR J 139 24.83 -38.40 -2.81
C TYR J 139 26.17 -37.97 -3.41
N GLY J 140 27.18 -37.76 -2.57
CA GLY J 140 28.52 -37.49 -3.08
C GLY J 140 29.11 -38.68 -3.81
N LEU J 141 28.84 -39.89 -3.30
CA LEU J 141 29.26 -41.11 -3.99
C LEU J 141 28.61 -41.24 -5.36
N LEU J 142 27.31 -40.93 -5.43
CA LEU J 142 26.60 -40.97 -6.70
C LEU J 142 27.14 -39.94 -7.68
N GLU J 143 27.42 -38.72 -7.21
CA GLU J 143 27.95 -37.67 -8.08
C GLU J 143 29.35 -38.01 -8.57
N GLU J 144 30.20 -38.56 -7.71
CA GLU J 144 31.55 -38.93 -8.12
C GLU J 144 31.53 -40.09 -9.10
N SER J 145 30.63 -41.06 -8.90
CA SER J 145 30.49 -42.15 -9.86
C SER J 145 29.97 -41.67 -11.20
N GLN J 146 29.08 -40.67 -11.17
CA GLN J 146 28.61 -40.07 -12.41
C GLN J 146 29.73 -39.35 -13.15
N ASN J 147 30.61 -38.65 -12.40
CA ASN J 147 31.78 -38.03 -13.01
C ASN J 147 32.72 -39.07 -13.61
N GLN J 148 32.90 -40.20 -12.92
CA GLN J 148 33.66 -41.33 -13.45
C GLN J 148 33.10 -41.82 -14.78
N GLN J 149 31.78 -42.04 -14.82
CA GLN J 149 31.12 -42.53 -16.03
C GLN J 149 31.27 -41.54 -17.17
N GLU J 150 30.99 -40.26 -16.92
CA GLU J 150 31.05 -39.23 -17.96
C GLU J 150 32.46 -39.07 -18.51
N LYS J 151 33.47 -38.99 -17.63
CA LYS J 151 34.82 -38.75 -18.09
C LYS J 151 35.41 -39.96 -18.80
N ASN J 152 35.17 -41.17 -18.28
CA ASN J 152 35.69 -42.37 -18.94
C ASN J 152 35.02 -42.60 -20.28
N GLU J 153 33.70 -42.38 -20.35
CA GLU J 153 32.99 -42.56 -21.62
C GLU J 153 33.38 -41.48 -22.62
N GLN J 154 33.67 -40.27 -22.13
CA GLN J 154 34.10 -39.19 -23.02
C GLN J 154 35.48 -39.46 -23.58
N ASP J 155 36.39 -40.02 -22.77
CA ASP J 155 37.71 -40.39 -23.28
C ASP J 155 37.61 -41.56 -24.26
N LEU J 156 36.74 -42.53 -23.96
CA LEU J 156 36.58 -43.69 -24.83
C LEU J 156 36.03 -43.29 -26.19
N LEU J 157 35.07 -42.36 -26.21
CA LEU J 157 34.68 -41.78 -27.50
C LEU J 157 35.74 -40.86 -28.07
N ALA J 158 36.58 -40.27 -27.22
CA ALA J 158 37.65 -39.40 -27.69
C ALA J 158 38.78 -40.18 -28.35
N LEU J 159 38.77 -41.51 -28.24
CA LEU J 159 39.67 -42.33 -29.05
C LEU J 159 39.36 -42.28 -30.55
N ASP J 160 38.20 -41.75 -30.94
CA ASP J 160 37.88 -41.46 -32.34
C ASP J 160 38.86 -40.45 -32.93
N GLN K 1 15.38 -6.45 30.38
CA GLN K 1 14.66 -5.46 29.60
C GLN K 1 13.30 -5.16 30.21
N VAL K 2 12.54 -6.21 30.50
CA VAL K 2 11.23 -6.05 31.10
C VAL K 2 11.37 -5.64 32.56
N ARG K 3 10.51 -4.72 33.00
CA ARG K 3 10.53 -4.24 34.38
C ARG K 3 9.10 -4.19 34.90
N LEU K 4 8.96 -4.46 36.20
CA LEU K 4 7.67 -4.46 36.88
C LEU K 4 7.76 -3.51 38.06
N ALA K 5 7.46 -2.24 37.82
CA ALA K 5 7.50 -1.27 38.89
C ALA K 5 6.28 -1.42 39.78
N GLN K 6 6.47 -1.23 41.08
CA GLN K 6 5.38 -1.33 42.04
C GLN K 6 5.29 -0.04 42.85
N TYR K 7 4.06 0.37 43.14
CA TYR K 7 3.80 1.57 43.90
C TYR K 7 2.69 1.30 44.91
N GLY K 8 2.73 2.07 45.98
CA GLY K 8 1.90 1.82 47.15
C GLY K 8 2.63 0.96 48.17
N GLY K 9 2.26 1.15 49.43
CA GLY K 9 2.84 0.37 50.49
C GLY K 9 3.13 1.16 51.74
N GLY K 10 4.21 0.80 52.44
CA GLY K 10 4.51 1.45 53.70
C GLY K 10 3.56 1.01 54.78
N VAL K 11 3.12 1.95 55.58
CA VAL K 11 2.24 1.66 56.72
C VAL K 11 0.81 1.94 56.34
N LYS K 12 -0.07 0.99 56.68
CA LYS K 12 -1.50 1.15 56.51
C LYS K 12 -2.20 0.84 57.82
N ARG K 13 -3.30 1.56 58.07
CA ARG K 13 -3.99 1.46 59.34
C ARG K 13 -4.86 0.20 59.40
N LEU K 14 -5.13 -0.24 60.63
CA LEU K 14 -5.85 -1.49 60.85
C LEU K 14 -7.32 -1.36 60.45
N GLY K 15 -7.81 -2.38 59.74
CA GLY K 15 -9.21 -2.43 59.35
C GLY K 15 -9.56 -1.70 58.07
N ALA K 16 -8.61 -1.02 57.44
CA ALA K 16 -8.88 -0.21 56.28
C ALA K 16 -8.76 -1.00 54.97
N THR K 17 -9.08 -0.33 53.87
CA THR K 17 -8.95 -0.91 52.54
C THR K 17 -7.78 -0.28 51.80
N MET K 18 -6.94 -1.12 51.23
CA MET K 18 -5.64 -0.73 50.72
C MET K 18 -5.53 -1.12 49.25
N THR K 19 -4.68 -0.40 48.52
CA THR K 19 -4.52 -0.58 47.09
C THR K 19 -3.04 -0.58 46.75
N LEU K 20 -2.62 -1.55 45.94
CA LEU K 20 -1.28 -1.58 45.39
C LEU K 20 -1.36 -1.52 43.88
N SER K 21 -0.36 -0.92 43.24
CA SER K 21 -0.35 -0.77 41.79
C SER K 21 0.95 -1.28 41.21
N CYS K 22 0.88 -1.79 39.99
CA CYS K 22 2.04 -2.23 39.25
C CYS K 22 1.99 -1.75 37.81
N VAL K 23 3.16 -1.43 37.27
CA VAL K 23 3.33 -1.00 35.89
C VAL K 23 4.31 -1.93 35.20
N ALA K 24 3.91 -2.50 34.07
CA ALA K 24 4.78 -3.29 33.21
C ALA K 24 5.24 -2.43 32.04
N SER K 25 6.48 -2.67 31.61
CA SER K 25 7.14 -1.75 30.70
C SER K 25 7.44 -2.34 29.32
N GLY K 26 8.16 -3.45 29.24
CA GLY K 26 8.82 -3.78 28.00
C GLY K 26 8.45 -5.08 27.30
N TYR K 27 7.16 -5.42 27.25
CA TYR K 27 6.74 -6.63 26.57
C TYR K 27 5.28 -6.48 26.16
N THR K 28 4.83 -7.43 25.33
CA THR K 28 3.45 -7.46 24.87
C THR K 28 2.50 -7.74 26.03
N PHE K 29 1.67 -6.75 26.36
CA PHE K 29 0.95 -6.74 27.62
C PHE K 29 -0.12 -7.83 27.69
N ASN K 30 -0.65 -8.25 26.55
CA ASN K 30 -1.75 -9.21 26.55
C ASN K 30 -1.29 -10.65 26.67
N ASP K 31 0.01 -10.91 26.51
CA ASP K 31 0.46 -12.28 26.30
C ASP K 31 0.67 -13.06 27.60
N TYR K 32 1.00 -12.39 28.70
CA TYR K 32 1.47 -13.06 29.89
C TYR K 32 0.51 -12.83 31.06
N TYR K 33 0.28 -13.88 31.84
CA TYR K 33 -0.54 -13.78 33.04
C TYR K 33 0.26 -13.15 34.17
N ILE K 34 -0.44 -12.59 35.16
CA ILE K 34 0.22 -11.95 36.29
C ILE K 34 -0.27 -12.58 37.57
N HIS K 35 0.65 -13.01 38.43
CA HIS K 35 0.31 -13.61 39.71
C HIS K 35 0.76 -12.67 40.83
N TRP K 36 0.04 -12.70 41.95
CA TRP K 36 0.36 -11.87 43.11
C TRP K 36 0.78 -12.75 44.27
N VAL K 37 2.04 -12.66 44.67
CA VAL K 37 2.60 -13.51 45.70
C VAL K 37 3.01 -12.64 46.88
N ARG K 38 3.04 -13.25 48.06
CA ARG K 38 3.41 -12.54 49.27
C ARG K 38 4.23 -13.44 50.19
N GLN K 39 4.99 -12.81 51.06
CA GLN K 39 5.79 -13.50 52.08
C GLN K 39 5.63 -12.77 53.40
N ALA K 40 5.03 -13.45 54.37
CA ALA K 40 5.05 -13.00 55.74
C ALA K 40 6.41 -13.30 56.36
N PRO K 41 6.86 -12.50 57.33
CA PRO K 41 8.15 -12.80 57.99
C PRO K 41 8.05 -14.05 58.85
N GLY K 42 9.07 -14.90 58.76
CA GLY K 42 9.06 -16.17 59.45
C GLY K 42 8.20 -17.23 58.81
N GLN K 43 7.72 -16.99 57.59
CA GLN K 43 6.88 -17.95 56.88
C GLN K 43 7.31 -18.02 55.43
N GLY K 44 6.97 -19.14 54.79
CA GLY K 44 7.22 -19.27 53.38
C GLY K 44 6.24 -18.46 52.55
N PHE K 45 6.53 -18.40 51.26
CA PHE K 45 5.65 -17.70 50.32
C PHE K 45 4.33 -18.44 50.17
N GLU K 46 3.32 -17.71 49.71
CA GLU K 46 2.04 -18.29 49.37
C GLU K 46 1.37 -17.41 48.33
N LEU K 47 0.49 -18.01 47.54
CA LEU K 47 -0.13 -17.32 46.42
C LEU K 47 -1.50 -16.77 46.80
N LEU K 48 -1.74 -15.51 46.45
CA LEU K 48 -3.07 -14.91 46.62
C LEU K 48 -3.96 -15.23 45.42
N GLY K 49 -3.52 -14.89 44.23
CA GLY K 49 -4.32 -15.14 43.05
C GLY K 49 -3.59 -14.70 41.79
N TYR K 50 -4.31 -14.77 40.68
CA TYR K 50 -3.73 -14.35 39.41
C TYR K 50 -4.80 -13.69 38.54
N ILE K 51 -4.31 -13.00 37.51
CA ILE K 51 -5.12 -12.18 36.62
C ILE K 51 -4.65 -12.38 35.18
N ASP K 52 -5.61 -12.45 34.27
CA ASP K 52 -5.33 -12.36 32.84
C ASP K 52 -5.53 -10.91 32.43
N PRO K 53 -4.50 -10.21 31.96
CA PRO K 53 -4.69 -8.80 31.57
C PRO K 53 -5.48 -8.61 30.30
N ALA K 54 -5.60 -9.65 29.46
CA ALA K 54 -6.28 -9.50 28.18
C ALA K 54 -7.78 -9.30 28.37
N ASN K 55 -8.42 -10.15 29.17
CA ASN K 55 -9.87 -10.08 29.36
C ASN K 55 -10.27 -9.76 30.80
N GLY K 56 -9.31 -9.51 31.68
CA GLY K 56 -9.63 -9.17 33.05
C GLY K 56 -10.15 -10.31 33.89
N ARG K 57 -9.86 -11.55 33.51
CA ARG K 57 -10.33 -12.69 34.26
C ARG K 57 -9.46 -12.92 35.49
N PRO K 58 -10.02 -12.86 36.70
CA PRO K 58 -9.24 -13.20 37.88
C PRO K 58 -9.44 -14.63 38.34
N ASP K 59 -8.60 -15.05 39.27
CA ASP K 59 -8.83 -16.27 40.05
C ASP K 59 -8.11 -16.10 41.38
N TYR K 60 -8.74 -16.60 42.44
CA TYR K 60 -8.39 -16.24 43.80
C TYR K 60 -8.13 -17.50 44.62
N ALA K 61 -7.39 -17.35 45.71
CA ALA K 61 -7.21 -18.48 46.63
C ALA K 61 -8.51 -18.76 47.37
N GLY K 62 -8.59 -19.98 47.92
CA GLY K 62 -9.83 -20.43 48.54
C GLY K 62 -10.17 -19.67 49.81
N ALA K 63 -9.16 -19.34 50.62
CA ALA K 63 -9.42 -18.70 51.90
C ALA K 63 -9.63 -17.19 51.80
N LEU K 64 -9.38 -16.58 50.64
CA LEU K 64 -9.43 -15.12 50.54
C LEU K 64 -10.28 -14.64 49.37
N ARG K 65 -11.37 -15.35 49.04
CA ARG K 65 -12.20 -14.93 47.92
C ARG K 65 -13.01 -13.66 48.22
N GLU K 66 -13.28 -13.37 49.49
CA GLU K 66 -14.14 -12.25 49.85
C GLU K 66 -13.40 -10.95 50.08
N ARG K 67 -12.11 -11.00 50.40
CA ARG K 67 -11.37 -9.80 50.76
C ARG K 67 -10.58 -9.21 49.61
N LEU K 68 -10.26 -9.97 48.57
CA LEU K 68 -9.40 -9.50 47.51
C LEU K 68 -10.20 -8.92 46.34
N SER K 69 -9.48 -8.17 45.50
CA SER K 69 -9.97 -7.74 44.19
C SER K 69 -8.78 -7.37 43.32
N PHE K 70 -8.78 -7.89 42.10
CA PHE K 70 -7.82 -7.49 41.08
C PHE K 70 -8.56 -6.81 39.94
N TYR K 71 -7.91 -5.83 39.33
CA TYR K 71 -8.35 -5.33 38.03
C TYR K 71 -7.15 -4.67 37.35
N ARG K 72 -7.39 -4.20 36.12
CA ARG K 72 -6.32 -3.64 35.33
C ARG K 72 -6.88 -2.60 34.38
N ASP K 73 -5.99 -1.73 33.91
CA ASP K 73 -6.26 -0.78 32.85
C ASP K 73 -5.31 -1.13 31.71
N LYS K 74 -5.87 -1.37 30.53
CA LYS K 74 -5.06 -1.84 29.41
C LYS K 74 -4.31 -0.71 28.72
N SER K 75 -4.85 0.51 28.77
CA SER K 75 -4.22 1.61 28.04
C SER K 75 -2.95 2.08 28.72
N MET K 76 -2.98 2.32 30.04
CA MET K 76 -1.77 2.61 30.77
C MET K 76 -1.09 1.37 31.31
N GLU K 77 -1.51 0.18 30.84
CA GLU K 77 -0.96 -1.15 31.15
C GLU K 77 -0.68 -1.36 32.64
N THR K 78 -1.62 -0.92 33.47
CA THR K 78 -1.43 -0.82 34.90
C THR K 78 -2.34 -1.82 35.61
N LEU K 79 -1.83 -2.43 36.68
CA LEU K 79 -2.55 -3.46 37.40
C LEU K 79 -2.76 -3.02 38.85
N TYR K 80 -3.92 -3.37 39.42
CA TYR K 80 -4.26 -2.90 40.75
C TYR K 80 -4.82 -4.03 41.59
N MET K 81 -4.29 -4.18 42.80
CA MET K 81 -4.94 -4.95 43.86
C MET K 81 -5.65 -4.01 44.83
N ASP K 82 -6.88 -4.36 45.17
CA ASP K 82 -7.58 -3.84 46.33
C ASP K 82 -7.74 -4.96 47.35
N LEU K 83 -7.38 -4.67 48.59
CA LEU K 83 -7.59 -5.58 49.71
C LEU K 83 -8.39 -4.86 50.79
N ARG K 84 -9.53 -5.44 51.14
CA ARG K 84 -10.46 -4.86 52.10
C ARG K 84 -10.21 -5.46 53.47
N SER K 85 -10.46 -4.65 54.51
CA SER K 85 -10.50 -5.07 55.91
C SER K 85 -9.18 -5.68 56.37
N LEU K 86 -8.14 -4.84 56.39
CA LEU K 86 -6.80 -5.29 56.75
C LEU K 86 -6.77 -5.78 58.19
N ARG K 87 -6.07 -6.89 58.41
CA ARG K 87 -5.88 -7.46 59.73
C ARG K 87 -4.38 -7.56 59.99
N TYR K 88 -4.03 -7.83 61.25
CA TYR K 88 -2.65 -7.69 61.71
C TYR K 88 -1.72 -8.71 61.08
N ASP K 89 -2.25 -9.86 60.67
CA ASP K 89 -1.43 -10.93 60.11
C ASP K 89 -1.02 -10.67 58.66
N ASP K 90 -1.52 -9.60 58.04
CA ASP K 90 -1.21 -9.34 56.64
C ASP K 90 0.11 -8.62 56.45
N THR K 91 0.92 -8.45 57.49
CA THR K 91 2.25 -7.86 57.39
C THR K 91 3.14 -8.71 56.49
N ALA K 92 3.50 -8.18 55.32
CA ALA K 92 4.20 -9.03 54.36
C ALA K 92 4.92 -8.19 53.31
N MET K 93 5.85 -8.85 52.63
CA MET K 93 6.42 -8.37 51.38
C MET K 93 5.52 -8.85 50.25
N TYR K 94 5.09 -7.95 49.39
CA TYR K 94 4.20 -8.29 48.29
C TYR K 94 4.90 -8.06 46.96
N TYR K 95 4.79 -9.05 46.08
CA TYR K 95 5.37 -9.01 44.75
C TYR K 95 4.34 -9.37 43.70
N CYS K 96 4.44 -8.73 42.55
CA CYS K 96 3.85 -9.26 41.33
C CYS K 96 4.89 -10.11 40.61
N VAL K 97 4.43 -11.13 39.91
CA VAL K 97 5.29 -11.94 39.06
C VAL K 97 4.62 -12.17 37.71
N ARG K 98 5.42 -12.10 36.66
CA ARG K 98 4.97 -12.47 35.32
C ARG K 98 5.02 -13.98 35.17
N ASN K 99 4.06 -14.53 34.45
CA ASN K 99 3.97 -15.96 34.25
C ASN K 99 4.15 -16.32 32.78
N VAL K 100 4.95 -17.33 32.53
CA VAL K 100 5.16 -17.89 31.21
C VAL K 100 4.17 -19.04 31.03
N GLY K 101 3.48 -19.05 29.89
CA GLY K 101 2.51 -20.09 29.64
C GLY K 101 2.44 -20.44 28.17
N THR K 102 1.96 -21.66 27.91
CA THR K 102 1.77 -22.14 26.54
C THR K 102 0.41 -21.70 26.04
N ALA K 103 -0.02 -22.28 24.92
CA ALA K 103 -1.35 -21.98 24.39
C ALA K 103 -2.45 -22.57 25.26
N GLY K 104 -2.14 -23.60 26.04
CA GLY K 104 -3.16 -24.24 26.84
C GLY K 104 -2.87 -24.35 28.32
N SER K 105 -1.60 -24.21 28.70
CA SER K 105 -1.19 -24.42 30.08
C SER K 105 -0.27 -23.31 30.54
N LEU K 106 -0.11 -23.22 31.87
CA LEU K 106 0.78 -22.26 32.50
C LEU K 106 1.98 -22.99 33.10
N LEU K 107 3.07 -22.25 33.28
CA LEU K 107 4.37 -22.83 33.59
C LEU K 107 5.04 -21.97 34.65
N HIS K 108 6.36 -22.09 34.76
CA HIS K 108 7.17 -21.39 35.74
C HIS K 108 7.06 -19.86 35.61
N TYR K 109 7.49 -19.17 36.67
CA TYR K 109 7.59 -17.71 36.68
C TYR K 109 8.98 -17.29 36.25
N ASP K 110 9.07 -16.18 35.51
CA ASP K 110 10.36 -15.70 35.01
C ASP K 110 10.89 -14.52 35.84
N HIS K 111 10.12 -13.45 35.96
CA HIS K 111 10.58 -12.21 36.55
C HIS K 111 9.80 -11.89 37.81
N TRP K 112 10.47 -11.21 38.74
CA TRP K 112 9.85 -10.75 39.98
C TRP K 112 9.96 -9.24 40.03
N GLY K 113 8.90 -8.59 40.50
CA GLY K 113 8.91 -7.15 40.61
C GLY K 113 9.78 -6.67 41.75
N SER K 114 9.89 -5.33 41.83
CA SER K 114 10.68 -4.70 42.88
C SER K 114 10.07 -4.88 44.26
N GLY K 115 8.76 -5.14 44.33
CA GLY K 115 8.11 -5.42 45.60
C GLY K 115 7.55 -4.18 46.26
N SER K 116 6.77 -4.44 47.31
CA SER K 116 6.13 -3.37 48.07
C SER K 116 5.89 -3.88 49.48
N PRO K 117 6.61 -3.37 50.47
CA PRO K 117 6.38 -3.81 51.85
C PRO K 117 5.10 -3.22 52.40
N VAL K 118 4.39 -4.02 53.20
CA VAL K 118 3.16 -3.57 53.84
C VAL K 118 3.27 -3.84 55.33
N ILE K 119 3.18 -2.78 56.13
CA ILE K 119 3.15 -2.89 57.59
C ILE K 119 1.77 -2.45 58.04
N VAL K 120 1.05 -3.35 58.70
CA VAL K 120 -0.28 -3.05 59.21
C VAL K 120 -0.20 -2.86 60.72
N SER K 121 -0.69 -1.71 61.18
CA SER K 121 -0.81 -1.29 62.56
C SER K 121 -1.60 0.00 62.58
N SER K 122 -2.24 0.27 63.72
CA SER K 122 -2.90 1.55 63.97
C SER K 122 -2.26 2.13 65.21
N ALA K 123 -1.15 2.83 65.02
CA ALA K 123 -0.41 3.41 66.13
C ALA K 123 0.28 4.67 65.65
N SER K 124 0.26 5.71 66.50
CA SER K 124 0.85 6.98 66.15
C SER K 124 2.38 6.90 66.20
N THR K 125 3.02 7.94 65.65
CA THR K 125 4.46 8.05 65.73
C THR K 125 4.87 8.31 67.18
N LYS K 126 5.71 7.43 67.71
CA LYS K 126 5.99 7.43 69.14
C LYS K 126 7.45 7.06 69.37
N GLY K 127 8.06 7.72 70.35
CA GLY K 127 9.42 7.42 70.74
C GLY K 127 9.51 6.13 71.51
N PRO K 128 10.75 5.71 71.79
CA PRO K 128 10.96 4.41 72.41
C PRO K 128 10.94 4.44 73.93
N SER K 129 10.29 3.44 74.51
CA SER K 129 10.45 3.13 75.92
C SER K 129 11.67 2.24 76.09
N VAL K 130 12.58 2.65 76.97
CA VAL K 130 13.91 2.07 77.07
C VAL K 130 14.10 1.48 78.45
N PHE K 131 14.32 0.17 78.52
CA PHE K 131 14.40 -0.56 79.78
C PHE K 131 15.77 -1.21 79.93
N PRO K 132 16.55 -0.86 80.94
CA PRO K 132 17.93 -1.38 81.06
C PRO K 132 17.95 -2.78 81.66
N LEU K 133 18.23 -3.77 80.83
CA LEU K 133 18.28 -5.14 81.32
C LEU K 133 19.54 -5.33 82.13
N ALA K 134 19.40 -5.97 83.29
CA ALA K 134 20.46 -5.98 84.30
C ALA K 134 21.68 -6.77 83.80
N PRO K 135 22.89 -6.31 84.07
CA PRO K 135 24.08 -7.09 83.75
C PRO K 135 24.14 -8.40 84.53
N SER K 136 24.74 -9.40 83.90
CA SER K 136 24.79 -10.76 84.43
C SER K 136 25.73 -10.81 85.63
N SER K 137 25.17 -10.73 86.84
CA SER K 137 25.96 -10.76 88.06
C SER K 137 25.12 -11.20 89.24
N GLY K 143 33.92 -15.90 82.53
CA GLY K 143 34.71 -14.69 82.54
C GLY K 143 34.07 -13.55 81.79
N THR K 144 33.43 -13.88 80.67
CA THR K 144 32.71 -12.88 79.90
C THR K 144 31.26 -12.81 80.36
N ALA K 145 30.82 -11.62 80.78
CA ALA K 145 29.45 -11.38 81.19
C ALA K 145 28.81 -10.37 80.25
N ALA K 146 27.54 -10.59 79.92
CA ALA K 146 26.84 -9.74 78.97
C ALA K 146 25.83 -8.86 79.68
N LEU K 147 25.59 -7.68 79.10
CA LEU K 147 24.59 -6.76 79.59
C LEU K 147 23.84 -6.17 78.40
N GLY K 148 22.60 -5.77 78.64
CA GLY K 148 21.78 -5.38 77.51
C GLY K 148 20.64 -4.47 77.88
N CYS K 149 19.79 -4.23 76.89
CA CYS K 149 18.72 -3.26 77.01
C CYS K 149 17.57 -3.66 76.09
N LEU K 150 16.38 -3.21 76.47
CA LEU K 150 15.16 -3.53 75.74
C LEU K 150 14.57 -2.23 75.21
N VAL K 151 14.42 -2.17 73.88
CA VAL K 151 13.71 -1.07 73.22
C VAL K 151 12.29 -1.56 72.96
N LYS K 152 11.31 -0.76 73.37
CA LYS K 152 9.92 -1.22 73.44
C LYS K 152 8.99 -0.12 72.98
N ASP K 153 8.00 -0.49 72.15
CA ASP K 153 6.83 0.33 71.82
C ASP K 153 7.23 1.63 71.13
N TYR K 154 8.04 1.52 70.09
CA TYR K 154 8.40 2.66 69.28
C TYR K 154 7.85 2.48 67.88
N PHE K 155 7.48 3.60 67.26
CA PHE K 155 6.96 3.54 65.90
C PHE K 155 7.23 4.89 65.25
N PRO K 156 7.64 4.91 63.97
CA PRO K 156 8.00 3.77 63.12
C PRO K 156 9.49 3.48 63.12
N GLU K 157 9.89 2.64 62.16
CA GLU K 157 11.28 2.29 61.94
C GLU K 157 12.03 3.47 61.30
N PRO K 158 13.36 3.58 61.54
CA PRO K 158 14.24 2.74 62.37
C PRO K 158 14.53 3.29 63.76
N VAL K 159 15.44 2.64 64.45
CA VAL K 159 15.94 3.07 65.75
C VAL K 159 17.45 2.84 65.76
N THR K 160 18.18 3.70 66.46
CA THR K 160 19.63 3.64 66.51
C THR K 160 20.09 3.35 67.93
N VAL K 161 20.88 2.29 68.09
CA VAL K 161 21.38 1.85 69.39
C VAL K 161 22.91 1.80 69.34
N SER K 162 23.56 2.36 70.35
CA SER K 162 25.00 2.26 70.47
C SER K 162 25.37 2.18 71.95
N TRP K 163 26.65 1.94 72.22
CA TRP K 163 27.12 1.76 73.58
C TRP K 163 28.33 2.65 73.85
N ASN K 164 28.28 3.34 75.00
CA ASN K 164 29.33 4.25 75.48
C ASN K 164 29.67 5.32 74.45
N SER K 165 28.60 5.91 73.87
CA SER K 165 28.67 6.85 72.75
C SER K 165 29.45 6.27 71.57
N GLY K 166 29.20 4.99 71.29
CA GLY K 166 29.85 4.31 70.19
C GLY K 166 31.21 3.71 70.51
N ALA K 167 31.69 3.83 71.75
CA ALA K 167 33.02 3.33 72.06
C ALA K 167 33.01 1.83 72.34
N LEU K 168 32.13 1.38 73.23
CA LEU K 168 32.10 -0.02 73.65
C LEU K 168 31.48 -0.86 72.53
N THR K 169 32.35 -1.36 71.66
CA THR K 169 31.93 -2.15 70.50
C THR K 169 32.22 -3.64 70.63
N SER K 170 32.63 -4.10 71.81
CA SER K 170 33.04 -5.49 71.99
C SER K 170 31.81 -6.39 72.03
N GLY K 171 31.52 -7.06 70.93
CA GLY K 171 30.35 -7.92 70.87
C GLY K 171 29.02 -7.19 70.90
N VAL K 172 28.92 -6.09 70.15
CA VAL K 172 27.64 -5.41 69.98
C VAL K 172 26.78 -6.20 69.01
N HIS K 173 25.57 -6.57 69.44
CA HIS K 173 24.65 -7.33 68.60
C HIS K 173 23.26 -6.69 68.74
N THR K 174 22.98 -5.73 67.86
CA THR K 174 21.66 -5.12 67.79
C THR K 174 20.78 -6.02 66.96
N PHE K 175 19.86 -6.73 67.62
CA PHE K 175 18.99 -7.67 66.94
C PHE K 175 17.96 -6.93 66.08
N PRO K 176 17.50 -7.53 64.99
CA PRO K 176 16.53 -6.85 64.12
C PRO K 176 15.18 -6.67 64.80
N ALA K 177 14.48 -5.63 64.35
CA ALA K 177 13.25 -5.19 65.01
C ALA K 177 12.13 -6.21 64.84
N VAL K 178 11.38 -6.41 65.91
CA VAL K 178 10.29 -7.37 65.95
C VAL K 178 8.98 -6.63 66.13
N LEU K 179 8.04 -6.85 65.21
CA LEU K 179 6.71 -6.27 65.33
C LEU K 179 5.85 -7.13 66.24
N GLN K 180 5.35 -6.52 67.31
CA GLN K 180 4.54 -7.22 68.29
C GLN K 180 3.11 -7.39 67.78
N SER K 181 2.27 -8.02 68.61
CA SER K 181 0.89 -8.25 68.24
C SER K 181 0.07 -6.96 68.27
N SER K 182 0.42 -6.05 69.17
CA SER K 182 -0.35 -4.81 69.31
C SER K 182 -0.14 -3.85 68.15
N GLY K 183 0.93 -4.01 67.39
CA GLY K 183 1.27 -3.08 66.34
C GLY K 183 2.43 -2.17 66.65
N LEU K 184 3.32 -2.57 67.55
CA LEU K 184 4.47 -1.77 67.95
C LEU K 184 5.72 -2.61 67.85
N TYR K 185 6.86 -1.93 67.73
CA TYR K 185 8.14 -2.59 67.55
C TYR K 185 8.91 -2.70 68.86
N SER K 186 9.64 -3.80 68.99
CA SER K 186 10.48 -4.04 70.16
C SER K 186 11.67 -4.88 69.75
N LEU K 187 12.80 -4.65 70.43
CA LEU K 187 14.02 -5.40 70.17
C LEU K 187 14.87 -5.39 71.43
N SER K 188 15.89 -6.26 71.42
CA SER K 188 16.84 -6.35 72.51
C SER K 188 18.24 -6.14 71.96
N SER K 189 18.99 -5.24 72.59
CA SER K 189 20.38 -4.97 72.21
C SER K 189 21.31 -5.45 73.32
N VAL K 190 22.37 -6.16 72.93
CA VAL K 190 23.26 -6.80 73.89
C VAL K 190 24.70 -6.42 73.60
N VAL K 191 25.54 -6.53 74.62
CA VAL K 191 26.98 -6.30 74.50
C VAL K 191 27.65 -7.12 75.60
N THR K 192 28.90 -7.53 75.35
CA THR K 192 29.61 -8.40 76.27
C THR K 192 30.89 -7.73 76.75
N VAL K 193 31.16 -7.86 78.05
CA VAL K 193 32.31 -7.26 78.73
C VAL K 193 32.92 -8.35 79.61
N PRO K 194 34.09 -8.16 80.21
CA PRO K 194 34.52 -9.07 81.29
C PRO K 194 33.61 -8.95 82.51
N SER K 195 33.58 -10.03 83.29
CA SER K 195 32.71 -10.10 84.47
C SER K 195 33.18 -9.13 85.56
N SER K 196 34.49 -8.97 85.70
CA SER K 196 35.02 -8.01 86.66
C SER K 196 34.73 -6.58 86.24
N SER K 197 34.61 -6.34 84.92
CA SER K 197 34.35 -4.99 84.40
C SER K 197 32.96 -4.48 84.76
N LEU K 198 32.07 -5.35 85.23
CA LEU K 198 30.80 -4.90 85.79
C LEU K 198 31.02 -4.03 87.03
N GLY K 199 32.06 -4.31 87.81
CA GLY K 199 32.32 -3.50 88.98
C GLY K 199 33.11 -2.23 88.73
N THR K 200 33.70 -2.08 87.53
CA THR K 200 34.60 -0.95 87.29
C THR K 200 34.19 -0.09 86.11
N GLN K 201 33.74 -0.69 85.01
CA GLN K 201 33.51 0.05 83.77
C GLN K 201 32.13 0.70 83.78
N THR K 202 32.03 1.89 83.19
CA THR K 202 30.75 2.57 83.06
C THR K 202 30.04 2.16 81.77
N TYR K 203 28.71 2.27 81.77
CA TYR K 203 27.91 1.74 80.69
C TYR K 203 26.80 2.71 80.30
N ILE K 204 26.73 3.02 79.01
CA ILE K 204 25.74 3.93 78.43
C ILE K 204 25.04 3.19 77.31
N CYS K 205 23.72 3.19 77.32
CA CYS K 205 22.96 2.68 76.17
C CYS K 205 22.34 3.87 75.46
N ASN K 206 22.93 4.25 74.32
CA ASN K 206 22.45 5.39 73.56
C ASN K 206 21.37 4.92 72.60
N VAL K 207 20.16 5.48 72.74
CA VAL K 207 19.03 5.16 71.89
C VAL K 207 18.56 6.45 71.24
N ASN K 208 18.48 6.45 69.92
CA ASN K 208 18.00 7.61 69.16
C ASN K 208 16.90 7.14 68.21
N HIS K 209 15.84 7.93 68.12
CA HIS K 209 14.68 7.63 67.27
C HIS K 209 14.50 8.81 66.31
N LYS K 210 14.89 8.58 65.06
CA LYS K 210 14.82 9.64 64.04
C LYS K 210 13.41 10.13 63.70
N PRO K 211 12.37 9.29 63.50
CA PRO K 211 11.05 9.87 63.19
C PRO K 211 10.44 10.69 64.32
N SER K 212 10.44 10.16 65.54
CA SER K 212 10.06 10.99 66.68
C SER K 212 11.20 11.92 67.09
N ASN K 213 12.42 11.62 66.66
CA ASN K 213 13.63 12.44 66.89
C ASN K 213 13.89 12.65 68.38
N THR K 214 13.87 11.55 69.13
CA THR K 214 14.07 11.60 70.57
C THR K 214 15.23 10.70 70.95
N LYS K 215 16.07 11.16 71.88
CA LYS K 215 17.29 10.45 72.22
C LYS K 215 17.44 10.36 73.73
N VAL K 216 17.69 9.13 74.21
CA VAL K 216 17.90 8.85 75.62
C VAL K 216 19.17 8.03 75.78
N ASP K 217 20.05 8.46 76.68
CA ASP K 217 21.26 7.70 77.02
C ASP K 217 21.02 7.01 78.36
N LYS K 218 20.44 5.81 78.29
CA LYS K 218 19.98 5.10 79.46
C LYS K 218 21.13 4.50 80.27
N ARG K 219 20.95 4.49 81.58
CA ARG K 219 21.90 3.90 82.52
C ARG K 219 21.60 2.41 82.66
N VAL K 220 22.48 1.59 82.09
CA VAL K 220 22.41 0.14 82.28
C VAL K 220 23.36 -0.28 83.40
N GLU K 221 24.38 0.53 83.69
CA GLU K 221 25.32 0.24 84.77
C GLU K 221 24.77 0.07 86.20
N PRO K 222 23.78 0.85 86.72
CA PRO K 222 23.60 0.86 88.19
C PRO K 222 23.08 -0.44 88.80
N LYS K 223 22.39 -1.29 88.03
CA LYS K 223 21.97 -2.59 88.55
C LYS K 223 23.02 -3.66 88.20
N SER K 224 24.23 -3.44 88.69
CA SER K 224 25.29 -4.45 88.63
C SER K 224 25.22 -5.36 89.84
N CYS K 225 24.09 -6.05 89.95
CA CYS K 225 23.74 -6.82 91.14
C CYS K 225 22.89 -8.03 90.78
N GLU L 1 -2.80 -28.82 49.44
CA GLU L 1 -2.70 -30.08 48.73
C GLU L 1 -1.24 -30.54 48.67
N ILE L 2 -0.52 -30.04 47.67
CA ILE L 2 0.89 -30.36 47.51
C ILE L 2 1.71 -29.59 48.53
N VAL L 3 2.59 -30.29 49.25
CA VAL L 3 3.48 -29.65 50.20
C VAL L 3 4.93 -29.91 49.82
N LEU L 4 5.62 -28.87 49.35
CA LEU L 4 7.06 -28.97 49.10
C LEU L 4 7.81 -28.79 50.41
N THR L 5 8.41 -29.87 50.89
CA THR L 5 9.27 -29.82 52.07
C THR L 5 10.72 -29.71 51.60
N GLN L 6 11.27 -28.51 51.69
CA GLN L 6 12.66 -28.31 51.34
C GLN L 6 13.55 -28.80 52.49
N SER L 7 14.74 -29.26 52.13
CA SER L 7 15.62 -29.88 53.12
C SER L 7 17.06 -29.70 52.69
N PRO L 8 17.97 -29.43 53.64
CA PRO L 8 17.72 -29.09 55.04
C PRO L 8 17.43 -27.60 55.17
N ALA L 9 17.30 -27.07 56.39
CA ALA L 9 17.09 -25.64 56.55
C ALA L 9 18.35 -24.85 56.23
N THR L 10 19.52 -25.38 56.57
CA THR L 10 20.77 -24.64 56.45
C THR L 10 21.87 -25.59 55.97
N LEU L 11 22.63 -25.15 54.97
CA LEU L 11 23.80 -25.86 54.48
C LEU L 11 25.03 -25.00 54.61
N SER L 12 26.16 -25.64 54.90
CA SER L 12 27.41 -24.95 55.16
C SER L 12 28.48 -25.47 54.21
N ALA L 13 29.22 -24.54 53.60
CA ALA L 13 30.30 -24.92 52.69
C ALA L 13 31.32 -23.78 52.62
N SER L 14 32.53 -24.15 52.22
CA SER L 14 33.62 -23.24 51.89
C SER L 14 33.49 -22.81 50.43
N PRO L 15 34.05 -21.66 50.05
CA PRO L 15 33.90 -21.19 48.66
C PRO L 15 34.59 -22.10 47.65
N GLY L 16 33.96 -22.21 46.49
CA GLY L 16 34.45 -23.05 45.41
C GLY L 16 33.95 -24.48 45.42
N GLU L 17 33.35 -24.93 46.51
CA GLU L 17 33.01 -26.33 46.67
C GLU L 17 31.66 -26.65 46.04
N ARG L 18 31.22 -27.89 46.21
CA ARG L 18 29.94 -28.39 45.71
C ARG L 18 28.96 -28.53 46.85
N VAL L 19 27.70 -28.18 46.58
CA VAL L 19 26.65 -28.22 47.59
C VAL L 19 25.36 -28.71 46.92
N THR L 20 24.50 -29.33 47.71
CA THR L 20 23.33 -30.04 47.18
C THR L 20 22.13 -29.85 48.10
N LEU L 21 21.04 -29.35 47.54
CA LEU L 21 19.78 -29.08 48.24
C LEU L 21 18.72 -30.04 47.74
N THR L 22 17.88 -30.54 48.66
CA THR L 22 16.84 -31.50 48.30
C THR L 22 15.47 -30.86 48.50
N CYS L 23 14.53 -31.22 47.64
CA CYS L 23 13.14 -30.79 47.78
C CYS L 23 12.28 -32.04 47.67
N ARG L 24 11.53 -32.33 48.73
CA ARG L 24 10.69 -33.51 48.81
C ARG L 24 9.24 -33.13 48.58
N ALA L 25 8.61 -33.77 47.61
CA ALA L 25 7.21 -33.50 47.31
C ALA L 25 6.30 -34.41 48.13
N SER L 26 5.06 -33.97 48.34
CA SER L 26 4.11 -34.78 49.07
C SER L 26 3.57 -35.93 48.22
N ARG L 27 3.45 -35.71 46.91
CA ARG L 27 3.04 -36.76 45.98
C ARG L 27 3.60 -36.43 44.61
N SER L 28 3.13 -37.14 43.59
CA SER L 28 3.69 -37.00 42.24
C SER L 28 3.34 -35.65 41.63
N VAL L 29 4.36 -34.98 41.08
CA VAL L 29 4.21 -33.65 40.51
C VAL L 29 4.77 -33.63 39.09
N ARG L 30 5.00 -34.82 38.52
CA ARG L 30 5.70 -35.05 37.25
C ARG L 30 7.06 -34.35 37.34
N ASN L 31 7.41 -33.49 36.40
CA ASN L 31 8.61 -32.66 36.49
C ASN L 31 8.28 -31.18 36.34
N ASN L 32 7.15 -30.76 36.91
CA ASN L 32 6.72 -29.36 36.86
C ASN L 32 7.29 -28.58 38.05
N VAL L 33 8.61 -28.60 38.18
CA VAL L 33 9.32 -28.12 39.36
C VAL L 33 10.39 -27.13 38.92
N ALA L 34 10.46 -26.01 39.64
CA ALA L 34 11.45 -24.99 39.37
C ALA L 34 12.25 -24.70 40.64
N TRP L 35 13.41 -24.09 40.44
CA TRP L 35 14.30 -23.67 41.53
C TRP L 35 14.68 -22.22 41.31
N TYR L 36 14.61 -21.42 42.38
CA TYR L 36 14.86 -19.99 42.33
C TYR L 36 15.89 -19.59 43.36
N GLN L 37 16.73 -18.62 42.99
CA GLN L 37 17.71 -18.00 43.87
C GLN L 37 17.16 -16.69 44.41
N HIS L 38 17.20 -16.53 45.73
CA HIS L 38 16.66 -15.36 46.41
C HIS L 38 17.82 -14.49 46.85
N LYS L 39 17.88 -13.26 46.33
CA LYS L 39 18.92 -12.31 46.70
C LYS L 39 18.60 -11.76 48.09
N GLY L 40 19.53 -11.01 48.68
CA GLY L 40 19.34 -10.44 50.00
C GLY L 40 18.45 -9.21 50.04
N GLY L 41 17.24 -9.31 49.50
CA GLY L 41 16.30 -8.21 49.55
C GLY L 41 15.68 -7.90 48.20
N GLN L 42 16.38 -8.26 47.13
CA GLN L 42 15.98 -7.87 45.78
C GLN L 42 15.04 -8.92 45.18
N SER L 43 14.79 -8.79 43.88
CA SER L 43 13.91 -9.71 43.19
C SER L 43 14.60 -11.06 43.04
N PRO L 44 13.93 -12.17 43.36
CA PRO L 44 14.50 -13.49 43.12
C PRO L 44 14.64 -13.78 41.64
N ARG L 45 15.60 -14.63 41.31
CA ARG L 45 15.95 -14.95 39.94
C ARG L 45 15.64 -16.42 39.67
N LEU L 46 15.05 -16.68 38.49
CA LEU L 46 14.84 -18.06 38.04
C LEU L 46 16.16 -18.74 37.75
N LEU L 47 16.41 -19.86 38.42
CA LEU L 47 17.57 -20.69 38.11
C LEU L 47 17.20 -21.81 37.16
N ILE L 48 16.30 -22.69 37.57
CA ILE L 48 16.06 -23.94 36.86
C ILE L 48 14.56 -24.15 36.70
N TYR L 49 14.13 -24.49 35.48
CA TYR L 49 12.75 -24.91 35.27
C TYR L 49 12.74 -26.30 34.65
N ASP L 50 11.61 -27.00 34.85
CA ASP L 50 11.36 -28.37 34.42
C ASP L 50 12.36 -29.38 35.00
N ALA L 51 12.94 -29.04 36.17
CA ALA L 51 13.71 -29.90 37.06
C ALA L 51 15.09 -30.27 36.53
N SER L 52 15.40 -29.96 35.28
CA SER L 52 16.74 -30.19 34.76
C SER L 52 17.27 -29.14 33.80
N THR L 53 16.48 -28.15 33.42
CA THR L 53 16.87 -27.20 32.37
C THR L 53 17.33 -25.90 33.00
N ARG L 54 18.57 -25.53 32.74
CA ARG L 54 19.09 -24.25 33.19
C ARG L 54 18.48 -23.11 32.38
N ALA L 55 18.12 -22.03 33.07
CA ALA L 55 17.48 -20.91 32.40
C ALA L 55 18.51 -20.04 31.70
N ALA L 56 18.01 -19.08 30.90
CA ALA L 56 18.87 -18.23 30.11
C ALA L 56 19.61 -17.23 30.99
N GLY L 57 20.90 -17.05 30.70
CA GLY L 57 21.73 -16.12 31.43
C GLY L 57 22.26 -16.63 32.75
N VAL L 58 21.83 -17.81 33.19
CA VAL L 58 22.26 -18.40 34.45
C VAL L 58 23.67 -18.91 34.26
N PRO L 59 24.57 -18.77 35.26
CA PRO L 59 25.89 -19.39 35.17
C PRO L 59 25.80 -20.92 35.08
N ALA L 60 26.75 -21.50 34.35
CA ALA L 60 26.71 -22.91 34.03
C ALA L 60 27.05 -23.82 35.21
N ARG L 61 27.56 -23.27 36.31
CA ARG L 61 27.92 -24.09 37.46
C ARG L 61 26.71 -24.67 38.18
N PHE L 62 25.53 -24.11 37.96
CA PHE L 62 24.30 -24.64 38.53
C PHE L 62 23.83 -25.87 37.76
N SER L 63 23.21 -26.81 38.48
CA SER L 63 22.66 -28.00 37.85
C SER L 63 21.50 -28.50 38.69
N GLY L 64 20.63 -29.27 38.07
CA GLY L 64 19.47 -29.79 38.76
C GLY L 64 18.99 -31.08 38.14
N SER L 65 18.36 -31.91 38.97
CA SER L 65 17.96 -33.24 38.52
C SER L 65 16.70 -33.66 39.25
N ALA L 66 16.00 -34.62 38.64
CA ALA L 66 14.80 -35.21 39.20
C ALA L 66 15.03 -36.69 39.48
N SER L 67 14.38 -37.18 40.53
CA SER L 67 14.50 -38.58 40.93
C SER L 67 13.12 -39.13 41.28
N GLY L 68 12.12 -38.80 40.48
CA GLY L 68 10.75 -39.22 40.77
C GLY L 68 10.01 -38.19 41.64
N THR L 69 9.88 -38.50 42.92
CA THR L 69 9.24 -37.61 43.88
C THR L 69 10.27 -36.88 44.75
N GLU L 70 11.43 -36.58 44.18
CA GLU L 70 12.50 -35.90 44.91
C GLU L 70 13.32 -35.12 43.90
N PHE L 71 13.69 -33.88 44.26
CA PHE L 71 14.36 -33.02 43.31
C PHE L 71 15.62 -32.44 43.93
N THR L 72 16.66 -32.30 43.10
CA THR L 72 18.01 -32.06 43.57
C THR L 72 18.58 -30.83 42.88
N LEU L 73 19.07 -29.88 43.67
CA LEU L 73 19.75 -28.68 43.16
C LEU L 73 21.21 -28.75 43.58
N ALA L 74 22.12 -28.72 42.62
CA ALA L 74 23.54 -28.88 42.88
C ALA L 74 24.30 -27.67 42.35
N ILE L 75 25.16 -27.10 43.19
CA ILE L 75 26.07 -26.05 42.78
C ILE L 75 27.49 -26.60 42.86
N SER L 76 28.21 -26.53 41.74
CA SER L 76 29.52 -27.15 41.62
C SER L 76 30.65 -26.26 42.11
N ASN L 77 30.56 -24.96 41.89
CA ASN L 77 31.63 -24.00 42.12
C ASN L 77 31.12 -22.83 42.94
N LEU L 78 30.55 -23.15 44.11
CA LEU L 78 29.89 -22.22 45.02
C LEU L 78 30.76 -21.01 45.35
N GLU L 79 30.28 -19.83 44.93
CA GLU L 79 31.01 -18.58 45.07
C GLU L 79 30.65 -17.90 46.38
N SER L 80 31.36 -16.81 46.68
CA SER L 80 31.06 -16.01 47.86
C SER L 80 29.72 -15.30 47.71
N GLU L 81 29.36 -14.92 46.48
CA GLU L 81 28.07 -14.28 46.23
C GLU L 81 26.92 -15.24 46.32
N ASP L 82 27.19 -16.55 46.25
CA ASP L 82 26.13 -17.55 46.20
C ASP L 82 25.64 -17.96 47.58
N PHE L 83 26.22 -17.43 48.66
CA PHE L 83 25.77 -17.73 50.02
C PHE L 83 24.48 -16.96 50.29
N THR L 84 23.37 -17.53 49.82
CA THR L 84 22.07 -16.88 49.95
C THR L 84 21.01 -17.97 50.07
N VAL L 85 19.75 -17.56 49.93
CA VAL L 85 18.61 -18.45 50.07
C VAL L 85 18.24 -18.99 48.69
N TYR L 86 17.89 -20.27 48.63
CA TYR L 86 17.33 -20.86 47.43
C TYR L 86 16.05 -21.60 47.79
N PHE L 87 15.08 -21.59 46.89
CA PHE L 87 13.82 -22.27 47.19
C PHE L 87 13.25 -22.97 45.97
N CYS L 88 12.50 -24.05 46.24
CA CYS L 88 11.90 -24.89 45.21
C CYS L 88 10.41 -24.60 45.08
N LEU L 89 9.93 -24.61 43.84
CA LEU L 89 8.56 -24.31 43.47
C LEU L 89 8.02 -25.46 42.64
N GLN L 90 6.71 -25.66 42.68
CA GLN L 90 6.07 -26.64 41.82
C GLN L 90 4.87 -26.02 41.11
N TYR L 91 4.56 -26.54 39.93
CA TYR L 91 3.41 -26.06 39.18
C TYR L 91 2.67 -27.19 38.48
N ASN L 92 2.67 -28.39 39.05
CA ASN L 92 1.85 -29.47 38.51
C ASN L 92 0.37 -29.25 38.80
N ASN L 93 0.06 -28.43 39.79
CA ASN L 93 -1.27 -28.15 40.27
C ASN L 93 -1.25 -26.72 40.77
N TRP L 94 -2.13 -26.40 41.71
CA TRP L 94 -2.09 -25.12 42.41
C TRP L 94 -0.72 -24.88 43.04
N TRP L 95 -0.37 -23.62 43.13
CA TRP L 95 1.00 -23.18 43.29
C TRP L 95 1.36 -23.14 44.77
N THR L 96 2.47 -23.77 45.12
CA THR L 96 2.93 -23.79 46.50
C THR L 96 4.42 -23.51 46.52
N PHE L 97 4.91 -23.13 47.69
CA PHE L 97 6.30 -22.75 47.89
C PHE L 97 6.86 -23.52 49.07
N GLY L 98 8.15 -23.83 48.98
CA GLY L 98 8.85 -24.45 50.08
C GLY L 98 9.33 -23.42 51.10
N GLN L 99 9.98 -23.92 52.15
CA GLN L 99 10.51 -23.06 53.20
C GLN L 99 11.77 -22.32 52.77
N GLY L 100 12.48 -22.81 51.76
CA GLY L 100 13.75 -22.25 51.38
C GLY L 100 14.89 -22.79 52.23
N THR L 101 16.11 -22.48 51.81
CA THR L 101 17.30 -22.96 52.50
C THR L 101 18.43 -21.96 52.34
N ARG L 102 19.01 -21.55 53.47
CA ARG L 102 20.12 -20.61 53.48
C ARG L 102 21.46 -21.36 53.44
N VAL L 103 22.32 -20.95 52.52
CA VAL L 103 23.67 -21.46 52.42
C VAL L 103 24.58 -20.46 53.12
N ASP L 104 25.26 -20.91 54.18
CA ASP L 104 26.11 -20.02 54.95
C ASP L 104 27.57 -20.49 54.92
N ILE L 105 28.42 -19.72 55.57
CA ILE L 105 29.86 -20.00 55.61
C ILE L 105 30.12 -21.13 56.59
N LYS L 106 30.77 -22.18 56.10
CA LYS L 106 31.18 -23.27 56.98
C LYS L 106 32.35 -22.81 57.84
N ARG L 107 32.38 -23.31 59.06
CA ARG L 107 33.52 -23.11 59.97
C ARG L 107 33.50 -24.27 60.96
N THR L 108 34.32 -24.16 62.00
CA THR L 108 34.33 -25.17 63.04
C THR L 108 33.12 -25.04 63.94
N VAL L 109 32.90 -26.07 64.76
CA VAL L 109 31.78 -26.09 65.69
C VAL L 109 32.05 -25.11 66.83
N ALA L 110 31.08 -24.24 67.11
CA ALA L 110 31.21 -23.23 68.13
C ALA L 110 30.06 -23.36 69.12
N ALA L 111 30.39 -23.36 70.41
CA ALA L 111 29.40 -23.49 71.46
C ALA L 111 28.86 -22.12 71.86
N PRO L 112 27.57 -22.03 72.19
CA PRO L 112 27.01 -20.74 72.62
C PRO L 112 27.36 -20.40 74.05
N SER L 113 27.61 -19.11 74.28
CA SER L 113 27.65 -18.56 75.63
C SER L 113 26.27 -18.03 75.96
N VAL L 114 25.70 -18.51 77.08
CA VAL L 114 24.29 -18.31 77.39
C VAL L 114 24.18 -17.40 78.60
N PHE L 115 23.31 -16.39 78.50
CA PHE L 115 23.01 -15.49 79.60
C PHE L 115 21.50 -15.35 79.72
N ILE L 116 21.04 -15.07 80.94
CA ILE L 116 19.62 -14.84 81.19
C ILE L 116 19.48 -13.48 81.86
N PHE L 117 18.44 -12.75 81.47
CA PHE L 117 18.24 -11.36 81.86
C PHE L 117 16.87 -11.26 82.52
N PRO L 118 16.80 -10.93 83.81
CA PRO L 118 15.51 -10.72 84.46
C PRO L 118 14.84 -9.46 83.94
N PRO L 119 13.52 -9.33 84.12
CA PRO L 119 12.84 -8.08 83.74
C PRO L 119 13.34 -6.91 84.56
N SER L 120 13.45 -5.76 83.90
CA SER L 120 13.94 -4.55 84.56
C SER L 120 12.91 -4.06 85.55
N ASP L 121 13.37 -3.39 86.61
CA ASP L 121 12.44 -2.82 87.57
C ASP L 121 11.70 -1.62 86.98
N GLU L 122 12.30 -0.97 85.97
CA GLU L 122 11.54 -0.03 85.15
C GLU L 122 10.43 -0.74 84.39
N GLN L 123 10.71 -1.94 83.89
CA GLN L 123 9.67 -2.75 83.27
C GLN L 123 8.64 -3.22 84.29
N LEU L 124 9.06 -3.44 85.55
CA LEU L 124 8.10 -3.77 86.60
C LEU L 124 7.20 -2.59 86.94
N LYS L 125 7.74 -1.37 86.93
CA LYS L 125 6.91 -0.19 87.13
C LYS L 125 5.98 0.03 85.94
N SER L 126 6.43 -0.32 84.73
CA SER L 126 5.51 -0.31 83.60
C SER L 126 4.58 -1.51 83.62
N GLY L 127 5.01 -2.61 84.22
CA GLY L 127 4.15 -3.78 84.39
C GLY L 127 4.16 -4.78 83.26
N THR L 128 5.01 -4.59 82.25
CA THR L 128 5.09 -5.48 81.09
C THR L 128 6.30 -6.41 81.15
N ALA L 129 6.59 -6.91 82.37
CA ALA L 129 7.80 -7.64 82.73
C ALA L 129 8.06 -8.87 81.85
N SER L 130 9.16 -8.82 81.09
CA SER L 130 9.50 -9.86 80.13
C SER L 130 10.94 -10.30 80.34
N VAL L 131 11.19 -11.60 80.14
CA VAL L 131 12.48 -12.20 80.48
C VAL L 131 13.26 -12.42 79.18
N VAL L 132 14.59 -12.24 79.22
CA VAL L 132 15.42 -12.30 78.02
C VAL L 132 16.43 -13.43 78.17
N CYS L 133 16.63 -14.19 77.09
CA CYS L 133 17.73 -15.15 77.00
C CYS L 133 18.63 -14.79 75.83
N LEU L 134 19.93 -15.05 75.99
CA LEU L 134 20.93 -14.69 75.01
C LEU L 134 21.89 -15.85 74.78
N LEU L 135 22.15 -16.14 73.50
CA LEU L 135 23.17 -17.07 73.06
C LEU L 135 24.12 -16.31 72.15
N ASN L 136 25.41 -16.37 72.45
CA ASN L 136 26.41 -15.63 71.69
C ASN L 136 27.49 -16.57 71.16
N ASN L 137 27.89 -16.34 69.90
CA ASN L 137 29.06 -16.93 69.26
C ASN L 137 28.99 -18.46 69.23
N PHE L 138 27.98 -18.94 68.51
CA PHE L 138 27.81 -20.36 68.29
C PHE L 138 27.78 -20.66 66.79
N TYR L 139 27.92 -21.95 66.48
CA TYR L 139 27.83 -22.45 65.12
C TYR L 139 27.55 -23.94 65.16
N PRO L 140 26.63 -24.46 64.36
CA PRO L 140 25.78 -23.78 63.36
C PRO L 140 24.41 -23.33 63.85
N ARG L 141 23.52 -23.08 62.88
CA ARG L 141 22.22 -22.43 63.03
C ARG L 141 21.21 -23.29 63.79
N GLU L 142 21.52 -24.57 64.02
CA GLU L 142 20.59 -25.60 64.49
C GLU L 142 19.93 -25.30 65.85
N ALA L 143 20.55 -24.46 66.69
CA ALA L 143 20.25 -24.27 68.11
C ALA L 143 18.79 -23.98 68.45
N LYS L 144 18.39 -24.31 69.68
CA LYS L 144 17.00 -24.27 70.11
C LYS L 144 16.93 -23.79 71.55
N VAL L 145 15.92 -22.97 71.85
CA VAL L 145 15.71 -22.38 73.17
C VAL L 145 14.28 -22.68 73.62
N GLN L 146 14.14 -23.03 74.89
CA GLN L 146 12.84 -23.25 75.51
C GLN L 146 12.75 -22.40 76.78
N TRP L 147 11.51 -22.09 77.17
CA TRP L 147 11.24 -21.25 78.34
C TRP L 147 10.50 -22.06 79.39
N LYS L 148 10.99 -22.04 80.63
CA LYS L 148 10.38 -22.77 81.74
C LYS L 148 10.31 -21.87 82.97
N VAL L 149 9.10 -21.52 83.39
CA VAL L 149 8.89 -20.74 84.59
C VAL L 149 8.30 -21.67 85.67
N ASP L 150 9.00 -21.72 86.81
CA ASP L 150 8.78 -22.71 87.88
C ASP L 150 8.81 -24.13 87.31
N ASN L 151 9.77 -24.38 86.40
CA ASN L 151 9.94 -25.60 85.62
C ASN L 151 8.73 -25.95 84.75
N ALA L 152 7.90 -24.96 84.41
CA ALA L 152 6.71 -25.16 83.60
C ALA L 152 6.95 -24.56 82.22
N LEU L 153 6.69 -25.36 81.18
CA LEU L 153 6.94 -24.93 79.81
C LEU L 153 6.01 -23.81 79.39
N GLN L 154 6.57 -22.78 78.74
CA GLN L 154 5.80 -21.70 78.16
C GLN L 154 6.05 -21.65 76.66
N SER L 155 4.98 -21.56 75.88
CA SER L 155 5.09 -21.53 74.43
C SER L 155 4.04 -20.61 73.88
N GLY L 156 4.29 -20.10 72.67
CA GLY L 156 3.38 -19.17 72.03
C GLY L 156 3.66 -17.73 72.39
N ASN L 157 3.73 -17.44 73.69
CA ASN L 157 3.97 -16.08 74.18
C ASN L 157 5.46 -15.79 74.31
N SER L 158 6.17 -16.00 73.21
CA SER L 158 7.62 -15.81 73.19
C SER L 158 8.04 -15.42 71.79
N GLN L 159 9.24 -14.82 71.71
CA GLN L 159 9.81 -14.36 70.46
C GLN L 159 11.26 -14.79 70.38
N GLU L 160 11.75 -14.90 69.14
CA GLU L 160 13.13 -15.25 68.87
C GLU L 160 13.68 -14.30 67.81
N SER L 161 15.00 -14.14 67.84
CA SER L 161 15.68 -13.30 66.87
C SER L 161 17.12 -13.79 66.73
N VAL L 162 17.61 -13.80 65.50
CA VAL L 162 18.97 -14.23 65.19
C VAL L 162 19.68 -13.08 64.51
N THR L 163 20.93 -12.83 64.92
CA THR L 163 21.76 -11.91 64.18
C THR L 163 22.13 -12.49 62.83
N GLU L 164 22.56 -11.60 61.93
CA GLU L 164 23.18 -12.03 60.70
C GLU L 164 24.52 -12.70 61.03
N GLN L 165 24.94 -13.62 60.17
CA GLN L 165 26.19 -14.35 60.37
C GLN L 165 27.37 -13.39 60.40
N ASP L 166 28.21 -13.54 61.42
CA ASP L 166 29.30 -12.60 61.66
C ASP L 166 30.35 -12.72 60.56
N SER L 167 30.70 -11.58 59.96
CA SER L 167 31.56 -11.60 58.79
C SER L 167 33.00 -11.98 59.11
N LYS L 168 33.39 -11.96 60.39
CA LYS L 168 34.75 -12.28 60.78
C LYS L 168 34.92 -13.75 61.13
N ASP L 169 34.17 -14.24 62.12
CA ASP L 169 34.36 -15.59 62.64
C ASP L 169 33.19 -16.53 62.37
N SER L 170 32.23 -16.14 61.52
CA SER L 170 31.15 -16.95 60.97
C SER L 170 30.15 -17.46 62.00
N THR L 171 30.16 -16.95 63.23
CA THR L 171 29.30 -17.48 64.27
C THR L 171 27.91 -16.82 64.21
N TYR L 172 27.10 -17.08 65.23
CA TYR L 172 25.74 -16.58 65.28
C TYR L 172 25.39 -16.13 66.69
N SER L 173 24.34 -15.33 66.80
CA SER L 173 23.85 -14.86 68.09
C SER L 173 22.33 -14.83 68.07
N LEU L 174 21.71 -15.41 69.08
CA LEU L 174 20.26 -15.54 69.15
C LEU L 174 19.76 -14.98 70.47
N SER L 175 18.81 -14.06 70.40
CA SER L 175 18.09 -13.60 71.56
C SER L 175 16.68 -14.19 71.54
N SER L 176 16.15 -14.45 72.73
CA SER L 176 14.77 -14.87 72.87
C SER L 176 14.14 -14.08 74.00
N THR L 177 12.83 -13.89 73.91
CA THR L 177 12.13 -13.10 74.89
C THR L 177 10.84 -13.82 75.28
N LEU L 178 10.59 -13.89 76.58
CA LEU L 178 9.35 -14.41 77.13
C LEU L 178 8.56 -13.22 77.64
N THR L 179 7.51 -12.86 76.90
CA THR L 179 6.70 -11.70 77.26
C THR L 179 5.64 -12.09 78.29
N LEU L 180 5.55 -11.29 79.35
CA LEU L 180 4.60 -11.53 80.42
C LEU L 180 4.14 -10.18 80.96
N SER L 181 3.04 -10.21 81.70
CA SER L 181 2.61 -9.03 82.45
C SER L 181 3.23 -9.05 83.84
N LYS L 182 2.87 -8.03 84.63
CA LYS L 182 3.28 -8.01 86.04
C LYS L 182 2.65 -9.16 86.80
N ALA L 183 1.35 -9.41 86.57
CA ALA L 183 0.64 -10.48 87.27
C ALA L 183 1.14 -11.85 86.82
N ASP L 184 1.44 -11.99 85.53
CA ASP L 184 2.03 -13.23 85.04
C ASP L 184 3.44 -13.43 85.58
N TYR L 185 4.14 -12.34 85.90
CA TYR L 185 5.45 -12.45 86.53
C TYR L 185 5.36 -12.82 88.00
N GLU L 186 4.19 -12.73 88.62
CA GLU L 186 4.05 -12.92 90.06
C GLU L 186 3.79 -14.36 90.46
N LYS L 187 3.34 -15.22 89.54
CA LYS L 187 2.94 -16.57 89.90
C LYS L 187 4.12 -17.50 90.20
N HIS L 188 5.32 -17.14 89.76
CA HIS L 188 6.45 -18.06 89.81
C HIS L 188 7.65 -17.43 90.48
N LYS L 189 8.48 -18.27 91.10
CA LYS L 189 9.71 -17.87 91.75
C LYS L 189 10.95 -18.14 90.91
N VAL L 190 11.01 -19.28 90.23
CA VAL L 190 12.19 -19.72 89.50
C VAL L 190 11.92 -19.61 88.01
N TYR L 191 12.82 -18.95 87.30
CA TYR L 191 12.68 -18.71 85.87
C TYR L 191 13.91 -19.26 85.16
N ALA L 192 13.71 -19.88 84.00
CA ALA L 192 14.81 -20.58 83.37
C ALA L 192 14.66 -20.62 81.86
N CYS L 193 15.79 -20.50 81.17
CA CYS L 193 15.87 -20.71 79.73
C CYS L 193 16.73 -21.95 79.48
N GLU L 194 16.21 -22.88 78.69
CA GLU L 194 16.83 -24.17 78.44
C GLU L 194 17.33 -24.20 77.01
N VAL L 195 18.63 -24.40 76.84
CA VAL L 195 19.30 -24.21 75.56
C VAL L 195 19.88 -25.53 75.08
N THR L 196 19.56 -25.92 73.84
CA THR L 196 20.07 -27.14 73.24
C THR L 196 20.70 -26.81 71.90
N HIS L 197 21.98 -27.18 71.74
CA HIS L 197 22.71 -26.94 70.50
C HIS L 197 23.61 -28.15 70.29
N GLN L 198 23.95 -28.42 69.02
CA GLN L 198 24.79 -29.57 68.71
C GLN L 198 26.21 -29.39 69.22
N GLY L 199 26.66 -28.13 69.36
CA GLY L 199 27.94 -27.88 69.99
C GLY L 199 27.93 -28.24 71.47
N LEU L 200 26.86 -27.91 72.17
CA LEU L 200 26.71 -28.31 73.56
C LEU L 200 26.42 -29.80 73.65
N SER L 201 26.84 -30.40 74.77
CA SER L 201 26.65 -31.82 74.98
C SER L 201 25.36 -32.16 75.70
N SER L 202 24.58 -31.16 76.10
CA SER L 202 23.43 -31.36 76.97
C SER L 202 22.51 -30.16 76.84
N PRO L 203 21.22 -30.31 77.16
CA PRO L 203 20.35 -29.12 77.25
C PRO L 203 20.70 -28.23 78.43
N VAL L 204 21.75 -27.41 78.26
CA VAL L 204 22.23 -26.54 79.32
C VAL L 204 21.20 -25.45 79.58
N THR L 205 20.92 -25.21 80.86
CA THR L 205 19.83 -24.34 81.28
C THR L 205 20.36 -23.28 82.23
N LYS L 206 20.08 -22.01 81.93
CA LYS L 206 20.33 -20.91 82.85
C LYS L 206 19.05 -20.56 83.59
N SER L 207 19.20 -20.07 84.81
CA SER L 207 18.02 -19.81 85.65
C SER L 207 18.33 -18.70 86.64
N PHE L 208 17.26 -18.05 87.10
CA PHE L 208 17.35 -17.07 88.18
C PHE L 208 16.10 -17.17 89.04
N ASN L 209 16.11 -16.41 90.13
CA ASN L 209 15.02 -16.33 91.09
C ASN L 209 14.54 -14.89 91.20
N ARG L 210 13.27 -14.73 91.58
CA ARG L 210 12.70 -13.41 91.72
C ARG L 210 13.12 -12.77 93.04
N GLY L 211 13.39 -11.46 92.99
CA GLY L 211 13.79 -10.72 94.17
C GLY L 211 15.19 -11.06 94.67
#